data_6UKS
#
_entry.id   6UKS
#
_cell.length_a   1.00
_cell.length_b   1.00
_cell.length_c   1.00
_cell.angle_alpha   90.00
_cell.angle_beta   90.00
_cell.angle_gamma   90.00
#
_symmetry.space_group_name_H-M   'P 1'
#
loop_
_entity.id
_entity.type
_entity.pdbx_description
1 polymer 'Mitochondrial chaperone BCS1'
2 non-polymer 'MAGNESIUM ION'
3 non-polymer 'PHOSPHOTHIOPHOSPHORIC ACID-ADENYLATE ESTER'
#
_entity_poly.entity_id   1
_entity_poly.type   'polypeptide(L)'
_entity_poly.pdbx_seq_one_letter_code
;MPFSDFVLALKDNPYFGAGFGLVGVGTALAMARKGAQLGLVAFRRHYMITLEVPARDRSYAWLLSWLTRHSTRTQHLSVE
TSYLQHESGRISTKFEFIPSPGNHFIWYQGKWIRVERNRDMQMVDLQTGTPWESVTFTALGTDRKVFFNILEEARALALQ
QEEGKTVMYTAVGSEWRTFGYPRRRRPLDSVVLQQGLADRIVKDIREFIDNPKWYIDRGIPYRRGYLLYGPPGCGKSSFI
TALAGELEHSICLLSLTDSSLSDDRLNHLLSVAPQQSLVLLEDVDAAFLSRDLAVENPIKYQGLGRLTFSGLLNALDGVA
STEARIVFMTTNYIDRLDPALIRPGRVDLKEYVGYCSHWQLTQMFQRFYPGQAPSLAENFAEHVLKATSEISPAQVQGYF
MLYKNDPMGAVHNIESLRPRDHHHHHH
;
_entity_poly.pdbx_strand_id   A,B,C,D,E,F,G
#
loop_
_chem_comp.id
_chem_comp.type
_chem_comp.name
_chem_comp.formula
AGS non-polymer 'PHOSPHOTHIOPHOSPHORIC ACID-ADENYLATE ESTER' 'C10 H16 N5 O12 P3 S'
MG non-polymer 'MAGNESIUM ION' 'Mg 2'
#
# COMPACT_ATOMS: atom_id res chain seq x y z
N ILE A 49 -0.40 -34.17 -34.83
CA ILE A 49 -1.74 -34.00 -35.34
C ILE A 49 -2.19 -32.56 -35.11
N THR A 50 -3.24 -32.14 -35.81
CA THR A 50 -3.60 -30.73 -35.81
C THR A 50 -4.10 -30.33 -34.43
N LEU A 51 -3.67 -29.14 -33.99
CA LEU A 51 -3.95 -28.65 -32.65
C LEU A 51 -3.88 -27.12 -32.66
N GLU A 52 -4.84 -26.48 -32.00
CA GLU A 52 -4.88 -25.02 -31.91
C GLU A 52 -5.29 -24.56 -30.52
N VAL A 53 -4.64 -23.48 -30.08
CA VAL A 53 -4.74 -22.95 -28.72
C VAL A 53 -4.97 -21.44 -28.79
N PRO A 54 -6.23 -20.97 -28.85
CA PRO A 54 -6.54 -19.54 -28.98
C PRO A 54 -5.78 -18.57 -28.09
N ALA A 55 -5.54 -18.93 -26.85
CA ALA A 55 -4.78 -18.15 -25.86
C ALA A 55 -5.57 -17.00 -25.27
N ARG A 56 -6.87 -16.89 -25.58
CA ARG A 56 -7.72 -15.85 -25.01
C ARG A 56 -7.16 -14.46 -25.32
N ASP A 57 -7.20 -14.07 -26.60
CA ASP A 57 -6.77 -12.73 -27.05
C ASP A 57 -7.44 -12.38 -28.37
N ARG A 58 -8.41 -11.46 -28.32
CA ARG A 58 -9.07 -10.86 -29.49
C ARG A 58 -9.60 -11.88 -30.50
N SER A 59 -9.79 -13.12 -30.05
CA SER A 59 -10.28 -14.19 -30.90
C SER A 59 -11.28 -15.11 -30.19
N TYR A 60 -11.16 -15.20 -28.87
CA TYR A 60 -11.97 -16.04 -28.00
C TYR A 60 -13.46 -15.93 -28.29
N ALA A 61 -13.94 -14.70 -28.49
CA ALA A 61 -15.37 -14.46 -28.67
C ALA A 61 -15.91 -15.19 -29.88
N TRP A 62 -15.22 -15.06 -31.01
CA TRP A 62 -15.74 -15.60 -32.26
C TRP A 62 -15.78 -17.12 -32.22
N LEU A 63 -14.75 -17.72 -31.62
CA LEU A 63 -14.70 -19.18 -31.55
C LEU A 63 -15.75 -19.71 -30.58
N LEU A 64 -16.00 -18.99 -29.48
CA LEU A 64 -17.08 -19.38 -28.59
C LEU A 64 -18.42 -19.34 -29.32
N SER A 65 -18.64 -18.28 -30.09
CA SER A 65 -19.88 -18.13 -30.83
C SER A 65 -20.08 -19.31 -31.78
N TRP A 66 -19.03 -19.67 -32.52
CA TRP A 66 -19.16 -20.78 -33.45
C TRP A 66 -19.39 -22.10 -32.73
N LEU A 67 -18.67 -22.31 -31.61
CA LEU A 67 -18.84 -23.51 -30.81
C LEU A 67 -20.30 -23.70 -30.42
N THR A 68 -20.92 -22.63 -29.94
CA THR A 68 -22.33 -22.71 -29.54
C THR A 68 -23.21 -22.97 -30.75
N ARG A 69 -22.98 -22.22 -31.83
CA ARG A 69 -23.95 -22.22 -32.93
C ARG A 69 -23.99 -23.56 -33.63
N HIS A 70 -22.82 -24.14 -33.93
CA HIS A 70 -22.80 -25.23 -34.90
C HIS A 70 -23.02 -26.61 -34.29
N SER A 71 -22.67 -26.82 -33.03
CA SER A 71 -22.58 -28.18 -32.51
C SER A 71 -23.94 -28.82 -32.31
N THR A 72 -24.72 -28.30 -31.35
CA THR A 72 -26.08 -28.73 -31.01
C THR A 72 -26.16 -30.11 -30.38
N ARG A 73 -25.04 -30.85 -30.25
CA ARG A 73 -25.00 -32.14 -29.58
C ARG A 73 -24.04 -32.15 -28.41
N THR A 74 -23.57 -30.99 -27.99
CA THR A 74 -22.50 -30.93 -27.02
C THR A 74 -23.03 -31.18 -25.61
N GLN A 75 -22.15 -31.69 -24.76
CA GLN A 75 -22.39 -31.86 -23.35
C GLN A 75 -21.26 -31.17 -22.59
N HIS A 76 -21.33 -31.23 -21.27
CA HIS A 76 -20.57 -30.32 -20.43
C HIS A 76 -20.85 -28.88 -20.83
N LEU A 77 -22.13 -28.54 -20.82
CA LEU A 77 -22.60 -27.19 -21.17
C LEU A 77 -22.39 -26.26 -19.98
N SER A 78 -22.93 -25.05 -20.07
CA SER A 78 -22.96 -24.12 -18.95
C SER A 78 -24.24 -23.29 -19.07
N VAL A 79 -24.31 -22.23 -18.25
CA VAL A 79 -25.45 -21.33 -18.20
C VAL A 79 -24.89 -19.92 -18.22
N GLU A 80 -25.16 -19.18 -19.31
CA GLU A 80 -24.86 -17.77 -19.39
C GLU A 80 -26.18 -17.03 -19.52
N THR A 81 -26.58 -16.37 -18.43
CA THR A 81 -27.85 -15.65 -18.37
C THR A 81 -27.59 -14.18 -18.63
N SER A 82 -28.42 -13.59 -19.50
CA SER A 82 -28.20 -12.23 -19.94
C SER A 82 -29.55 -11.65 -20.33
N TYR A 83 -29.54 -10.38 -20.71
CA TYR A 83 -30.72 -9.71 -21.22
C TYR A 83 -30.79 -9.83 -22.73
N LEU A 84 -32.01 -9.80 -23.25
CA LEU A 84 -32.27 -9.75 -24.67
C LEU A 84 -33.27 -8.64 -24.91
N GLN A 85 -32.97 -7.81 -25.90
CA GLN A 85 -33.75 -6.62 -26.19
C GLN A 85 -34.64 -6.91 -27.39
N HIS A 86 -35.81 -7.47 -27.09
CA HIS A 86 -36.80 -7.73 -28.11
C HIS A 86 -37.25 -6.42 -28.75
N GLU A 87 -38.04 -6.54 -29.82
CA GLU A 87 -38.76 -5.39 -30.33
C GLU A 87 -39.64 -4.81 -29.24
N SER A 88 -39.99 -3.54 -29.38
CA SER A 88 -40.92 -2.84 -28.49
C SER A 88 -40.35 -2.61 -27.09
N GLY A 89 -39.06 -2.81 -26.88
CA GLY A 89 -38.42 -2.47 -25.62
C GLY A 89 -38.66 -3.46 -24.49
N ARG A 90 -39.56 -4.42 -24.65
CA ARG A 90 -39.86 -5.37 -23.58
C ARG A 90 -38.72 -6.38 -23.47
N ILE A 91 -37.70 -6.05 -22.68
CA ILE A 91 -36.56 -6.95 -22.55
C ILE A 91 -36.98 -8.23 -21.84
N SER A 92 -36.15 -9.26 -21.98
CA SER A 92 -36.41 -10.52 -21.30
C SER A 92 -35.10 -11.27 -21.14
N THR A 93 -35.00 -12.03 -20.08
CA THR A 93 -33.75 -12.75 -19.85
C THR A 93 -33.66 -13.95 -20.79
N LYS A 94 -32.43 -14.39 -21.02
CA LYS A 94 -32.12 -15.35 -22.07
C LYS A 94 -30.88 -16.13 -21.66
N PHE A 95 -30.82 -17.38 -22.10
CA PHE A 95 -29.77 -18.32 -21.74
C PHE A 95 -28.99 -18.74 -22.97
N GLU A 96 -27.67 -18.65 -22.86
CA GLU A 96 -26.76 -19.23 -23.85
C GLU A 96 -25.99 -20.36 -23.17
N PHE A 97 -26.00 -21.52 -23.82
CA PHE A 97 -25.27 -22.69 -23.36
C PHE A 97 -23.88 -22.66 -23.99
N ILE A 98 -22.86 -22.44 -23.17
CA ILE A 98 -21.48 -22.31 -23.64
C ILE A 98 -20.65 -23.40 -22.99
N PRO A 99 -19.47 -23.69 -23.52
CA PRO A 99 -18.67 -24.81 -23.00
C PRO A 99 -18.30 -24.69 -21.53
N SER A 100 -17.88 -25.83 -20.98
CA SER A 100 -17.29 -25.95 -19.66
C SER A 100 -16.31 -27.12 -19.68
N PRO A 101 -15.34 -27.18 -18.76
CA PRO A 101 -14.14 -27.97 -19.02
C PRO A 101 -14.47 -29.46 -19.12
N GLY A 102 -13.51 -30.20 -19.67
CA GLY A 102 -13.74 -31.54 -20.14
C GLY A 102 -13.75 -31.56 -21.65
N ASN A 103 -13.95 -32.76 -22.19
CA ASN A 103 -13.79 -33.01 -23.61
C ASN A 103 -15.12 -32.84 -24.31
N HIS A 104 -15.13 -32.02 -25.36
CA HIS A 104 -16.28 -31.78 -26.20
C HIS A 104 -15.90 -32.27 -27.59
N PHE A 105 -16.87 -32.80 -28.32
CA PHE A 105 -16.60 -33.34 -29.65
C PHE A 105 -17.58 -32.73 -30.63
N ILE A 106 -17.07 -32.45 -31.83
CA ILE A 106 -17.89 -31.86 -32.89
C ILE A 106 -17.58 -32.57 -34.19
N TRP A 107 -18.65 -32.85 -34.94
CA TRP A 107 -18.58 -33.39 -36.29
C TRP A 107 -18.86 -32.24 -37.23
N TYR A 108 -17.80 -31.65 -37.77
CA TYR A 108 -17.88 -30.72 -38.89
C TYR A 108 -17.22 -31.38 -40.08
N GLN A 109 -17.64 -30.95 -41.28
CA GLN A 109 -17.36 -31.61 -42.56
C GLN A 109 -15.92 -32.09 -42.67
N GLY A 110 -15.77 -33.32 -43.16
CA GLY A 110 -14.50 -33.97 -43.24
C GLY A 110 -14.30 -34.98 -42.14
N LYS A 111 -13.51 -34.61 -41.13
CA LYS A 111 -13.13 -35.50 -40.05
C LYS A 111 -13.76 -35.07 -38.74
N TRP A 112 -13.91 -36.02 -37.83
CA TRP A 112 -14.27 -35.72 -36.45
C TRP A 112 -13.23 -34.78 -35.86
N ILE A 113 -13.68 -33.91 -34.95
CA ILE A 113 -12.80 -32.96 -34.27
C ILE A 113 -13.12 -33.01 -32.79
N ARG A 114 -12.06 -32.91 -31.97
CA ARG A 114 -12.16 -32.90 -30.52
C ARG A 114 -11.78 -31.50 -30.06
N VAL A 115 -12.74 -30.80 -29.48
CA VAL A 115 -12.49 -29.49 -28.88
C VAL A 115 -12.58 -29.66 -27.37
N GLU A 116 -12.11 -28.65 -26.65
CA GLU A 116 -11.92 -28.83 -25.22
C GLU A 116 -11.61 -27.47 -24.62
N ARG A 117 -11.92 -27.33 -23.33
CA ARG A 117 -11.46 -26.20 -22.53
C ARG A 117 -10.55 -26.73 -21.44
N ASN A 118 -9.42 -26.05 -21.27
CA ASN A 118 -8.39 -26.43 -20.29
C ASN A 118 -8.24 -25.23 -19.37
N ARG A 119 -9.13 -25.14 -18.39
CA ARG A 119 -9.17 -24.07 -17.42
C ARG A 119 -8.64 -24.62 -16.10
N ASP A 120 -7.32 -24.74 -16.00
CA ASP A 120 -6.65 -25.08 -14.75
C ASP A 120 -6.36 -23.75 -14.07
N MET A 121 -7.34 -23.27 -13.31
CA MET A 121 -7.40 -21.86 -12.96
C MET A 121 -6.32 -21.46 -11.95
N GLN A 122 -5.18 -20.99 -12.46
CA GLN A 122 -4.20 -20.24 -11.67
C GLN A 122 -4.06 -18.88 -12.35
N MET A 123 -4.51 -17.84 -11.65
CA MET A 123 -4.86 -16.57 -12.28
C MET A 123 -4.37 -15.40 -11.45
N VAL A 124 -3.13 -15.46 -10.98
CA VAL A 124 -2.63 -14.40 -10.13
C VAL A 124 -2.12 -13.29 -11.03
N ASP A 125 -3.03 -12.46 -11.53
CA ASP A 125 -2.71 -11.47 -12.55
C ASP A 125 -3.95 -10.63 -12.85
N LEU A 126 -3.72 -9.48 -13.47
CA LEU A 126 -4.76 -8.66 -14.08
C LEU A 126 -4.84 -8.87 -15.59
N GLN A 127 -3.98 -9.72 -16.15
CA GLN A 127 -4.00 -9.95 -17.60
C GLN A 127 -5.35 -10.51 -18.03
N THR A 128 -6.04 -11.21 -17.14
CA THR A 128 -7.40 -11.65 -17.37
C THR A 128 -8.31 -11.30 -16.19
N GLY A 129 -7.77 -11.30 -14.98
CA GLY A 129 -8.54 -10.99 -13.77
C GLY A 129 -9.69 -11.95 -13.55
N THR A 130 -9.50 -13.21 -13.93
CA THR A 130 -10.49 -14.26 -14.03
C THR A 130 -9.62 -15.47 -14.34
N PRO A 131 -10.13 -16.68 -14.48
CA PRO A 131 -9.24 -17.76 -14.93
C PRO A 131 -8.72 -17.53 -16.34
N TRP A 132 -7.57 -18.15 -16.64
CA TRP A 132 -6.85 -17.88 -17.89
C TRP A 132 -7.70 -18.19 -19.10
N GLU A 133 -8.59 -19.18 -19.00
CA GLU A 133 -9.59 -19.50 -20.00
C GLU A 133 -8.95 -19.80 -21.36
N SER A 134 -8.15 -20.85 -21.39
CA SER A 134 -7.68 -21.37 -22.66
C SER A 134 -8.81 -22.11 -23.37
N VAL A 135 -8.55 -22.48 -24.62
CA VAL A 135 -9.43 -23.34 -25.41
C VAL A 135 -8.51 -24.17 -26.28
N THR A 136 -9.03 -25.30 -26.76
CA THR A 136 -8.25 -26.24 -27.52
C THR A 136 -9.12 -26.83 -28.62
N PHE A 137 -8.59 -26.83 -29.84
CA PHE A 137 -9.11 -27.59 -30.96
C PHE A 137 -8.08 -28.65 -31.32
N THR A 138 -8.53 -29.83 -31.75
CA THR A 138 -7.55 -30.81 -32.23
C THR A 138 -8.24 -31.83 -33.13
N ALA A 139 -7.44 -32.45 -33.98
CA ALA A 139 -7.98 -33.42 -34.93
C ALA A 139 -6.86 -34.28 -35.51
N LEU A 140 -7.24 -35.52 -35.85
CA LEU A 140 -6.33 -36.55 -36.34
C LEU A 140 -6.04 -36.36 -37.83
N GLY A 141 -5.42 -35.22 -38.14
CA GLY A 141 -4.92 -34.95 -39.47
C GLY A 141 -3.61 -34.20 -39.39
N THR A 142 -3.04 -33.95 -40.57
CA THR A 142 -1.83 -33.14 -40.67
C THR A 142 -1.90 -32.15 -41.83
N ASP A 143 -3.11 -31.85 -42.33
CA ASP A 143 -3.34 -30.81 -43.32
C ASP A 143 -4.11 -29.70 -42.60
N ARG A 144 -3.41 -28.63 -42.26
CA ARG A 144 -3.93 -27.57 -41.39
C ARG A 144 -4.67 -26.48 -42.17
N LYS A 145 -5.18 -26.80 -43.36
CA LYS A 145 -5.99 -25.84 -44.10
C LYS A 145 -7.41 -25.77 -43.55
N VAL A 146 -7.94 -26.91 -43.13
CA VAL A 146 -9.34 -26.96 -42.71
C VAL A 146 -9.53 -26.18 -41.42
N PHE A 147 -8.53 -26.20 -40.53
CA PHE A 147 -8.67 -25.46 -39.28
C PHE A 147 -8.75 -23.96 -39.56
N PHE A 148 -7.86 -23.46 -40.42
CA PHE A 148 -7.93 -22.10 -40.92
C PHE A 148 -9.30 -21.79 -41.51
N ASN A 149 -9.87 -22.77 -42.22
CA ASN A 149 -11.19 -22.58 -42.82
C ASN A 149 -12.27 -22.42 -41.76
N ILE A 150 -12.25 -23.27 -40.72
CA ILE A 150 -13.30 -23.19 -39.71
C ILE A 150 -13.21 -21.88 -38.95
N LEU A 151 -11.99 -21.43 -38.70
CA LEU A 151 -11.84 -20.19 -37.97
C LEU A 151 -12.35 -19.02 -38.81
N GLU A 152 -12.05 -19.02 -40.10
CA GLU A 152 -12.55 -17.93 -40.95
C GLU A 152 -14.07 -17.98 -41.03
N GLU A 153 -14.65 -19.18 -41.01
CA GLU A 153 -16.11 -19.27 -40.97
C GLU A 153 -16.66 -18.69 -39.69
N ALA A 154 -15.97 -18.92 -38.57
CA ALA A 154 -16.39 -18.33 -37.31
C ALA A 154 -16.36 -16.81 -37.38
N ARG A 155 -15.30 -16.24 -37.95
CA ARG A 155 -15.23 -14.80 -38.16
C ARG A 155 -16.40 -14.31 -38.99
N ALA A 156 -16.73 -15.03 -40.07
CA ALA A 156 -17.82 -14.62 -40.93
C ALA A 156 -19.14 -14.58 -40.17
N LEU A 157 -19.46 -15.67 -39.47
CA LEU A 157 -20.70 -15.70 -38.70
C LEU A 157 -20.73 -14.61 -37.65
N ALA A 158 -19.60 -14.35 -37.00
CA ALA A 158 -19.56 -13.32 -35.96
C ALA A 158 -19.85 -11.95 -36.53
N LEU A 159 -19.19 -11.60 -37.63
CA LEU A 159 -19.44 -10.31 -38.27
C LEU A 159 -20.82 -10.24 -38.89
N GLN A 160 -21.47 -11.38 -39.16
CA GLN A 160 -22.81 -11.38 -39.73
C GLN A 160 -23.91 -11.33 -38.68
N GLN A 161 -23.62 -11.68 -37.43
CA GLN A 161 -24.66 -11.62 -36.40
C GLN A 161 -25.19 -10.20 -36.21
N GLU A 162 -24.33 -9.19 -36.37
CA GLU A 162 -24.69 -7.79 -36.19
C GLU A 162 -24.96 -7.18 -37.56
N GLU A 163 -26.22 -7.27 -37.99
CA GLU A 163 -26.60 -6.89 -39.35
C GLU A 163 -27.23 -5.51 -39.44
N GLY A 164 -28.07 -5.14 -38.49
CA GLY A 164 -28.78 -3.88 -38.49
C GLY A 164 -28.67 -3.19 -37.15
N LYS A 165 -27.53 -3.35 -36.50
CA LYS A 165 -27.33 -2.92 -35.13
C LYS A 165 -25.95 -2.27 -35.01
N THR A 166 -25.63 -1.85 -33.79
CA THR A 166 -24.42 -1.08 -33.51
C THR A 166 -23.74 -1.66 -32.29
N VAL A 167 -22.54 -2.16 -32.48
CA VAL A 167 -21.74 -2.69 -31.38
C VAL A 167 -21.14 -1.54 -30.60
N MET A 168 -20.88 -1.78 -29.32
CA MET A 168 -20.13 -0.89 -28.47
C MET A 168 -19.06 -1.71 -27.78
N TYR A 169 -17.81 -1.33 -27.98
CA TYR A 169 -16.69 -1.97 -27.32
C TYR A 169 -16.31 -1.18 -26.09
N THR A 170 -15.37 -1.71 -25.33
CA THR A 170 -14.88 -1.05 -24.14
C THR A 170 -13.50 -1.60 -23.81
N ALA A 171 -12.83 -0.90 -22.91
CA ALA A 171 -11.44 -1.18 -22.57
C ALA A 171 -11.39 -2.09 -21.37
N VAL A 172 -10.91 -3.31 -21.57
CA VAL A 172 -10.63 -4.25 -20.51
C VAL A 172 -9.12 -4.37 -20.46
N GLY A 173 -8.53 -3.78 -19.42
CA GLY A 173 -7.09 -3.75 -19.31
C GLY A 173 -6.48 -2.98 -20.45
N SER A 174 -5.88 -3.70 -21.40
CA SER A 174 -5.28 -3.13 -22.60
C SER A 174 -5.77 -3.87 -23.83
N GLU A 175 -7.03 -4.31 -23.82
CA GLU A 175 -7.65 -4.89 -24.99
C GLU A 175 -9.09 -4.38 -25.08
N TRP A 176 -9.67 -4.57 -26.26
CA TRP A 176 -11.02 -4.15 -26.55
C TRP A 176 -11.95 -5.36 -26.47
N ARG A 177 -13.00 -5.24 -25.68
CA ARG A 177 -13.99 -6.28 -25.50
C ARG A 177 -15.38 -5.76 -25.83
N THR A 178 -16.22 -6.67 -26.29
CA THR A 178 -17.64 -6.37 -26.42
C THR A 178 -18.21 -5.96 -25.08
N PHE A 179 -19.24 -5.12 -25.12
CA PHE A 179 -19.82 -4.53 -23.91
C PHE A 179 -21.33 -4.62 -24.03
N GLY A 180 -21.91 -5.57 -23.31
CA GLY A 180 -23.34 -5.76 -23.31
C GLY A 180 -23.83 -6.54 -24.51
N TYR A 181 -24.60 -5.89 -25.36
CA TYR A 181 -25.23 -6.53 -26.50
C TYR A 181 -25.43 -5.48 -27.58
N PRO A 182 -25.74 -5.89 -28.79
CA PRO A 182 -25.98 -4.91 -29.86
C PRO A 182 -27.17 -4.02 -29.56
N ARG A 183 -26.98 -2.72 -29.79
CA ARG A 183 -28.01 -1.72 -29.60
C ARG A 183 -28.81 -1.57 -30.89
N ARG A 184 -29.85 -0.74 -30.84
CA ARG A 184 -30.67 -0.43 -32.00
C ARG A 184 -30.13 0.81 -32.69
N ARG A 185 -30.04 0.75 -34.01
CA ARG A 185 -29.46 1.83 -34.79
C ARG A 185 -30.41 3.03 -34.77
N ARG A 186 -30.03 4.06 -34.07
CA ARG A 186 -30.81 5.28 -34.06
C ARG A 186 -30.78 5.89 -35.46
N PRO A 187 -31.91 6.12 -36.11
CA PRO A 187 -31.86 6.72 -37.45
C PRO A 187 -31.31 8.12 -37.43
N LEU A 188 -30.68 8.49 -38.54
CA LEU A 188 -30.03 9.79 -38.67
C LEU A 188 -31.00 10.90 -39.01
N ASP A 189 -32.19 10.57 -39.51
CA ASP A 189 -33.21 11.57 -39.78
C ASP A 189 -33.93 12.04 -38.52
N SER A 190 -33.66 11.44 -37.36
CA SER A 190 -34.28 11.81 -36.10
C SER A 190 -33.34 12.58 -35.19
N VAL A 191 -32.32 13.21 -35.75
CA VAL A 191 -31.40 14.06 -35.00
C VAL A 191 -31.25 15.34 -35.81
N VAL A 192 -32.03 16.35 -35.46
CA VAL A 192 -32.16 17.56 -36.24
C VAL A 192 -31.12 18.56 -35.74
N LEU A 193 -30.08 18.77 -36.53
CA LEU A 193 -29.05 19.75 -36.25
C LEU A 193 -29.27 20.97 -37.13
N GLN A 194 -28.35 21.93 -37.04
CA GLN A 194 -28.46 23.17 -37.79
C GLN A 194 -28.51 22.88 -39.29
N GLN A 195 -28.94 23.88 -40.03
CA GLN A 195 -29.15 23.74 -41.47
C GLN A 195 -27.81 23.53 -42.16
N GLY A 196 -27.55 22.30 -42.57
CA GLY A 196 -26.30 21.98 -43.25
C GLY A 196 -25.13 21.84 -42.30
N LEU A 197 -25.24 20.93 -41.36
CA LEU A 197 -24.14 20.55 -40.48
C LEU A 197 -23.93 19.05 -40.45
N ALA A 198 -25.01 18.26 -40.49
CA ALA A 198 -24.85 16.81 -40.53
C ALA A 198 -24.39 16.37 -41.90
N ASP A 199 -24.90 17.01 -42.95
CA ASP A 199 -24.47 16.69 -44.31
C ASP A 199 -22.98 16.95 -44.48
N ARG A 200 -22.51 18.08 -43.94
CA ARG A 200 -21.11 18.45 -44.05
C ARG A 200 -20.21 17.39 -43.41
N ILE A 201 -20.51 17.03 -42.16
CA ILE A 201 -19.68 16.07 -41.43
C ILE A 201 -19.73 14.71 -42.11
N VAL A 202 -20.92 14.27 -42.50
CA VAL A 202 -21.07 12.95 -43.13
C VAL A 202 -20.32 12.91 -44.44
N LYS A 203 -20.38 13.98 -45.21
CA LYS A 203 -19.69 14.02 -46.49
C LYS A 203 -18.18 14.01 -46.30
N ASP A 204 -17.69 14.78 -45.33
CA ASP A 204 -16.26 14.80 -45.08
C ASP A 204 -15.75 13.43 -44.65
N ILE A 205 -16.47 12.75 -43.76
CA ILE A 205 -15.99 11.47 -43.28
C ILE A 205 -16.08 10.41 -44.37
N ARG A 206 -17.11 10.48 -45.21
CA ARG A 206 -17.19 9.56 -46.34
C ARG A 206 -16.06 9.78 -47.32
N GLU A 207 -15.76 11.04 -47.62
CA GLU A 207 -14.64 11.36 -48.51
C GLU A 207 -13.33 10.86 -47.92
N PHE A 208 -13.19 10.95 -46.60
CA PHE A 208 -12.00 10.43 -45.94
C PHE A 208 -11.88 8.92 -46.13
N ILE A 209 -13.00 8.20 -45.98
CA ILE A 209 -12.91 6.75 -46.04
C ILE A 209 -12.72 6.23 -47.46
N ASP A 210 -13.14 6.98 -48.47
CA ASP A 210 -13.09 6.55 -49.86
C ASP A 210 -12.03 7.29 -50.67
N ASN A 211 -10.93 7.67 -50.03
CA ASN A 211 -9.75 8.17 -50.74
C ASN A 211 -8.53 7.89 -49.89
N PRO A 212 -8.11 6.62 -49.79
CA PRO A 212 -6.92 6.30 -49.02
C PRO A 212 -5.63 6.40 -49.81
N LYS A 213 -5.75 6.36 -51.14
CA LYS A 213 -4.56 6.42 -51.99
C LYS A 213 -4.03 7.84 -52.09
N TRP A 214 -4.90 8.84 -52.02
CA TRP A 214 -4.46 10.23 -52.04
C TRP A 214 -3.65 10.60 -50.81
N TYR A 215 -3.83 9.87 -49.71
CA TYR A 215 -3.08 10.12 -48.49
C TYR A 215 -1.71 9.44 -48.49
N ILE A 216 -1.58 8.35 -49.24
CA ILE A 216 -0.34 7.58 -49.27
C ILE A 216 0.63 8.12 -50.30
N ASP A 217 0.13 8.57 -51.45
CA ASP A 217 0.98 9.10 -52.50
C ASP A 217 1.54 10.48 -52.18
N ARG A 218 1.28 11.02 -50.99
CA ARG A 218 1.86 12.28 -50.55
C ARG A 218 2.46 12.17 -49.15
N GLY A 219 2.50 10.97 -48.57
CA GLY A 219 3.20 10.75 -47.33
C GLY A 219 2.46 11.14 -46.08
N ILE A 220 1.25 11.69 -46.20
CA ILE A 220 0.49 12.15 -45.03
C ILE A 220 0.07 10.93 -44.23
N PRO A 221 -0.09 11.03 -42.91
CA PRO A 221 -0.66 9.91 -42.17
C PRO A 221 -2.15 9.80 -42.39
N TYR A 222 -2.63 8.56 -42.45
CA TYR A 222 -4.03 8.29 -42.74
C TYR A 222 -4.82 8.28 -41.43
N ARG A 223 -4.94 9.48 -40.86
CA ARG A 223 -5.68 9.72 -39.64
C ARG A 223 -6.61 10.91 -39.84
N ARG A 224 -7.57 11.02 -38.93
CA ARG A 224 -8.45 12.17 -38.90
C ARG A 224 -9.10 12.23 -37.53
N GLY A 225 -9.55 13.42 -37.18
CA GLY A 225 -10.17 13.66 -35.90
C GLY A 225 -11.18 14.77 -36.00
N TYR A 226 -12.20 14.69 -35.15
CA TYR A 226 -13.28 15.67 -35.13
C TYR A 226 -13.51 16.11 -33.69
N LEU A 227 -14.12 17.28 -33.56
CA LEU A 227 -14.42 17.88 -32.27
C LEU A 227 -15.76 18.56 -32.36
N LEU A 228 -16.71 18.07 -31.57
CA LEU A 228 -18.01 18.71 -31.41
C LEU A 228 -18.04 19.40 -30.06
N TYR A 229 -18.50 20.64 -30.05
CA TYR A 229 -18.57 21.40 -28.81
C TYR A 229 -19.82 22.26 -28.82
N GLY A 230 -20.24 22.66 -27.62
CA GLY A 230 -21.41 23.47 -27.46
C GLY A 230 -22.03 23.33 -26.09
N PRO A 231 -23.16 23.97 -25.88
CA PRO A 231 -23.80 23.93 -24.57
C PRO A 231 -24.34 22.56 -24.26
N PRO A 232 -24.89 22.36 -23.05
CA PRO A 232 -25.45 21.06 -22.70
C PRO A 232 -26.84 20.87 -23.30
N GLY A 233 -27.03 19.71 -23.95
CA GLY A 233 -28.34 19.31 -24.39
C GLY A 233 -28.66 19.74 -25.79
N CYS A 234 -27.69 19.64 -26.70
CA CYS A 234 -27.80 20.23 -28.02
C CYS A 234 -27.55 19.27 -29.16
N GLY A 235 -27.08 18.05 -28.90
CA GLY A 235 -27.08 17.00 -29.89
C GLY A 235 -25.75 16.33 -30.23
N LYS A 236 -24.80 16.32 -29.29
CA LYS A 236 -23.48 15.78 -29.60
C LYS A 236 -23.48 14.26 -29.62
N SER A 237 -23.75 13.64 -28.46
CA SER A 237 -23.65 12.19 -28.34
C SER A 237 -24.66 11.49 -29.23
N SER A 238 -25.86 12.06 -29.35
CA SER A 238 -26.86 11.47 -30.23
C SER A 238 -26.42 11.49 -31.67
N PHE A 239 -25.82 12.60 -32.10
CA PHE A 239 -25.31 12.67 -33.46
C PHE A 239 -24.19 11.69 -33.67
N ILE A 240 -23.35 11.47 -32.67
CA ILE A 240 -22.28 10.49 -32.81
C ILE A 240 -22.87 9.09 -33.00
N THR A 241 -23.89 8.75 -32.21
CA THR A 241 -24.54 7.46 -32.36
C THR A 241 -25.15 7.28 -33.74
N ALA A 242 -25.88 8.30 -34.19
CA ALA A 242 -26.50 8.24 -35.51
C ALA A 242 -25.47 8.10 -36.61
N LEU A 243 -24.38 8.87 -36.52
CA LEU A 243 -23.33 8.81 -37.52
C LEU A 243 -22.68 7.44 -37.55
N ALA A 244 -22.46 6.84 -36.38
CA ALA A 244 -21.91 5.50 -36.35
C ALA A 244 -22.87 4.50 -36.95
N GLY A 245 -24.17 4.74 -36.81
CA GLY A 245 -25.15 3.83 -37.41
C GLY A 245 -25.33 4.03 -38.90
N GLU A 246 -24.98 5.19 -39.43
CA GLU A 246 -25.15 5.46 -40.84
C GLU A 246 -24.01 4.89 -41.68
N LEU A 247 -22.81 4.86 -41.12
CA LEU A 247 -21.61 4.40 -41.84
C LEU A 247 -21.31 2.93 -41.61
N GLU A 248 -22.24 2.18 -41.02
CA GLU A 248 -22.04 0.77 -40.67
C GLU A 248 -20.84 0.56 -39.76
N HIS A 249 -20.45 1.60 -39.02
CA HIS A 249 -19.29 1.54 -38.14
C HIS A 249 -19.70 1.06 -36.76
N SER A 250 -18.71 0.88 -35.90
CA SER A 250 -18.89 0.58 -34.50
C SER A 250 -18.37 1.75 -33.67
N ILE A 251 -18.39 1.57 -32.35
CA ILE A 251 -17.96 2.59 -31.41
C ILE A 251 -17.07 1.93 -30.37
N CYS A 252 -16.09 2.68 -29.90
CA CYS A 252 -15.13 2.22 -28.91
C CYS A 252 -14.94 3.33 -27.90
N LEU A 253 -15.53 3.15 -26.72
CA LEU A 253 -15.52 4.18 -25.69
C LEU A 253 -14.23 4.11 -24.89
N LEU A 254 -13.74 5.27 -24.51
CA LEU A 254 -12.47 5.41 -23.83
C LEU A 254 -12.61 6.50 -22.78
N SER A 255 -12.39 6.14 -21.53
CA SER A 255 -12.55 7.03 -20.39
C SER A 255 -11.16 7.35 -19.87
N LEU A 256 -10.68 8.54 -20.17
CA LEU A 256 -9.33 8.93 -19.78
C LEU A 256 -9.15 8.90 -18.28
N THR A 257 -10.08 9.51 -17.55
CA THR A 257 -10.04 9.55 -16.09
C THR A 257 -10.41 8.17 -15.56
N ASP A 258 -9.45 7.25 -15.65
CA ASP A 258 -9.63 5.88 -15.21
C ASP A 258 -8.33 5.41 -14.58
N SER A 259 -8.46 4.58 -13.53
CA SER A 259 -7.37 4.28 -12.62
C SER A 259 -6.28 3.41 -13.24
N SER A 260 -6.53 2.79 -14.39
CA SER A 260 -5.63 1.80 -14.98
C SER A 260 -5.28 2.19 -16.40
N LEU A 261 -4.87 3.45 -16.58
CA LEU A 261 -4.59 4.01 -17.90
C LEU A 261 -3.28 4.79 -17.82
N SER A 262 -2.17 4.11 -18.10
CA SER A 262 -0.90 4.75 -18.30
C SER A 262 -0.77 5.20 -19.74
N ASP A 263 0.23 6.05 -20.00
CA ASP A 263 0.46 6.55 -21.35
C ASP A 263 0.80 5.41 -22.30
N ASP A 264 1.55 4.43 -21.83
CA ASP A 264 1.92 3.30 -22.68
C ASP A 264 0.71 2.42 -22.99
N ARG A 265 -0.13 2.19 -21.99
CA ARG A 265 -1.33 1.39 -22.21
C ARG A 265 -2.28 2.08 -23.18
N LEU A 266 -2.37 3.40 -23.09
CA LEU A 266 -3.18 4.15 -24.03
C LEU A 266 -2.60 4.09 -25.43
N ASN A 267 -1.27 4.20 -25.54
CA ASN A 267 -0.62 4.10 -26.83
C ASN A 267 -0.81 2.72 -27.45
N HIS A 268 -1.00 1.70 -26.60
CA HIS A 268 -1.24 0.35 -27.10
C HIS A 268 -2.71 0.12 -27.44
N LEU A 269 -3.63 0.77 -26.73
CA LEU A 269 -5.05 0.55 -26.98
C LEU A 269 -5.46 1.10 -28.33
N LEU A 270 -5.12 2.36 -28.60
CA LEU A 270 -5.52 2.99 -29.85
C LEU A 270 -4.84 2.39 -31.07
N SER A 271 -3.81 1.58 -30.88
CA SER A 271 -3.17 0.88 -31.98
C SER A 271 -3.82 -0.45 -32.31
N VAL A 272 -4.54 -1.03 -31.36
CA VAL A 272 -5.20 -2.31 -31.53
C VAL A 272 -6.71 -2.09 -31.58
N ALA A 273 -7.12 -0.92 -32.06
CA ALA A 273 -8.53 -0.63 -32.16
C ALA A 273 -9.17 -1.49 -33.24
N PRO A 274 -10.41 -1.93 -33.08
CA PRO A 274 -11.03 -2.76 -34.11
C PRO A 274 -11.14 -2.06 -35.44
N GLN A 275 -11.21 -2.87 -36.48
CA GLN A 275 -11.32 -2.37 -37.83
C GLN A 275 -12.72 -1.82 -38.06
N GLN A 276 -12.79 -0.67 -38.75
CA GLN A 276 -14.05 0.01 -39.02
C GLN A 276 -14.76 0.36 -37.70
N SER A 277 -14.10 1.22 -36.94
CA SER A 277 -14.60 1.61 -35.63
C SER A 277 -14.21 3.05 -35.34
N LEU A 278 -15.18 3.84 -34.89
CA LEU A 278 -14.91 5.15 -34.35
C LEU A 278 -14.47 5.03 -32.90
N VAL A 279 -13.43 5.75 -32.56
CA VAL A 279 -13.01 5.93 -31.17
C VAL A 279 -13.63 7.23 -30.68
N LEU A 280 -13.90 7.31 -29.38
CA LEU A 280 -14.66 8.41 -28.83
C LEU A 280 -14.12 8.79 -27.46
N LEU A 281 -13.85 10.08 -27.29
CA LEU A 281 -13.39 10.66 -26.04
C LEU A 281 -14.42 11.66 -25.55
N GLU A 282 -15.16 11.27 -24.52
CA GLU A 282 -16.22 12.09 -23.96
C GLU A 282 -15.65 12.95 -22.84
N ASP A 283 -15.88 14.26 -22.95
CA ASP A 283 -15.45 15.24 -21.95
C ASP A 283 -13.94 15.12 -21.70
N VAL A 284 -13.19 15.46 -22.75
CA VAL A 284 -11.74 15.45 -22.68
C VAL A 284 -11.18 16.65 -21.93
N ASP A 285 -12.01 17.66 -21.65
CA ASP A 285 -11.55 18.82 -20.91
C ASP A 285 -11.45 18.56 -19.41
N ALA A 286 -12.27 17.65 -18.89
CA ALA A 286 -12.28 17.35 -17.47
C ALA A 286 -11.08 16.53 -17.01
N ALA A 287 -10.22 16.11 -17.92
CA ALA A 287 -9.03 15.34 -17.56
C ALA A 287 -7.84 16.22 -17.21
N PHE A 288 -7.75 17.40 -17.82
CA PHE A 288 -6.64 18.31 -17.62
C PHE A 288 -7.14 19.73 -17.36
N LEU A 289 -6.23 20.55 -16.85
CA LEU A 289 -6.55 21.89 -16.40
C LEU A 289 -6.26 22.93 -17.48
N ILE A 299 -2.58 21.15 -18.72
CA ILE A 299 -1.19 20.77 -18.60
C ILE A 299 -0.94 20.29 -17.17
N LYS A 300 -1.90 19.54 -16.64
CA LYS A 300 -1.75 18.83 -15.37
C LYS A 300 -2.93 17.89 -15.21
N TYR A 301 -2.65 16.67 -14.77
CA TYR A 301 -3.70 15.67 -14.63
C TYR A 301 -4.54 15.96 -13.39
N GLN A 302 -5.83 15.60 -13.47
CA GLN A 302 -6.78 15.80 -12.37
C GLN A 302 -7.61 14.56 -12.10
N GLY A 303 -7.18 13.39 -12.60
CA GLY A 303 -7.96 12.18 -12.48
C GLY A 303 -7.17 11.10 -11.76
N LEU A 304 -7.85 9.99 -11.52
CA LEU A 304 -7.23 8.83 -10.90
C LEU A 304 -6.55 8.01 -11.99
N GLY A 305 -5.24 7.88 -11.91
CA GLY A 305 -4.47 7.21 -12.93
C GLY A 305 -3.08 7.80 -13.01
N ARG A 306 -2.32 7.30 -13.98
CA ARG A 306 -0.93 7.69 -14.22
C ARG A 306 -0.76 8.13 -15.66
N LEU A 307 -1.69 8.96 -16.12
CA LEU A 307 -1.66 9.52 -17.46
C LEU A 307 -1.21 10.98 -17.39
N THR A 308 -0.46 11.39 -18.39
CA THR A 308 0.06 12.74 -18.52
C THR A 308 -0.50 13.38 -19.79
N PHE A 309 -0.12 14.63 -20.00
CA PHE A 309 -0.60 15.39 -21.14
C PHE A 309 0.19 15.04 -22.40
N SER A 310 1.51 15.01 -22.29
CA SER A 310 2.35 14.66 -23.43
C SER A 310 2.05 13.25 -23.92
N GLY A 311 1.73 12.33 -23.01
CA GLY A 311 1.38 10.99 -23.42
C GLY A 311 0.16 10.96 -24.32
N LEU A 312 -0.87 11.72 -23.95
CA LEU A 312 -2.07 11.80 -24.77
C LEU A 312 -1.77 12.46 -26.12
N LEU A 313 -1.07 13.59 -26.09
CA LEU A 313 -0.80 14.31 -27.31
C LEU A 313 0.05 13.49 -28.27
N ASN A 314 0.93 12.64 -27.75
CA ASN A 314 1.79 11.80 -28.58
C ASN A 314 1.12 10.50 -28.97
N ALA A 315 0.08 10.08 -28.24
CA ALA A 315 -0.69 8.91 -28.64
C ALA A 315 -1.66 9.24 -29.76
N LEU A 316 -2.28 10.42 -29.72
CA LEU A 316 -3.21 10.79 -30.77
C LEU A 316 -2.48 10.97 -32.10
N ASP A 317 -1.53 11.90 -32.13
CA ASP A 317 -0.66 12.12 -33.29
C ASP A 317 0.75 12.23 -32.74
N GLY A 318 1.55 11.23 -33.01
CA GLY A 318 2.93 11.28 -32.64
C GLY A 318 3.79 10.62 -33.68
N VAL A 319 4.67 9.75 -33.23
CA VAL A 319 5.64 9.09 -34.07
C VAL A 319 5.27 7.63 -34.26
N ALA A 320 4.56 7.05 -33.29
CA ALA A 320 4.12 5.66 -33.33
C ALA A 320 2.62 5.56 -33.26
N SER A 321 1.93 6.41 -34.01
CA SER A 321 0.49 6.37 -34.12
C SER A 321 0.07 5.56 -35.33
N THR A 322 -1.06 4.88 -35.20
CA THR A 322 -1.53 3.92 -36.17
C THR A 322 -2.37 4.59 -37.25
N GLU A 323 -2.52 3.89 -38.37
CA GLU A 323 -3.24 4.37 -39.54
C GLU A 323 -4.67 3.88 -39.54
N ALA A 324 -5.49 4.54 -40.36
CA ALA A 324 -6.90 4.19 -40.54
C ALA A 324 -7.64 4.23 -39.21
N ARG A 325 -7.69 5.44 -38.64
CA ARG A 325 -8.25 5.67 -37.34
C ARG A 325 -9.05 6.97 -37.36
N ILE A 326 -10.22 6.93 -36.74
CA ILE A 326 -11.12 8.07 -36.67
C ILE A 326 -11.48 8.26 -35.21
N VAL A 327 -11.18 9.45 -34.70
CA VAL A 327 -11.38 9.81 -33.31
C VAL A 327 -12.39 10.96 -33.25
N PHE A 328 -13.32 10.86 -32.31
CA PHE A 328 -14.24 11.92 -31.97
C PHE A 328 -13.95 12.40 -30.57
N MET A 329 -14.11 13.69 -30.35
CA MET A 329 -14.03 14.28 -29.03
C MET A 329 -15.29 15.09 -28.79
N THR A 330 -15.71 15.16 -27.52
CA THR A 330 -16.84 16.00 -27.16
C THR A 330 -16.54 16.76 -25.89
N THR A 331 -16.79 18.07 -25.91
CA THR A 331 -16.59 18.93 -24.76
C THR A 331 -17.69 19.96 -24.72
N ASN A 332 -18.00 20.43 -23.52
CA ASN A 332 -18.94 21.53 -23.33
C ASN A 332 -18.24 22.88 -23.37
N TYR A 333 -17.10 22.99 -22.72
CA TYR A 333 -16.29 24.21 -22.67
C TYR A 333 -15.06 24.01 -23.53
N ILE A 334 -14.90 24.88 -24.54
CA ILE A 334 -13.76 24.81 -25.46
C ILE A 334 -12.62 25.73 -25.06
N ASP A 335 -12.84 26.66 -24.13
CA ASP A 335 -11.79 27.56 -23.71
C ASP A 335 -10.79 26.90 -22.78
N ARG A 336 -11.15 25.79 -22.15
CA ARG A 336 -10.27 25.07 -21.24
C ARG A 336 -9.42 24.02 -21.93
N LEU A 337 -9.43 23.98 -23.25
CA LEU A 337 -8.64 23.02 -24.02
C LEU A 337 -7.37 23.69 -24.49
N ASP A 338 -6.26 23.01 -24.30
CA ASP A 338 -4.98 23.57 -24.67
C ASP A 338 -4.88 23.63 -26.19
N PRO A 339 -4.40 24.74 -26.78
CA PRO A 339 -4.32 24.80 -28.24
C PRO A 339 -3.42 23.77 -28.88
N ALA A 340 -2.60 23.06 -28.11
CA ALA A 340 -1.79 21.98 -28.66
C ALA A 340 -2.56 20.66 -28.77
N LEU A 341 -3.86 20.65 -28.48
CA LEU A 341 -4.67 19.45 -28.59
C LEU A 341 -5.80 19.59 -29.60
N ILE A 342 -6.14 20.79 -30.01
CA ILE A 342 -7.18 21.05 -31.00
C ILE A 342 -6.62 21.74 -32.24
N ARG A 343 -5.32 21.64 -32.46
CA ARG A 343 -4.72 22.19 -33.67
C ARG A 343 -4.81 21.18 -34.81
N PRO A 344 -4.64 21.61 -36.06
CA PRO A 344 -4.82 20.68 -37.17
C PRO A 344 -3.76 19.59 -37.22
N GLY A 345 -4.21 18.38 -37.53
CA GLY A 345 -3.40 17.19 -37.46
C GLY A 345 -3.97 16.18 -36.50
N ARG A 346 -4.45 16.68 -35.36
CA ARG A 346 -5.17 15.89 -34.38
C ARG A 346 -6.67 16.08 -34.47
N VAL A 347 -7.11 17.29 -34.83
CA VAL A 347 -8.50 17.67 -34.86
C VAL A 347 -8.68 18.54 -36.10
N ASP A 348 -9.28 17.98 -37.14
CA ASP A 348 -9.35 18.62 -38.45
C ASP A 348 -10.69 19.29 -38.72
N LEU A 349 -11.65 19.20 -37.79
CA LEU A 349 -12.95 19.82 -38.03
C LEU A 349 -13.62 20.09 -36.68
N LYS A 350 -13.72 21.36 -36.33
CA LYS A 350 -14.44 21.80 -35.14
C LYS A 350 -15.81 22.30 -35.57
N GLU A 351 -16.85 21.82 -34.89
CA GLU A 351 -18.22 22.22 -35.16
C GLU A 351 -18.94 22.55 -33.87
N TYR A 352 -19.84 23.52 -33.96
CA TYR A 352 -20.57 24.06 -32.82
C TYR A 352 -22.04 23.65 -32.92
N VAL A 353 -22.44 22.69 -32.11
CA VAL A 353 -23.82 22.26 -32.03
C VAL A 353 -24.48 23.04 -30.90
N GLY A 354 -25.27 24.05 -31.27
CA GLY A 354 -25.71 25.07 -30.36
C GLY A 354 -27.20 25.03 -30.09
N TYR A 355 -27.70 26.13 -29.55
CA TYR A 355 -29.10 26.25 -29.21
C TYR A 355 -29.94 26.23 -30.48
N CYS A 356 -31.24 26.10 -30.28
CA CYS A 356 -32.16 25.93 -31.39
C CYS A 356 -32.33 27.24 -32.16
N SER A 357 -32.88 27.11 -33.36
CA SER A 357 -33.25 28.24 -34.19
C SER A 357 -34.62 27.93 -34.79
N HIS A 358 -35.05 28.79 -35.72
CA HIS A 358 -36.36 28.64 -36.33
C HIS A 358 -36.50 27.30 -37.05
N TRP A 359 -35.54 26.99 -37.92
CA TRP A 359 -35.64 25.81 -38.76
C TRP A 359 -35.60 24.53 -37.94
N GLN A 360 -34.76 24.50 -36.90
CA GLN A 360 -34.67 23.33 -36.05
C GLN A 360 -36.01 23.03 -35.41
N LEU A 361 -36.65 24.04 -34.83
CA LEU A 361 -37.93 23.83 -34.16
C LEU A 361 -39.00 23.39 -35.14
N THR A 362 -39.03 23.99 -36.33
CA THR A 362 -39.96 23.56 -37.36
C THR A 362 -39.78 22.07 -37.68
N GLN A 363 -38.53 21.65 -37.88
CA GLN A 363 -38.30 20.25 -38.25
C GLN A 363 -38.62 19.31 -37.10
N MET A 364 -38.34 19.72 -35.86
CA MET A 364 -38.66 18.87 -34.73
C MET A 364 -40.17 18.69 -34.60
N PHE A 365 -40.92 19.77 -34.78
CA PHE A 365 -42.38 19.68 -34.76
C PHE A 365 -42.87 18.74 -35.85
N GLN A 366 -42.28 18.81 -37.04
CA GLN A 366 -42.72 17.91 -38.10
C GLN A 366 -42.34 16.47 -37.81
N ARG A 367 -41.27 16.24 -37.04
CA ARG A 367 -40.88 14.88 -36.70
C ARG A 367 -41.85 14.28 -35.69
N PHE A 368 -42.22 15.05 -34.68
CA PHE A 368 -43.00 14.46 -33.58
C PHE A 368 -44.45 14.24 -33.97
N TYR A 369 -45.06 15.17 -34.67
CA TYR A 369 -46.46 15.10 -35.07
C TYR A 369 -46.58 14.94 -36.58
N PRO A 370 -46.37 13.74 -37.12
CA PRO A 370 -46.43 13.56 -38.57
C PRO A 370 -47.87 13.56 -39.06
N GLY A 371 -48.16 14.42 -40.03
CA GLY A 371 -49.46 14.48 -40.66
C GLY A 371 -50.20 15.76 -40.39
N GLN A 372 -49.47 16.85 -40.20
CA GLN A 372 -50.02 18.17 -39.94
C GLN A 372 -49.61 19.13 -41.03
N ALA A 373 -50.34 20.23 -41.14
CA ALA A 373 -50.02 21.22 -42.13
C ALA A 373 -48.79 22.03 -41.69
N PRO A 374 -47.95 22.50 -42.61
CA PRO A 374 -46.77 23.27 -42.19
C PRO A 374 -47.09 24.55 -41.45
N SER A 375 -48.29 25.11 -41.65
CA SER A 375 -48.68 26.33 -40.97
C SER A 375 -48.61 26.17 -39.46
N LEU A 376 -49.06 25.02 -38.97
CA LEU A 376 -49.06 24.77 -37.53
C LEU A 376 -47.64 24.73 -36.98
N ALA A 377 -46.74 24.06 -37.70
CA ALA A 377 -45.34 23.98 -37.27
C ALA A 377 -44.70 25.36 -37.26
N GLU A 378 -44.99 26.18 -38.27
CA GLU A 378 -44.46 27.54 -38.29
C GLU A 378 -44.99 28.35 -37.12
N ASN A 379 -46.28 28.19 -36.81
CA ASN A 379 -46.84 28.88 -35.65
C ASN A 379 -46.12 28.49 -34.37
N PHE A 380 -45.89 27.19 -34.19
CA PHE A 380 -45.20 26.71 -32.99
C PHE A 380 -43.81 27.31 -32.89
N ALA A 381 -43.05 27.26 -33.99
CA ALA A 381 -41.68 27.75 -33.97
C ALA A 381 -41.64 29.24 -33.64
N GLU A 382 -42.52 30.01 -34.28
CA GLU A 382 -42.55 31.45 -34.03
C GLU A 382 -42.89 31.75 -32.58
N HIS A 383 -43.91 31.08 -32.04
CA HIS A 383 -44.31 31.36 -30.67
C HIS A 383 -43.20 31.00 -29.68
N VAL A 384 -42.56 29.85 -29.87
CA VAL A 384 -41.53 29.44 -28.92
C VAL A 384 -40.33 30.37 -28.99
N LEU A 385 -39.88 30.70 -30.21
CA LEU A 385 -38.72 31.56 -30.32
C LEU A 385 -39.01 33.00 -29.90
N LYS A 386 -40.29 33.40 -29.87
CA LYS A 386 -40.65 34.68 -29.29
C LYS A 386 -40.66 34.64 -27.77
N ALA A 387 -41.15 33.53 -27.21
CA ALA A 387 -41.28 33.40 -25.77
C ALA A 387 -39.95 33.53 -25.05
N THR A 388 -39.02 32.60 -25.30
CA THR A 388 -37.73 32.55 -24.63
C THR A 388 -36.62 32.74 -25.65
N SER A 389 -35.51 33.29 -25.18
CA SER A 389 -34.41 33.64 -26.07
C SER A 389 -33.71 32.38 -26.59
N GLU A 390 -33.13 31.61 -25.67
CA GLU A 390 -32.39 30.40 -26.00
C GLU A 390 -33.08 29.21 -25.38
N ILE A 391 -33.30 28.17 -26.19
CA ILE A 391 -33.97 26.95 -25.76
C ILE A 391 -33.29 25.79 -26.47
N SER A 392 -32.85 24.81 -25.70
CA SER A 392 -32.17 23.67 -26.27
C SER A 392 -33.17 22.66 -26.81
N PRO A 393 -32.75 21.78 -27.73
CA PRO A 393 -33.68 20.78 -28.25
C PRO A 393 -34.22 19.84 -27.21
N ALA A 394 -33.49 19.62 -26.11
CA ALA A 394 -33.94 18.66 -25.10
C ALA A 394 -35.16 19.18 -24.35
N GLN A 395 -35.19 20.48 -24.05
CA GLN A 395 -36.36 21.08 -23.42
C GLN A 395 -37.57 20.94 -24.33
N VAL A 396 -37.38 21.11 -25.63
CA VAL A 396 -38.46 20.98 -26.59
C VAL A 396 -38.94 19.54 -26.64
N GLN A 397 -37.99 18.60 -26.57
CA GLN A 397 -38.33 17.18 -26.54
C GLN A 397 -39.19 16.85 -25.32
N GLY A 398 -38.81 17.37 -24.16
CA GLY A 398 -39.62 17.14 -22.97
C GLY A 398 -41.00 17.75 -23.06
N TYR A 399 -41.06 18.97 -23.58
CA TYR A 399 -42.35 19.64 -23.76
C TYR A 399 -43.28 18.84 -24.65
N PHE A 400 -42.73 18.23 -25.72
CA PHE A 400 -43.55 17.36 -26.54
C PHE A 400 -43.85 16.05 -25.83
N MET A 401 -42.96 15.59 -24.96
CA MET A 401 -43.21 14.36 -24.22
C MET A 401 -44.43 14.51 -23.32
N LEU A 402 -44.69 15.72 -22.83
CA LEU A 402 -45.90 15.93 -22.05
C LEU A 402 -47.14 15.71 -22.90
N TYR A 403 -47.22 16.36 -24.06
CA TYR A 403 -48.40 16.33 -24.92
C TYR A 403 -48.18 15.31 -26.03
N LYS A 404 -48.53 14.06 -25.75
CA LYS A 404 -48.44 13.00 -26.74
C LYS A 404 -49.68 12.98 -27.63
N ASN A 405 -49.46 13.02 -28.94
CA ASN A 405 -50.53 12.91 -29.93
C ASN A 405 -51.58 14.01 -29.77
N ASP A 406 -51.14 15.18 -29.31
CA ASP A 406 -52.02 16.33 -29.06
C ASP A 406 -51.34 17.59 -29.59
N PRO A 407 -51.28 17.77 -30.90
CA PRO A 407 -50.58 18.94 -31.44
C PRO A 407 -51.22 20.27 -31.06
N MET A 408 -52.56 20.32 -31.05
CA MET A 408 -53.23 21.57 -30.71
C MET A 408 -52.87 22.02 -29.29
N GLY A 409 -52.85 21.08 -28.35
CA GLY A 409 -52.44 21.40 -27.01
C GLY A 409 -50.98 21.84 -26.94
N ALA A 410 -50.15 21.33 -27.85
CA ALA A 410 -48.76 21.76 -27.89
C ALA A 410 -48.67 23.20 -28.35
N VAL A 411 -49.47 23.58 -29.34
CA VAL A 411 -49.43 24.96 -29.82
C VAL A 411 -50.08 25.91 -28.82
N HIS A 412 -50.97 25.43 -27.97
CA HIS A 412 -51.68 26.32 -27.05
C HIS A 412 -50.89 26.60 -25.78
N ASN A 413 -50.12 25.62 -25.28
CA ASN A 413 -49.45 25.71 -23.99
C ASN A 413 -47.99 26.12 -24.10
N ILE A 414 -47.68 27.02 -25.02
CA ILE A 414 -46.29 27.45 -25.22
C ILE A 414 -45.80 28.24 -24.01
N GLU A 415 -46.68 29.02 -23.38
CA GLU A 415 -46.29 29.95 -22.34
C GLU A 415 -45.69 29.28 -21.12
N SER A 416 -45.82 27.96 -21.00
CA SER A 416 -45.21 27.22 -19.90
C SER A 416 -43.69 27.10 -20.04
N LEU A 417 -43.08 27.62 -21.10
CA LEU A 417 -41.63 27.53 -21.26
C LEU A 417 -40.88 28.76 -20.81
N ARG A 418 -41.54 29.92 -20.74
CA ARG A 418 -40.86 31.14 -20.31
C ARG A 418 -40.39 31.00 -18.88
N PRO A 419 -39.07 30.89 -18.63
CA PRO A 419 -38.67 30.61 -17.24
C PRO A 419 -38.74 31.86 -16.35
N ILE B 49 -23.75 -36.84 -21.86
CA ILE B 49 -25.01 -36.79 -21.12
C ILE B 49 -25.27 -35.38 -20.61
N THR B 50 -26.51 -35.09 -20.23
CA THR B 50 -26.87 -33.71 -19.94
C THR B 50 -26.15 -33.24 -18.68
N LEU B 51 -25.67 -32.00 -18.73
CA LEU B 51 -24.85 -31.42 -17.67
C LEU B 51 -24.99 -29.91 -17.74
N GLU B 52 -25.13 -29.27 -16.56
CA GLU B 52 -25.24 -27.83 -16.47
C GLU B 52 -24.46 -27.29 -15.28
N VAL B 53 -23.84 -26.14 -15.50
CA VAL B 53 -22.90 -25.51 -14.57
C VAL B 53 -23.25 -24.03 -14.43
N PRO B 54 -24.13 -23.66 -13.47
CA PRO B 54 -24.56 -22.26 -13.30
C PRO B 54 -23.51 -21.17 -13.34
N ALA B 55 -22.35 -21.42 -12.74
CA ALA B 55 -21.20 -20.51 -12.72
C ALA B 55 -21.36 -19.39 -11.72
N ARG B 56 -22.41 -19.39 -10.90
CA ARG B 56 -22.60 -18.37 -9.88
C ARG B 56 -22.65 -16.97 -10.50
N ASP B 57 -23.71 -16.68 -11.27
CA ASP B 57 -23.92 -15.36 -11.87
C ASP B 57 -25.40 -15.16 -12.17
N ARG B 58 -26.06 -14.31 -11.39
CA ARG B 58 -27.44 -13.84 -11.59
C ARG B 58 -28.45 -14.98 -11.83
N SER B 59 -28.08 -16.18 -11.40
CA SER B 59 -28.94 -17.35 -11.56
C SER B 59 -28.92 -18.28 -10.34
N TYR B 60 -27.81 -18.27 -9.60
CA TYR B 60 -27.54 -19.08 -8.43
C TYR B 60 -28.72 -19.11 -7.45
N ALA B 61 -29.29 -17.93 -7.20
CA ALA B 61 -30.34 -17.80 -6.20
C ALA B 61 -31.54 -18.66 -6.53
N TRP B 62 -32.00 -18.58 -7.78
CA TRP B 62 -33.24 -19.24 -8.15
C TRP B 62 -33.08 -20.75 -8.11
N LEU B 63 -31.91 -21.24 -8.54
CA LEU B 63 -31.67 -22.67 -8.54
C LEU B 63 -31.52 -23.20 -7.12
N LEU B 64 -30.89 -22.42 -6.24
CA LEU B 64 -30.83 -22.82 -4.83
C LEU B 64 -32.23 -22.92 -4.26
N SER B 65 -33.08 -21.93 -4.55
CA SER B 65 -34.45 -21.94 -4.05
C SER B 65 -35.19 -23.20 -4.49
N TRP B 66 -35.06 -23.54 -5.78
CA TRP B 66 -35.75 -24.72 -6.27
C TRP B 66 -35.19 -25.99 -5.64
N LEU B 67 -33.87 -26.06 -5.51
CA LEU B 67 -33.23 -27.22 -4.88
C LEU B 67 -33.80 -27.47 -3.50
N THR B 68 -33.93 -26.41 -2.70
CA THR B 68 -34.49 -26.56 -1.37
C THR B 68 -35.95 -26.97 -1.44
N ARG B 69 -36.73 -26.30 -2.28
CA ARG B 69 -38.18 -26.45 -2.21
C ARG B 69 -38.61 -27.84 -2.64
N HIS B 70 -38.05 -28.36 -3.74
CA HIS B 70 -38.68 -29.52 -4.36
C HIS B 70 -38.20 -30.86 -3.82
N SER B 71 -36.98 -30.94 -3.30
CA SER B 71 -36.38 -32.25 -3.07
C SER B 71 -37.00 -32.97 -1.87
N THR B 72 -36.80 -32.43 -0.67
CA THR B 72 -37.33 -32.93 0.61
C THR B 72 -36.75 -34.26 1.05
N ARG B 73 -35.88 -34.90 0.27
CA ARG B 73 -35.21 -36.14 0.64
C ARG B 73 -33.70 -35.99 0.62
N THR B 74 -33.19 -34.77 0.53
CA THR B 74 -31.78 -34.55 0.30
C THR B 74 -31.00 -34.74 1.59
N GLN B 75 -29.74 -35.12 1.44
CA GLN B 75 -28.78 -35.19 2.51
C GLN B 75 -27.56 -34.37 2.10
N HIS B 76 -26.56 -34.32 2.99
CA HIS B 76 -25.53 -33.30 2.93
C HIS B 76 -26.17 -31.92 2.90
N LEU B 77 -27.00 -31.67 3.90
CA LEU B 77 -27.69 -30.39 4.06
C LEU B 77 -26.73 -29.36 4.65
N SER B 78 -27.27 -28.20 5.02
CA SER B 78 -26.53 -27.18 5.75
C SER B 78 -27.49 -26.46 6.68
N VAL B 79 -27.02 -25.35 7.26
CA VAL B 79 -27.78 -24.54 8.18
C VAL B 79 -27.60 -23.10 7.74
N GLU B 80 -28.68 -22.47 7.27
CA GLU B 80 -28.70 -21.04 7.00
C GLU B 80 -29.70 -20.41 7.95
N THR B 81 -29.18 -19.70 8.95
CA THR B 81 -29.98 -19.07 9.99
C THR B 81 -30.19 -17.61 9.63
N SER B 82 -31.43 -17.15 9.73
CA SER B 82 -31.79 -15.81 9.29
C SER B 82 -32.99 -15.36 10.11
N TYR B 83 -33.41 -14.12 9.87
CA TYR B 83 -34.60 -13.58 10.48
C TYR B 83 -35.80 -13.82 9.58
N LEU B 84 -36.97 -13.92 10.21
CA LEU B 84 -38.24 -14.00 9.52
C LEU B 84 -39.16 -12.98 10.17
N GLN B 85 -39.83 -12.21 9.32
CA GLN B 85 -40.66 -11.09 9.74
C GLN B 85 -42.12 -11.55 9.69
N HIS B 86 -42.56 -12.16 10.78
CA HIS B 86 -43.95 -12.56 10.92
C HIS B 86 -44.86 -11.34 10.87
N GLU B 87 -46.16 -11.60 10.82
CA GLU B 87 -47.12 -10.55 11.07
C GLU B 87 -46.88 -9.95 12.45
N SER B 88 -47.35 -8.71 12.64
CA SER B 88 -47.30 -8.02 13.91
C SER B 88 -45.90 -7.64 14.35
N GLY B 89 -44.89 -7.74 13.47
CA GLY B 89 -43.56 -7.26 13.78
C GLY B 89 -42.73 -8.17 14.66
N ARG B 90 -43.32 -9.20 15.25
CA ARG B 90 -42.57 -10.08 16.15
C ARG B 90 -41.68 -10.99 15.32
N ILE B 91 -40.46 -10.54 15.02
CA ILE B 91 -39.55 -11.34 14.21
C ILE B 91 -39.14 -12.59 14.97
N SER B 92 -38.62 -13.56 14.23
CA SER B 92 -38.12 -14.79 14.86
C SER B 92 -37.11 -15.43 13.92
N THR B 93 -36.13 -16.10 14.50
CA THR B 93 -35.11 -16.72 13.68
C THR B 93 -35.66 -17.97 13.01
N LYS B 94 -35.02 -18.33 11.89
CA LYS B 94 -35.54 -19.35 11.00
C LYS B 94 -34.38 -20.00 10.28
N PHE B 95 -34.55 -21.28 9.96
CA PHE B 95 -33.52 -22.11 9.36
C PHE B 95 -33.94 -22.57 7.97
N GLU B 96 -33.06 -22.39 7.00
CA GLU B 96 -33.18 -22.97 5.68
C GLU B 96 -32.07 -23.98 5.50
N PHE B 97 -32.45 -25.20 5.09
CA PHE B 97 -31.52 -26.28 4.80
C PHE B 97 -31.15 -26.20 3.32
N ILE B 98 -29.91 -25.84 3.04
CA ILE B 98 -29.43 -25.65 1.68
C ILE B 98 -28.29 -26.62 1.43
N PRO B 99 -27.94 -26.87 0.16
CA PRO B 99 -26.92 -27.90 -0.14
C PRO B 99 -25.55 -27.64 0.50
N SER B 100 -24.75 -28.70 0.50
CA SER B 100 -23.35 -28.67 0.87
C SER B 100 -22.64 -29.76 0.08
N PRO B 101 -21.31 -29.68 -0.09
CA PRO B 101 -20.68 -30.42 -1.19
C PRO B 101 -20.80 -31.92 -1.02
N GLY B 102 -20.56 -32.62 -2.10
CA GLY B 102 -20.93 -34.02 -2.23
C GLY B 102 -22.11 -34.16 -3.17
N ASN B 103 -22.52 -35.41 -3.35
CA ASN B 103 -23.50 -35.75 -4.37
C ASN B 103 -24.90 -35.72 -3.77
N HIS B 104 -25.80 -35.00 -4.43
CA HIS B 104 -27.19 -34.90 -4.04
C HIS B 104 -27.98 -35.47 -5.20
N PHE B 105 -29.10 -36.12 -4.92
CA PHE B 105 -29.91 -36.74 -5.96
C PHE B 105 -31.33 -36.29 -5.82
N ILE B 106 -31.99 -36.07 -6.96
CA ILE B 106 -33.37 -35.61 -6.97
C ILE B 106 -34.13 -36.39 -8.03
N TRP B 107 -35.34 -36.80 -7.67
CA TRP B 107 -36.28 -37.45 -8.57
C TRP B 107 -37.31 -36.39 -8.94
N TYR B 108 -37.13 -35.77 -10.10
CA TYR B 108 -38.14 -34.94 -10.72
C TYR B 108 -38.60 -35.65 -11.99
N GLN B 109 -39.83 -35.34 -12.42
CA GLN B 109 -40.57 -36.07 -13.44
C GLN B 109 -39.71 -36.46 -14.63
N GLY B 110 -39.88 -37.71 -15.05
CA GLY B 110 -39.09 -38.28 -16.12
C GLY B 110 -37.99 -39.18 -15.58
N LYS B 111 -36.77 -38.68 -15.56
CA LYS B 111 -35.59 -39.45 -15.19
C LYS B 111 -35.01 -38.97 -13.88
N TRP B 112 -34.30 -39.86 -13.20
CA TRP B 112 -33.49 -39.46 -12.05
C TRP B 112 -32.48 -38.41 -12.49
N ILE B 113 -32.14 -37.52 -11.56
CA ILE B 113 -31.17 -36.46 -11.81
C ILE B 113 -30.20 -36.40 -10.64
N ARG B 114 -28.94 -36.17 -10.96
CA ARG B 114 -27.87 -36.06 -9.98
C ARG B 114 -27.41 -34.61 -9.96
N VAL B 115 -27.64 -33.92 -8.85
CA VAL B 115 -27.15 -32.57 -8.66
C VAL B 115 -26.02 -32.62 -7.65
N GLU B 116 -25.28 -31.53 -7.56
CA GLU B 116 -24.03 -31.58 -6.82
C GLU B 116 -23.51 -30.17 -6.67
N ARG B 117 -22.73 -29.95 -5.62
CA ARG B 117 -21.93 -28.74 -5.47
C ARG B 117 -20.46 -29.10 -5.50
N ASN B 118 -19.69 -28.34 -6.28
CA ASN B 118 -18.26 -28.57 -6.47
C ASN B 118 -17.58 -27.29 -6.01
N ARG B 119 -17.38 -27.19 -4.70
CA ARG B 119 -16.76 -26.05 -4.05
C ARG B 119 -15.35 -26.46 -3.63
N ASP B 120 -14.43 -26.48 -4.61
CA ASP B 120 -13.01 -26.68 -4.35
C ASP B 120 -12.44 -25.29 -4.14
N MET B 121 -12.52 -24.82 -2.90
CA MET B 121 -12.42 -23.39 -2.63
C MET B 121 -11.02 -22.85 -2.84
N GLN B 122 -10.75 -22.33 -4.04
CA GLN B 122 -9.61 -21.46 -4.30
C GLN B 122 -10.18 -20.15 -4.83
N MET B 123 -10.04 -19.08 -4.04
CA MET B 123 -10.87 -17.90 -4.15
C MET B 123 -10.04 -16.64 -4.00
N VAL B 124 -8.89 -16.58 -4.67
CA VAL B 124 -8.04 -15.41 -4.53
C VAL B 124 -8.54 -14.35 -5.49
N ASP B 125 -9.59 -13.63 -5.08
CA ASP B 125 -10.28 -12.70 -5.96
C ASP B 125 -11.36 -11.97 -5.17
N LEU B 126 -11.82 -10.85 -5.73
CA LEU B 126 -13.03 -10.17 -5.30
C LEU B 126 -14.22 -10.49 -6.18
N GLN B 127 -14.03 -11.32 -7.22
CA GLN B 127 -15.15 -11.67 -8.09
C GLN B 127 -16.27 -12.36 -7.34
N THR B 128 -15.93 -13.03 -6.24
CA THR B 128 -16.91 -13.59 -5.32
C THR B 128 -16.59 -13.20 -3.88
N GLY B 129 -15.31 -13.07 -3.54
CA GLY B 129 -14.90 -12.73 -2.17
C GLY B 129 -15.35 -13.75 -1.14
N THR B 130 -15.38 -15.00 -1.54
CA THR B 130 -15.96 -16.13 -0.83
C THR B 130 -15.54 -17.30 -1.72
N PRO B 131 -15.84 -18.56 -1.41
CA PRO B 131 -15.53 -19.60 -2.40
C PRO B 131 -16.32 -19.43 -3.69
N TRP B 132 -15.77 -20.00 -4.77
CA TRP B 132 -16.32 -19.78 -6.11
C TRP B 132 -17.76 -20.24 -6.21
N GLU B 133 -18.13 -21.28 -5.46
CA GLU B 133 -19.51 -21.74 -5.31
C GLU B 133 -20.12 -22.09 -6.67
N SER B 134 -19.55 -23.09 -7.30
CA SER B 134 -20.18 -23.67 -8.47
C SER B 134 -21.36 -24.54 -8.04
N VAL B 135 -22.12 -24.99 -9.03
CA VAL B 135 -23.19 -25.96 -8.83
C VAL B 135 -23.22 -26.79 -10.11
N THR B 136 -23.79 -27.98 -10.01
CA THR B 136 -23.80 -28.94 -11.10
C THR B 136 -25.14 -29.66 -11.12
N PHE B 137 -25.75 -29.72 -12.29
CA PHE B 137 -26.87 -30.61 -12.59
C PHE B 137 -26.39 -31.60 -13.63
N THR B 138 -26.87 -32.84 -13.55
CA THR B 138 -26.55 -33.79 -14.62
C THR B 138 -27.56 -34.92 -14.64
N ALA B 139 -27.67 -35.56 -15.81
CA ALA B 139 -28.63 -36.63 -16.00
C ALA B 139 -28.30 -37.45 -17.23
N LEU B 140 -28.67 -38.74 -17.15
CA LEU B 140 -28.38 -39.73 -18.17
C LEU B 140 -29.37 -39.64 -19.33
N GLY B 141 -29.35 -38.49 -20.00
CA GLY B 141 -30.10 -38.29 -21.22
C GLY B 141 -29.30 -37.44 -22.20
N THR B 142 -29.89 -37.24 -23.38
CA THR B 142 -29.29 -36.36 -24.37
C THR B 142 -30.35 -35.47 -25.04
N ASP B 143 -31.50 -35.30 -24.40
CA ASP B 143 -32.54 -34.35 -24.84
C ASP B 143 -32.58 -33.26 -23.79
N ARG B 144 -31.98 -32.11 -24.11
CA ARG B 144 -31.74 -31.03 -23.15
C ARG B 144 -32.91 -30.06 -23.06
N LYS B 145 -34.12 -30.50 -23.40
CA LYS B 145 -35.30 -29.65 -23.23
C LYS B 145 -35.77 -29.65 -21.78
N VAL B 146 -35.65 -30.79 -21.11
CA VAL B 146 -36.19 -30.90 -19.76
C VAL B 146 -35.38 -30.04 -18.80
N PHE B 147 -34.07 -29.92 -19.02
CA PHE B 147 -33.28 -29.09 -18.12
C PHE B 147 -33.69 -27.63 -18.22
N PHE B 148 -33.85 -27.14 -19.45
CA PHE B 148 -34.42 -25.82 -19.71
C PHE B 148 -35.77 -25.67 -19.01
N ASN B 149 -36.59 -26.73 -19.02
CA ASN B 149 -37.89 -26.68 -18.37
C ASN B 149 -37.75 -26.52 -16.85
N ILE B 150 -36.84 -27.28 -16.22
CA ILE B 150 -36.73 -27.21 -14.77
C ILE B 150 -36.21 -25.84 -14.35
N LEU B 151 -35.30 -25.28 -15.14
CA LEU B 151 -34.78 -23.97 -14.81
C LEU B 151 -35.86 -22.91 -14.92
N GLU B 152 -36.68 -22.98 -15.97
CA GLU B 152 -37.76 -22.01 -16.10
C GLU B 152 -38.76 -22.16 -14.96
N GLU B 153 -38.98 -23.40 -14.50
CA GLU B 153 -39.86 -23.59 -13.35
C GLU B 153 -39.26 -22.95 -12.10
N ALA B 154 -37.94 -23.04 -11.95
CA ALA B 154 -37.27 -22.38 -10.83
C ALA B 154 -37.48 -20.88 -10.89
N ARG B 155 -37.31 -20.29 -12.07
CA ARG B 155 -37.58 -18.87 -12.25
C ARG B 155 -39.02 -18.52 -11.84
N ALA B 156 -39.97 -19.35 -12.26
CA ALA B 156 -41.37 -19.09 -11.96
C ALA B 156 -41.61 -19.08 -10.45
N LEU B 157 -41.14 -20.12 -9.77
CA LEU B 157 -41.32 -20.19 -8.31
C LEU B 157 -40.64 -19.02 -7.63
N ALA B 158 -39.45 -18.63 -8.11
CA ALA B 158 -38.72 -17.54 -7.48
C ALA B 158 -39.49 -16.23 -7.60
N LEU B 159 -39.98 -15.92 -8.80
CA LEU B 159 -40.76 -14.71 -8.99
C LEU B 159 -42.11 -14.77 -8.31
N GLN B 160 -42.60 -15.97 -7.99
CA GLN B 160 -43.88 -16.11 -7.30
C GLN B 160 -43.76 -16.06 -5.78
N GLN B 161 -42.56 -16.29 -5.22
CA GLN B 161 -42.42 -16.23 -3.77
C GLN B 161 -42.74 -14.84 -3.23
N GLU B 162 -42.45 -13.79 -3.99
CA GLU B 162 -42.67 -12.40 -3.58
C GLU B 162 -43.96 -11.93 -4.22
N GLU B 163 -45.08 -12.12 -3.53
CA GLU B 163 -46.41 -11.88 -4.07
C GLU B 163 -47.01 -10.56 -3.63
N GLY B 164 -46.84 -10.18 -2.37
CA GLY B 164 -47.41 -8.97 -1.81
C GLY B 164 -46.37 -8.19 -1.04
N LYS B 165 -45.14 -8.20 -1.54
CA LYS B 165 -43.99 -7.66 -0.84
C LYS B 165 -43.11 -6.92 -1.82
N THR B 166 -42.01 -6.38 -1.32
CA THR B 166 -41.13 -5.50 -2.08
C THR B 166 -39.69 -5.95 -1.85
N VAL B 167 -39.04 -6.37 -2.91
CA VAL B 167 -37.64 -6.75 -2.85
C VAL B 167 -36.78 -5.50 -2.83
N MET B 168 -35.60 -5.64 -2.21
CA MET B 168 -34.56 -4.62 -2.27
C MET B 168 -33.28 -5.32 -2.69
N TYR B 169 -32.69 -4.86 -3.78
CA TYR B 169 -31.42 -5.37 -4.24
C TYR B 169 -30.31 -4.46 -3.75
N THR B 170 -29.08 -4.87 -4.03
CA THR B 170 -27.92 -4.08 -3.66
C THR B 170 -26.75 -4.50 -4.52
N ALA B 171 -25.70 -3.69 -4.47
CA ALA B 171 -24.55 -3.84 -5.35
C ALA B 171 -23.49 -4.66 -4.65
N VAL B 172 -23.23 -5.85 -5.16
CA VAL B 172 -22.13 -6.69 -4.72
C VAL B 172 -21.13 -6.69 -5.86
N GLY B 173 -20.02 -5.99 -5.68
CA GLY B 173 -19.05 -5.85 -6.74
C GLY B 173 -19.64 -5.13 -7.92
N SER B 174 -19.92 -5.87 -8.98
CA SER B 174 -20.54 -5.36 -10.19
C SER B 174 -21.72 -6.22 -10.58
N GLU B 175 -22.45 -6.74 -9.60
CA GLU B 175 -23.68 -7.46 -9.84
C GLU B 175 -24.70 -7.07 -8.79
N TRP B 176 -25.96 -7.39 -9.08
CA TRP B 176 -27.07 -7.09 -8.19
C TRP B 176 -27.46 -8.34 -7.43
N ARG B 177 -27.51 -8.23 -6.11
CA ARG B 177 -27.88 -9.33 -5.23
C ARG B 177 -29.05 -8.93 -4.35
N THR B 178 -29.84 -9.93 -3.98
CA THR B 178 -30.85 -9.74 -2.97
C THR B 178 -30.21 -9.28 -1.68
N PHE B 179 -30.97 -8.52 -0.89
CA PHE B 179 -30.46 -7.86 0.32
C PHE B 179 -31.47 -8.08 1.42
N GLY B 180 -31.18 -9.00 2.32
CA GLY B 180 -32.06 -9.29 3.44
C GLY B 180 -33.19 -10.19 3.06
N TYR B 181 -34.41 -9.66 3.14
CA TYR B 181 -35.61 -10.44 2.90
C TYR B 181 -36.68 -9.49 2.40
N PRO B 182 -37.79 -10.02 1.88
CA PRO B 182 -38.86 -9.14 1.40
C PRO B 182 -39.47 -8.31 2.53
N ARG B 183 -39.65 -7.03 2.24
CA ARG B 183 -40.26 -6.10 3.17
C ARG B 183 -41.77 -6.10 2.99
N ARG B 184 -42.47 -5.34 3.83
CA ARG B 184 -43.90 -5.18 3.74
C ARG B 184 -44.24 -3.96 2.90
N ARG B 185 -45.20 -4.12 2.00
CA ARG B 185 -45.55 -3.06 1.07
C ARG B 185 -46.25 -1.94 1.83
N ARG B 186 -45.58 -0.83 1.99
CA ARG B 186 -46.19 0.33 2.60
C ARG B 186 -47.31 0.83 1.70
N PRO B 187 -48.56 0.93 2.19
CA PRO B 187 -49.63 1.42 1.31
C PRO B 187 -49.40 2.86 0.89
N LEU B 188 -49.92 3.19 -0.29
CA LEU B 188 -49.75 4.51 -0.87
C LEU B 188 -50.73 5.53 -0.31
N ASP B 189 -51.82 5.07 0.30
CA ASP B 189 -52.77 5.98 0.94
C ASP B 189 -52.29 6.49 2.29
N SER B 190 -51.16 6.00 2.79
CA SER B 190 -50.61 6.42 4.07
C SER B 190 -49.40 7.32 3.92
N VAL B 191 -49.26 7.99 2.78
CA VAL B 191 -48.19 8.94 2.53
C VAL B 191 -48.87 10.16 1.91
N VAL B 192 -49.18 11.14 2.75
CA VAL B 192 -49.99 12.28 2.36
C VAL B 192 -49.07 13.39 1.88
N LEU B 193 -49.05 13.61 0.57
CA LEU B 193 -48.30 14.67 -0.05
C LEU B 193 -49.24 15.81 -0.43
N GLN B 194 -48.70 16.83 -1.08
CA GLN B 194 -49.48 17.99 -1.46
C GLN B 194 -50.64 17.59 -2.35
N GLN B 195 -51.59 18.50 -2.49
CA GLN B 195 -52.83 18.22 -3.21
C GLN B 195 -52.50 18.07 -4.69
N GLY B 196 -52.54 16.83 -5.16
CA GLY B 196 -52.26 16.55 -6.55
C GLY B 196 -50.78 16.57 -6.88
N LEU B 197 -50.01 15.72 -6.22
CA LEU B 197 -48.61 15.48 -6.53
C LEU B 197 -48.29 14.01 -6.67
N ALA B 198 -48.92 13.14 -5.87
CA ALA B 198 -48.71 11.72 -6.02
C ALA B 198 -49.43 11.19 -7.24
N ASP B 199 -50.64 11.72 -7.50
CA ASP B 199 -51.38 11.33 -8.68
C ASP B 199 -50.63 11.69 -9.95
N ARG B 200 -50.03 12.88 -9.98
CA ARG B 200 -49.28 13.33 -11.14
C ARG B 200 -48.11 12.40 -11.44
N ILE B 201 -47.29 12.10 -10.43
CA ILE B 201 -46.12 11.28 -10.62
C ILE B 201 -46.52 9.86 -11.03
N VAL B 202 -47.52 9.31 -10.33
CA VAL B 202 -47.97 7.94 -10.61
C VAL B 202 -48.52 7.84 -12.03
N LYS B 203 -49.26 8.86 -12.45
CA LYS B 203 -49.83 8.84 -13.80
C LYS B 203 -48.75 8.95 -14.85
N ASP B 204 -47.76 9.82 -14.62
CA ASP B 204 -46.68 9.96 -15.58
C ASP B 204 -45.89 8.67 -15.72
N ILE B 205 -45.57 8.02 -14.61
CA ILE B 205 -44.77 6.81 -14.69
C ILE B 205 -45.56 5.66 -15.31
N ARG B 206 -46.87 5.60 -15.02
CA ARG B 206 -47.69 4.58 -15.67
C ARG B 206 -47.78 4.81 -17.18
N GLU B 207 -47.96 6.07 -17.59
CA GLU B 207 -47.98 6.39 -19.02
C GLU B 207 -46.66 6.03 -19.67
N PHE B 208 -45.55 6.23 -18.95
CA PHE B 208 -44.26 5.84 -19.47
C PHE B 208 -44.17 4.34 -19.69
N ILE B 209 -44.67 3.56 -18.73
CA ILE B 209 -44.51 2.11 -18.84
C ILE B 209 -45.44 1.51 -19.89
N ASP B 210 -46.56 2.15 -20.19
CA ASP B 210 -47.57 1.60 -21.10
C ASP B 210 -47.61 2.36 -22.43
N ASN B 211 -46.47 2.86 -22.88
CA ASN B 211 -46.34 3.39 -24.23
C ASN B 211 -44.88 3.26 -24.67
N PRO B 212 -44.42 2.04 -24.93
CA PRO B 212 -43.04 1.85 -25.39
C PRO B 212 -42.88 1.99 -26.89
N LYS B 213 -43.96 1.83 -27.62
CA LYS B 213 -43.91 1.92 -29.08
C LYS B 213 -43.79 3.35 -29.56
N TRP B 214 -44.38 4.30 -28.83
CA TRP B 214 -44.27 5.70 -29.18
C TRP B 214 -42.85 6.23 -29.03
N TYR B 215 -42.03 5.58 -28.21
CA TYR B 215 -40.65 5.98 -28.04
C TYR B 215 -39.73 5.39 -29.10
N ILE B 216 -40.11 4.26 -29.67
CA ILE B 216 -39.28 3.58 -30.67
C ILE B 216 -39.54 4.10 -32.07
N ASP B 217 -40.79 4.42 -32.39
CA ASP B 217 -41.13 4.94 -33.72
C ASP B 217 -40.67 6.36 -33.94
N ARG B 218 -39.98 6.98 -32.99
CA ARG B 218 -39.40 8.30 -33.15
C ARG B 218 -37.93 8.34 -32.74
N GLY B 219 -37.33 7.20 -32.43
CA GLY B 219 -35.91 7.12 -32.19
C GLY B 219 -35.44 7.57 -30.83
N ILE B 220 -36.33 8.01 -29.96
CA ILE B 220 -35.96 8.50 -28.64
C ILE B 220 -35.46 7.32 -27.82
N PRO B 221 -34.55 7.51 -26.86
CA PRO B 221 -34.21 6.42 -25.97
C PRO B 221 -35.30 6.18 -24.93
N TYR B 222 -35.52 4.92 -24.60
CA TYR B 222 -36.59 4.52 -23.70
C TYR B 222 -36.07 4.57 -22.26
N ARG B 223 -35.82 5.79 -21.82
CA ARG B 223 -35.36 6.07 -20.46
C ARG B 223 -36.20 7.17 -19.85
N ARG B 224 -36.11 7.29 -18.54
CA ARG B 224 -36.75 8.37 -17.82
C ARG B 224 -36.10 8.49 -16.46
N GLY B 225 -36.24 9.68 -15.88
CA GLY B 225 -35.65 9.96 -14.59
C GLY B 225 -36.47 11.00 -13.87
N TYR B 226 -36.44 10.92 -12.54
CA TYR B 226 -37.19 11.81 -11.68
C TYR B 226 -36.27 12.34 -10.60
N LEU B 227 -36.67 13.47 -10.02
CA LEU B 227 -35.91 14.15 -8.99
C LEU B 227 -36.89 14.72 -7.98
N LEU B 228 -36.83 14.24 -6.76
CA LEU B 228 -37.56 14.79 -5.65
C LEU B 228 -36.61 15.57 -4.77
N TYR B 229 -37.01 16.79 -4.40
CA TYR B 229 -36.18 17.63 -3.55
C TYR B 229 -37.06 18.40 -2.58
N GLY B 230 -36.42 18.85 -1.52
CA GLY B 230 -37.11 19.59 -0.49
C GLY B 230 -36.42 19.51 0.85
N PRO B 231 -37.04 20.10 1.87
CA PRO B 231 -36.42 20.11 3.18
C PRO B 231 -36.35 18.72 3.80
N PRO B 232 -35.73 18.59 4.97
CA PRO B 232 -35.68 17.28 5.63
C PRO B 232 -36.99 16.94 6.33
N GLY B 233 -37.48 15.73 6.07
CA GLY B 233 -38.60 15.20 6.82
C GLY B 233 -39.95 15.50 6.19
N CYS B 234 -40.02 15.41 4.87
CA CYS B 234 -41.18 15.88 4.12
C CYS B 234 -41.82 14.84 3.21
N GLY B 235 -41.19 13.69 3.00
CA GLY B 235 -41.85 12.56 2.37
C GLY B 235 -41.22 11.98 1.12
N LYS B 236 -39.91 12.10 0.97
CA LYS B 236 -39.25 11.63 -0.26
C LYS B 236 -39.11 10.12 -0.27
N SER B 237 -38.33 9.57 0.66
CA SER B 237 -38.02 8.15 0.63
C SER B 237 -39.26 7.31 0.87
N SER B 238 -40.15 7.78 1.73
CA SER B 238 -41.40 7.06 1.97
C SER B 238 -42.25 7.00 0.70
N PHE B 239 -42.32 8.11 -0.02
CA PHE B 239 -43.07 8.12 -1.27
C PHE B 239 -42.44 7.19 -2.29
N ILE B 240 -41.11 7.12 -2.31
CA ILE B 240 -40.45 6.20 -3.24
C ILE B 240 -40.82 4.76 -2.90
N THR B 241 -40.81 4.41 -1.62
CA THR B 241 -41.19 3.07 -1.21
C THR B 241 -42.62 2.75 -1.60
N ALA B 242 -43.54 3.67 -1.31
CA ALA B 242 -44.94 3.46 -1.65
C ALA B 242 -45.13 3.31 -3.15
N LEU B 243 -44.47 4.16 -3.92
CA LEU B 243 -44.59 4.10 -5.37
C LEU B 243 -44.08 2.77 -5.91
N ALA B 244 -42.96 2.29 -5.36
CA ALA B 244 -42.45 1.00 -5.77
C ALA B 244 -43.40 -0.11 -5.40
N GLY B 245 -44.14 0.05 -4.30
CA GLY B 245 -45.11 -0.96 -3.92
C GLY B 245 -46.41 -0.92 -4.70
N GLU B 246 -46.72 0.24 -5.30
CA GLU B 246 -47.96 0.37 -6.05
C GLU B 246 -47.83 -0.16 -7.47
N LEU B 247 -46.65 -0.08 -8.07
CA LEU B 247 -46.41 -0.50 -9.44
C LEU B 247 -45.89 -1.93 -9.54
N GLU B 248 -45.93 -2.69 -8.46
CA GLU B 248 -45.39 -4.05 -8.40
C GLU B 248 -43.91 -4.10 -8.76
N HIS B 249 -43.20 -2.99 -8.61
CA HIS B 249 -41.80 -2.89 -8.96
C HIS B 249 -40.94 -3.29 -7.78
N SER B 250 -39.64 -3.34 -8.01
CA SER B 250 -38.63 -3.54 -6.99
C SER B 250 -37.78 -2.28 -6.88
N ILE B 251 -36.76 -2.36 -6.05
CA ILE B 251 -35.86 -1.24 -5.78
C ILE B 251 -34.43 -1.76 -5.82
N CYS B 252 -33.54 -0.91 -6.30
CA CYS B 252 -32.12 -1.21 -6.43
C CYS B 252 -31.33 -0.03 -5.92
N LEU B 253 -30.76 -0.15 -4.74
CA LEU B 253 -30.07 0.95 -4.10
C LEU B 253 -28.63 1.03 -4.59
N LEU B 254 -28.16 2.26 -4.73
CA LEU B 254 -26.85 2.54 -5.30
C LEU B 254 -26.24 3.69 -4.53
N SER B 255 -25.10 3.44 -3.92
CA SER B 255 -24.40 4.41 -3.08
C SER B 255 -23.16 4.86 -3.83
N LEU B 256 -23.22 6.07 -4.39
CA LEU B 256 -22.13 6.57 -5.21
C LEU B 256 -20.84 6.68 -4.39
N THR B 257 -20.93 7.26 -3.20
CA THR B 257 -19.76 7.42 -2.33
C THR B 257 -19.45 6.06 -1.72
N ASP B 258 -18.83 5.21 -2.53
CA ASP B 258 -18.44 3.86 -2.12
C ASP B 258 -17.09 3.54 -2.74
N SER B 259 -16.29 2.79 -1.99
CA SER B 259 -14.87 2.64 -2.27
C SER B 259 -14.58 1.80 -3.51
N SER B 260 -15.57 1.08 -4.04
CA SER B 260 -15.36 0.11 -5.12
C SER B 260 -16.28 0.41 -6.29
N LEU B 261 -16.29 1.68 -6.70
CA LEU B 261 -17.20 2.16 -7.75
C LEU B 261 -16.41 3.03 -8.71
N SER B 262 -15.87 2.40 -9.76
CA SER B 262 -15.30 3.12 -10.88
C SER B 262 -16.39 3.47 -11.87
N ASP B 263 -16.05 4.35 -12.80
CA ASP B 263 -17.01 4.77 -13.82
C ASP B 263 -17.43 3.59 -14.69
N ASP B 264 -16.48 2.69 -14.99
CA ASP B 264 -16.80 1.54 -15.82
C ASP B 264 -17.70 0.55 -15.07
N ARG B 265 -17.42 0.33 -13.79
CA ARG B 265 -18.25 -0.57 -13.01
C ARG B 265 -19.66 -0.02 -12.86
N LEU B 266 -19.79 1.30 -12.74
CA LEU B 266 -21.11 1.92 -12.68
C LEU B 266 -21.82 1.79 -14.01
N ASN B 267 -21.09 1.98 -15.11
CA ASN B 267 -21.69 1.83 -16.43
C ASN B 267 -22.14 0.39 -16.68
N HIS B 268 -21.49 -0.56 -16.01
CA HIS B 268 -21.88 -1.96 -16.14
C HIS B 268 -23.04 -2.33 -15.21
N LEU B 269 -23.12 -1.69 -14.04
CA LEU B 269 -24.18 -2.02 -13.10
C LEU B 269 -25.54 -1.60 -13.62
N LEU B 270 -25.67 -0.35 -14.05
CA LEU B 270 -26.95 0.15 -14.51
C LEU B 270 -27.42 -0.50 -15.80
N SER B 271 -26.54 -1.22 -16.50
CA SER B 271 -26.92 -1.95 -17.69
C SER B 271 -27.44 -3.34 -17.39
N VAL B 272 -27.10 -3.90 -16.24
CA VAL B 272 -27.50 -5.23 -15.83
C VAL B 272 -28.51 -5.11 -14.70
N ALA B 273 -29.26 -4.02 -14.67
CA ALA B 273 -30.23 -3.84 -13.62
C ALA B 273 -31.39 -4.83 -13.81
N PRO B 274 -31.99 -5.33 -12.74
CA PRO B 274 -33.08 -6.28 -12.91
C PRO B 274 -34.26 -5.70 -13.65
N GLN B 275 -35.03 -6.60 -14.25
CA GLN B 275 -36.20 -6.20 -15.01
C GLN B 275 -37.30 -5.77 -14.05
N GLN B 276 -38.00 -4.69 -14.42
CA GLN B 276 -39.06 -4.12 -13.60
C GLN B 276 -38.52 -3.72 -12.23
N SER B 277 -37.60 -2.76 -12.25
CA SER B 277 -36.94 -2.30 -11.05
C SER B 277 -36.61 -0.82 -11.16
N LEU B 278 -36.95 -0.08 -10.12
CA LEU B 278 -36.50 1.29 -9.98
C LEU B 278 -35.10 1.32 -9.42
N VAL B 279 -34.25 2.14 -10.01
CA VAL B 279 -32.95 2.45 -9.47
C VAL B 279 -33.08 3.73 -8.68
N LEU B 280 -32.25 3.89 -7.66
CA LEU B 280 -32.40 4.98 -6.70
C LEU B 280 -31.06 5.50 -6.27
N LEU B 281 -30.89 6.82 -6.35
CA LEU B 281 -29.69 7.52 -5.94
C LEU B 281 -30.06 8.48 -4.81
N GLU B 282 -29.67 8.13 -3.60
CA GLU B 282 -29.98 8.91 -2.41
C GLU B 282 -28.86 9.89 -2.15
N ASP B 283 -29.21 11.17 -2.03
CA ASP B 283 -28.27 12.24 -1.74
C ASP B 283 -27.13 12.26 -2.77
N VAL B 284 -27.51 12.57 -4.01
CA VAL B 284 -26.55 12.66 -5.10
C VAL B 284 -25.75 13.95 -5.04
N ASP B 285 -26.15 14.91 -4.22
CA ASP B 285 -25.41 16.17 -4.11
C ASP B 285 -24.17 16.02 -3.25
N ALA B 286 -24.17 15.10 -2.29
CA ALA B 286 -23.04 14.91 -1.39
C ALA B 286 -21.86 14.22 -2.06
N ALA B 287 -21.99 13.79 -3.30
CA ALA B 287 -20.89 13.14 -3.99
C ALA B 287 -19.97 14.12 -4.70
N PHE B 288 -20.50 15.26 -5.14
CA PHE B 288 -19.74 16.26 -5.88
C PHE B 288 -20.01 17.64 -5.32
N LEU B 289 -19.13 18.57 -5.70
CA LEU B 289 -19.12 19.92 -5.17
C LEU B 289 -19.89 20.89 -6.06
N ILE B 299 -18.38 19.28 -9.71
CA ILE B 299 -17.38 19.01 -10.74
C ILE B 299 -16.06 18.66 -10.04
N LYS B 300 -16.17 17.87 -8.96
CA LYS B 300 -15.02 17.29 -8.29
C LYS B 300 -15.53 16.28 -7.28
N TYR B 301 -14.89 15.12 -7.22
CA TYR B 301 -15.32 14.07 -6.32
C TYR B 301 -14.92 14.39 -4.88
N GLN B 302 -15.74 13.93 -3.93
CA GLN B 302 -15.51 14.15 -2.52
C GLN B 302 -15.69 12.87 -1.70
N GLY B 303 -15.68 11.71 -2.34
CA GLY B 303 -15.95 10.46 -1.68
C GLY B 303 -14.78 9.50 -1.85
N LEU B 304 -14.90 8.36 -1.18
CA LEU B 304 -13.92 7.30 -1.28
C LEU B 304 -14.26 6.45 -2.50
N GLY B 305 -13.36 6.43 -3.46
CA GLY B 305 -13.61 5.73 -4.72
C GLY B 305 -12.87 6.41 -5.85
N ARG B 306 -13.10 5.88 -7.04
CA ARG B 306 -12.46 6.36 -8.27
C ARG B 306 -13.51 6.70 -9.30
N LEU B 307 -14.54 7.41 -8.86
CA LEU B 307 -15.62 7.88 -9.71
C LEU B 307 -15.43 9.36 -10.02
N THR B 308 -15.79 9.75 -11.23
CA THR B 308 -15.71 11.12 -11.70
C THR B 308 -17.10 11.60 -12.06
N PHE B 309 -17.16 12.87 -12.48
CA PHE B 309 -18.42 13.50 -12.83
C PHE B 309 -18.88 13.11 -14.22
N SER B 310 -17.97 13.18 -15.18
CA SER B 310 -18.29 12.80 -16.55
C SER B 310 -18.72 11.35 -16.63
N GLY B 311 -18.11 10.48 -15.82
CA GLY B 311 -18.51 9.09 -15.81
C GLY B 311 -19.96 8.90 -15.42
N LEU B 312 -20.40 9.62 -14.38
CA LEU B 312 -21.78 9.54 -13.97
C LEU B 312 -22.71 10.11 -15.04
N LEU B 313 -22.37 11.30 -15.55
CA LEU B 313 -23.23 11.93 -16.54
C LEU B 313 -23.36 11.10 -17.80
N ASN B 314 -22.32 10.37 -18.17
CA ASN B 314 -22.34 9.53 -19.35
C ASN B 314 -22.92 8.15 -19.08
N ALA B 315 -22.96 7.72 -17.82
CA ALA B 315 -23.63 6.47 -17.48
C ALA B 315 -25.14 6.64 -17.43
N LEU B 316 -25.61 7.78 -16.91
CA LEU B 316 -27.05 7.99 -16.83
C LEU B 316 -27.64 8.12 -18.23
N ASP B 317 -27.18 9.11 -19.00
CA ASP B 317 -27.55 9.30 -20.39
C ASP B 317 -26.26 9.55 -21.14
N GLY B 318 -25.86 8.60 -21.95
CA GLY B 318 -24.72 8.77 -22.79
C GLY B 318 -24.94 8.09 -24.12
N VAL B 319 -23.94 7.32 -24.52
CA VAL B 319 -23.93 6.67 -25.81
C VAL B 319 -24.14 5.17 -25.65
N ALA B 320 -23.78 4.63 -24.50
CA ALA B 320 -23.93 3.21 -24.19
C ALA B 320 -24.82 3.01 -22.97
N SER B 321 -25.91 3.75 -22.90
CA SER B 321 -26.89 3.60 -21.84
C SER B 321 -28.01 2.67 -22.28
N THR B 322 -28.53 1.93 -21.32
CA THR B 322 -29.48 0.86 -21.56
C THR B 322 -30.91 1.39 -21.58
N GLU B 323 -31.79 0.60 -22.17
CA GLU B 323 -33.20 0.94 -22.34
C GLU B 323 -34.04 0.35 -21.22
N ALA B 324 -35.26 0.88 -21.09
CA ALA B 324 -36.24 0.42 -20.11
C ALA B 324 -35.67 0.51 -18.70
N ARG B 325 -35.39 1.75 -18.30
CA ARG B 325 -34.74 2.05 -17.04
C ARG B 325 -35.39 3.27 -16.42
N ILE B 326 -35.64 3.20 -15.13
CA ILE B 326 -36.26 4.27 -14.36
C ILE B 326 -35.37 4.56 -13.18
N VAL B 327 -34.91 5.80 -13.09
CA VAL B 327 -33.99 6.26 -12.05
C VAL B 327 -34.70 7.32 -11.22
N PHE B 328 -34.53 7.24 -9.91
CA PHE B 328 -34.96 8.26 -8.98
C PHE B 328 -33.73 8.86 -8.33
N MET B 329 -33.80 10.15 -8.05
CA MET B 329 -32.78 10.85 -7.28
C MET B 329 -33.47 11.59 -6.14
N THR B 330 -32.76 11.71 -5.03
CA THR B 330 -33.26 12.50 -3.91
C THR B 330 -32.16 13.37 -3.34
N THR B 331 -32.47 14.66 -3.15
CA THR B 331 -31.55 15.62 -2.59
C THR B 331 -32.31 16.58 -1.69
N ASN B 332 -31.61 17.12 -0.70
CA ASN B 332 -32.17 18.15 0.15
C ASN B 332 -31.90 19.55 -0.40
N TYR B 333 -30.70 19.78 -0.89
CA TYR B 333 -30.29 21.05 -1.47
C TYR B 333 -30.17 20.89 -2.98
N ILE B 334 -30.94 21.68 -3.72
CA ILE B 334 -30.95 21.61 -5.19
C ILE B 334 -30.02 22.64 -5.83
N ASP B 335 -29.54 23.61 -5.07
CA ASP B 335 -28.65 24.63 -5.62
C ASP B 335 -27.22 24.11 -5.83
N ARG B 336 -26.86 23.03 -5.15
CA ARG B 336 -25.53 22.44 -5.26
C ARG B 336 -25.43 21.40 -6.37
N LEU B 337 -26.46 21.26 -7.19
CA LEU B 337 -26.46 20.30 -8.30
C LEU B 337 -26.10 21.02 -9.58
N ASP B 338 -25.19 20.44 -10.33
CA ASP B 338 -24.74 21.05 -11.56
C ASP B 338 -25.86 21.01 -12.59
N PRO B 339 -26.13 22.10 -13.32
CA PRO B 339 -27.23 22.05 -14.29
C PRO B 339 -27.06 21.03 -15.41
N ALA B 340 -25.88 20.44 -15.57
CA ALA B 340 -25.68 19.38 -16.54
C ALA B 340 -26.12 18.02 -16.03
N LEU B 341 -26.70 17.94 -14.83
CA LEU B 341 -27.17 16.68 -14.27
C LEU B 341 -28.66 16.65 -14.04
N ILE B 342 -29.32 17.81 -14.01
CA ILE B 342 -30.76 17.91 -13.81
C ILE B 342 -31.44 18.54 -15.03
N ARG B 343 -30.79 18.51 -16.19
CA ARG B 343 -31.42 19.00 -17.40
C ARG B 343 -32.25 17.91 -18.04
N PRO B 344 -33.16 18.25 -18.96
CA PRO B 344 -34.05 17.23 -19.53
C PRO B 344 -33.30 16.22 -20.38
N GLY B 345 -33.71 14.95 -20.24
CA GLY B 345 -33.02 13.84 -20.84
C GLY B 345 -32.52 12.86 -19.79
N ARG B 346 -31.99 13.41 -18.70
CA ARG B 346 -31.60 12.66 -17.52
C ARG B 346 -32.62 12.73 -16.41
N VAL B 347 -33.29 13.87 -16.29
CA VAL B 347 -34.24 14.15 -15.22
C VAL B 347 -35.39 14.91 -15.85
N ASP B 348 -36.51 14.24 -16.04
CA ASP B 348 -37.64 14.77 -16.80
C ASP B 348 -38.76 15.30 -15.91
N LEU B 349 -38.62 15.24 -14.60
CA LEU B 349 -39.67 15.73 -13.71
C LEU B 349 -39.06 16.06 -12.36
N LYS B 350 -38.99 17.35 -12.05
CA LYS B 350 -38.57 17.82 -10.74
C LYS B 350 -39.79 18.19 -9.94
N GLU B 351 -39.87 17.70 -8.70
CA GLU B 351 -40.97 17.98 -7.80
C GLU B 351 -40.45 18.34 -6.42
N TYR B 352 -41.18 19.24 -5.77
CA TYR B 352 -40.81 19.82 -4.49
C TYR B 352 -41.76 19.31 -3.41
N VAL B 353 -41.27 18.37 -2.60
CA VAL B 353 -42.03 17.86 -1.47
C VAL B 353 -41.65 18.69 -0.25
N GLY B 354 -42.54 19.60 0.14
CA GLY B 354 -42.20 20.65 1.06
C GLY B 354 -42.91 20.53 2.40
N TYR B 355 -42.92 21.63 3.13
CA TYR B 355 -43.54 21.68 4.43
C TYR B 355 -45.05 21.50 4.30
N CYS B 356 -45.69 21.30 5.44
CA CYS B 356 -47.11 20.98 5.45
C CYS B 356 -47.95 22.21 5.12
N SER B 357 -49.21 21.95 4.79
CA SER B 357 -50.20 22.97 4.57
C SER B 357 -51.49 22.53 5.25
N HIS B 358 -52.55 23.29 5.02
CA HIS B 358 -53.84 22.99 5.65
C HIS B 358 -54.34 21.60 5.31
N TRP B 359 -54.39 21.29 4.02
CA TRP B 359 -54.97 20.05 3.55
C TRP B 359 -54.18 18.84 4.02
N GLN B 360 -52.85 18.95 4.03
CA GLN B 360 -52.02 17.85 4.48
C GLN B 360 -52.32 17.51 5.93
N LEU B 361 -52.38 18.53 6.80
CA LEU B 361 -52.63 18.28 8.21
C LEU B 361 -54.00 17.69 8.43
N THR B 362 -55.00 18.20 7.70
CA THR B 362 -56.34 17.61 7.78
C THR B 362 -56.32 16.13 7.44
N GLN B 363 -55.67 15.77 6.34
CA GLN B 363 -55.66 14.38 5.91
C GLN B 363 -54.87 13.50 6.87
N MET B 364 -53.77 14.02 7.44
CA MET B 364 -53.00 13.25 8.39
C MET B 364 -53.82 12.97 9.65
N PHE B 365 -54.54 13.98 10.13
CA PHE B 365 -55.42 13.79 11.27
C PHE B 365 -56.48 12.73 10.98
N GLN B 366 -57.04 12.75 9.76
CA GLN B 366 -58.04 11.74 9.43
C GLN B 366 -57.43 10.36 9.32
N ARG B 367 -56.15 10.28 8.96
CA ARG B 367 -55.50 8.97 8.87
C ARG B 367 -55.25 8.38 10.24
N PHE B 368 -54.78 9.20 11.19
CA PHE B 368 -54.35 8.65 12.47
C PHE B 368 -55.53 8.28 13.35
N TYR B 369 -56.56 9.13 13.39
CA TYR B 369 -57.73 8.92 14.24
C TYR B 369 -58.96 8.64 13.38
N PRO B 370 -59.12 7.42 12.87
CA PRO B 370 -60.27 7.13 12.01
C PRO B 370 -61.55 6.97 12.83
N GLY B 371 -62.56 7.75 12.46
CA GLY B 371 -63.88 7.66 13.08
C GLY B 371 -64.25 8.90 13.84
N GLN B 372 -63.76 10.06 13.38
CA GLN B 372 -64.04 11.34 14.00
C GLN B 372 -64.74 12.25 12.99
N ALA B 373 -65.38 13.27 13.50
CA ALA B 373 -66.06 14.21 12.63
C ALA B 373 -65.03 15.14 11.96
N PRO B 374 -65.28 15.59 10.72
CA PRO B 374 -64.29 16.47 10.07
C PRO B 374 -64.06 17.79 10.80
N SER B 375 -65.01 18.23 11.61
CA SER B 375 -64.85 19.49 12.34
C SER B 375 -63.62 19.44 13.23
N LEU B 376 -63.39 18.30 13.88
CA LEU B 376 -62.26 18.17 14.79
C LEU B 376 -60.94 18.26 14.02
N ALA B 377 -60.87 17.60 12.86
CA ALA B 377 -59.67 17.66 12.04
C ALA B 377 -59.40 19.08 11.57
N GLU B 378 -60.46 19.79 11.16
CA GLU B 378 -60.27 21.18 10.74
C GLU B 378 -59.78 22.04 11.90
N ASN B 379 -60.32 21.83 13.09
CA ASN B 379 -59.85 22.56 14.27
C ASN B 379 -58.37 22.32 14.51
N PHE B 380 -57.95 21.05 14.42
CA PHE B 380 -56.54 20.72 14.63
C PHE B 380 -55.66 21.43 13.61
N ALA B 381 -56.04 21.33 12.33
CA ALA B 381 -55.23 21.92 11.28
C ALA B 381 -55.10 23.43 11.45
N GLU B 382 -56.21 24.09 11.76
CA GLU B 382 -56.20 25.53 11.94
C GLU B 382 -55.30 25.93 13.11
N HIS B 383 -55.44 25.23 14.25
CA HIS B 383 -54.65 25.58 15.42
C HIS B 383 -53.17 25.38 15.17
N VAL B 384 -52.79 24.27 14.54
CA VAL B 384 -51.38 24.00 14.33
C VAL B 384 -50.79 25.01 13.36
N LEU B 385 -51.48 25.28 12.26
CA LEU B 385 -50.93 26.21 11.28
C LEU B 385 -50.94 27.64 11.78
N LYS B 386 -51.75 27.95 12.79
CA LYS B 386 -51.67 29.26 13.44
C LYS B 386 -50.49 29.33 14.40
N ALA B 387 -50.24 28.24 15.13
CA ALA B 387 -49.18 28.20 16.13
C ALA B 387 -47.82 28.49 15.55
N THR B 388 -47.34 27.60 14.67
CA THR B 388 -46.02 27.70 14.08
C THR B 388 -46.14 27.88 12.58
N SER B 389 -45.13 28.54 12.00
CA SER B 389 -45.18 28.89 10.58
C SER B 389 -45.01 27.66 9.71
N GLU B 390 -43.86 27.00 9.83
CA GLU B 390 -43.53 25.82 9.04
C GLU B 390 -43.35 24.64 9.96
N ILE B 391 -44.01 23.54 9.63
CA ILE B 391 -43.96 22.30 10.39
C ILE B 391 -43.96 21.14 9.42
N SER B 392 -42.99 20.26 9.55
CA SER B 392 -42.90 19.14 8.65
C SER B 392 -43.83 18.01 9.09
N PRO B 393 -44.18 17.10 8.18
CA PRO B 393 -45.08 16.00 8.57
C PRO B 393 -44.50 15.10 9.65
N ALA B 394 -43.18 15.02 9.75
CA ALA B 394 -42.58 14.12 10.73
C ALA B 394 -42.81 14.61 12.16
N GLN B 395 -42.72 15.92 12.37
CA GLN B 395 -43.03 16.47 13.68
C GLN B 395 -44.47 16.18 14.06
N VAL B 396 -45.37 16.27 13.09
CA VAL B 396 -46.77 15.98 13.34
C VAL B 396 -46.97 14.51 13.67
N GLN B 397 -46.23 13.65 12.97
CA GLN B 397 -46.26 12.22 13.26
C GLN B 397 -45.82 11.93 14.68
N GLY B 398 -44.73 12.56 15.12
CA GLY B 398 -44.28 12.36 16.48
C GLY B 398 -45.29 12.87 17.50
N TYR B 399 -45.85 14.04 17.24
CA TYR B 399 -46.87 14.60 18.14
C TYR B 399 -48.05 13.66 18.29
N PHE B 400 -48.47 13.02 17.20
CA PHE B 400 -49.53 12.03 17.33
C PHE B 400 -49.03 10.77 17.99
N MET B 401 -47.75 10.44 17.84
CA MET B 401 -47.21 9.25 18.50
C MET B 401 -47.27 9.38 20.00
N LEU B 402 -47.18 10.61 20.52
CA LEU B 402 -47.35 10.79 21.96
C LEU B 402 -48.77 10.42 22.39
N TYR B 403 -49.78 10.98 21.73
CA TYR B 403 -51.18 10.80 22.11
C TYR B 403 -51.80 9.72 21.23
N LYS B 404 -51.68 8.47 21.68
CA LYS B 404 -52.27 7.34 20.98
C LYS B 404 -53.73 7.18 21.40
N ASN B 405 -54.61 7.13 20.40
CA ASN B 405 -56.03 6.86 20.61
C ASN B 405 -56.67 7.89 21.54
N ASP B 406 -56.17 9.12 21.49
CA ASP B 406 -56.65 10.22 22.34
C ASP B 406 -56.76 11.48 21.49
N PRO B 407 -57.77 11.55 20.62
CA PRO B 407 -57.87 12.74 19.74
C PRO B 407 -58.11 14.03 20.49
N MET B 408 -58.93 14.00 21.54
CA MET B 408 -59.22 15.22 22.28
C MET B 408 -57.95 15.80 22.89
N GLY B 409 -57.11 14.94 23.46
CA GLY B 409 -55.84 15.39 23.98
C GLY B 409 -54.93 15.93 22.89
N ALA B 410 -55.06 15.41 21.68
CA ALA B 410 -54.27 15.95 20.57
C ALA B 410 -54.73 17.35 20.21
N VAL B 411 -56.03 17.59 20.22
CA VAL B 411 -56.52 18.92 19.91
C VAL B 411 -56.24 19.90 21.04
N HIS B 412 -56.10 19.43 22.27
CA HIS B 412 -55.92 20.34 23.40
C HIS B 412 -54.46 20.76 23.58
N ASN B 413 -53.51 19.89 23.28
CA ASN B 413 -52.09 20.11 23.58
C ASN B 413 -51.31 20.62 22.37
N ILE B 414 -51.93 21.47 21.55
CA ILE B 414 -51.25 21.98 20.36
C ILE B 414 -50.10 22.89 20.73
N GLU B 415 -50.24 23.65 21.81
CA GLU B 415 -49.28 24.70 22.16
C GLU B 415 -47.89 24.16 22.45
N SER B 416 -47.74 22.84 22.62
CA SER B 416 -46.44 22.24 22.82
C SER B 416 -45.58 22.21 21.57
N LEU B 417 -46.09 22.69 20.42
CA LEU B 417 -45.30 22.69 19.19
C LEU B 417 -44.61 24.01 18.90
N ARG B 418 -45.07 25.12 19.47
CA ARG B 418 -44.46 26.42 19.21
C ARG B 418 -43.03 26.42 19.73
N PRO B 419 -42.00 26.41 18.86
CA PRO B 419 -40.66 26.28 19.42
C PRO B 419 -40.14 27.58 20.03
N ILE C 49 -27.48 -40.04 4.52
CA ILE C 49 -27.71 -40.03 5.96
C ILE C 49 -27.63 -38.61 6.48
N THR C 50 -28.15 -38.38 7.69
CA THR C 50 -28.30 -37.01 8.16
C THR C 50 -26.94 -36.37 8.40
N LEU C 51 -26.81 -35.10 8.01
CA LEU C 51 -25.56 -34.38 8.03
C LEU C 51 -25.85 -32.89 8.11
N GLU C 52 -25.11 -32.18 8.96
CA GLU C 52 -25.27 -30.73 9.12
C GLU C 52 -23.92 -30.05 9.26
N VAL C 53 -23.83 -28.87 8.65
CA VAL C 53 -22.60 -28.10 8.51
C VAL C 53 -22.88 -26.65 8.88
N PRO C 54 -22.73 -26.26 10.17
CA PRO C 54 -23.03 -24.89 10.62
C PRO C 54 -22.52 -23.73 9.78
N ALA C 55 -21.31 -23.84 9.25
CA ALA C 55 -20.67 -22.85 8.38
C ALA C 55 -20.13 -21.66 9.14
N ARG C 56 -20.16 -21.68 10.47
CA ARG C 56 -19.60 -20.59 11.27
C ARG C 56 -20.26 -19.25 10.92
N ASP C 57 -21.55 -19.12 11.27
CA ASP C 57 -22.29 -17.87 11.07
C ASP C 57 -23.48 -17.81 12.02
N ARG C 58 -23.38 -16.95 13.04
CA ARG C 58 -24.46 -16.61 13.97
C ARG C 58 -25.14 -17.82 14.61
N SER C 59 -24.45 -18.96 14.58
CA SER C 59 -24.97 -20.19 15.15
C SER C 59 -23.92 -21.01 15.90
N TYR C 60 -22.65 -20.86 15.49
CA TYR C 60 -21.49 -21.56 16.03
C TYR C 60 -21.46 -21.59 17.55
N ALA C 61 -21.75 -20.43 18.16
CA ALA C 61 -21.65 -20.30 19.61
C ALA C 61 -22.57 -21.28 20.33
N TRP C 62 -23.83 -21.34 19.90
CA TRP C 62 -24.82 -22.12 20.62
C TRP C 62 -24.51 -23.61 20.51
N LEU C 63 -24.06 -24.03 19.34
CA LEU C 63 -23.75 -25.44 19.13
C LEU C 63 -22.50 -25.83 19.91
N LEU C 64 -21.51 -24.94 19.98
CA LEU C 64 -20.34 -25.21 20.83
C LEU C 64 -20.76 -25.37 22.28
N SER C 65 -21.63 -24.48 22.75
CA SER C 65 -22.10 -24.55 24.13
C SER C 65 -22.76 -25.88 24.41
N TRP C 66 -23.63 -26.33 23.50
CA TRP C 66 -24.31 -27.59 23.72
C TRP C 66 -23.34 -28.76 23.68
N LEU C 67 -22.40 -28.73 22.73
CA LEU C 67 -21.37 -29.76 22.63
C LEU C 67 -20.64 -29.95 23.94
N THR C 68 -20.24 -28.84 24.55
CA THR C 68 -19.54 -28.92 25.82
C THR C 68 -20.45 -29.45 26.91
N ARG C 69 -21.67 -28.90 26.99
CA ARG C 69 -22.51 -29.15 28.15
C ARG C 69 -22.95 -30.61 28.21
N HIS C 70 -23.38 -31.18 27.09
CA HIS C 70 -24.14 -32.43 27.17
C HIS C 70 -23.26 -33.68 27.13
N SER C 71 -22.09 -33.62 26.51
CA SER C 71 -21.39 -34.86 26.20
C SER C 71 -20.77 -35.52 27.42
N THR C 72 -19.77 -34.86 28.02
CA THR C 72 -19.08 -35.29 29.23
C THR C 72 -18.21 -36.54 29.06
N ARG C 73 -18.20 -37.17 27.87
CA ARG C 73 -17.35 -38.32 27.58
C ARG C 73 -16.43 -38.06 26.40
N THR C 74 -16.33 -36.82 25.95
CA THR C 74 -15.65 -36.51 24.72
C THR C 74 -14.14 -36.53 24.92
N GLN C 75 -13.44 -36.83 23.84
CA GLN C 75 -11.99 -36.73 23.77
C GLN C 75 -11.64 -35.86 22.57
N HIS C 76 -10.35 -35.67 22.36
CA HIS C 76 -9.86 -34.57 21.52
C HIS C 76 -10.43 -33.26 22.02
N LEU C 77 -10.20 -32.98 23.29
CA LEU C 77 -10.66 -31.75 23.94
C LEU C 77 -9.72 -30.61 23.57
N SER C 78 -9.90 -29.46 24.23
CA SER C 78 -8.99 -28.34 24.11
C SER C 78 -8.95 -27.61 25.45
N VAL C 79 -8.33 -26.42 25.45
CA VAL C 79 -8.20 -25.60 26.64
C VAL C 79 -8.59 -24.19 26.22
N GLU C 80 -9.69 -23.69 26.78
CA GLU C 80 -10.08 -22.29 26.62
C GLU C 80 -10.03 -21.66 28.00
N THR C 81 -9.02 -20.83 28.23
CA THR C 81 -8.79 -20.18 29.52
C THR C 81 -9.36 -18.77 29.46
N SER C 82 -10.11 -18.40 30.49
CA SER C 82 -10.82 -17.14 30.50
C SER C 82 -11.00 -16.71 31.95
N TYR C 83 -11.58 -15.53 32.13
CA TYR C 83 -11.92 -15.04 33.45
C TYR C 83 -13.33 -15.44 33.82
N LEU C 84 -13.57 -15.56 35.12
CA LEU C 84 -14.88 -15.81 35.67
C LEU C 84 -15.08 -14.81 36.79
N GLN C 85 -16.24 -14.17 36.78
CA GLN C 85 -16.56 -13.08 37.71
C GLN C 85 -17.46 -13.65 38.80
N HIS C 86 -16.82 -14.20 39.83
CA HIS C 86 -17.54 -14.69 40.99
C HIS C 86 -18.28 -13.55 41.68
N GLU C 87 -19.10 -13.91 42.65
CA GLU C 87 -19.64 -12.92 43.56
C GLU C 87 -18.49 -12.19 44.25
N SER C 88 -18.76 -10.98 44.73
CA SER C 88 -17.83 -10.18 45.51
C SER C 88 -16.65 -9.67 44.69
N GLY C 89 -16.70 -9.76 43.37
CA GLY C 89 -15.69 -9.16 42.53
C GLY C 89 -14.38 -9.92 42.43
N ARG C 90 -14.17 -10.94 43.26
CA ARG C 90 -12.92 -11.68 43.23
C ARG C 90 -12.89 -12.60 42.01
N ILE C 91 -12.41 -12.08 40.88
CA ILE C 91 -12.39 -12.87 39.66
C ILE C 91 -11.39 -14.02 39.81
N SER C 92 -11.53 -15.01 38.93
CA SER C 92 -10.60 -16.13 38.92
C SER C 92 -10.61 -16.77 37.56
N THR C 93 -9.47 -17.32 37.16
CA THR C 93 -9.41 -17.92 35.84
C THR C 93 -10.13 -19.27 35.83
N LYS C 94 -10.55 -19.67 34.64
CA LYS C 94 -11.45 -20.80 34.47
C LYS C 94 -11.20 -21.42 33.11
N PHE C 95 -11.42 -22.73 33.04
CA PHE C 95 -11.15 -23.53 31.85
C PHE C 95 -12.42 -24.13 31.31
N GLU C 96 -12.64 -23.96 30.00
CA GLU C 96 -13.68 -24.66 29.26
C GLU C 96 -13.01 -25.60 28.28
N PHE C 97 -13.42 -26.87 28.32
CA PHE C 97 -12.95 -27.89 27.40
C PHE C 97 -13.86 -27.91 26.19
N ILE C 98 -13.34 -27.49 25.05
CA ILE C 98 -14.13 -27.36 23.82
C ILE C 98 -13.49 -28.27 22.77
N PRO C 99 -14.21 -28.61 21.69
CA PRO C 99 -13.70 -29.57 20.71
C PRO C 99 -12.38 -29.15 20.05
N SER C 100 -11.76 -30.15 19.42
CA SER C 100 -10.60 -29.98 18.57
C SER C 100 -10.65 -31.08 17.51
N PRO C 101 -9.96 -30.91 16.37
CA PRO C 101 -10.34 -31.69 15.19
C PRO C 101 -10.10 -33.17 15.38
N GLY C 102 -10.70 -33.95 14.51
CA GLY C 102 -10.89 -35.37 14.70
C GLY C 102 -12.33 -35.68 15.02
N ASN C 103 -12.59 -36.96 15.21
CA ASN C 103 -13.94 -37.47 15.34
C ASN C 103 -14.36 -37.50 16.80
N HIS C 104 -15.50 -36.90 17.09
CA HIS C 104 -16.09 -36.87 18.42
C HIS C 104 -17.42 -37.59 18.30
N PHE C 105 -17.83 -38.31 19.33
CA PHE C 105 -19.07 -39.07 19.31
C PHE C 105 -19.91 -38.71 20.51
N ILE C 106 -21.22 -38.64 20.31
CA ILE C 106 -22.14 -38.29 21.37
C ILE C 106 -23.35 -39.22 21.28
N TRP C 107 -23.78 -39.69 22.44
CA TRP C 107 -25.00 -40.47 22.61
C TRP C 107 -26.04 -39.53 23.19
N TYR C 108 -26.89 -39.00 22.32
CA TYR C 108 -28.10 -38.30 22.72
C TYR C 108 -29.29 -39.15 22.27
N GLN C 109 -30.42 -38.97 22.97
CA GLN C 109 -31.59 -39.83 22.89
C GLN C 109 -31.93 -40.26 21.47
N GLY C 110 -32.22 -41.55 21.32
CA GLY C 110 -32.48 -42.15 20.03
C GLY C 110 -31.28 -42.91 19.52
N LYS C 111 -30.55 -42.32 18.58
CA LYS C 111 -29.44 -42.96 17.90
C LYS C 111 -28.11 -42.33 18.28
N TRP C 112 -27.05 -43.11 18.15
CA TRP C 112 -25.71 -42.56 18.24
C TRP C 112 -25.52 -41.47 17.19
N ILE C 113 -24.70 -40.48 17.52
CA ILE C 113 -24.40 -39.38 16.61
C ILE C 113 -22.90 -39.15 16.60
N ARG C 114 -22.38 -38.85 15.41
CA ARG C 114 -20.97 -38.58 15.20
C ARG C 114 -20.85 -37.10 14.86
N VAL C 115 -20.20 -36.34 15.74
CA VAL C 115 -19.90 -34.94 15.50
C VAL C 115 -18.41 -34.82 15.25
N GLU C 116 -18.00 -33.67 14.73
CA GLU C 116 -16.64 -33.57 14.23
C GLU C 116 -16.35 -32.11 13.93
N ARG C 117 -15.07 -31.74 13.99
CA ARG C 117 -14.61 -30.47 13.47
C ARG C 117 -13.67 -30.74 12.30
N ASN C 118 -13.87 -29.98 11.22
CA ASN C 118 -13.09 -30.11 9.99
C ASN C 118 -12.45 -28.75 9.75
N ARG C 119 -11.33 -28.54 10.43
CA ARG C 119 -10.57 -27.29 10.36
C ARG C 119 -9.33 -27.56 9.53
N ASP C 120 -9.50 -27.59 8.20
CA ASP C 120 -8.40 -27.66 7.26
C ASP C 120 -8.03 -26.21 6.95
N MET C 121 -7.18 -25.64 7.81
CA MET C 121 -7.06 -24.20 7.91
C MET C 121 -6.41 -23.57 6.69
N GLN C 122 -7.23 -23.14 5.73
CA GLN C 122 -6.81 -22.20 4.68
C GLN C 122 -7.73 -20.99 4.80
N MET C 123 -7.15 -19.86 5.19
CA MET C 123 -7.88 -18.76 5.78
C MET C 123 -7.41 -17.43 5.24
N VAL C 124 -7.21 -17.34 3.93
CA VAL C 124 -6.69 -16.10 3.35
C VAL C 124 -7.87 -15.17 3.14
N ASP C 125 -8.29 -14.49 4.21
CA ASP C 125 -9.50 -13.70 4.21
C ASP C 125 -9.66 -12.99 5.55
N LEU C 126 -10.50 -11.96 5.56
CA LEU C 126 -11.00 -11.33 6.77
C LEU C 126 -12.40 -11.82 7.15
N GLN C 127 -12.98 -12.73 6.35
CA GLN C 127 -14.32 -13.22 6.65
C GLN C 127 -14.35 -13.92 8.00
N THR C 128 -13.21 -14.47 8.43
CA THR C 128 -13.05 -15.03 9.76
C THR C 128 -11.79 -14.50 10.43
N GLY C 129 -10.74 -14.24 9.65
CA GLY C 129 -9.47 -13.75 10.18
C GLY C 129 -8.84 -14.71 11.17
N THR C 130 -9.02 -16.00 10.94
CA THR C 130 -8.71 -17.11 11.84
C THR C 130 -9.00 -18.31 10.93
N PRO C 131 -8.81 -19.55 11.36
CA PRO C 131 -9.25 -20.64 10.49
C PRO C 131 -10.76 -20.65 10.28
N TRP C 132 -11.20 -21.27 9.18
CA TRP C 132 -12.60 -21.19 8.77
C TRP C 132 -13.52 -21.77 9.82
N GLU C 133 -13.05 -22.78 10.57
CA GLU C 133 -13.75 -23.33 11.73
C GLU C 133 -15.15 -23.83 11.35
N SER C 134 -15.17 -24.84 10.49
CA SER C 134 -16.39 -25.56 10.25
C SER C 134 -16.70 -26.47 11.43
N VAL C 135 -17.89 -27.06 11.41
CA VAL C 135 -18.30 -28.08 12.35
C VAL C 135 -19.21 -29.03 11.56
N THR C 136 -19.35 -30.25 12.06
CA THR C 136 -20.10 -31.29 11.38
C THR C 136 -20.86 -32.11 12.39
N PHE C 137 -22.15 -32.31 12.13
CA PHE C 137 -22.97 -33.29 12.81
C PHE C 137 -23.36 -34.34 11.78
N THR C 138 -23.47 -35.60 12.19
CA THR C 138 -23.99 -36.60 11.27
C THR C 138 -24.51 -37.82 12.03
N ALA C 139 -25.41 -38.54 11.37
CA ALA C 139 -26.04 -39.69 12.00
C ALA C 139 -26.69 -40.60 10.96
N LEU C 140 -26.72 -41.89 11.28
CA LEU C 140 -27.21 -42.96 10.41
C LEU C 140 -28.74 -43.03 10.45
N GLY C 141 -29.37 -41.95 10.02
CA GLY C 141 -30.80 -41.90 9.83
C GLY C 141 -31.15 -41.09 8.61
N THR C 142 -32.46 -41.02 8.32
CA THR C 142 -32.95 -40.19 7.24
C THR C 142 -34.22 -39.44 7.64
N ASP C 143 -34.47 -39.30 8.94
CA ASP C 143 -35.56 -38.49 9.47
C ASP C 143 -34.89 -37.30 10.17
N ARG C 144 -34.90 -36.14 9.51
CA ARG C 144 -34.14 -34.98 9.94
C ARG C 144 -34.90 -34.09 10.91
N LYS C 145 -35.87 -34.65 11.64
CA LYS C 145 -36.57 -33.89 12.66
C LYS C 145 -35.75 -33.80 13.93
N VAL C 146 -35.02 -34.87 14.27
CA VAL C 146 -34.32 -34.90 15.53
C VAL C 146 -33.16 -33.90 15.52
N PHE C 147 -32.53 -33.70 14.36
CA PHE C 147 -31.43 -32.74 14.31
C PHE C 147 -31.93 -31.33 14.57
N PHE C 148 -33.04 -30.97 13.94
CA PHE C 148 -33.73 -29.71 14.23
C PHE C 148 -34.05 -29.61 15.72
N ASN C 149 -34.45 -30.72 16.33
CA ASN C 149 -34.77 -30.72 17.76
C ASN C 149 -33.53 -30.43 18.60
N ILE C 150 -32.40 -31.06 18.29
CA ILE C 150 -31.20 -30.85 19.12
C ILE C 150 -30.72 -29.42 18.99
N LEU C 151 -30.83 -28.86 17.78
CA LEU C 151 -30.38 -27.49 17.60
C LEU C 151 -31.27 -26.53 18.37
N GLU C 152 -32.59 -26.75 18.34
CA GLU C 152 -33.47 -25.89 19.11
C GLU C 152 -33.20 -26.01 20.60
N GLU C 153 -32.84 -27.21 21.07
CA GLU C 153 -32.47 -27.38 22.46
C GLU C 153 -31.21 -26.59 22.79
N ALA C 154 -30.26 -26.57 21.85
CA ALA C 154 -29.05 -25.77 22.06
C ALA C 154 -29.39 -24.30 22.18
N ARG C 155 -30.27 -23.80 21.31
CA ARG C 155 -30.74 -22.42 21.42
C ARG C 155 -31.36 -22.15 22.78
N ALA C 156 -32.19 -23.09 23.26
CA ALA C 156 -32.86 -22.90 24.55
C ALA C 156 -31.84 -22.78 25.68
N LEU C 157 -30.90 -23.73 25.74
CA LEU C 157 -29.88 -23.69 26.78
C LEU C 157 -29.05 -22.41 26.70
N ALA C 158 -28.74 -21.97 25.48
CA ALA C 158 -27.91 -20.78 25.31
C ALA C 158 -28.64 -19.55 25.85
N LEU C 159 -29.91 -19.39 25.46
CA LEU C 159 -30.68 -18.25 25.96
C LEU C 159 -30.99 -18.37 27.45
N GLN C 160 -30.91 -19.57 28.03
CA GLN C 160 -31.17 -19.74 29.45
C GLN C 160 -29.92 -19.56 30.31
N GLN C 161 -28.72 -19.65 29.73
CA GLN C 161 -27.51 -19.45 30.53
C GLN C 161 -27.45 -18.05 31.13
N GLU C 162 -27.98 -17.05 30.43
CA GLU C 162 -27.95 -15.66 30.87
C GLU C 162 -29.32 -15.33 31.47
N GLU C 163 -29.45 -15.56 32.78
CA GLU C 163 -30.73 -15.47 33.47
C GLU C 163 -30.91 -14.15 34.21
N GLY C 164 -29.87 -13.66 34.88
CA GLY C 164 -29.93 -12.45 35.68
C GLY C 164 -28.79 -11.53 35.36
N LYS C 165 -28.40 -11.50 34.09
CA LYS C 165 -27.20 -10.81 33.65
C LYS C 165 -27.50 -10.09 32.35
N THR C 166 -26.47 -9.43 31.82
CA THR C 166 -26.61 -8.56 30.66
C THR C 166 -25.48 -8.86 29.68
N VAL C 167 -25.84 -9.32 28.50
CA VAL C 167 -24.88 -9.60 27.46
C VAL C 167 -24.46 -8.28 26.81
N MET C 168 -23.24 -8.28 26.28
CA MET C 168 -22.75 -7.20 25.44
C MET C 168 -22.18 -7.83 24.19
N TYR C 169 -22.72 -7.42 23.04
CA TYR C 169 -22.23 -7.87 21.75
C TYR C 169 -21.26 -6.84 21.19
N THR C 170 -20.65 -7.18 20.08
CA THR C 170 -19.72 -6.27 19.42
C THR C 170 -19.61 -6.68 17.95
N ALA C 171 -19.02 -5.79 17.17
CA ALA C 171 -18.96 -5.92 15.73
C ALA C 171 -17.66 -6.60 15.34
N VAL C 172 -17.76 -7.80 14.81
CA VAL C 172 -16.64 -8.52 14.22
C VAL C 172 -16.89 -8.55 12.73
N GLY C 173 -16.14 -7.74 11.99
CA GLY C 173 -16.35 -7.62 10.57
C GLY C 173 -17.73 -7.04 10.29
N SER C 174 -18.63 -7.90 9.83
CA SER C 174 -20.02 -7.53 9.56
C SER C 174 -20.96 -8.52 10.22
N GLU C 175 -20.59 -9.00 11.41
CA GLU C 175 -21.48 -9.83 12.21
C GLU C 175 -21.34 -9.43 13.67
N TRP C 176 -22.32 -9.86 14.46
CA TRP C 176 -22.36 -9.58 15.88
C TRP C 176 -21.87 -10.79 16.66
N ARG C 177 -20.89 -10.57 17.53
CA ARG C 177 -20.32 -11.62 18.36
C ARG C 177 -20.43 -11.24 19.82
N THR C 178 -20.52 -12.27 20.66
CA THR C 178 -20.40 -12.07 22.09
C THR C 178 -19.04 -11.44 22.40
N PHE C 179 -19.00 -10.68 23.49
CA PHE C 179 -17.82 -9.89 23.87
C PHE C 179 -17.57 -10.09 25.35
N GLY C 180 -16.59 -10.92 25.67
CA GLY C 180 -16.25 -11.17 27.05
C GLY C 180 -17.15 -12.19 27.71
N TYR C 181 -17.90 -11.74 28.70
CA TYR C 181 -18.76 -12.62 29.48
C TYR C 181 -19.92 -11.81 30.00
N PRO C 182 -20.95 -12.46 30.52
CA PRO C 182 -22.09 -11.71 31.07
C PRO C 182 -21.69 -10.84 32.24
N ARG C 183 -22.18 -9.60 32.22
CA ARG C 183 -21.95 -8.63 33.28
C ARG C 183 -23.03 -8.77 34.34
N ARG C 184 -22.89 -8.00 35.41
CA ARG C 184 -23.88 -7.96 36.49
C ARG C 184 -24.87 -6.84 36.22
N ARG C 185 -26.15 -7.15 36.39
CA ARG C 185 -27.22 -6.20 36.09
C ARG C 185 -27.20 -5.07 37.12
N ARG C 186 -26.78 -3.91 36.70
CA ARG C 186 -26.82 -2.75 37.57
C ARG C 186 -28.27 -2.41 37.89
N PRO C 187 -28.68 -2.37 39.15
CA PRO C 187 -30.08 -2.03 39.43
C PRO C 187 -30.43 -0.62 39.02
N LEU C 188 -31.70 -0.43 38.67
CA LEU C 188 -32.19 0.84 38.18
C LEU C 188 -32.49 1.83 39.31
N ASP C 189 -32.66 1.33 40.53
CA ASP C 189 -32.86 2.22 41.67
C ASP C 189 -31.57 2.88 42.15
N SER C 190 -30.42 2.52 41.58
CA SER C 190 -29.13 3.08 41.97
C SER C 190 -28.59 4.06 40.93
N VAL C 191 -29.46 4.64 40.11
CA VAL C 191 -29.10 5.65 39.13
C VAL C 191 -30.13 6.76 39.27
N VAL C 192 -29.79 7.78 40.06
CA VAL C 192 -30.73 8.81 40.45
C VAL C 192 -30.65 9.94 39.43
N LEU C 193 -31.67 10.05 38.60
CA LEU C 193 -31.79 11.12 37.63
C LEU C 193 -32.81 12.14 38.13
N GLN C 194 -33.08 13.14 37.31
CA GLN C 194 -34.00 14.21 37.68
C GLN C 194 -35.37 13.64 38.02
N GLN C 195 -36.17 14.48 38.68
CA GLN C 195 -37.47 14.05 39.17
C GLN C 195 -38.40 13.78 37.99
N GLY C 196 -38.64 12.51 37.71
CA GLY C 196 -39.50 12.13 36.61
C GLY C 196 -38.84 12.24 35.27
N LEU C 197 -37.75 11.51 35.08
CA LEU C 197 -37.08 11.36 33.80
C LEU C 197 -36.84 9.90 33.45
N ALA C 198 -36.51 9.07 34.43
CA ALA C 198 -36.33 7.65 34.16
C ALA C 198 -37.67 6.97 33.96
N ASP C 199 -38.68 7.38 34.73
CA ASP C 199 -40.02 6.84 34.57
C ASP C 199 -40.57 7.15 33.18
N ARG C 200 -40.34 8.37 32.71
CA ARG C 200 -40.82 8.78 31.39
C ARG C 200 -40.22 7.92 30.29
N ILE C 201 -38.90 7.78 30.30
CA ILE C 201 -38.21 7.02 29.25
C ILE C 201 -38.62 5.56 29.31
N VAL C 202 -38.65 4.98 30.51
CA VAL C 202 -38.99 3.57 30.67
C VAL C 202 -40.42 3.31 30.20
N LYS C 203 -41.32 4.23 30.53
CA LYS C 203 -42.72 4.06 30.13
C LYS C 203 -42.87 4.16 28.62
N ASP C 204 -42.17 5.12 28.00
CA ASP C 204 -42.25 5.26 26.55
C ASP C 204 -41.72 4.03 25.85
N ILE C 205 -40.59 3.49 26.30
CA ILE C 205 -40.00 2.35 25.62
C ILE C 205 -40.86 1.10 25.83
N ARG C 206 -41.44 0.96 27.02
CA ARG C 206 -42.35 -0.17 27.25
C ARG C 206 -43.59 -0.07 26.38
N GLU C 207 -44.16 1.12 26.26
CA GLU C 207 -45.31 1.32 25.38
C GLU C 207 -44.95 1.02 23.94
N PHE C 208 -43.73 1.36 23.53
CA PHE C 208 -43.28 1.03 22.20
C PHE C 208 -43.21 -0.48 21.99
N ILE C 209 -42.70 -1.22 22.98
CA ILE C 209 -42.52 -2.65 22.77
C ILE C 209 -43.84 -3.40 22.83
N ASP C 210 -44.86 -2.88 23.52
CA ASP C 210 -46.12 -3.57 23.72
C ASP C 210 -47.26 -2.94 22.93
N ASN C 211 -46.95 -2.39 21.75
CA ASN C 211 -47.98 -1.96 20.80
C ASN C 211 -47.38 -2.02 19.40
N PRO C 212 -47.16 -3.22 18.87
CA PRO C 212 -46.63 -3.34 17.51
C PRO C 212 -47.71 -3.32 16.44
N LYS C 213 -48.94 -3.63 16.82
CA LYS C 213 -50.02 -3.65 15.85
C LYS C 213 -50.49 -2.26 15.48
N TRP C 214 -50.40 -1.30 16.40
CA TRP C 214 -50.76 0.08 16.10
C TRP C 214 -49.82 0.71 15.09
N TYR C 215 -48.60 0.20 14.97
CA TYR C 215 -47.65 0.72 14.00
C TYR C 215 -47.83 0.11 12.62
N ILE C 216 -48.39 -1.09 12.54
CA ILE C 216 -48.55 -1.79 11.27
C ILE C 216 -49.86 -1.41 10.60
N ASP C 217 -50.92 -1.21 11.36
CA ASP C 217 -52.22 -0.84 10.80
C ASP C 217 -52.27 0.61 10.31
N ARG C 218 -51.16 1.35 10.37
CA ARG C 218 -51.08 2.70 9.82
C ARG C 218 -49.85 2.88 8.94
N GLY C 219 -49.10 1.81 8.66
CA GLY C 219 -48.01 1.86 7.72
C GLY C 219 -46.72 2.45 8.21
N ILE C 220 -46.66 2.90 9.46
CA ILE C 220 -45.47 3.53 10.00
C ILE C 220 -44.38 2.46 10.13
N PRO C 221 -43.10 2.80 10.02
CA PRO C 221 -42.06 1.81 10.32
C PRO C 221 -41.93 1.59 11.81
N TYR C 222 -41.67 0.33 12.17
CA TYR C 222 -41.59 -0.06 13.58
C TYR C 222 -40.17 0.15 14.08
N ARG C 223 -39.79 1.41 14.17
CA ARG C 223 -38.51 1.84 14.66
C ARG C 223 -38.69 2.92 15.72
N ARG C 224 -37.63 3.16 16.48
CA ARG C 224 -37.60 4.24 17.43
C ARG C 224 -36.15 4.53 17.78
N GLY C 225 -35.92 5.74 18.25
CA GLY C 225 -34.59 6.17 18.61
C GLY C 225 -34.66 7.20 19.72
N TYR C 226 -33.61 7.23 20.52
CA TYR C 226 -33.50 8.13 21.66
C TYR C 226 -32.16 8.83 21.63
N LEU C 227 -32.10 9.97 22.31
CA LEU C 227 -30.90 10.79 22.37
C LEU C 227 -30.81 11.37 23.77
N LEU C 228 -29.76 10.99 24.49
CA LEU C 228 -29.43 11.58 25.77
C LEU C 228 -28.23 12.50 25.58
N TYR C 229 -28.33 13.70 26.14
CA TYR C 229 -27.27 14.68 26.02
C TYR C 229 -27.15 15.46 27.32
N GLY C 230 -25.98 16.05 27.50
CA GLY C 230 -25.70 16.81 28.70
C GLY C 230 -24.22 16.90 29.00
N PRO C 231 -23.88 17.51 30.12
CA PRO C 231 -22.49 17.69 30.46
C PRO C 231 -21.82 16.37 30.79
N PRO C 232 -20.51 16.38 31.06
CA PRO C 232 -19.82 15.14 31.42
C PRO C 232 -20.06 14.76 32.87
N GLY C 233 -20.44 13.51 33.09
CA GLY C 233 -20.50 12.95 34.42
C GLY C 233 -21.84 13.09 35.08
N CYS C 234 -22.92 12.89 34.30
CA CYS C 234 -24.26 13.21 34.74
C CYS C 234 -25.24 12.05 34.64
N GLY C 235 -24.88 10.93 34.02
CA GLY C 235 -25.66 9.71 34.13
C GLY C 235 -26.16 9.08 32.85
N LYS C 236 -25.47 9.28 31.73
CA LYS C 236 -25.96 8.76 30.46
C LYS C 236 -25.72 7.26 30.32
N SER C 237 -24.44 6.87 30.29
CA SER C 237 -24.11 5.47 30.03
C SER C 237 -24.61 4.56 31.14
N SER C 238 -24.56 5.03 32.38
CA SER C 238 -25.07 4.25 33.50
C SER C 238 -26.56 4.01 33.35
N PHE C 239 -27.30 5.05 32.96
CA PHE C 239 -28.73 4.90 32.76
C PHE C 239 -29.02 3.94 31.62
N ILE C 240 -28.20 3.96 30.58
CA ILE C 240 -28.39 3.03 29.47
C ILE C 240 -28.21 1.60 29.96
N THR C 241 -27.17 1.36 30.76
CA THR C 241 -26.94 0.03 31.30
C THR C 241 -28.11 -0.43 32.17
N ALA C 242 -28.56 0.44 33.07
CA ALA C 242 -29.66 0.10 33.94
C ALA C 242 -30.93 -0.19 33.15
N LEU C 243 -31.22 0.63 32.15
CA LEU C 243 -32.40 0.45 31.33
C LEU C 243 -32.33 -0.88 30.58
N ALA C 244 -31.16 -1.22 30.07
CA ALA C 244 -31.02 -2.51 29.40
C ALA C 244 -31.20 -3.66 30.37
N GLY C 245 -30.82 -3.46 31.63
CA GLY C 245 -31.03 -4.50 32.62
C GLY C 245 -32.44 -4.61 33.13
N GLU C 246 -33.24 -3.54 33.00
CA GLU C 246 -34.61 -3.57 33.50
C GLU C 246 -35.57 -4.21 32.50
N LEU C 247 -35.29 -4.08 31.21
CA LEU C 247 -36.16 -4.60 30.16
C LEU C 247 -35.75 -5.98 29.67
N GLU C 248 -34.85 -6.66 30.39
CA GLU C 248 -34.32 -7.97 30.00
C GLU C 248 -33.67 -7.93 28.62
N HIS C 249 -33.23 -6.76 28.18
CA HIS C 249 -32.64 -6.59 26.86
C HIS C 249 -31.13 -6.83 26.93
N SER C 250 -30.50 -6.80 25.78
CA SER C 250 -29.06 -6.83 25.63
C SER C 250 -28.58 -5.50 25.06
N ILE C 251 -27.29 -5.44 24.78
CA ILE C 251 -26.65 -4.24 24.25
C ILE C 251 -25.73 -4.65 23.12
N CYS C 252 -25.63 -3.76 22.13
CA CYS C 252 -24.82 -3.98 20.95
C CYS C 252 -24.07 -2.69 20.66
N LEU C 253 -22.78 -2.68 20.96
CA LEU C 253 -21.98 -1.48 20.83
C LEU C 253 -21.48 -1.33 19.42
N LEU C 254 -21.43 -0.08 18.96
CA LEU C 254 -21.08 0.24 17.58
C LEU C 254 -20.23 1.50 17.61
N SER C 255 -19.02 1.39 17.10
CA SER C 255 -18.04 2.47 17.10
C SER C 255 -17.89 2.95 15.66
N LEU C 256 -18.50 4.10 15.37
CA LEU C 256 -18.50 4.62 14.00
C LEU C 256 -17.08 4.88 13.51
N THR C 257 -16.29 5.56 14.33
CA THR C 257 -14.90 5.87 13.99
C THR C 257 -14.07 4.60 14.11
N ASP C 258 -14.21 3.74 13.11
CA ASP C 258 -13.51 2.47 13.07
C ASP C 258 -13.11 2.19 11.62
N SER C 259 -11.94 1.57 11.47
CA SER C 259 -11.26 1.51 10.18
C SER C 259 -11.93 0.59 9.18
N SER C 260 -12.88 -0.25 9.60
CA SER C 260 -13.47 -1.28 8.76
C SER C 260 -14.98 -1.15 8.74
N LEU C 261 -15.46 0.08 8.50
CA LEU C 261 -16.89 0.39 8.54
C LEU C 261 -17.25 1.24 7.33
N SER C 262 -17.63 0.57 6.25
CA SER C 262 -18.22 1.23 5.11
C SER C 262 -19.71 1.41 5.33
N ASP C 263 -20.32 2.25 4.48
CA ASP C 263 -21.75 2.49 4.59
C ASP C 263 -22.56 1.22 4.35
N ASP C 264 -22.09 0.37 3.44
CA ASP C 264 -22.81 -0.88 3.15
C ASP C 264 -22.68 -1.85 4.31
N ARG C 265 -21.49 -1.94 4.90
CA ARG C 265 -21.30 -2.83 6.04
C ARG C 265 -22.13 -2.38 7.23
N LEU C 266 -22.25 -1.07 7.41
CA LEU C 266 -23.11 -0.55 8.48
C LEU C 266 -24.57 -0.85 8.18
N ASN C 267 -24.99 -0.70 6.93
CA ASN C 267 -26.36 -1.01 6.56
C ASN C 267 -26.66 -2.48 6.74
N HIS C 268 -25.64 -3.33 6.66
CA HIS C 268 -25.83 -4.75 6.87
C HIS C 268 -25.79 -5.13 8.35
N LEU C 269 -25.02 -4.40 9.16
CA LEU C 269 -24.91 -4.74 10.58
C LEU C 269 -26.21 -4.48 11.31
N LEU C 270 -26.76 -3.27 11.15
CA LEU C 270 -27.98 -2.90 11.85
C LEU C 270 -29.19 -3.69 11.40
N SER C 271 -29.11 -4.41 10.27
CA SER C 271 -30.19 -5.26 9.81
C SER C 271 -30.12 -6.66 10.40
N VAL C 272 -28.95 -7.08 10.85
CA VAL C 272 -28.74 -8.41 11.41
C VAL C 272 -28.51 -8.28 12.91
N ALA C 273 -29.08 -7.23 13.51
CA ALA C 273 -28.90 -7.04 14.94
C ALA C 273 -29.65 -8.13 15.70
N PRO C 274 -29.14 -8.59 16.84
CA PRO C 274 -29.84 -9.63 17.58
C PRO C 274 -31.23 -9.20 18.03
N GLN C 275 -32.07 -10.20 18.25
CA GLN C 275 -33.43 -9.96 18.68
C GLN C 275 -33.44 -9.54 20.15
N GLN C 276 -34.27 -8.55 20.46
CA GLN C 276 -34.37 -7.99 21.80
C GLN C 276 -33.01 -7.44 22.25
N SER C 277 -32.57 -6.41 21.52
CA SER C 277 -31.28 -5.81 21.77
C SER C 277 -31.33 -4.33 21.47
N LEU C 278 -30.82 -3.52 22.39
CA LEU C 278 -30.58 -2.12 22.13
C LEU C 278 -29.28 -1.94 21.39
N VAL C 279 -29.30 -1.11 20.37
CA VAL C 279 -28.10 -0.66 19.69
C VAL C 279 -27.72 0.68 20.31
N LEU C 280 -26.42 0.98 20.31
CA LEU C 280 -25.90 2.13 21.04
C LEU C 280 -24.77 2.79 20.27
N LEU C 281 -24.90 4.11 20.08
CA LEU C 281 -23.90 4.92 19.42
C LEU C 281 -23.38 5.95 20.42
N GLU C 282 -22.16 5.73 20.88
CA GLU C 282 -21.52 6.57 21.87
C GLU C 282 -20.72 7.67 21.18
N ASP C 283 -21.01 8.91 21.53
CA ASP C 283 -20.31 10.08 20.98
C ASP C 283 -20.39 10.09 19.46
N VAL C 284 -21.62 10.26 18.98
CA VAL C 284 -21.87 10.34 17.55
C VAL C 284 -21.48 11.69 16.96
N ASP C 285 -21.20 12.69 17.80
CA ASP C 285 -20.79 13.99 17.31
C ASP C 285 -19.33 14.01 16.87
N ALA C 286 -18.49 13.19 17.48
CA ALA C 286 -17.07 13.15 17.16
C ALA C 286 -16.76 12.49 15.83
N ALA C 287 -17.76 11.96 15.14
CA ALA C 287 -17.53 11.33 13.84
C ALA C 287 -17.62 12.32 12.68
N PHE C 288 -18.42 13.38 12.84
CA PHE C 288 -18.63 14.37 11.79
C PHE C 288 -18.51 15.77 12.35
N LEU C 289 -18.36 16.72 11.43
CA LEU C 289 -18.10 18.11 11.77
C LEU C 289 -19.38 18.93 11.81
N ILE C 299 -21.07 17.15 8.33
CA ILE C 299 -21.21 16.87 6.91
C ILE C 299 -19.81 16.68 6.32
N LYS C 300 -18.95 15.99 7.07
CA LYS C 300 -17.65 15.54 6.61
C LYS C 300 -17.06 14.59 7.63
N TYR C 301 -16.50 13.49 7.17
CA TYR C 301 -15.95 12.49 8.06
C TYR C 301 -14.63 12.96 8.65
N GLN C 302 -14.36 12.53 9.89
CA GLN C 302 -13.14 12.88 10.60
C GLN C 302 -12.48 11.67 11.24
N GLY C 303 -12.85 10.46 10.82
CA GLY C 303 -12.35 9.24 11.45
C GLY C 303 -11.65 8.36 10.43
N LEU C 304 -11.08 7.28 10.93
CA LEU C 304 -10.42 6.28 10.10
C LEU C 304 -11.48 5.32 9.60
N GLY C 305 -11.66 5.28 8.29
CA GLY C 305 -12.70 4.46 7.69
C GLY C 305 -13.19 5.10 6.40
N ARG C 306 -14.20 4.46 5.82
CA ARG C 306 -14.80 4.87 4.56
C ARG C 306 -16.30 5.05 4.74
N LEU C 307 -16.68 5.73 5.82
CA LEU C 307 -18.06 6.04 6.12
C LEU C 307 -18.34 7.49 5.79
N THR C 308 -19.55 7.74 5.30
CA THR C 308 -20.02 9.07 4.96
C THR C 308 -21.22 9.43 5.81
N PHE C 309 -21.73 10.64 5.60
CA PHE C 309 -22.85 11.15 6.37
C PHE C 309 -24.17 10.61 5.85
N SER C 310 -24.35 10.66 4.53
CA SER C 310 -25.57 10.14 3.91
C SER C 310 -25.73 8.66 4.18
N GLY C 311 -24.63 7.91 4.22
CA GLY C 311 -24.71 6.49 4.53
C GLY C 311 -25.30 6.25 5.90
N LEU C 312 -24.85 7.00 6.89
CA LEU C 312 -25.39 6.86 8.24
C LEU C 312 -26.85 7.27 8.29
N LEU C 313 -27.18 8.43 7.70
CA LEU C 313 -28.54 8.91 7.75
C LEU C 313 -29.51 7.98 7.05
N ASN C 314 -29.06 7.29 6.01
CA ASN C 314 -29.89 6.36 5.28
C ASN C 314 -29.89 4.96 5.88
N ALA C 315 -28.89 4.64 6.71
CA ALA C 315 -28.91 3.38 7.43
C ALA C 315 -29.82 3.44 8.64
N LEU C 316 -29.85 4.57 9.35
CA LEU C 316 -30.72 4.69 10.51
C LEU C 316 -32.18 4.66 10.09
N ASP C 317 -32.59 5.60 9.26
CA ASP C 317 -33.93 5.65 8.67
C ASP C 317 -33.74 5.93 7.20
N GLY C 318 -34.00 4.95 6.37
CA GLY C 318 -33.96 5.13 4.95
C GLY C 318 -35.03 4.34 4.28
N VAL C 319 -34.64 3.61 3.25
CA VAL C 319 -35.55 2.85 2.41
C VAL C 319 -35.41 1.37 2.68
N ALA C 320 -34.22 0.94 3.12
CA ALA C 320 -33.91 -0.45 3.43
C ALA C 320 -33.50 -0.61 4.88
N SER C 321 -34.22 0.04 5.78
CA SER C 321 -34.00 -0.09 7.21
C SER C 321 -34.93 -1.14 7.79
N THR C 322 -34.43 -1.83 8.80
CA THR C 322 -35.09 -2.98 9.38
C THR C 322 -36.05 -2.57 10.48
N GLU C 323 -36.98 -3.48 10.79
CA GLU C 323 -38.02 -3.26 11.78
C GLU C 323 -37.62 -3.82 13.14
N ALA C 324 -38.34 -3.36 14.16
CA ALA C 324 -38.14 -3.81 15.54
C ALA C 324 -36.70 -3.55 15.99
N ARG C 325 -36.36 -2.27 16.03
CA ARG C 325 -35.02 -1.82 16.32
C ARG C 325 -35.09 -0.60 17.22
N ILE C 326 -34.23 -0.59 18.23
CA ILE C 326 -34.16 0.50 19.20
C ILE C 326 -32.71 0.95 19.25
N VAL C 327 -32.49 2.22 18.97
CA VAL C 327 -31.17 2.84 18.91
C VAL C 327 -31.09 3.91 19.98
N PHE C 328 -29.96 3.94 20.67
CA PHE C 328 -29.63 5.00 21.61
C PHE C 328 -28.42 5.75 21.06
N MET C 329 -28.40 7.05 21.30
CA MET C 329 -27.25 7.89 21.00
C MET C 329 -26.89 8.67 22.25
N THR C 330 -25.59 8.95 22.40
CA THR C 330 -25.14 9.78 23.50
C THR C 330 -24.10 10.77 23.01
N THR C 331 -24.30 12.04 23.37
CA THR C 331 -23.40 13.12 23.03
C THR C 331 -23.28 14.08 24.19
N ASN C 332 -22.14 14.76 24.27
CA ASN C 332 -21.94 15.82 25.25
C ASN C 332 -22.36 17.17 24.70
N TYR C 333 -22.02 17.46 23.46
CA TYR C 333 -22.36 18.70 22.78
C TYR C 333 -23.42 18.42 21.74
N ILE C 334 -24.58 19.08 21.87
CA ILE C 334 -25.70 18.89 20.95
C ILE C 334 -25.72 19.93 19.84
N ASP C 335 -24.95 21.01 19.95
CA ASP C 335 -24.93 22.02 18.91
C ASP C 335 -24.15 21.60 17.68
N ARG C 336 -23.27 20.61 17.80
CA ARG C 336 -22.46 20.13 16.70
C ARG C 336 -23.14 19.01 15.92
N LEU C 337 -24.40 18.72 16.20
CA LEU C 337 -25.14 17.68 15.50
C LEU C 337 -26.00 18.31 14.42
N ASP C 338 -25.94 17.73 13.24
CA ASP C 338 -26.68 18.28 12.12
C ASP C 338 -28.16 18.06 12.34
N PRO C 339 -29.02 19.06 12.10
CA PRO C 339 -30.46 18.85 12.33
C PRO C 339 -31.10 17.76 11.50
N ALA C 340 -30.41 17.26 10.47
CA ALA C 340 -30.93 16.13 9.71
C ALA C 340 -30.65 14.78 10.35
N LEU C 341 -30.08 14.76 11.56
CA LEU C 341 -29.80 13.52 12.27
C LEU C 341 -30.55 13.40 13.58
N ILE C 342 -31.07 14.50 14.11
CA ILE C 342 -31.82 14.50 15.36
C ILE C 342 -33.26 14.98 15.13
N ARG C 343 -33.75 14.91 13.90
CA ARG C 343 -35.13 15.25 13.61
C ARG C 343 -36.03 14.04 13.85
N PRO C 344 -37.34 14.24 13.98
CA PRO C 344 -38.22 13.10 14.31
C PRO C 344 -38.30 12.09 13.19
N GLY C 345 -38.30 10.81 13.57
CA GLY C 345 -38.21 9.70 12.66
C GLY C 345 -36.97 8.87 12.93
N ARG C 346 -35.86 9.54 13.20
CA ARG C 346 -34.61 8.91 13.63
C ARG C 346 -34.41 9.01 15.13
N VAL C 347 -34.87 10.10 15.73
CA VAL C 347 -34.67 10.39 17.15
C VAL C 347 -35.95 11.00 17.65
N ASP C 348 -36.74 10.24 18.40
CA ASP C 348 -38.07 10.62 18.80
C ASP C 348 -38.15 11.14 20.22
N LEU C 349 -37.04 11.19 20.95
CA LEU C 349 -37.07 11.68 22.33
C LEU C 349 -35.69 12.16 22.71
N LYS C 350 -35.54 13.47 22.86
CA LYS C 350 -34.33 14.10 23.35
C LYS C 350 -34.51 14.43 24.82
N GLU C 351 -33.55 14.04 25.65
CA GLU C 351 -33.58 14.31 27.07
C GLU C 351 -32.23 14.84 27.54
N TYR C 352 -32.28 15.72 28.52
CA TYR C 352 -31.12 16.42 29.04
C TYR C 352 -30.83 15.93 30.45
N VAL C 353 -29.80 15.12 30.59
CA VAL C 353 -29.34 14.64 31.88
C VAL C 353 -28.24 15.59 32.37
N GLY C 354 -28.60 16.47 33.30
CA GLY C 354 -27.80 17.61 33.63
C GLY C 354 -27.20 17.55 35.02
N TYR C 355 -26.77 18.70 35.49
CA TYR C 355 -26.16 18.82 36.80
C TYR C 355 -27.18 18.51 37.88
N CYS C 356 -26.68 18.35 39.10
CA CYS C 356 -27.52 17.94 40.20
C CYS C 356 -28.43 19.07 40.65
N SER C 357 -29.45 18.68 41.43
CA SER C 357 -30.36 19.61 42.06
C SER C 357 -30.58 19.13 43.49
N HIS C 358 -31.51 19.78 44.18
CA HIS C 358 -31.79 19.45 45.57
C HIS C 358 -32.21 17.99 45.73
N TRP C 359 -33.22 17.58 44.95
CA TRP C 359 -33.80 16.25 45.11
C TRP C 359 -32.80 15.16 44.78
N GLN C 360 -31.98 15.38 43.76
CA GLN C 360 -30.98 14.38 43.39
C GLN C 360 -30.00 14.13 44.53
N LEU C 361 -29.49 15.21 45.13
CA LEU C 361 -28.53 15.07 46.21
C LEU C 361 -29.15 14.39 47.42
N THR C 362 -30.40 14.75 47.74
CA THR C 362 -31.11 14.09 48.82
C THR C 362 -31.19 12.58 48.58
N GLN C 363 -31.59 12.19 47.37
CA GLN C 363 -31.77 10.77 47.09
C GLN C 363 -30.42 10.04 47.08
N MET C 364 -29.37 10.68 46.59
CA MET C 364 -28.05 10.05 46.60
C MET C 364 -27.57 9.82 48.01
N PHE C 365 -27.76 10.81 48.88
CA PHE C 365 -27.41 10.65 50.28
C PHE C 365 -28.18 9.50 50.91
N GLN C 366 -29.47 9.37 50.59
CA GLN C 366 -30.23 8.27 51.15
C GLN C 366 -29.78 6.93 50.59
N ARG C 367 -29.25 6.91 49.37
CA ARG C 367 -28.77 5.65 48.80
C ARG C 367 -27.48 5.20 49.47
N PHE C 368 -26.56 6.13 49.70
CA PHE C 368 -25.24 5.73 50.18
C PHE C 368 -25.24 5.35 51.65
N TYR C 369 -25.96 6.11 52.48
CA TYR C 369 -26.01 5.88 53.92
C TYR C 369 -27.41 5.44 54.33
N PRO C 370 -27.77 4.17 54.12
CA PRO C 370 -29.11 3.73 54.48
C PRO C 370 -29.26 3.55 55.98
N GLY C 371 -30.27 4.21 56.54
CA GLY C 371 -30.61 4.07 57.95
C GLY C 371 -30.39 5.35 58.73
N GLN C 372 -30.57 6.49 58.06
CA GLN C 372 -30.42 7.80 58.68
C GLN C 372 -31.73 8.56 58.59
N ALA C 373 -31.86 9.57 59.43
CA ALA C 373 -33.06 10.39 59.41
C ALA C 373 -33.04 11.32 58.20
N PRO C 374 -34.19 11.65 57.61
CA PRO C 374 -34.18 12.55 56.43
C PRO C 374 -33.64 13.93 56.72
N SER C 375 -33.65 14.37 57.97
CA SER C 375 -33.13 15.69 58.31
C SER C 375 -31.66 15.81 57.93
N LEU C 376 -30.89 14.75 58.15
CA LEU C 376 -29.46 14.78 57.83
C LEU C 376 -29.24 14.90 56.33
N ALA C 377 -30.01 14.16 55.54
CA ALA C 377 -29.90 14.25 54.09
C ALA C 377 -30.26 15.64 53.59
N GLU C 378 -31.32 16.23 54.16
CA GLU C 378 -31.69 17.59 53.76
C GLU C 378 -30.58 18.58 54.11
N ASN C 379 -29.97 18.41 55.28
CA ASN C 379 -28.85 19.28 55.67
C ASN C 379 -27.72 19.17 54.66
N PHE C 380 -27.38 17.95 54.27
CA PHE C 380 -26.30 17.74 53.30
C PHE C 380 -26.61 18.42 51.99
N ALA C 381 -27.82 18.19 51.47
CA ALA C 381 -28.20 18.74 50.18
C ALA C 381 -28.15 20.26 50.20
N GLU C 382 -28.69 20.86 51.27
CA GLU C 382 -28.70 22.32 51.37
C GLU C 382 -27.28 22.87 51.42
N HIS C 383 -26.42 22.27 52.25
CA HIS C 383 -25.05 22.78 52.37
C HIS C 383 -24.30 22.67 51.06
N VAL C 384 -24.43 21.53 50.37
CA VAL C 384 -23.67 21.36 49.13
C VAL C 384 -24.17 22.32 48.07
N LEU C 385 -25.49 22.45 47.92
CA LEU C 385 -26.00 23.33 46.88
C LEU C 385 -25.78 24.79 47.21
N LYS C 386 -25.54 25.12 48.48
CA LYS C 386 -25.13 26.48 48.83
C LYS C 386 -23.66 26.72 48.52
N ALA C 387 -22.82 25.73 48.77
CA ALA C 387 -21.38 25.86 48.59
C ALA C 387 -21.01 26.19 47.15
N THR C 388 -21.29 25.27 46.23
CA THR C 388 -20.92 25.41 44.82
C THR C 388 -22.19 25.47 43.97
N SER C 389 -22.08 26.15 42.84
CA SER C 389 -23.24 26.37 41.98
C SER C 389 -23.67 25.09 41.29
N GLU C 390 -22.78 24.53 40.48
CA GLU C 390 -23.06 23.33 39.71
C GLU C 390 -22.09 22.24 40.14
N ILE C 391 -22.64 21.06 40.43
CA ILE C 391 -21.87 19.91 40.87
C ILE C 391 -22.51 18.66 40.26
N SER C 392 -21.70 17.87 39.59
CA SER C 392 -22.21 16.68 38.94
C SER C 392 -22.33 15.54 39.93
N PRO C 393 -23.15 14.53 39.63
CA PRO C 393 -23.27 13.40 40.56
C PRO C 393 -21.99 12.64 40.78
N ALA C 394 -21.06 12.67 39.83
CA ALA C 394 -19.83 11.90 39.98
C ALA C 394 -18.93 12.49 41.05
N GLN C 395 -18.86 13.83 41.12
CA GLN C 395 -18.10 14.45 42.19
C GLN C 395 -18.67 14.09 43.55
N VAL C 396 -20.00 14.03 43.64
CA VAL C 396 -20.66 13.66 44.89
C VAL C 396 -20.35 12.21 45.23
N GLN C 397 -20.33 11.35 44.21
CA GLN C 397 -19.97 9.95 44.40
C GLN C 397 -18.56 9.81 44.96
N GLY C 398 -17.62 10.56 44.40
CA GLY C 398 -16.26 10.51 44.91
C GLY C 398 -16.16 11.02 46.34
N TYR C 399 -16.84 12.12 46.61
CA TYR C 399 -16.85 12.68 47.96
C TYR C 399 -17.37 11.68 48.97
N PHE C 400 -18.40 10.91 48.61
CA PHE C 400 -18.86 9.86 49.51
C PHE C 400 -17.88 8.69 49.54
N MET C 401 -17.17 8.45 48.44
CA MET C 401 -16.19 7.37 48.43
C MET C 401 -15.08 7.62 49.42
N LEU C 402 -14.76 8.89 49.69
CA LEU C 402 -13.77 9.18 50.73
C LEU C 402 -14.28 8.74 52.09
N TYR C 403 -15.49 9.16 52.47
CA TYR C 403 -16.05 8.91 53.79
C TYR C 403 -16.98 7.70 53.72
N LYS C 404 -16.43 6.52 53.90
CA LYS C 404 -17.22 5.30 53.91
C LYS C 404 -17.79 5.06 55.30
N ASN C 405 -19.11 4.85 55.36
CA ASN C 405 -19.80 4.51 56.60
C ASN C 405 -19.59 5.56 57.69
N ASP C 406 -19.46 6.81 57.27
CA ASP C 406 -19.23 7.94 58.18
C ASP C 406 -20.10 9.11 57.75
N PRO C 407 -21.40 9.04 57.99
CA PRO C 407 -22.27 10.13 57.51
C PRO C 407 -22.00 11.46 58.19
N MET C 408 -21.70 11.46 59.48
CA MET C 408 -21.45 12.71 60.19
C MET C 408 -20.24 13.43 59.58
N GLY C 409 -19.18 12.68 59.28
CA GLY C 409 -18.03 13.28 58.62
C GLY C 409 -18.37 13.79 57.24
N ALA C 410 -19.33 13.17 56.56
CA ALA C 410 -19.75 13.66 55.26
C ALA C 410 -20.47 14.99 55.39
N VAL C 411 -21.30 15.14 56.42
CA VAL C 411 -22.01 16.39 56.61
C VAL C 411 -21.07 17.49 57.11
N HIS C 412 -19.98 17.12 57.78
CA HIS C 412 -19.09 18.14 58.34
C HIS C 412 -18.08 18.68 57.33
N ASN C 413 -17.62 17.87 56.40
CA ASN C 413 -16.53 18.23 55.48
C ASN C 413 -17.04 18.68 54.12
N ILE C 414 -18.15 19.42 54.09
CA ILE C 414 -18.71 19.87 52.82
C ILE C 414 -17.80 20.88 52.15
N GLU C 415 -17.15 21.73 52.95
CA GLU C 415 -16.40 22.86 52.44
C GLU C 415 -15.24 22.46 51.53
N SER C 416 -14.87 21.18 51.52
CA SER C 416 -13.83 20.70 50.63
C SER C 416 -14.26 20.63 49.17
N LEU C 417 -15.51 20.97 48.84
CA LEU C 417 -15.97 20.92 47.46
C LEU C 417 -15.91 22.26 46.75
N ARG C 418 -15.90 23.38 47.48
CA ARG C 418 -15.85 24.69 46.85
C ARG C 418 -14.55 24.84 46.06
N PRO C 419 -14.59 24.85 44.72
CA PRO C 419 -13.29 24.87 44.02
C PRO C 419 -12.64 26.24 44.01
N ILE D 49 -9.41 -41.41 24.05
CA ILE D 49 -8.44 -41.31 25.13
C ILE D 49 -8.14 -39.84 25.41
N THR D 50 -7.56 -39.55 26.56
CA THR D 50 -7.44 -38.17 26.99
C THR D 50 -6.47 -37.42 26.07
N LEU D 51 -6.84 -36.19 25.74
CA LEU D 51 -6.10 -35.38 24.78
C LEU D 51 -6.39 -33.90 25.06
N GLU D 52 -5.34 -33.07 25.01
CA GLU D 52 -5.47 -31.64 25.25
C GLU D 52 -4.59 -30.85 24.30
N VAL D 53 -5.14 -29.72 23.84
CA VAL D 53 -4.56 -28.89 22.80
C VAL D 53 -4.60 -27.43 23.25
N PRO D 54 -3.56 -26.94 23.94
CA PRO D 54 -3.54 -25.56 24.47
C PRO D 54 -3.99 -24.44 23.56
N ALA D 55 -3.64 -24.50 22.27
CA ALA D 55 -4.02 -23.54 21.25
C ALA D 55 -3.22 -22.25 21.29
N ARG D 56 -2.20 -22.17 22.15
CA ARG D 56 -1.35 -20.98 22.22
C ARG D 56 -2.18 -19.73 22.53
N ASP D 57 -2.73 -19.65 23.75
CA ASP D 57 -3.49 -18.48 24.21
C ASP D 57 -3.50 -18.42 25.73
N ARG D 58 -2.74 -17.48 26.29
CA ARG D 58 -2.72 -17.14 27.73
C ARG D 58 -2.52 -18.36 28.65
N SER D 59 -1.98 -19.44 28.09
CA SER D 59 -1.74 -20.66 28.84
C SER D 59 -0.42 -21.34 28.48
N TYR D 60 0.05 -21.13 27.25
CA TYR D 60 1.25 -21.69 26.68
C TYR D 60 2.45 -21.60 27.61
N ALA D 61 2.62 -20.43 28.23
CA ALA D 61 3.79 -20.16 29.05
C ALA D 61 3.88 -21.14 30.21
N TRP D 62 2.78 -21.33 30.93
CA TRP D 62 2.80 -22.12 32.14
C TRP D 62 3.07 -23.58 31.83
N LEU D 63 2.49 -24.07 30.74
CA LEU D 63 2.67 -25.46 30.37
C LEU D 63 4.09 -25.71 29.88
N LEU D 64 4.67 -24.74 29.15
CA LEU D 64 6.07 -24.86 28.78
C LEU D 64 6.96 -24.94 30.01
N SER D 65 6.68 -24.07 30.99
CA SER D 65 7.47 -24.06 32.22
C SER D 65 7.42 -25.41 32.90
N TRP D 66 6.22 -25.98 33.02
CA TRP D 66 6.11 -27.27 33.67
C TRP D 66 6.80 -28.38 32.88
N LEU D 67 6.66 -28.34 31.55
CA LEU D 67 7.31 -29.32 30.69
C LEU D 67 8.81 -29.34 30.95
N THR D 68 9.41 -28.16 31.01
CA THR D 68 10.85 -28.09 31.26
C THR D 68 11.18 -28.59 32.66
N ARG D 69 10.42 -28.12 33.66
CA ARG D 69 10.84 -28.34 35.04
C ARG D 69 10.76 -29.82 35.41
N HIS D 70 9.67 -30.50 35.04
CA HIS D 70 9.41 -31.79 35.68
C HIS D 70 10.05 -32.98 34.97
N SER D 71 10.29 -32.88 33.67
CA SER D 71 10.62 -34.09 32.91
C SER D 71 12.03 -34.60 33.20
N THR D 72 13.05 -33.83 32.79
CA THR D 72 14.46 -34.11 33.02
C THR D 72 15.00 -35.30 32.22
N ARG D 73 14.16 -36.03 31.47
CA ARG D 73 14.58 -37.14 30.63
C ARG D 73 14.21 -36.91 29.17
N THR D 74 13.79 -35.70 28.81
CA THR D 74 13.23 -35.45 27.51
C THR D 74 14.33 -35.34 26.47
N GLN D 75 13.97 -35.68 25.23
CA GLN D 75 14.79 -35.49 24.06
C GLN D 75 13.99 -34.69 23.04
N HIS D 76 14.61 -34.43 21.90
CA HIS D 76 14.15 -33.37 21.00
C HIS D 76 14.04 -32.06 21.76
N LEU D 77 15.14 -31.67 22.39
CA LEU D 77 15.22 -30.43 23.15
C LEU D 77 15.40 -29.26 22.20
N SER D 78 15.67 -28.08 22.76
CA SER D 78 16.03 -26.90 21.97
C SER D 78 17.01 -26.07 22.79
N VAL D 79 17.27 -24.85 22.32
CA VAL D 79 18.19 -23.92 22.95
C VAL D 79 17.47 -22.58 23.00
N GLU D 80 17.16 -22.12 24.21
CA GLU D 80 16.65 -20.77 24.43
C GLU D 80 17.69 -20.02 25.26
N THR D 81 18.40 -19.11 24.61
CA THR D 81 19.47 -18.34 25.24
C THR D 81 18.92 -16.99 25.66
N SER D 82 19.21 -16.59 26.90
CA SER D 82 18.64 -15.38 27.46
C SER D 82 19.60 -14.85 28.50
N TYR D 83 19.26 -13.70 29.07
CA TYR D 83 20.02 -13.13 30.17
C TYR D 83 19.46 -13.60 31.50
N LEU D 84 20.34 -13.64 32.50
CA LEU D 84 19.97 -13.93 33.87
C LEU D 84 20.62 -12.87 34.73
N GLN D 85 19.82 -12.30 35.62
CA GLN D 85 20.21 -11.17 36.47
C GLN D 85 20.56 -11.72 37.84
N HIS D 86 21.82 -12.13 37.99
CA HIS D 86 22.32 -12.58 39.28
C HIS D 86 22.27 -11.44 40.29
N GLU D 87 22.55 -11.78 41.54
CA GLU D 87 22.82 -10.75 42.53
C GLU D 87 23.99 -9.90 42.07
N SER D 88 24.06 -8.67 42.60
CA SER D 88 25.16 -7.75 42.36
C SER D 88 25.21 -7.21 40.93
N GLY D 89 24.16 -7.42 40.14
CA GLY D 89 24.07 -6.82 38.83
C GLY D 89 24.89 -7.49 37.74
N ARG D 90 25.78 -8.43 38.09
CA ARG D 90 26.62 -9.08 37.10
C ARG D 90 25.79 -10.09 36.30
N ILE D 91 25.15 -9.62 35.23
CA ILE D 91 24.31 -10.51 34.44
C ILE D 91 25.17 -11.57 33.76
N SER D 92 24.51 -12.64 33.30
CA SER D 92 25.20 -13.69 32.58
C SER D 92 24.20 -14.43 31.72
N THR D 93 24.65 -14.93 30.58
CA THR D 93 23.74 -15.63 29.71
C THR D 93 23.43 -17.01 30.25
N LYS D 94 22.29 -17.54 29.83
CA LYS D 94 21.71 -18.74 30.42
C LYS D 94 20.88 -19.45 29.37
N PHE D 95 20.82 -20.78 29.49
CA PHE D 95 20.18 -21.65 28.52
C PHE D 95 19.01 -22.38 29.18
N GLU D 96 17.85 -22.34 28.53
CA GLU D 96 16.71 -23.16 28.88
C GLU D 96 16.46 -24.13 27.73
N PHE D 97 16.37 -25.41 28.08
CA PHE D 97 16.06 -26.47 27.13
C PHE D 97 14.56 -26.65 27.08
N ILE D 98 13.95 -26.29 25.95
CA ILE D 98 12.49 -26.32 25.79
C ILE D 98 12.18 -27.26 24.64
N PRO D 99 10.94 -27.73 24.53
CA PRO D 99 10.59 -28.73 23.51
C PRO D 99 10.85 -28.28 22.07
N SER D 100 10.87 -29.28 21.19
CA SER D 100 10.90 -29.09 19.74
C SER D 100 10.18 -30.27 19.12
N PRO D 101 9.70 -30.15 17.86
CA PRO D 101 8.63 -31.05 17.42
C PRO D 101 9.10 -32.49 17.34
N GLY D 102 8.11 -33.38 17.27
CA GLY D 102 8.32 -34.79 17.52
C GLY D 102 7.70 -35.17 18.85
N ASN D 103 7.82 -36.45 19.17
CA ASN D 103 7.12 -37.04 20.30
C ASN D 103 8.00 -36.99 21.54
N HIS D 104 7.45 -36.44 22.61
CA HIS D 104 8.11 -36.35 23.91
C HIS D 104 7.27 -37.17 24.87
N PHE D 105 7.89 -37.83 25.83
CA PHE D 105 7.17 -38.67 26.76
C PHE D 105 7.55 -38.27 28.18
N ILE D 106 6.56 -38.31 29.07
CA ILE D 106 6.77 -37.95 30.46
C ILE D 106 6.05 -38.96 31.35
N TRP D 107 6.74 -39.36 32.40
CA TRP D 107 6.20 -40.21 33.45
C TRP D 107 5.89 -39.31 34.64
N TYR D 108 4.63 -38.91 34.75
CA TYR D 108 4.11 -38.27 35.95
C TYR D 108 3.11 -39.23 36.58
N GLN D 109 2.93 -39.07 37.90
CA GLN D 109 2.24 -40.02 38.76
C GLN D 109 0.97 -40.58 38.14
N GLY D 110 0.81 -41.89 38.27
CA GLY D 110 -0.28 -42.61 37.66
C GLY D 110 0.14 -43.33 36.40
N LYS D 111 -0.19 -42.76 35.24
CA LYS D 111 0.03 -43.39 33.95
C LYS D 111 1.09 -42.63 33.16
N TRP D 112 1.74 -43.34 32.25
CA TRP D 112 2.58 -42.70 31.25
C TRP D 112 1.78 -41.69 30.47
N ILE D 113 2.43 -40.62 30.02
CA ILE D 113 1.80 -39.57 29.24
C ILE D 113 2.70 -39.24 28.05
N ARG D 114 2.07 -39.01 26.91
CA ARG D 114 2.76 -38.64 25.68
C ARG D 114 2.41 -37.19 25.38
N VAL D 115 3.42 -36.32 25.43
CA VAL D 115 3.26 -34.94 25.04
C VAL D 115 3.99 -34.73 23.72
N GLU D 116 3.72 -33.60 23.09
CA GLU D 116 4.17 -33.44 21.72
C GLU D 116 3.96 -32.00 21.32
N ARG D 117 4.76 -31.54 20.35
CA ARG D 117 4.51 -30.28 19.68
C ARG D 117 4.22 -30.57 18.21
N ASN D 118 3.18 -29.92 17.69
CA ASN D 118 2.72 -30.09 16.31
C ASN D 118 2.79 -28.71 15.67
N ARG D 119 3.99 -28.36 15.22
CA ARG D 119 4.28 -27.09 14.59
C ARG D 119 4.43 -27.33 13.10
N ASP D 120 3.30 -27.48 12.40
CA ASP D 120 3.27 -27.55 10.95
C ASP D 120 3.10 -26.11 10.48
N MET D 121 4.23 -25.41 10.35
CA MET D 121 4.23 -23.96 10.34
C MET D 121 3.63 -23.39 9.06
N GLN D 122 2.33 -23.10 9.10
CA GLN D 122 1.67 -22.22 8.13
C GLN D 122 1.06 -21.07 8.91
N MET D 123 1.60 -19.88 8.72
CA MET D 123 1.48 -18.78 9.66
C MET D 123 1.22 -17.47 8.95
N VAL D 124 0.32 -17.47 7.98
CA VAL D 124 0.07 -16.25 7.22
C VAL D 124 -0.93 -15.42 8.01
N ASP D 125 -0.43 -14.69 9.02
CA ASP D 125 -1.28 -13.99 9.96
C ASP D 125 -0.41 -13.19 10.92
N LEU D 126 -1.05 -12.23 11.59
CA LEU D 126 -0.48 -11.54 12.74
C LEU D 126 -1.01 -12.10 14.06
N GLN D 127 -1.89 -13.09 14.01
CA GLN D 127 -2.43 -13.66 15.24
C GLN D 127 -1.34 -14.24 16.11
N THR D 128 -0.24 -14.68 15.49
CA THR D 128 0.95 -15.11 16.20
C THR D 128 2.20 -14.44 15.64
N GLY D 129 2.22 -14.18 14.33
CA GLY D 129 3.38 -13.56 13.68
C GLY D 129 4.64 -14.39 13.80
N THR D 130 4.49 -15.70 13.79
CA THR D 130 5.48 -16.71 14.11
C THR D 130 4.74 -17.99 13.77
N PRO D 131 5.32 -19.19 13.88
CA PRO D 131 4.49 -20.37 13.68
C PRO D 131 3.39 -20.51 14.72
N TRP D 132 2.32 -21.23 14.36
CA TRP D 132 1.13 -21.29 15.20
C TRP D 132 1.43 -21.85 16.58
N GLU D 133 2.41 -22.75 16.67
CA GLU D 133 2.93 -23.26 17.95
C GLU D 133 1.83 -23.89 18.79
N SER D 134 1.25 -24.96 18.27
CA SER D 134 0.37 -25.79 19.07
C SER D 134 1.20 -26.62 20.04
N VAL D 135 0.50 -27.28 20.95
CA VAL D 135 1.09 -28.26 21.86
C VAL D 135 0.02 -29.32 22.07
N THR D 136 0.44 -30.51 22.48
CA THR D 136 -0.45 -31.65 22.63
C THR D 136 -0.04 -32.43 23.86
N PHE D 137 -1.03 -32.74 24.70
CA PHE D 137 -0.91 -33.73 25.76
C PHE D 137 -1.84 -34.88 25.42
N THR D 138 -1.45 -36.11 25.76
CA THR D 138 -2.38 -37.22 25.58
C THR D 138 -1.99 -38.39 26.45
N ALA D 139 -2.98 -39.24 26.73
CA ALA D 139 -2.75 -40.38 27.62
C ALA D 139 -3.88 -41.39 27.47
N LEU D 140 -3.50 -42.66 27.69
CA LEU D 140 -4.37 -43.82 27.52
C LEU D 140 -5.28 -44.01 28.73
N GLY D 141 -6.13 -43.00 28.95
CA GLY D 141 -7.17 -43.08 29.96
C GLY D 141 -8.42 -42.39 29.47
N THR D 142 -9.46 -42.44 30.30
CA THR D 142 -10.70 -41.73 30.01
C THR D 142 -11.26 -41.05 31.26
N ASP D 143 -10.43 -40.82 32.27
CA ASP D 143 -10.78 -40.04 33.46
C ASP D 143 -9.94 -38.77 33.38
N ARG D 144 -10.59 -37.67 32.98
CA ARG D 144 -9.90 -36.43 32.66
C ARG D 144 -9.72 -35.52 33.87
N LYS D 145 -9.71 -36.08 35.08
CA LYS D 145 -9.44 -35.29 36.27
C LYS D 145 -7.94 -35.03 36.42
N VAL D 146 -7.12 -36.02 36.06
CA VAL D 146 -5.69 -35.90 36.30
C VAL D 146 -5.09 -34.84 35.40
N PHE D 147 -5.62 -34.68 34.18
CA PHE D 147 -5.07 -33.66 33.29
C PHE D 147 -5.33 -32.26 33.86
N PHE D 148 -6.56 -32.02 34.32
CA PHE D 148 -6.90 -30.81 35.06
C PHE D 148 -5.95 -30.61 36.24
N ASN D 149 -5.60 -31.70 36.92
CA ASN D 149 -4.70 -31.60 38.07
C ASN D 149 -3.31 -31.15 37.64
N ILE D 150 -2.77 -31.72 36.55
CA ILE D 150 -1.41 -31.37 36.13
C ILE D 150 -1.37 -29.92 35.68
N LEU D 151 -2.43 -29.46 35.02
CA LEU D 151 -2.43 -28.09 34.56
C LEU D 151 -2.49 -27.14 35.74
N GLU D 152 -3.30 -27.46 36.75
CA GLU D 152 -3.35 -26.59 37.92
C GLU D 152 -2.01 -26.57 38.65
N GLU D 153 -1.31 -27.71 38.65
CA GLU D 153 0.02 -27.73 39.25
C GLU D 153 0.98 -26.84 38.47
N ALA D 154 0.85 -26.83 37.14
CA ALA D 154 1.67 -25.93 36.33
C ALA D 154 1.40 -24.47 36.68
N ARG D 155 0.12 -24.12 36.82
CA ARG D 155 -0.23 -22.77 37.26
C ARG D 155 0.40 -22.43 38.60
N ALA D 156 0.36 -23.38 39.54
CA ALA D 156 0.91 -23.14 40.86
C ALA D 156 2.42 -22.87 40.79
N LEU D 157 3.14 -23.73 40.08
CA LEU D 157 4.59 -23.53 39.96
C LEU D 157 4.90 -22.22 39.26
N ALA D 158 4.11 -21.86 38.25
CA ALA D 158 4.36 -20.62 37.51
C ALA D 158 4.19 -19.41 38.41
N LEU D 159 3.09 -19.36 39.16
CA LEU D 159 2.87 -18.26 40.07
C LEU D 159 3.84 -18.27 41.25
N GLN D 160 4.47 -19.41 41.55
CA GLN D 160 5.43 -19.49 42.64
C GLN D 160 6.85 -19.15 42.20
N GLN D 161 7.16 -19.19 40.91
CA GLN D 161 8.51 -18.86 40.47
C GLN D 161 8.87 -17.41 40.80
N GLU D 162 7.89 -16.51 40.78
CA GLU D 162 8.10 -15.08 41.04
C GLU D 162 7.68 -14.81 42.48
N GLU D 163 8.64 -14.93 43.40
CA GLU D 163 8.36 -14.88 44.83
C GLU D 163 8.69 -13.52 45.45
N GLY D 164 9.80 -12.91 45.06
CA GLY D 164 10.24 -11.65 45.61
C GLY D 164 10.62 -10.68 44.53
N LYS D 165 9.88 -10.72 43.42
CA LYS D 165 10.20 -10.00 42.22
C LYS D 165 8.93 -9.40 41.64
N THR D 166 9.08 -8.72 40.51
CA THR D 166 8.01 -7.95 39.89
C THR D 166 7.99 -8.26 38.40
N VAL D 167 6.90 -8.83 37.94
CA VAL D 167 6.71 -9.12 36.53
C VAL D 167 6.33 -7.84 35.80
N MET D 168 6.68 -7.78 34.53
CA MET D 168 6.22 -6.74 33.61
C MET D 168 5.67 -7.44 32.40
N TYR D 169 4.41 -7.16 32.09
CA TYR D 169 3.77 -7.67 30.90
C TYR D 169 3.83 -6.62 29.80
N THR D 170 3.38 -7.01 28.62
CA THR D 170 3.34 -6.10 27.49
C THR D 170 2.32 -6.61 26.49
N ALA D 171 2.00 -5.75 25.54
CA ALA D 171 0.93 -5.99 24.58
C ALA D 171 1.51 -6.61 23.32
N VAL D 172 1.17 -7.85 23.07
CA VAL D 172 1.48 -8.53 21.82
C VAL D 172 0.18 -8.70 21.08
N GLY D 173 -0.02 -7.91 20.04
CA GLY D 173 -1.26 -7.92 19.32
C GLY D 173 -2.40 -7.47 20.21
N SER D 174 -3.23 -8.41 20.63
CA SER D 174 -4.34 -8.17 21.53
C SER D 174 -4.31 -9.16 22.68
N GLU D 175 -3.11 -9.52 23.13
CA GLU D 175 -2.96 -10.34 24.32
C GLU D 175 -1.78 -9.82 25.13
N TRP D 176 -1.73 -10.25 26.39
CA TRP D 176 -0.68 -9.85 27.32
C TRP D 176 0.35 -10.96 27.41
N ARG D 177 1.61 -10.61 27.20
CA ARG D 177 2.72 -11.55 27.27
C ARG D 177 3.76 -11.06 28.27
N THR D 178 4.46 -12.01 28.87
CA THR D 178 5.62 -11.69 29.66
C THR D 178 6.63 -10.95 28.81
N PHE D 179 7.43 -10.10 29.46
CA PHE D 179 8.36 -9.21 28.77
C PHE D 179 9.69 -9.26 29.52
N GLY D 180 10.64 -9.99 28.95
CA GLY D 180 11.95 -10.10 29.55
C GLY D 180 12.00 -11.13 30.65
N TYR D 181 12.25 -10.67 31.87
CA TYR D 181 12.43 -11.53 33.01
C TYR D 181 12.01 -10.76 34.25
N PRO D 182 11.85 -11.44 35.38
CA PRO D 182 11.48 -10.73 36.62
C PRO D 182 12.55 -9.75 37.05
N ARG D 183 12.10 -8.55 37.41
CA ARG D 183 12.95 -7.48 37.90
C ARG D 183 13.12 -7.61 39.41
N ARG D 184 13.95 -6.75 39.99
CA ARG D 184 14.16 -6.69 41.42
C ARG D 184 13.21 -5.67 42.04
N ARG D 185 12.58 -6.06 43.14
CA ARG D 185 11.58 -5.20 43.78
C ARG D 185 12.28 -4.01 44.42
N ARG D 186 12.09 -2.85 43.84
CA ARG D 186 12.61 -1.63 44.42
C ARG D 186 11.92 -1.38 45.74
N PRO D 187 12.64 -1.25 46.86
CA PRO D 187 11.96 -1.00 48.13
C PRO D 187 11.26 0.35 48.14
N LEU D 188 10.18 0.41 48.92
CA LEU D 188 9.35 1.61 48.99
C LEU D 188 9.93 2.66 49.94
N ASP D 189 10.84 2.27 50.83
CA ASP D 189 11.49 3.22 51.71
C ASP D 189 12.59 4.00 51.01
N SER D 190 12.92 3.68 49.76
CA SER D 190 13.96 4.36 48.99
C SER D 190 13.39 5.29 47.94
N VAL D 191 12.14 5.74 48.10
CA VAL D 191 11.51 6.69 47.20
C VAL D 191 10.86 7.73 48.10
N VAL D 192 11.56 8.83 48.33
CA VAL D 192 11.17 9.82 49.31
C VAL D 192 10.31 10.87 48.61
N LEU D 193 9.01 10.84 48.89
CA LEU D 193 8.06 11.82 48.38
C LEU D 193 7.72 12.80 49.49
N GLN D 194 6.81 13.71 49.20
CA GLN D 194 6.42 14.74 50.16
C GLN D 194 5.88 14.10 51.43
N GLN D 195 5.80 14.93 52.47
CA GLN D 195 5.42 14.44 53.79
C GLN D 195 3.96 14.02 53.76
N GLY D 196 3.72 12.72 53.77
CA GLY D 196 2.37 12.19 53.76
C GLY D 196 1.72 12.24 52.39
N LEU D 197 2.35 11.58 51.44
CA LEU D 197 1.79 11.37 50.10
C LEU D 197 1.82 9.91 49.69
N ALA D 198 2.88 9.19 50.04
CA ALA D 198 2.94 7.76 49.74
C ALA D 198 2.01 6.98 50.65
N ASP D 199 1.94 7.38 51.92
CA ASP D 199 1.03 6.73 52.86
C ASP D 199 -0.41 6.88 52.41
N ARG D 200 -0.77 8.09 51.95
CA ARG D 200 -2.13 8.34 51.50
C ARG D 200 -2.52 7.44 50.34
N ILE D 201 -1.67 7.40 49.31
CA ILE D 201 -1.97 6.60 48.12
C ILE D 201 -2.03 5.13 48.46
N VAL D 202 -1.05 4.66 49.24
CA VAL D 202 -1.00 3.24 49.59
C VAL D 202 -2.21 2.84 50.42
N LYS D 203 -2.63 3.71 51.34
CA LYS D 203 -3.78 3.41 52.16
C LYS D 203 -5.05 3.39 51.33
N ASP D 204 -5.20 4.34 50.41
CA ASP D 204 -6.39 4.36 49.57
C ASP D 204 -6.48 3.11 48.71
N ILE D 205 -5.37 2.69 48.10
CA ILE D 205 -5.41 1.54 47.21
C ILE D 205 -5.64 0.26 48.01
N ARG D 206 -5.06 0.17 49.22
CA ARG D 206 -5.33 -1.00 50.06
C ARG D 206 -6.79 -1.05 50.47
N GLU D 207 -7.37 0.09 50.85
CA GLU D 207 -8.78 0.14 51.20
C GLU D 207 -9.64 -0.26 50.01
N PHE D 208 -9.23 0.13 48.81
CA PHE D 208 -9.95 -0.27 47.61
C PHE D 208 -9.92 -1.79 47.43
N ILE D 209 -8.76 -2.41 47.64
CA ILE D 209 -8.65 -3.83 47.37
C ILE D 209 -9.35 -4.67 48.43
N ASP D 210 -9.49 -4.16 49.65
CA ASP D 210 -10.06 -4.92 50.77
C ASP D 210 -11.45 -4.44 51.16
N ASN D 211 -12.23 -3.96 50.19
CA ASN D 211 -13.65 -3.69 50.39
C ASN D 211 -14.35 -3.82 49.05
N PRO D 212 -14.51 -5.05 48.54
CA PRO D 212 -15.20 -5.24 47.27
C PRO D 212 -16.71 -5.38 47.43
N LYS D 213 -17.16 -5.73 48.64
CA LYS D 213 -18.58 -5.91 48.87
C LYS D 213 -19.31 -4.59 49.00
N TRP D 214 -18.64 -3.56 49.52
CA TRP D 214 -19.24 -2.24 49.62
C TRP D 214 -19.50 -1.63 48.26
N TYR D 215 -18.79 -2.06 47.22
CA TYR D 215 -18.99 -1.56 45.88
C TYR D 215 -20.11 -2.28 45.15
N ILE D 216 -20.39 -3.52 45.53
CA ILE D 216 -21.40 -4.33 44.87
C ILE D 216 -22.79 -4.09 45.46
N ASP D 217 -22.88 -3.92 46.77
CA ASP D 217 -24.15 -3.68 47.42
C ASP D 217 -24.72 -2.29 47.17
N ARG D 218 -24.06 -1.47 46.35
CA ARG D 218 -24.58 -0.18 45.94
C ARG D 218 -24.52 0.03 44.43
N GLY D 219 -24.15 -1.00 43.67
CA GLY D 219 -24.22 -0.95 42.23
C GLY D 219 -23.09 -0.23 41.54
N ILE D 220 -22.14 0.32 42.28
CA ILE D 220 -21.04 1.07 41.69
C ILE D 220 -20.16 0.09 40.92
N PRO D 221 -19.48 0.51 39.85
CA PRO D 221 -18.50 -0.37 39.22
C PRO D 221 -17.23 -0.46 40.05
N TYR D 222 -16.65 -1.66 40.08
CA TYR D 222 -15.47 -1.94 40.90
C TYR D 222 -14.22 -1.59 40.10
N ARG D 223 -14.05 -0.29 39.87
CA ARG D 223 -12.91 0.26 39.18
C ARG D 223 -12.32 1.40 39.98
N ARG D 224 -11.09 1.77 39.63
CA ARG D 224 -10.46 2.94 40.21
C ARG D 224 -9.31 3.35 39.31
N GLY D 225 -8.93 4.60 39.44
CA GLY D 225 -7.87 5.16 38.63
C GLY D 225 -7.17 6.27 39.37
N TYR D 226 -5.89 6.45 39.06
CA TYR D 226 -5.05 7.43 39.70
C TYR D 226 -4.31 8.21 38.63
N LEU D 227 -3.87 9.41 39.02
CA LEU D 227 -3.15 10.31 38.13
C LEU D 227 -2.07 11.02 38.93
N LEU D 228 -0.83 10.77 38.56
CA LEU D 228 0.32 11.48 39.10
C LEU D 228 0.81 12.47 38.06
N TYR D 229 1.04 13.70 38.49
CA TYR D 229 1.52 14.73 37.60
C TYR D 229 2.52 15.62 38.32
N GLY D 230 3.32 16.31 37.53
CA GLY D 230 4.34 17.18 38.06
C GLY D 230 5.49 17.40 37.10
N PRO D 231 6.51 18.12 37.54
CA PRO D 231 7.62 18.43 36.67
C PRO D 231 8.43 17.18 36.35
N PRO D 232 9.45 17.31 35.50
CA PRO D 232 10.30 16.15 35.19
C PRO D 232 11.32 15.88 36.28
N GLY D 233 11.38 14.62 36.70
CA GLY D 233 12.43 14.17 37.58
C GLY D 233 12.08 14.27 39.05
N CYS D 234 10.84 13.93 39.39
CA CYS D 234 10.30 14.18 40.71
C CYS D 234 9.74 12.96 41.42
N GLY D 235 9.60 11.83 40.74
CA GLY D 235 9.34 10.56 41.41
C GLY D 235 8.09 9.79 41.00
N LYS D 236 7.64 9.95 39.76
CA LYS D 236 6.40 9.31 39.34
C LYS D 236 6.61 7.82 39.05
N SER D 237 7.43 7.51 38.04
CA SER D 237 7.59 6.13 37.61
C SER D 237 8.22 5.27 38.69
N SER D 238 9.16 5.84 39.43
CA SER D 238 9.80 5.12 40.53
C SER D 238 8.78 4.78 41.61
N PHE D 239 7.91 5.73 41.93
CA PHE D 239 6.87 5.45 42.92
C PHE D 239 5.92 4.38 42.43
N ILE D 240 5.62 4.39 41.14
CA ILE D 240 4.74 3.35 40.59
C ILE D 240 5.38 1.98 40.75
N THR D 241 6.68 1.88 40.44
CA THR D 241 7.39 0.61 40.59
C THR D 241 7.39 0.15 42.04
N ALA D 242 7.70 1.05 42.96
CA ALA D 242 7.73 0.71 44.37
C ALA D 242 6.36 0.27 44.86
N LEU D 243 5.31 0.99 44.46
CA LEU D 243 3.96 0.64 44.86
C LEU D 243 3.56 -0.72 44.34
N ALA D 244 3.93 -1.03 43.10
CA ALA D 244 3.64 -2.34 42.56
C ALA D 244 4.40 -3.42 43.32
N GLY D 245 5.59 -3.10 43.81
CA GLY D 245 6.34 -4.07 44.59
C GLY D 245 5.86 -4.23 46.01
N GLU D 246 5.16 -3.24 46.55
CA GLU D 246 4.69 -3.32 47.93
C GLU D 246 3.40 -4.11 48.04
N LEU D 247 2.55 -4.07 47.02
CA LEU D 247 1.25 -4.73 47.04
C LEU D 247 1.28 -6.11 46.41
N GLU D 248 2.46 -6.66 46.15
CA GLU D 248 2.63 -7.96 45.49
C GLU D 248 1.96 -7.99 44.11
N HIS D 249 1.77 -6.83 43.50
CA HIS D 249 1.11 -6.73 42.22
C HIS D 249 2.12 -6.84 41.09
N SER D 250 1.61 -6.87 39.87
CA SER D 250 2.41 -6.81 38.65
C SER D 250 2.11 -5.50 37.94
N ILE D 251 2.69 -5.37 36.75
CA ILE D 251 2.56 -4.17 35.93
C ILE D 251 2.29 -4.61 34.50
N CYS D 252 1.49 -3.80 33.81
CA CYS D 252 1.11 -4.05 32.43
C CYS D 252 1.21 -2.74 31.68
N LEU D 253 2.25 -2.61 30.87
CA LEU D 253 2.52 -1.38 30.16
C LEU D 253 1.71 -1.31 28.88
N LEU D 254 1.27 -0.11 28.56
CA LEU D 254 0.38 0.13 27.43
C LEU D 254 0.79 1.44 26.79
N SER D 255 1.17 1.39 25.52
CA SER D 255 1.66 2.53 24.76
C SER D 255 0.59 2.89 23.75
N LEU D 256 -0.14 3.97 24.04
CA LEU D 256 -1.25 4.38 23.19
C LEU D 256 -0.77 4.70 21.78
N THR D 257 0.28 5.50 21.67
CA THR D 257 0.84 5.88 20.38
C THR D 257 1.59 4.68 19.81
N ASP D 258 0.82 3.73 19.29
CA ASP D 258 1.36 2.51 18.70
C ASP D 258 0.52 2.16 17.49
N SER D 259 1.20 1.61 16.48
CA SER D 259 0.63 1.48 15.14
C SER D 259 -0.47 0.44 15.03
N SER D 260 -0.64 -0.42 16.03
CA SER D 260 -1.56 -1.56 15.96
C SER D 260 -2.52 -1.53 17.13
N LEU D 261 -3.14 -0.37 17.35
CA LEU D 261 -4.02 -0.15 18.49
C LEU D 261 -5.29 0.56 18.01
N SER D 262 -6.29 -0.22 17.64
CA SER D 262 -7.61 0.30 17.38
C SER D 262 -8.40 0.40 18.68
N ASP D 263 -9.52 1.12 18.63
CA ASP D 263 -10.35 1.27 19.82
C ASP D 263 -10.90 -0.07 20.28
N ASP D 264 -11.22 -0.95 19.34
CA ASP D 264 -11.76 -2.26 19.72
C ASP D 264 -10.67 -3.13 20.34
N ARG D 265 -9.47 -3.10 19.78
CA ARG D 265 -8.37 -3.87 20.34
C ARG D 265 -8.02 -3.38 21.74
N LEU D 266 -8.09 -2.07 21.96
CA LEU D 266 -7.86 -1.54 23.30
C LEU D 266 -8.96 -1.95 24.25
N ASN D 267 -10.21 -1.93 23.79
CA ASN D 267 -11.31 -2.37 24.63
C ASN D 267 -11.21 -3.84 24.97
N HIS D 268 -10.54 -4.62 24.12
CA HIS D 268 -10.34 -6.03 24.39
C HIS D 268 -9.13 -6.28 25.29
N LEU D 269 -8.10 -5.44 25.19
CA LEU D 269 -6.90 -5.66 26.00
C LEU D 269 -7.17 -5.42 27.47
N LEU D 270 -7.77 -4.28 27.81
CA LEU D 270 -8.02 -3.94 29.19
C LEU D 270 -9.05 -4.85 29.85
N SER D 271 -9.79 -5.64 29.07
CA SER D 271 -10.72 -6.60 29.62
C SER D 271 -10.08 -7.95 29.94
N VAL D 272 -8.95 -8.24 29.30
CA VAL D 272 -8.25 -9.51 29.49
C VAL D 272 -6.95 -9.23 30.25
N ALA D 273 -6.95 -8.20 31.08
CA ALA D 273 -5.75 -7.87 31.83
C ALA D 273 -5.52 -8.94 32.89
N PRO D 274 -4.27 -9.27 33.20
CA PRO D 274 -4.02 -10.30 34.21
C PRO D 274 -4.58 -9.93 35.57
N GLN D 275 -4.83 -10.97 36.36
CA GLN D 275 -5.36 -10.80 37.69
C GLN D 275 -4.29 -10.25 38.61
N GLN D 276 -4.67 -9.30 39.47
CA GLN D 276 -3.75 -8.65 40.39
C GLN D 276 -2.62 -7.97 39.61
N SER D 277 -3.02 -6.97 38.83
CA SER D 277 -2.08 -6.26 37.97
C SER D 277 -2.51 -4.82 37.82
N LEU D 278 -1.56 -3.91 38.00
CA LEU D 278 -1.75 -2.52 37.67
C LEU D 278 -1.55 -2.31 36.19
N VAL D 279 -2.44 -1.57 35.56
CA VAL D 279 -2.26 -1.09 34.21
C VAL D 279 -1.69 0.32 34.30
N LEU D 280 -0.92 0.72 33.30
CA LEU D 280 -0.15 1.95 33.36
C LEU D 280 -0.12 2.63 31.99
N LEU D 281 -0.47 3.90 31.99
CA LEU D 281 -0.46 4.74 30.79
C LEU D 281 0.53 5.87 31.02
N GLU D 282 1.68 5.79 30.35
CA GLU D 282 2.75 6.75 30.48
C GLU D 282 2.59 7.83 29.43
N ASP D 283 2.55 9.08 29.88
CA ASP D 283 2.44 10.24 29.00
C ASP D 283 1.22 10.13 28.10
N VAL D 284 0.05 10.17 28.76
CA VAL D 284 -1.22 10.12 28.06
C VAL D 284 -1.58 11.44 27.39
N ASP D 285 -0.86 12.52 27.70
CA ASP D 285 -1.12 13.80 27.08
C ASP D 285 -0.55 13.89 25.68
N ALA D 286 0.53 13.18 25.40
CA ALA D 286 1.17 13.22 24.10
C ALA D 286 0.40 12.48 23.01
N ALA D 287 -0.70 11.81 23.35
CA ALA D 287 -1.50 11.11 22.36
C ALA D 287 -2.56 11.99 21.72
N PHE D 288 -3.05 13.01 22.43
CA PHE D 288 -4.09 13.88 21.94
C PHE D 288 -3.74 15.33 22.21
N LEU D 289 -4.45 16.22 21.52
CA LEU D 289 -4.17 17.64 21.53
C LEU D 289 -5.03 18.38 22.56
N ILE D 299 -8.59 16.20 21.69
CA ILE D 299 -9.74 15.79 20.90
C ILE D 299 -9.31 15.67 19.44
N LYS D 300 -8.12 15.09 19.25
CA LYS D 300 -7.62 14.70 17.94
C LYS D 300 -6.36 13.88 18.12
N TYR D 301 -6.26 12.78 17.37
CA TYR D 301 -5.11 11.90 17.51
C TYR D 301 -3.88 12.52 16.86
N GLN D 302 -2.71 12.20 17.42
CA GLN D 302 -1.43 12.69 16.91
C GLN D 302 -0.40 11.58 16.80
N GLY D 303 -0.81 10.32 16.82
CA GLY D 303 0.11 9.21 16.81
C GLY D 303 -0.16 8.29 15.63
N LEU D 304 0.70 7.30 15.50
CA LEU D 304 0.58 6.30 14.45
C LEU D 304 -0.38 5.21 14.96
N GLY D 305 -1.49 5.06 14.28
CA GLY D 305 -2.51 4.13 14.72
C GLY D 305 -3.88 4.62 14.29
N ARG D 306 -4.89 3.87 14.71
CA ARG D 306 -6.29 4.14 14.39
C ARG D 306 -7.12 4.21 15.66
N LEU D 307 -6.58 4.94 16.64
CA LEU D 307 -7.24 5.18 17.91
C LEU D 307 -7.83 6.58 17.93
N THR D 308 -8.99 6.71 18.57
CA THR D 308 -9.69 7.97 18.72
C THR D 308 -9.81 8.31 20.20
N PHE D 309 -10.42 9.46 20.46
CA PHE D 309 -10.58 9.95 21.83
C PHE D 309 -11.75 9.27 22.52
N SER D 310 -12.89 9.21 21.84
CA SER D 310 -14.07 8.56 22.39
C SER D 310 -13.81 7.09 22.68
N GLY D 311 -13.01 6.43 21.85
CA GLY D 311 -12.67 5.04 22.10
C GLY D 311 -11.94 4.86 23.42
N LEU D 312 -10.98 5.73 23.69
CA LEU D 312 -10.26 5.66 24.95
C LEU D 312 -11.17 5.96 26.12
N LEU D 313 -11.95 7.04 26.02
CA LEU D 313 -12.82 7.44 27.12
C LEU D 313 -13.86 6.38 27.42
N ASN D 314 -14.31 5.65 26.41
CA ASN D 314 -15.30 4.60 26.60
C ASN D 314 -14.67 3.26 26.98
N ALA D 315 -13.39 3.07 26.72
CA ALA D 315 -12.70 1.88 27.17
C ALA D 315 -12.34 1.98 28.65
N LEU D 316 -11.93 3.15 29.11
CA LEU D 316 -11.58 3.30 30.52
C LEU D 316 -12.81 3.13 31.39
N ASP D 317 -13.81 3.98 31.19
CA ASP D 317 -15.11 3.88 31.87
C ASP D 317 -16.16 4.07 30.79
N GLY D 318 -16.86 2.99 30.48
CA GLY D 318 -17.95 3.07 29.55
C GLY D 318 -19.06 2.14 29.97
N VAL D 319 -19.52 1.37 29.01
CA VAL D 319 -20.67 0.49 29.20
C VAL D 319 -20.21 -0.96 29.25
N ALA D 320 -19.08 -1.26 28.60
CA ALA D 320 -18.51 -2.59 28.54
C ALA D 320 -17.11 -2.62 29.14
N SER D 321 -16.93 -1.94 30.26
CA SER D 321 -15.66 -1.94 30.98
C SER D 321 -15.68 -3.00 32.07
N THR D 322 -14.52 -3.58 32.31
CA THR D 322 -14.36 -4.73 33.18
C THR D 322 -14.15 -4.29 34.63
N GLU D 323 -14.38 -5.23 35.53
CA GLU D 323 -14.30 -5.01 36.97
C GLU D 323 -12.94 -5.42 37.50
N ALA D 324 -12.64 -4.95 38.71
CA ALA D 324 -11.41 -5.26 39.41
C ALA D 324 -10.19 -4.87 38.58
N ARG D 325 -10.08 -3.57 38.34
CA ARG D 325 -9.06 -3.00 37.48
C ARG D 325 -8.54 -1.73 38.11
N ILE D 326 -7.22 -1.57 38.07
CA ILE D 326 -6.55 -0.40 38.63
C ILE D 326 -5.65 0.15 37.53
N VAL D 327 -5.87 1.42 37.19
CA VAL D 327 -5.16 2.11 36.13
C VAL D 327 -4.40 3.27 36.74
N PHE D 328 -3.17 3.45 36.30
CA PHE D 328 -2.34 4.59 36.63
C PHE D 328 -2.09 5.37 35.36
N MET D 329 -2.03 6.69 35.49
CA MET D 329 -1.64 7.58 34.41
C MET D 329 -0.52 8.47 34.91
N THR D 330 0.37 8.86 33.99
CA THR D 330 1.42 9.81 34.33
C THR D 330 1.57 10.83 33.22
N THR D 331 1.61 12.10 33.62
CA THR D 331 1.77 13.21 32.69
C THR D 331 2.64 14.28 33.34
N ASN D 332 3.35 15.03 32.51
CA ASN D 332 4.12 16.17 32.97
C ASN D 332 3.28 17.44 32.96
N TYR D 333 2.51 17.66 31.91
CA TYR D 333 1.64 18.81 31.76
C TYR D 333 0.19 18.37 31.94
N ILE D 334 -0.50 18.97 32.91
CA ILE D 334 -1.89 18.63 33.22
C ILE D 334 -2.87 19.56 32.54
N ASP D 335 -2.43 20.69 32.01
CA ASP D 335 -3.32 21.63 31.35
C ASP D 335 -3.75 21.17 29.96
N ARG D 336 -2.99 20.25 29.36
CA ARG D 336 -3.30 19.74 28.03
C ARG D 336 -4.20 18.51 28.07
N LEU D 337 -4.74 18.16 29.22
CA LEU D 337 -5.62 17.01 29.36
C LEU D 337 -7.07 17.49 29.35
N ASP D 338 -7.89 16.82 28.56
CA ASP D 338 -9.26 17.24 28.43
C ASP D 338 -10.00 16.92 29.74
N PRO D 339 -10.83 17.84 30.26
CA PRO D 339 -11.52 17.55 31.52
C PRO D 339 -12.46 16.36 31.49
N ALA D 340 -12.76 15.81 30.32
CA ALA D 340 -13.56 14.59 30.23
C ALA D 340 -12.74 13.33 30.41
N LEU D 341 -11.45 13.44 30.72
CA LEU D 341 -10.59 12.29 30.94
C LEU D 341 -10.02 12.23 32.34
N ILE D 342 -10.06 13.33 33.10
CA ILE D 342 -9.57 13.38 34.46
C ILE D 342 -10.69 13.73 35.44
N ARG D 343 -11.94 13.53 35.05
CA ARG D 343 -13.05 13.74 35.95
C ARG D 343 -13.30 12.49 36.79
N PRO D 344 -14.04 12.61 37.90
CA PRO D 344 -14.21 11.45 38.77
C PRO D 344 -15.03 10.34 38.13
N GLY D 345 -14.59 9.11 38.38
CA GLY D 345 -15.12 7.94 37.72
C GLY D 345 -14.05 7.21 36.93
N ARG D 346 -13.22 7.98 36.23
CA ARG D 346 -12.04 7.48 35.54
C ARG D 346 -10.76 7.71 36.31
N VAL D 347 -10.70 8.81 37.06
CA VAL D 347 -9.51 9.23 37.78
C VAL D 347 -9.98 9.80 39.10
N ASP D 348 -9.81 9.03 40.17
CA ASP D 348 -10.37 9.35 41.47
C ASP D 348 -9.38 9.98 42.43
N LEU D 349 -8.13 10.17 42.02
CA LEU D 349 -7.14 10.76 42.91
C LEU D 349 -6.02 11.36 42.08
N LYS D 350 -5.96 12.69 42.06
CA LYS D 350 -4.89 13.44 41.42
C LYS D 350 -3.90 13.89 42.49
N GLU D 351 -2.61 13.62 42.25
CA GLU D 351 -1.56 14.00 43.17
C GLU D 351 -0.42 14.66 42.42
N TYR D 352 0.23 15.61 43.08
CA TYR D 352 1.27 16.44 42.50
C TYR D 352 2.60 16.09 43.16
N VAL D 353 3.44 15.36 42.44
CA VAL D 353 4.78 15.02 42.89
C VAL D 353 5.73 16.08 42.34
N GLY D 354 6.14 17.00 43.21
CA GLY D 354 6.77 18.23 42.80
C GLY D 354 8.22 18.31 43.21
N TYR D 355 8.74 19.53 43.16
CA TYR D 355 10.12 19.79 43.50
C TYR D 355 10.35 19.51 44.98
N CYS D 356 11.63 19.49 45.36
CA CYS D 356 12.00 19.10 46.69
C CYS D 356 11.67 20.20 47.70
N SER D 357 11.67 19.80 48.96
CA SER D 357 11.49 20.71 50.09
C SER D 357 12.51 20.34 51.14
N HIS D 358 12.40 20.97 52.31
CA HIS D 358 13.34 20.74 53.41
C HIS D 358 13.35 19.27 53.82
N TRP D 359 12.18 18.72 54.11
CA TRP D 359 12.07 17.38 54.66
C TRP D 359 12.57 16.33 53.67
N GLN D 360 12.25 16.53 52.39
CA GLN D 360 12.70 15.58 51.37
C GLN D 360 14.21 15.49 51.33
N LEU D 361 14.88 16.65 51.31
CA LEU D 361 16.33 16.66 51.24
C LEU D 361 16.96 16.04 52.48
N THR D 362 16.39 16.34 53.66
CA THR D 362 16.86 15.72 54.88
C THR D 362 16.78 14.19 54.79
N GLN D 363 15.63 13.67 54.35
CA GLN D 363 15.46 12.23 54.29
C GLN D 363 16.37 11.60 53.24
N MET D 364 16.57 12.27 52.11
CA MET D 364 17.46 11.74 51.09
C MET D 364 18.89 11.66 51.60
N PHE D 365 19.34 12.70 52.30
CA PHE D 365 20.66 12.67 52.91
C PHE D 365 20.79 11.53 53.89
N GLN D 366 19.76 11.28 54.69
CA GLN D 366 19.83 10.18 55.64
C GLN D 366 19.82 8.83 54.93
N ARG D 367 19.21 8.76 53.75
CA ARG D 367 19.20 7.49 53.01
C ARG D 367 20.57 7.19 52.43
N PHE D 368 21.23 8.19 51.86
CA PHE D 368 22.46 7.92 51.12
C PHE D 368 23.63 7.66 52.04
N TYR D 369 23.75 8.44 53.13
CA TYR D 369 24.86 8.33 54.07
C TYR D 369 24.36 7.83 55.41
N PRO D 370 24.10 6.52 55.56
CA PRO D 370 23.59 6.01 56.82
C PRO D 370 24.68 5.95 57.88
N GLY D 371 24.41 6.57 59.03
CA GLY D 371 25.31 6.53 60.17
C GLY D 371 25.91 7.87 60.50
N GLN D 372 25.17 8.95 60.23
CA GLN D 372 25.60 10.31 60.50
C GLN D 372 24.63 10.97 61.47
N ALA D 373 25.09 12.03 62.09
CA ALA D 373 24.24 12.75 63.02
C ALA D 373 23.22 13.59 62.25
N PRO D 374 22.01 13.78 62.78
CA PRO D 374 21.01 14.58 62.04
C PRO D 374 21.42 16.02 61.80
N SER D 375 22.34 16.56 62.60
CA SER D 375 22.79 17.93 62.41
C SER D 375 23.39 18.12 61.02
N LEU D 376 24.16 17.14 60.55
CA LEU D 376 24.78 17.24 59.25
C LEU D 376 23.75 17.27 58.13
N ALA D 377 22.73 16.41 58.24
CA ALA D 377 21.68 16.39 57.25
C ALA D 377 20.91 17.70 57.22
N GLU D 378 20.63 18.26 58.40
CA GLU D 378 19.95 19.55 58.45
C GLU D 378 20.80 20.64 57.81
N ASN D 379 22.11 20.62 58.07
CA ASN D 379 23.00 21.59 57.44
C ASN D 379 22.95 21.49 55.92
N PHE D 380 22.99 20.26 55.41
CA PHE D 380 22.94 20.05 53.96
C PHE D 380 21.65 20.60 53.38
N ALA D 381 20.52 20.24 54.00
CA ALA D 381 19.22 20.66 53.49
C ALA D 381 19.12 22.18 53.48
N GLU D 382 19.53 22.83 54.57
CA GLU D 382 19.46 24.28 54.64
C GLU D 382 20.32 24.92 53.56
N HIS D 383 21.55 24.46 53.41
CA HIS D 383 22.45 25.07 52.44
C HIS D 383 21.92 24.90 51.02
N VAL D 384 21.42 23.72 50.68
CA VAL D 384 20.95 23.50 49.31
C VAL D 384 19.72 24.34 49.04
N LEU D 385 18.77 24.34 49.97
CA LEU D 385 17.54 25.10 49.72
C LEU D 385 17.78 26.61 49.76
N LYS D 386 18.88 27.05 50.38
CA LYS D 386 19.26 28.46 50.28
C LYS D 386 19.91 28.78 48.95
N ALA D 387 20.74 27.86 48.45
CA ALA D 387 21.47 28.08 47.21
C ALA D 387 20.56 28.32 46.02
N THR D 388 19.77 27.32 45.66
CA THR D 388 18.89 27.37 44.50
C THR D 388 17.44 27.27 44.93
N SER D 389 16.56 27.87 44.15
CA SER D 389 15.15 27.94 44.52
C SER D 389 14.49 26.57 44.41
N GLU D 390 14.46 26.01 43.21
CA GLU D 390 13.82 24.73 42.94
C GLU D 390 14.87 23.75 42.45
N ILE D 391 14.89 22.56 43.06
CA ILE D 391 15.83 21.51 42.73
C ILE D 391 15.10 20.19 42.84
N SER D 392 15.16 19.40 41.78
CA SER D 392 14.47 18.13 41.77
C SER D 392 15.28 17.06 42.47
N PRO D 393 14.65 15.98 42.92
CA PRO D 393 15.41 14.92 43.59
C PRO D 393 16.47 14.27 42.73
N ALA D 394 16.30 14.28 41.41
CA ALA D 394 17.26 13.62 40.54
C ALA D 394 18.59 14.36 40.51
N GLN D 395 18.55 15.69 40.51
CA GLN D 395 19.78 16.46 40.59
C GLN D 395 20.52 16.17 41.89
N VAL D 396 19.77 16.02 42.98
CA VAL D 396 20.36 15.70 44.27
C VAL D 396 20.98 14.32 44.24
N GLN D 397 20.30 13.38 43.59
CA GLN D 397 20.82 12.02 43.42
C GLN D 397 22.14 12.04 42.67
N GLY D 398 22.21 12.81 41.58
CA GLY D 398 23.46 12.89 40.84
C GLY D 398 24.58 13.52 41.66
N TYR D 399 24.24 14.59 42.38
CA TYR D 399 25.23 15.25 43.22
C TYR D 399 25.80 14.29 44.27
N PHE D 400 24.95 13.44 44.83
CA PHE D 400 25.48 12.43 45.75
C PHE D 400 26.24 11.34 45.00
N MET D 401 25.85 11.06 43.76
CA MET D 401 26.57 10.06 42.98
C MET D 401 28.01 10.46 42.75
N LEU D 402 28.27 11.77 42.67
CA LEU D 402 29.65 12.21 42.56
C LEU D 402 30.46 11.84 43.80
N TYR D 403 29.94 12.22 44.98
CA TYR D 403 30.64 12.02 46.24
C TYR D 403 30.13 10.76 46.92
N LYS D 404 30.75 9.63 46.59
CA LYS D 404 30.39 8.36 47.21
C LYS D 404 31.14 8.20 48.53
N ASN D 405 30.39 7.91 49.59
CA ASN D 405 30.95 7.61 50.90
C ASN D 405 31.81 8.76 51.43
N ASP D 406 31.45 9.99 51.08
CA ASP D 406 32.17 11.20 51.47
C ASP D 406 31.17 12.26 51.88
N PRO D 407 30.55 12.12 53.04
CA PRO D 407 29.52 13.10 53.43
C PRO D 407 30.06 14.50 53.64
N MET D 408 31.27 14.63 54.23
CA MET D 408 31.83 15.95 54.47
C MET D 408 32.03 16.70 53.16
N GLY D 409 32.54 16.01 52.14
CA GLY D 409 32.68 16.62 50.84
C GLY D 409 31.35 17.00 50.23
N ALA D 410 30.30 16.25 50.55
CA ALA D 410 28.97 16.60 50.07
C ALA D 410 28.48 17.89 50.72
N VAL D 411 28.74 18.06 52.02
CA VAL D 411 28.31 19.28 52.68
C VAL D 411 29.16 20.47 52.28
N HIS D 412 30.41 20.24 51.83
CA HIS D 412 31.28 21.36 51.51
C HIS D 412 31.07 21.89 50.09
N ASN D 413 30.72 21.03 49.14
CA ASN D 413 30.66 21.39 47.73
C ASN D 413 29.24 21.70 47.27
N ILE D 414 28.44 22.34 48.12
CA ILE D 414 27.06 22.65 47.76
C ILE D 414 27.01 23.68 46.64
N GLU D 415 27.94 24.63 46.63
CA GLU D 415 27.90 25.77 45.72
C GLU D 415 27.95 25.37 44.26
N SER D 416 28.31 24.14 43.95
CA SER D 416 28.32 23.64 42.58
C SER D 416 26.92 23.44 42.00
N LEU D 417 25.86 23.66 42.77
CA LEU D 417 24.50 23.46 42.27
C LEU D 417 23.84 24.74 41.78
N ARG D 418 24.30 25.91 42.22
CA ARG D 418 23.70 27.17 41.81
C ARG D 418 23.88 27.34 40.30
N PRO D 419 22.82 27.25 39.48
CA PRO D 419 23.08 27.29 38.04
C PRO D 419 23.33 28.71 37.54
N ILE E 49 17.27 -39.96 22.44
CA ILE E 49 18.70 -39.69 22.36
C ILE E 49 18.94 -38.19 22.30
N THR E 50 20.18 -37.76 22.56
CA THR E 50 20.43 -36.34 22.74
C THR E 50 20.25 -35.61 21.42
N LEU E 51 19.62 -34.43 21.49
CA LEU E 51 19.24 -33.66 20.32
C LEU E 51 19.13 -32.19 20.72
N GLU E 52 19.65 -31.30 19.87
CA GLU E 52 19.60 -29.86 20.13
C GLU E 52 19.32 -29.10 18.85
N VAL E 53 18.51 -28.05 18.99
CA VAL E 53 17.97 -27.27 17.88
C VAL E 53 18.13 -25.78 18.20
N PRO E 54 19.27 -25.16 17.82
CA PRO E 54 19.54 -23.75 18.13
C PRO E 54 18.42 -22.73 17.92
N ALA E 55 17.67 -22.89 16.83
CA ALA E 55 16.52 -22.05 16.49
C ALA E 55 16.92 -20.71 15.89
N ARG E 56 18.21 -20.49 15.65
CA ARG E 56 18.66 -19.24 15.02
C ARG E 56 18.25 -18.02 15.87
N ASP E 57 18.84 -17.89 17.06
CA ASP E 57 18.59 -16.73 17.94
C ASP E 57 19.76 -16.55 18.90
N ARG E 58 20.56 -15.51 18.67
CA ARG E 58 21.65 -15.05 19.56
C ARG E 58 22.61 -16.17 19.97
N SER E 59 22.63 -17.25 19.20
CA SER E 59 23.50 -18.39 19.49
C SER E 59 24.12 -19.00 18.24
N TYR E 60 23.44 -18.86 17.11
CA TYR E 60 23.81 -19.39 15.80
C TYR E 60 25.27 -19.13 15.45
N ALA E 61 25.73 -17.91 15.71
CA ALA E 61 27.07 -17.49 15.32
C ALA E 61 28.14 -18.36 15.98
N TRP E 62 28.01 -18.56 17.29
CA TRP E 62 29.05 -19.24 18.04
C TRP E 62 29.13 -20.70 17.63
N LEU E 63 27.98 -21.32 17.40
CA LEU E 63 27.97 -22.72 17.02
C LEU E 63 28.51 -22.91 15.61
N LEU E 64 28.19 -21.97 14.70
CA LEU E 64 28.79 -22.02 13.37
C LEU E 64 30.31 -21.93 13.46
N SER E 65 30.80 -21.00 14.29
CA SER E 65 32.24 -20.84 14.45
C SER E 65 32.89 -22.13 14.92
N TRP E 66 32.29 -22.77 15.92
CA TRP E 66 32.87 -24.01 16.43
C TRP E 66 32.81 -25.12 15.38
N LEU E 67 31.69 -25.22 14.67
CA LEU E 67 31.54 -26.21 13.61
C LEU E 67 32.67 -26.10 12.61
N THR E 68 32.97 -24.88 12.17
CA THR E 68 34.06 -24.69 11.22
C THR E 68 35.39 -25.05 11.84
N ARG E 69 35.64 -24.55 13.05
CA ARG E 69 36.99 -24.63 13.60
C ARG E 69 37.39 -26.06 13.90
N HIS E 70 36.50 -26.85 14.51
CA HIS E 70 36.96 -28.10 15.11
C HIS E 70 36.95 -29.29 14.17
N SER E 71 36.09 -29.30 13.16
CA SER E 71 35.84 -30.53 12.44
C SER E 71 36.99 -30.92 11.51
N THR E 72 37.24 -30.12 10.48
CA THR E 72 38.32 -30.28 9.50
C THR E 72 38.18 -31.50 8.59
N ARG E 73 37.15 -32.34 8.77
CA ARG E 73 36.89 -33.48 7.91
C ARG E 73 35.50 -33.40 7.28
N THR E 74 34.83 -32.26 7.39
CA THR E 74 33.45 -32.16 7.00
C THR E 74 33.31 -32.07 5.50
N GLN E 75 32.17 -32.53 5.01
CA GLN E 75 31.76 -32.38 3.63
C GLN E 75 30.39 -31.74 3.60
N HIS E 76 29.86 -31.53 2.40
CA HIS E 76 28.77 -30.59 2.20
C HIS E 76 29.14 -29.23 2.76
N LEU E 77 30.26 -28.70 2.30
CA LEU E 77 30.77 -27.41 2.72
C LEU E 77 30.02 -26.30 1.98
N SER E 78 30.49 -25.07 2.12
CA SER E 78 29.98 -23.94 1.35
C SER E 78 31.14 -22.97 1.10
N VAL E 79 30.80 -21.78 0.60
CA VAL E 79 31.76 -20.74 0.29
C VAL E 79 31.20 -19.46 0.88
N GLU E 80 31.90 -18.91 1.87
CA GLU E 80 31.59 -17.59 2.41
C GLU E 80 32.81 -16.71 2.14
N THR E 81 32.65 -15.80 1.17
CA THR E 81 33.73 -14.92 0.75
C THR E 81 33.55 -13.57 1.43
N SER E 82 34.65 -13.06 1.98
CA SER E 82 34.59 -11.84 2.78
C SER E 82 35.94 -11.16 2.68
N TYR E 83 36.04 -10.00 3.31
CA TYR E 83 37.30 -9.28 3.42
C TYR E 83 38.03 -9.68 4.68
N LEU E 84 39.36 -9.57 4.63
CA LEU E 84 40.23 -9.77 5.77
C LEU E 84 41.18 -8.59 5.82
N GLN E 85 41.31 -8.01 7.01
CA GLN E 85 42.08 -6.79 7.22
C GLN E 85 43.43 -7.19 7.82
N HIS E 86 44.36 -7.50 6.93
CA HIS E 86 45.72 -7.81 7.35
C HIS E 86 46.35 -6.59 8.02
N GLU E 87 47.53 -6.80 8.60
CA GLU E 87 48.35 -5.67 9.01
C GLU E 87 48.64 -4.79 7.80
N SER E 88 48.95 -3.52 8.08
CA SER E 88 49.36 -2.54 7.09
C SER E 88 48.22 -2.13 6.15
N GLY E 89 46.98 -2.47 6.46
CA GLY E 89 45.84 -2.00 5.70
C GLY E 89 45.58 -2.71 4.39
N ARG E 90 46.51 -3.54 3.92
CA ARG E 90 46.34 -4.21 2.64
C ARG E 90 45.32 -5.34 2.79
N ILE E 91 44.04 -5.01 2.60
CA ILE E 91 43.00 -6.01 2.76
C ILE E 91 43.12 -7.07 1.67
N SER E 92 42.48 -8.21 1.90
CA SER E 92 42.47 -9.27 0.90
C SER E 92 41.25 -10.15 1.14
N THR E 93 40.71 -10.71 0.07
CA THR E 93 39.54 -11.55 0.23
C THR E 93 39.93 -12.90 0.81
N LYS E 94 38.94 -13.54 1.43
CA LYS E 94 39.18 -14.72 2.24
C LYS E 94 37.92 -15.57 2.24
N PHE E 95 38.12 -16.88 2.35
CA PHE E 95 37.06 -17.88 2.26
C PHE E 95 36.93 -18.63 3.57
N GLU E 96 35.70 -18.72 4.06
CA GLU E 96 35.33 -19.59 5.16
C GLU E 96 34.41 -20.67 4.63
N PHE E 97 34.75 -21.92 4.93
CA PHE E 97 33.94 -23.07 4.56
C PHE E 97 32.97 -23.36 5.71
N ILE E 98 31.69 -23.13 5.48
CA ILE E 98 30.66 -23.29 6.50
C ILE E 98 29.68 -24.34 6.02
N PRO E 99 28.86 -24.90 6.92
CA PRO E 99 27.96 -26.01 6.54
C PRO E 99 26.98 -25.67 5.44
N SER E 100 26.41 -26.73 4.86
CA SER E 100 25.30 -26.66 3.93
C SER E 100 24.49 -27.94 4.10
N PRO E 101 23.21 -27.96 3.68
CA PRO E 101 22.30 -28.96 4.23
C PRO E 101 22.69 -30.37 3.83
N GLY E 102 22.11 -31.32 4.54
CA GLY E 102 22.58 -32.69 4.55
C GLY E 102 23.26 -33.01 5.87
N ASN E 103 23.73 -34.25 5.96
CA ASN E 103 24.23 -34.78 7.21
C ASN E 103 25.73 -34.56 7.32
N HIS E 104 26.17 -33.96 8.42
CA HIS E 104 27.56 -33.71 8.72
C HIS E 104 27.86 -34.51 9.98
N PHE E 105 29.07 -35.04 10.09
CA PHE E 105 29.45 -35.85 11.24
C PHE E 105 30.72 -35.31 11.84
N ILE E 106 30.80 -35.34 13.16
CA ILE E 106 31.97 -34.85 13.88
C ILE E 106 32.31 -35.82 14.98
N TRP E 107 33.61 -36.09 15.13
CA TRP E 107 34.17 -36.88 16.20
C TRP E 107 34.79 -35.91 17.18
N TYR E 108 34.05 -35.59 18.24
CA TYR E 108 34.58 -34.88 19.40
C TYR E 108 34.55 -35.85 20.57
N GLN E 109 35.44 -35.60 21.54
CA GLN E 109 35.78 -36.51 22.62
C GLN E 109 34.56 -37.21 23.22
N GLY E 110 34.71 -38.52 23.42
CA GLY E 110 33.62 -39.36 23.89
C GLY E 110 33.00 -40.15 22.76
N LYS E 111 31.83 -39.71 22.30
CA LYS E 111 31.04 -40.42 21.31
C LYS E 111 31.01 -39.67 19.99
N TRP E 112 30.79 -40.40 18.91
CA TRP E 112 30.48 -39.78 17.63
C TRP E 112 29.25 -38.90 17.77
N ILE E 113 29.21 -37.83 16.97
CA ILE E 113 28.09 -36.90 16.97
C ILE E 113 27.70 -36.62 15.54
N ARG E 114 26.40 -36.52 15.30
CA ARG E 114 25.83 -36.23 13.99
C ARG E 114 25.23 -34.83 14.07
N VAL E 115 25.80 -33.89 13.33
CA VAL E 115 25.26 -32.55 13.20
C VAL E 115 24.66 -32.41 11.81
N GLU E 116 23.89 -31.36 11.62
CA GLU E 116 23.08 -31.29 10.40
C GLU E 116 22.48 -29.90 10.32
N ARG E 117 22.20 -29.47 9.10
CA ARG E 117 21.38 -28.29 8.85
C ARG E 117 20.10 -28.72 8.16
N ASN E 118 18.97 -28.20 8.65
CA ASN E 118 17.64 -28.51 8.13
C ASN E 118 17.04 -27.20 7.68
N ARG E 119 17.41 -26.80 6.47
CA ARG E 119 16.95 -25.56 5.85
C ARG E 119 15.93 -25.91 4.79
N ASP E 120 14.70 -26.21 5.23
CA ASP E 120 13.55 -26.40 4.34
C ASP E 120 12.94 -25.02 4.17
N MET E 121 13.47 -24.27 3.21
CA MET E 121 13.29 -22.82 3.21
C MET E 121 11.87 -22.40 2.87
N GLN E 122 11.06 -22.19 3.91
CA GLN E 122 9.80 -21.45 3.82
C GLN E 122 9.89 -20.29 4.78
N MET E 123 9.95 -19.08 4.23
CA MET E 123 10.49 -17.92 4.92
C MET E 123 9.63 -16.69 4.68
N VAL E 124 8.32 -16.84 4.77
CA VAL E 124 7.44 -15.71 4.48
C VAL E 124 7.33 -14.88 5.76
N ASP E 125 8.34 -14.05 6.01
CA ASP E 125 8.47 -13.32 7.26
C ASP E 125 9.67 -12.39 7.20
N LEU E 126 9.68 -11.42 8.11
CA LEU E 126 10.85 -10.59 8.39
C LEU E 126 11.60 -11.07 9.63
N GLN E 127 11.12 -12.14 10.29
CA GLN E 127 11.79 -12.62 11.49
C GLN E 127 13.21 -13.06 11.18
N THR E 128 13.46 -13.47 9.94
CA THR E 128 14.81 -13.76 9.46
C THR E 128 15.08 -13.05 8.13
N GLY E 129 14.06 -12.89 7.29
CA GLY E 129 14.20 -12.26 5.98
C GLY E 129 15.18 -12.98 5.08
N THR E 130 15.22 -14.30 5.19
CA THR E 130 16.20 -15.21 4.62
C THR E 130 15.61 -16.57 4.97
N PRO E 131 16.19 -17.70 4.59
CA PRO E 131 15.64 -18.95 5.12
C PRO E 131 15.78 -19.07 6.63
N TRP E 132 14.92 -19.90 7.22
CA TRP E 132 14.82 -19.97 8.68
C TRP E 132 16.13 -20.39 9.32
N GLU E 133 16.92 -21.21 8.62
CA GLU E 133 18.28 -21.56 9.01
C GLU E 133 18.32 -22.20 10.39
N SER E 134 17.66 -23.34 10.51
CA SER E 134 17.84 -24.16 11.70
C SER E 134 19.19 -24.85 11.66
N VAL E 135 19.53 -25.49 12.79
CA VAL E 135 20.70 -26.33 12.90
C VAL E 135 20.31 -27.45 13.87
N THR E 136 21.03 -28.55 13.79
CA THR E 136 20.71 -29.74 14.58
C THR E 136 22.00 -30.39 15.04
N PHE E 137 22.08 -30.70 16.32
CA PHE E 137 23.08 -31.58 16.90
C PHE E 137 22.35 -32.81 17.40
N THR E 138 22.98 -33.98 17.32
CA THR E 138 22.39 -35.16 17.93
C THR E 138 23.44 -36.24 18.17
N ALA E 139 23.13 -37.12 19.12
CA ALA E 139 24.08 -38.16 19.49
C ALA E 139 23.37 -39.26 20.27
N LEU E 140 23.91 -40.48 20.12
CA LEU E 140 23.37 -41.71 20.69
C LEU E 140 23.75 -41.85 22.16
N GLY E 141 23.29 -40.88 22.97
CA GLY E 141 23.43 -40.95 24.40
C GLY E 141 22.19 -40.39 25.07
N THR E 142 22.19 -40.45 26.40
CA THR E 142 21.11 -39.85 27.18
C THR E 142 21.65 -39.11 28.40
N ASP E 143 22.93 -38.74 28.39
CA ASP E 143 23.54 -37.88 29.40
C ASP E 143 23.86 -36.57 28.72
N ARG E 144 23.03 -35.56 28.96
CA ARG E 144 23.07 -34.29 28.23
C ARG E 144 24.02 -33.28 28.85
N LYS E 145 25.03 -33.74 29.59
CA LYS E 145 26.04 -32.83 30.13
C LYS E 145 27.06 -32.46 29.07
N VAL E 146 27.40 -33.42 28.20
CA VAL E 146 28.46 -33.17 27.24
C VAL E 146 28.03 -32.15 26.21
N PHE E 147 26.74 -32.14 25.85
CA PHE E 147 26.28 -31.15 24.88
C PHE E 147 26.40 -29.74 25.43
N PHE E 148 25.97 -29.55 26.68
CA PHE E 148 26.19 -28.31 27.40
C PHE E 148 27.67 -27.94 27.41
N ASN E 149 28.54 -28.94 27.57
CA ASN E 149 29.98 -28.69 27.58
C ASN E 149 30.46 -28.17 26.23
N ILE E 150 30.03 -28.80 25.13
CA ILE E 150 30.53 -28.39 23.81
C ILE E 150 30.05 -26.98 23.50
N LEU E 151 28.81 -26.67 23.90
CA LEU E 151 28.30 -25.34 23.62
C LEU E 151 29.08 -24.29 24.41
N GLU E 152 29.38 -24.58 25.68
CA GLU E 152 30.16 -23.62 26.45
C GLU E 152 31.56 -23.45 25.87
N GLU E 153 32.13 -24.53 25.32
CA GLU E 153 33.41 -24.41 24.66
C GLU E 153 33.31 -23.52 23.43
N ALA E 154 32.20 -23.63 22.69
CA ALA E 154 32.00 -22.76 21.55
C ALA E 154 31.94 -21.30 21.98
N ARG E 155 31.21 -21.02 23.06
CA ARG E 155 31.18 -19.67 23.62
C ARG E 155 32.58 -19.18 23.96
N ALA E 156 33.38 -20.03 24.59
CA ALA E 156 34.73 -19.65 24.98
C ALA E 156 35.57 -19.28 23.77
N LEU E 157 35.59 -20.15 22.76
CA LEU E 157 36.36 -19.87 21.56
C LEU E 157 35.88 -18.59 20.88
N ALA E 158 34.56 -18.37 20.86
CA ALA E 158 34.01 -17.19 20.20
C ALA E 158 34.48 -15.93 20.90
N LEU E 159 34.35 -15.90 22.22
CA LEU E 159 34.80 -14.72 22.97
C LEU E 159 36.32 -14.58 22.95
N GLN E 160 37.06 -15.63 22.66
CA GLN E 160 38.52 -15.56 22.59
C GLN E 160 39.04 -15.15 21.21
N GLN E 161 38.23 -15.29 20.15
CA GLN E 161 38.70 -14.90 18.83
C GLN E 161 39.02 -13.41 18.76
N GLU E 162 38.29 -12.58 19.51
CA GLU E 162 38.47 -11.14 19.51
C GLU E 162 39.29 -10.76 20.74
N GLU E 163 40.61 -10.74 20.59
CA GLU E 163 41.54 -10.58 21.69
C GLU E 163 42.08 -9.17 21.83
N GLY E 164 42.40 -8.51 20.72
CA GLY E 164 42.97 -7.18 20.73
C GLY E 164 42.27 -6.28 19.76
N LYS E 165 40.95 -6.46 19.64
CA LYS E 165 40.14 -5.82 18.62
C LYS E 165 38.83 -5.37 19.25
N THR E 166 37.98 -4.78 18.42
CA THR E 166 36.74 -4.14 18.86
C THR E 166 35.61 -4.57 17.94
N VAL E 167 34.65 -5.26 18.50
CA VAL E 167 33.47 -5.67 17.76
C VAL E 167 32.53 -4.49 17.59
N MET E 168 31.75 -4.53 16.53
CA MET E 168 30.65 -3.60 16.31
C MET E 168 29.43 -4.42 15.97
N TYR E 169 28.38 -4.26 16.76
CA TYR E 169 27.11 -4.92 16.51
C TYR E 169 26.19 -3.97 15.77
N THR E 170 25.04 -4.49 15.38
CA THR E 170 24.04 -3.67 14.70
C THR E 170 22.69 -4.34 14.87
N ALA E 171 21.65 -3.59 14.52
CA ALA E 171 20.27 -3.99 14.75
C ALA E 171 19.73 -4.66 13.50
N VAL E 172 19.45 -5.95 13.60
CA VAL E 172 18.76 -6.71 12.58
C VAL E 172 17.39 -7.02 13.14
N GLY E 173 16.38 -6.33 12.61
CA GLY E 173 15.04 -6.49 13.14
C GLY E 173 14.97 -6.04 14.58
N SER E 174 14.88 -7.01 15.48
CA SER E 174 14.86 -6.77 16.92
C SER E 174 15.87 -7.66 17.62
N GLU E 175 17.01 -7.89 16.97
CA GLU E 175 18.12 -8.59 17.59
C GLU E 175 19.43 -7.92 17.20
N TRP E 176 20.47 -8.25 17.94
CA TRP E 176 21.80 -7.70 17.71
C TRP E 176 22.64 -8.73 16.97
N ARG E 177 23.23 -8.30 15.86
CA ARG E 177 24.08 -9.14 15.05
C ARG E 177 25.44 -8.51 14.87
N THR E 178 26.45 -9.36 14.69
CA THR E 178 27.76 -8.89 14.29
C THR E 178 27.66 -8.16 12.96
N PHE E 179 28.55 -7.20 12.76
CA PHE E 179 28.51 -6.32 11.60
C PHE E 179 29.92 -6.21 11.04
N GLY E 180 30.16 -6.91 9.95
CA GLY E 180 31.45 -6.89 9.29
C GLY E 180 32.46 -7.81 9.96
N TYR E 181 33.49 -7.22 10.52
CA TYR E 181 34.58 -7.98 11.11
C TYR E 181 35.20 -7.13 12.21
N PRO E 182 36.05 -7.73 13.05
CA PRO E 182 36.69 -6.94 14.11
C PRO E 182 37.58 -5.85 13.55
N ARG E 183 37.45 -4.66 14.13
CA ARG E 183 38.25 -3.50 13.77
C ARG E 183 39.53 -3.49 14.60
N ARG E 184 40.40 -2.52 14.30
CA ARG E 184 41.64 -2.34 15.05
C ARG E 184 41.40 -1.34 16.17
N ARG E 185 41.91 -1.66 17.36
CA ARG E 185 41.68 -0.83 18.54
C ARG E 185 42.48 0.45 18.40
N ARG E 186 41.78 1.54 18.18
CA ARG E 186 42.42 2.84 18.14
C ARG E 186 42.99 3.16 19.52
N PRO E 187 44.29 3.42 19.65
CA PRO E 187 44.82 3.74 20.99
C PRO E 187 44.25 5.04 21.54
N LEU E 188 44.16 5.08 22.86
CA LEU E 188 43.58 6.22 23.56
C LEU E 188 44.56 7.38 23.70
N ASP E 189 45.85 7.13 23.55
CA ASP E 189 46.83 8.20 23.59
C ASP E 189 46.90 9.00 22.30
N SER E 190 46.17 8.60 21.26
CA SER E 190 46.15 9.28 19.97
C SER E 190 44.88 10.07 19.75
N VAL E 191 44.18 10.45 20.82
CA VAL E 191 42.99 11.27 20.75
C VAL E 191 43.16 12.34 21.82
N VAL E 192 43.66 13.50 21.42
CA VAL E 192 44.06 14.54 22.35
C VAL E 192 42.87 15.46 22.57
N LEU E 193 42.27 15.37 23.76
CA LEU E 193 41.19 16.22 24.18
C LEU E 193 41.72 17.28 25.14
N GLN E 194 40.81 18.09 25.67
CA GLN E 194 41.20 19.16 26.58
C GLN E 194 41.92 18.61 27.79
N GLN E 195 42.59 19.50 28.51
CA GLN E 195 43.42 19.11 29.64
C GLN E 195 42.53 18.60 30.76
N GLY E 196 42.54 17.29 30.95
CA GLY E 196 41.74 16.67 31.98
C GLY E 196 40.28 16.55 31.63
N LEU E 197 40.00 15.85 30.54
CA LEU E 197 38.64 15.50 30.14
C LEU E 197 38.50 14.01 29.85
N ALA E 198 39.52 13.39 29.25
CA ALA E 198 39.46 11.96 29.01
C ALA E 198 39.67 11.20 30.31
N ASP E 199 40.58 11.70 31.16
CA ASP E 199 40.80 11.06 32.45
C ASP E 199 39.54 11.08 33.29
N ARG E 200 38.83 12.20 33.29
CA ARG E 200 37.60 12.34 34.07
C ARG E 200 36.56 11.32 33.63
N ILE E 201 36.30 11.23 32.33
CA ILE E 201 35.27 10.34 31.81
C ILE E 201 35.67 8.89 32.07
N VAL E 202 36.93 8.55 31.80
CA VAL E 202 37.40 7.18 31.97
C VAL E 202 37.31 6.77 33.44
N LYS E 203 37.67 7.68 34.34
CA LYS E 203 37.61 7.38 35.76
C LYS E 203 36.18 7.19 36.23
N ASP E 204 35.28 8.05 35.77
CA ASP E 204 33.87 7.92 36.15
C ASP E 204 33.29 6.59 35.68
N ILE E 205 33.57 6.21 34.44
CA ILE E 205 32.98 4.99 33.92
C ILE E 205 33.59 3.76 34.59
N ARG E 206 34.89 3.82 34.90
CA ARG E 206 35.51 2.70 35.64
C ARG E 206 34.92 2.59 37.04
N GLU E 207 34.73 3.72 37.72
CA GLU E 207 34.10 3.69 39.04
C GLU E 207 32.70 3.13 38.97
N PHE E 208 31.98 3.44 37.89
CA PHE E 208 30.64 2.89 37.69
C PHE E 208 30.69 1.38 37.55
N ILE E 209 31.65 0.87 36.78
CA ILE E 209 31.67 -0.57 36.53
C ILE E 209 32.14 -1.37 37.73
N ASP E 210 32.94 -0.77 38.62
CA ASP E 210 33.53 -1.46 39.75
C ASP E 210 32.91 -1.05 41.08
N ASN E 211 31.62 -0.72 41.07
CA ASN E 211 30.86 -0.52 42.31
C ASN E 211 29.39 -0.81 42.02
N PRO E 212 29.04 -2.09 41.81
CA PRO E 212 27.64 -2.43 41.56
C PRO E 212 26.84 -2.65 42.83
N LYS E 213 27.53 -2.95 43.94
CA LYS E 213 26.85 -3.20 45.19
C LYS E 213 26.35 -1.92 45.84
N TRP E 214 27.05 -0.82 45.65
CA TRP E 214 26.61 0.47 46.18
C TRP E 214 25.33 0.95 45.52
N TYR E 215 25.03 0.48 44.31
CA TYR E 215 23.80 0.85 43.63
C TYR E 215 22.62 -0.01 44.04
N ILE E 216 22.87 -1.23 44.49
CA ILE E 216 21.81 -2.16 44.87
C ILE E 216 21.38 -1.97 46.31
N ASP E 217 22.33 -1.69 47.20
CA ASP E 217 22.00 -1.49 48.62
C ASP E 217 21.29 -0.17 48.90
N ARG E 218 20.98 0.63 47.87
CA ARG E 218 20.20 1.84 48.01
C ARG E 218 19.05 1.92 47.02
N GLY E 219 18.81 0.86 46.26
CA GLY E 219 17.64 0.78 45.41
C GLY E 219 17.73 1.51 44.09
N ILE E 220 18.85 2.19 43.81
CA ILE E 220 18.99 2.96 42.59
C ILE E 220 19.06 1.99 41.42
N PRO E 221 18.61 2.36 40.22
CA PRO E 221 18.83 1.49 39.06
C PRO E 221 20.28 1.57 38.60
N TYR E 222 20.79 0.41 38.16
CA TYR E 222 22.19 0.30 37.75
C TYR E 222 22.31 0.65 36.28
N ARG E 223 22.11 1.94 36.01
CA ARG E 223 22.23 2.51 34.68
C ARG E 223 23.09 3.76 34.74
N ARG E 224 23.54 4.18 33.56
CA ARG E 224 24.27 5.43 33.43
C ARG E 224 24.23 5.84 31.98
N GLY E 225 24.43 7.13 31.76
CA GLY E 225 24.40 7.68 30.42
C GLY E 225 25.31 8.89 30.35
N TYR E 226 25.84 9.13 29.16
CA TYR E 226 26.75 10.23 28.91
C TYR E 226 26.31 10.97 27.66
N LEU E 227 26.75 12.22 27.56
CA LEU E 227 26.41 13.09 26.44
C LEU E 227 27.62 13.93 26.11
N LEU E 228 28.15 13.74 24.91
CA LEU E 228 29.21 14.56 24.37
C LEU E 228 28.61 15.50 23.33
N TYR E 229 28.95 16.78 23.42
CA TYR E 229 28.44 17.76 22.48
C TYR E 229 29.52 18.77 22.16
N GLY E 230 29.34 19.45 21.04
CA GLY E 230 30.29 20.43 20.58
C GLY E 230 30.24 20.64 19.09
N PRO E 231 31.14 21.47 18.58
CA PRO E 231 31.12 21.77 17.16
C PRO E 231 31.52 20.57 16.32
N PRO E 232 31.49 20.69 15.00
CA PRO E 232 31.90 19.58 14.14
C PRO E 232 33.42 19.46 14.04
N GLY E 233 33.92 18.26 14.25
CA GLY E 233 35.31 17.95 13.99
C GLY E 233 36.20 18.15 15.19
N CYS E 234 35.74 17.75 16.37
CA CYS E 234 36.39 18.09 17.61
C CYS E 234 36.72 16.89 18.49
N GLY E 235 36.23 15.69 18.18
CA GLY E 235 36.72 14.48 18.80
C GLY E 235 35.71 13.59 19.51
N LYS E 236 34.45 13.62 19.09
CA LYS E 236 33.43 12.85 19.77
C LYS E 236 33.49 11.37 19.43
N SER E 237 33.26 11.03 18.17
CA SER E 237 33.18 9.63 17.77
C SER E 237 34.51 8.92 17.96
N SER E 238 35.61 9.61 17.68
CA SER E 238 36.93 9.03 17.88
C SER E 238 37.16 8.70 19.35
N PHE E 239 36.77 9.61 20.23
CA PHE E 239 36.91 9.36 21.66
C PHE E 239 36.05 8.19 22.10
N ILE E 240 34.86 8.05 21.52
CA ILE E 240 34.00 6.92 21.85
C ILE E 240 34.68 5.62 21.45
N THR E 241 35.26 5.59 20.25
CA THR E 241 35.96 4.39 19.80
C THR E 241 37.13 4.05 20.71
N ALA E 242 37.94 5.05 21.04
CA ALA E 242 39.08 4.82 21.91
C ALA E 242 38.65 4.33 23.28
N LEU E 243 37.61 4.94 23.84
CA LEU E 243 37.11 4.54 25.14
C LEU E 243 36.62 3.12 25.13
N ALA E 244 35.92 2.73 24.07
CA ALA E 244 35.47 1.35 23.95
C ALA E 244 36.64 0.39 23.83
N GLY E 245 37.73 0.84 23.22
CA GLY E 245 38.91 0.00 23.12
C GLY E 245 39.73 -0.08 24.38
N GLU E 246 39.59 0.91 25.27
CA GLU E 246 40.37 0.91 26.51
C GLU E 246 39.74 0.04 27.59
N LEU E 247 38.42 -0.05 27.60
CA LEU E 247 37.69 -0.80 28.62
C LEU E 247 37.38 -2.23 28.20
N GLU E 248 37.98 -2.72 27.12
CA GLU E 248 37.71 -4.04 26.58
C GLU E 248 36.24 -4.24 26.22
N HIS E 249 35.51 -3.15 25.99
CA HIS E 249 34.09 -3.21 25.70
C HIS E 249 33.87 -3.35 24.20
N SER E 250 32.61 -3.51 23.83
CA SER E 250 32.17 -3.50 22.45
C SER E 250 31.28 -2.29 22.22
N ILE E 251 30.71 -2.21 21.02
CA ILE E 251 29.87 -1.10 20.61
C ILE E 251 28.65 -1.67 19.92
N CYS E 252 27.52 -0.99 20.10
CA CYS E 252 26.25 -1.38 19.54
C CYS E 252 25.58 -0.14 18.98
N LEU E 253 25.59 0.00 17.67
CA LEU E 253 25.07 1.18 17.02
C LEU E 253 23.58 1.09 16.83
N LEU E 254 22.91 2.23 16.99
CA LEU E 254 21.46 2.31 16.96
C LEU E 254 21.08 3.59 16.24
N SER E 255 20.33 3.44 15.16
CA SER E 255 19.94 4.55 14.30
C SER E 255 18.44 4.76 14.50
N LEU E 256 18.09 5.80 15.25
CA LEU E 256 16.70 6.06 15.57
C LEU E 256 15.87 6.29 14.32
N THR E 257 16.37 7.16 13.43
CA THR E 257 15.67 7.46 12.18
C THR E 257 15.83 6.27 11.23
N ASP E 258 15.06 5.23 11.50
CA ASP E 258 15.07 4.01 10.72
C ASP E 258 13.64 3.49 10.61
N SER E 259 13.34 2.90 9.45
CA SER E 259 11.97 2.63 9.05
C SER E 259 11.32 1.51 9.83
N SER E 260 12.08 0.72 10.60
CA SER E 260 11.57 -0.47 11.26
C SER E 260 11.87 -0.42 12.75
N LEU E 261 11.52 0.71 13.37
CA LEU E 261 11.83 0.97 14.78
C LEU E 261 10.60 1.55 15.45
N SER E 262 9.76 0.67 15.99
CA SER E 262 8.68 1.08 16.87
C SER E 262 9.19 1.22 18.29
N ASP E 263 8.37 1.86 19.13
CA ASP E 263 8.75 2.05 20.52
C ASP E 263 8.92 0.72 21.24
N ASP E 264 8.07 -0.26 20.91
CA ASP E 264 8.18 -1.56 21.55
C ASP E 264 9.43 -2.30 21.10
N ARG E 265 9.74 -2.22 19.81
CA ARG E 265 10.95 -2.88 19.32
C ARG E 265 12.20 -2.25 19.91
N LEU E 266 12.18 -0.94 20.12
CA LEU E 266 13.30 -0.27 20.77
C LEU E 266 13.40 -0.69 22.23
N ASN E 267 12.26 -0.79 22.91
CA ASN E 267 12.26 -1.22 24.29
C ASN E 267 12.76 -2.65 24.43
N HIS E 268 12.59 -3.46 23.38
CA HIS E 268 13.09 -4.83 23.39
C HIS E 268 14.56 -4.91 23.01
N LEU E 269 15.04 -4.02 22.15
CA LEU E 269 16.43 -4.07 21.72
C LEU E 269 17.38 -3.73 22.86
N LEU E 270 17.14 -2.61 23.54
CA LEU E 270 18.03 -2.18 24.61
C LEU E 270 17.99 -3.09 25.81
N SER E 271 17.01 -3.99 25.90
CA SER E 271 16.96 -4.97 26.97
C SER E 271 17.75 -6.23 26.67
N VAL E 272 18.00 -6.51 25.40
CA VAL E 272 18.72 -7.70 24.96
C VAL E 272 20.07 -7.27 24.43
N ALA E 273 20.61 -6.16 24.95
CA ALA E 273 21.91 -5.70 24.50
C ALA E 273 22.99 -6.66 24.98
N PRO E 274 24.05 -6.87 24.20
CA PRO E 274 25.10 -7.80 24.65
C PRO E 274 25.76 -7.35 25.94
N GLN E 275 26.32 -8.33 26.62
CA GLN E 275 27.00 -8.07 27.88
C GLN E 275 28.33 -7.39 27.62
N GLN E 276 28.65 -6.41 28.46
CA GLN E 276 29.86 -5.61 28.32
C GLN E 276 29.89 -4.92 26.96
N SER E 277 28.93 -4.02 26.77
CA SER E 277 28.77 -3.32 25.50
C SER E 277 28.23 -1.93 25.75
N LEU E 278 28.87 -0.95 25.13
CA LEU E 278 28.33 0.40 25.07
C LEU E 278 27.30 0.50 23.97
N VAL E 279 26.18 1.12 24.28
CA VAL E 279 25.19 1.50 23.28
C VAL E 279 25.46 2.93 22.90
N LEU E 280 25.13 3.29 21.66
CA LEU E 280 25.51 4.58 21.11
C LEU E 280 24.41 5.13 20.23
N LEU E 281 24.04 6.38 20.50
CA LEU E 281 23.04 7.12 19.74
C LEU E 281 23.71 8.33 19.11
N GLU E 282 23.91 8.26 17.80
CA GLU E 282 24.59 9.31 17.05
C GLU E 282 23.55 10.28 16.52
N ASP E 283 23.73 11.56 16.83
CA ASP E 283 22.86 12.64 16.36
C ASP E 283 21.41 12.36 16.76
N VAL E 284 21.19 12.38 18.06
CA VAL E 284 19.85 12.17 18.62
C VAL E 284 18.97 13.41 18.47
N ASP E 285 19.55 14.55 18.12
CA ASP E 285 18.76 15.77 17.93
C ASP E 285 18.02 15.77 16.60
N ALA E 286 18.56 15.11 15.58
CA ALA E 286 17.95 15.09 14.27
C ALA E 286 16.71 14.21 14.19
N ALA E 287 16.36 13.51 15.26
CA ALA E 287 15.17 12.66 15.25
C ALA E 287 13.92 13.41 15.67
N PHE E 288 14.05 14.44 16.50
CA PHE E 288 12.92 15.20 17.01
C PHE E 288 13.20 16.69 16.90
N LEU E 289 12.12 17.46 17.02
CA LEU E 289 12.14 18.90 16.82
C LEU E 289 12.32 19.65 18.13
N ILE E 299 9.66 17.17 20.35
CA ILE E 299 8.37 16.62 20.75
C ILE E 299 7.54 16.39 19.49
N LYS E 300 8.19 15.90 18.44
CA LYS E 300 7.53 15.43 17.23
C LYS E 300 8.56 14.71 16.37
N TYR E 301 8.16 13.57 15.82
CA TYR E 301 9.08 12.79 15.01
C TYR E 301 9.27 13.42 13.64
N GLN E 302 10.48 13.24 13.09
CA GLN E 302 10.83 13.78 11.78
C GLN E 302 11.51 12.74 10.89
N GLY E 303 11.40 11.45 11.23
CA GLY E 303 12.09 10.41 10.52
C GLY E 303 11.11 9.38 9.97
N LEU E 304 11.66 8.44 9.22
CA LEU E 304 10.89 7.35 8.66
C LEU E 304 10.80 6.25 9.72
N GLY E 305 9.59 5.95 10.16
CA GLY E 305 9.39 5.00 11.23
C GLY E 305 8.15 5.36 12.03
N ARG E 306 7.92 4.58 13.07
CA ARG E 306 6.78 4.72 13.95
C ARG E 306 7.24 4.85 15.40
N LEU E 307 8.25 5.70 15.60
CA LEU E 307 8.79 5.99 16.91
C LEU E 307 8.28 7.35 17.39
N THR E 308 8.04 7.45 18.68
CA THR E 308 7.58 8.67 19.32
C THR E 308 8.61 9.11 20.35
N PHE E 309 8.31 10.24 20.99
CA PHE E 309 9.21 10.83 21.96
C PHE E 309 9.08 10.13 23.32
N SER E 310 7.85 9.94 23.77
CA SER E 310 7.62 9.26 25.04
C SER E 310 8.16 7.84 25.01
N GLY E 311 8.09 7.17 23.87
CA GLY E 311 8.65 5.84 23.77
C GLY E 311 10.14 5.81 24.03
N LEU E 312 10.86 6.77 23.45
CA LEU E 312 12.30 6.85 23.68
C LEU E 312 12.60 7.19 25.14
N LEU E 313 11.91 8.20 25.67
CA LEU E 313 12.17 8.63 27.03
C LEU E 313 11.88 7.53 28.04
N ASN E 314 10.89 6.68 27.76
CA ASN E 314 10.53 5.59 28.64
C ASN E 314 11.36 4.33 28.40
N ALA E 315 11.98 4.22 27.22
CA ALA E 315 12.90 3.12 26.98
C ALA E 315 14.25 3.36 27.62
N LEU E 316 14.74 4.61 27.60
CA LEU E 316 16.03 4.89 28.22
C LEU E 316 15.95 4.71 29.73
N ASP E 317 15.08 5.46 30.37
CA ASP E 317 14.81 5.35 31.80
C ASP E 317 13.30 5.36 31.95
N GLY E 318 12.74 4.21 32.29
CA GLY E 318 11.32 4.13 32.56
C GLY E 318 11.07 3.18 33.68
N VAL E 319 10.12 2.29 33.45
CA VAL E 319 9.65 1.36 34.45
C VAL E 319 10.12 -0.05 34.12
N ALA E 320 10.35 -0.33 32.83
CA ALA E 320 10.82 -1.62 32.35
C ALA E 320 12.15 -1.49 31.64
N SER E 321 13.06 -0.71 32.21
CA SER E 321 14.40 -0.56 31.67
C SER E 321 15.35 -1.52 32.37
N THR E 322 16.33 -2.00 31.62
CA THR E 322 17.23 -3.05 32.04
C THR E 322 18.43 -2.48 32.79
N GLU E 323 19.08 -3.35 33.55
CA GLU E 323 20.23 -3.01 34.37
C GLU E 323 21.53 -3.28 33.65
N ALA E 324 22.60 -2.68 34.18
CA ALA E 324 23.96 -2.86 33.66
C ALA E 324 24.02 -2.45 32.19
N ARG E 325 23.76 -1.17 31.97
CA ARG E 325 23.67 -0.61 30.63
C ARG E 325 24.34 0.74 30.62
N ILE E 326 25.13 1.00 29.57
CA ILE E 326 25.85 2.25 29.40
C ILE E 326 25.50 2.77 28.01
N VAL E 327 24.96 3.98 27.96
CA VAL E 327 24.51 4.62 26.74
C VAL E 327 25.33 5.88 26.54
N PHE E 328 25.74 6.11 25.30
CA PHE E 328 26.38 7.34 24.87
C PHE E 328 25.48 8.02 23.87
N MET E 329 25.47 9.34 23.90
CA MET E 329 24.78 10.16 22.93
C MET E 329 25.77 11.17 22.38
N THR E 330 25.58 11.54 21.11
CA THR E 330 26.40 12.58 20.50
C THR E 330 25.52 13.52 19.70
N THR E 331 25.70 14.82 19.91
CA THR E 331 24.97 15.85 19.20
C THR E 331 25.91 17.02 18.94
N ASN E 332 25.62 17.76 17.87
CA ASN E 332 26.33 18.99 17.56
C ASN E 332 25.67 20.19 18.19
N TYR E 333 24.34 20.25 18.15
CA TYR E 333 23.55 21.34 18.73
C TYR E 333 22.83 20.81 19.96
N ILE E 334 23.09 21.43 21.11
CA ILE E 334 22.50 21.03 22.38
C ILE E 334 21.25 21.84 22.72
N ASP E 335 21.01 22.94 22.04
CA ASP E 335 19.83 23.75 22.32
C ASP E 335 18.55 23.14 21.79
N ARG E 336 18.65 22.23 20.82
CA ARG E 336 17.49 21.59 20.22
C ARG E 336 17.08 20.32 20.94
N LEU E 337 17.68 20.02 22.08
CA LEU E 337 17.35 18.84 22.87
C LEU E 337 16.40 19.21 23.98
N ASP E 338 15.35 18.43 24.12
CA ASP E 338 14.34 18.73 25.11
C ASP E 338 14.92 18.48 26.50
N PRO E 339 14.70 19.37 27.48
CA PRO E 339 15.29 19.15 28.81
C PRO E 339 14.81 17.88 29.51
N ALA E 340 13.76 17.22 29.01
CA ALA E 340 13.33 15.96 29.58
C ALA E 340 14.12 14.77 29.05
N LEU E 341 15.16 15.00 28.24
CA LEU E 341 15.99 13.94 27.71
C LEU E 341 17.44 14.02 28.16
N ILE E 342 17.88 15.18 28.66
CA ILE E 342 19.23 15.38 29.13
C ILE E 342 19.25 15.73 30.62
N ARG E 343 18.18 15.41 31.34
CA ARG E 343 18.16 15.63 32.78
C ARG E 343 18.79 14.44 33.50
N PRO E 344 19.18 14.60 34.76
CA PRO E 344 19.88 13.51 35.46
C PRO E 344 18.99 12.29 35.68
N GLY E 345 19.59 11.12 35.48
CA GLY E 345 18.88 9.86 35.49
C GLY E 345 19.01 9.15 34.16
N ARG E 346 18.91 9.91 33.08
CA ARG E 346 19.15 9.45 31.73
C ARG E 346 20.54 9.82 31.22
N VAL E 347 21.03 10.99 31.63
CA VAL E 347 22.28 11.54 31.17
C VAL E 347 22.95 12.19 32.37
N ASP E 348 23.96 11.53 32.91
CA ASP E 348 24.59 11.92 34.16
C ASP E 348 25.88 12.69 33.99
N LEU E 349 26.32 12.93 32.76
CA LEU E 349 27.57 13.67 32.55
C LEU E 349 27.55 14.27 31.16
N LYS E 350 27.43 15.59 31.10
CA LYS E 350 27.54 16.35 29.87
C LYS E 350 28.92 16.95 29.77
N GLU E 351 29.58 16.76 28.63
CA GLU E 351 30.90 17.30 28.38
C GLU E 351 30.96 17.96 27.02
N TYR E 352 31.77 19.01 26.94
CA TYR E 352 31.89 19.86 25.76
C TYR E 352 33.26 19.65 25.14
N VAL E 353 33.31 18.92 24.04
CA VAL E 353 34.53 18.72 23.27
C VAL E 353 34.58 19.80 22.19
N GLY E 354 35.41 20.81 22.42
CA GLY E 354 35.35 22.03 21.67
C GLY E 354 36.56 22.26 20.81
N TYR E 355 36.72 23.51 20.37
CA TYR E 355 37.82 23.89 19.51
C TYR E 355 39.14 23.75 20.27
N CYS E 356 40.23 23.85 19.51
CA CYS E 356 41.54 23.61 20.06
C CYS E 356 41.99 24.75 20.96
N SER E 357 43.02 24.47 21.74
CA SER E 357 43.67 25.46 22.58
C SER E 357 45.18 25.24 22.46
N HIS E 358 45.93 25.96 23.28
CA HIS E 358 47.38 25.88 23.24
C HIS E 358 47.88 24.47 23.50
N TRP E 359 47.42 23.87 24.59
CA TRP E 359 47.94 22.57 25.01
C TRP E 359 47.59 21.48 24.01
N GLN E 360 46.38 21.54 23.44
CA GLN E 360 45.98 20.54 22.46
C GLN E 360 46.90 20.56 21.26
N LEU E 361 47.18 21.76 20.72
CA LEU E 361 48.03 21.86 19.55
C LEU E 361 49.44 21.39 19.85
N THR E 362 49.96 21.75 21.03
CA THR E 362 51.28 21.26 21.43
C THR E 362 51.32 19.74 21.43
N GLN E 363 50.32 19.11 22.04
CA GLN E 363 50.33 17.66 22.14
C GLN E 363 50.16 17.00 20.77
N MET E 364 49.33 17.59 19.91
CA MET E 364 49.16 17.03 18.57
C MET E 364 50.46 17.09 17.79
N PHE E 365 51.16 18.22 17.87
CA PHE E 365 52.46 18.33 17.22
C PHE E 365 53.42 17.28 17.75
N GLN E 366 53.42 17.05 19.06
CA GLN E 366 54.32 16.03 19.60
C GLN E 366 53.91 14.63 19.15
N ARG E 367 52.63 14.41 18.88
CA ARG E 367 52.19 13.09 18.43
C ARG E 367 52.64 12.84 16.99
N PHE E 368 52.49 13.83 16.13
CA PHE E 368 52.72 13.59 14.70
C PHE E 368 54.20 13.49 14.38
N TYR E 369 55.03 14.36 14.96
CA TYR E 369 56.45 14.41 14.69
C TYR E 369 57.24 13.99 15.93
N PRO E 370 57.34 12.68 16.21
CA PRO E 370 58.05 12.24 17.41
C PRO E 370 59.55 12.35 17.23
N GLY E 371 60.20 13.05 18.16
CA GLY E 371 61.65 13.17 18.17
C GLY E 371 62.13 14.57 17.91
N GLN E 372 61.35 15.56 18.32
CA GLN E 372 61.67 16.97 18.16
C GLN E 372 61.75 17.63 19.53
N ALA E 373 62.40 18.78 19.56
CA ALA E 373 62.50 19.52 20.80
C ALA E 373 61.17 20.21 21.11
N PRO E 374 60.81 20.36 22.39
CA PRO E 374 59.53 21.03 22.70
C PRO E 374 59.44 22.47 22.23
N SER E 375 60.58 23.13 22.03
CA SER E 375 60.57 24.52 21.55
C SER E 375 59.84 24.63 20.22
N LEU E 376 60.06 23.67 19.32
CA LEU E 376 59.44 23.71 18.01
C LEU E 376 57.93 23.56 18.12
N ALA E 377 57.47 22.65 18.97
CA ALA E 377 56.04 22.46 19.17
C ALA E 377 55.40 23.72 19.74
N GLU E 378 56.07 24.36 20.71
CA GLU E 378 55.55 25.60 21.27
C GLU E 378 55.46 26.68 20.21
N ASN E 379 56.49 26.77 19.35
CA ASN E 379 56.45 27.75 18.27
C ASN E 379 55.26 27.50 17.35
N PHE E 380 55.02 26.24 16.99
CA PHE E 380 53.89 25.91 16.13
C PHE E 380 52.57 26.31 16.77
N ALA E 381 52.39 25.94 18.03
CA ALA E 381 51.14 26.23 18.72
C ALA E 381 50.89 27.73 18.80
N GLU E 382 51.93 28.49 19.15
CA GLU E 382 51.78 29.93 19.26
C GLU E 382 51.41 30.55 17.92
N HIS E 383 52.12 30.15 16.86
CA HIS E 383 51.85 30.74 15.55
C HIS E 383 50.44 30.42 15.07
N VAL E 384 50.00 29.17 15.24
CA VAL E 384 48.68 28.81 14.75
C VAL E 384 47.60 29.53 15.54
N LEU E 385 47.72 29.56 16.86
CA LEU E 385 46.68 30.21 17.66
C LEU E 385 46.71 31.72 17.50
N LYS E 386 47.81 32.29 17.03
CA LYS E 386 47.83 33.71 16.68
C LYS E 386 47.17 33.95 15.33
N ALA E 387 47.39 33.06 14.37
CA ALA E 387 46.88 33.22 13.02
C ALA E 387 45.36 33.30 12.99
N THR E 388 44.70 32.23 13.37
CA THR E 388 43.24 32.11 13.32
C THR E 388 42.69 31.94 14.73
N SER E 389 41.46 32.41 14.92
CA SER E 389 40.86 32.41 16.25
C SER E 389 40.52 31.01 16.70
N GLU E 390 39.63 30.34 15.97
CA GLU E 390 39.15 29.00 16.29
C GLU E 390 39.56 28.05 15.16
N ILE E 391 40.16 26.93 15.53
CA ILE E 391 40.61 25.92 14.59
C ILE E 391 40.37 24.57 15.23
N SER E 392 39.69 23.69 14.51
CA SER E 392 39.37 22.38 15.04
C SER E 392 40.55 21.44 14.84
N PRO E 393 40.62 20.35 15.63
CA PRO E 393 41.73 19.42 15.46
C PRO E 393 41.79 18.77 14.09
N ALA E 394 40.67 18.67 13.39
CA ALA E 394 40.67 18.00 12.09
C ALA E 394 41.40 18.82 11.05
N GLN E 395 41.23 20.14 11.08
CA GLN E 395 41.98 20.99 10.17
C GLN E 395 43.47 20.87 10.41
N VAL E 396 43.86 20.76 11.68
CA VAL E 396 45.27 20.60 12.03
C VAL E 396 45.78 19.26 11.53
N GLN E 397 44.95 18.23 11.65
CA GLN E 397 45.29 16.90 11.14
C GLN E 397 45.53 16.94 9.65
N GLY E 398 44.66 17.61 8.90
CA GLY E 398 44.85 17.72 7.46
C GLY E 398 46.12 18.49 7.11
N TYR E 399 46.35 19.60 7.83
CA TYR E 399 47.54 20.40 7.59
C TYR E 399 48.81 19.57 7.80
N PHE E 400 48.82 18.71 8.82
CA PHE E 400 49.97 17.82 8.98
C PHE E 400 49.98 16.72 7.93
N MET E 401 48.81 16.32 7.43
CA MET E 401 48.76 15.30 6.40
C MET E 401 49.44 15.79 5.12
N LEU E 402 49.40 17.10 4.87
CA LEU E 402 50.14 17.62 3.72
C LEU E 402 51.64 17.42 3.89
N TYR E 403 52.19 17.84 5.02
CA TYR E 403 53.62 17.82 5.28
C TYR E 403 53.96 16.59 6.10
N LYS E 404 54.21 15.48 5.41
CA LYS E 404 54.62 14.24 6.07
C LYS E 404 56.11 14.24 6.32
N ASN E 405 56.50 13.99 7.58
CA ASN E 405 57.90 13.84 7.96
C ASN E 405 58.72 15.09 7.63
N ASP E 406 58.08 16.26 7.69
CA ASP E 406 58.71 17.55 7.38
C ASP E 406 58.28 18.57 8.41
N PRO E 407 58.80 18.48 9.63
CA PRO E 407 58.36 19.42 10.67
C PRO E 407 58.71 20.87 10.38
N MET E 408 59.89 21.12 9.81
CA MET E 408 60.28 22.50 9.52
C MET E 408 59.33 23.15 8.54
N GLY E 409 58.93 22.40 7.51
CA GLY E 409 57.95 22.91 6.58
C GLY E 409 56.59 23.16 7.24
N ALA E 410 56.27 22.37 8.26
CA ALA E 410 55.03 22.59 8.98
C ALA E 410 55.09 23.88 9.78
N VAL E 411 56.23 24.18 10.39
CA VAL E 411 56.35 25.42 11.14
C VAL E 411 56.44 26.62 10.22
N HIS E 412 56.89 26.45 8.98
CA HIS E 412 57.06 27.58 8.09
C HIS E 412 55.78 27.98 7.37
N ASN E 413 54.92 27.03 7.05
CA ASN E 413 53.75 27.26 6.20
C ASN E 413 52.47 27.42 7.02
N ILE E 414 52.56 28.08 8.18
CA ILE E 414 51.39 28.26 9.02
C ILE E 414 50.37 29.18 8.36
N GLU E 415 50.85 30.19 7.62
CA GLU E 415 50.00 31.25 7.10
C GLU E 415 48.94 30.73 6.13
N SER E 416 49.06 29.50 5.65
CA SER E 416 48.06 28.90 4.79
C SER E 416 46.77 28.54 5.51
N LEU E 417 46.67 28.76 6.83
CA LEU E 417 45.46 28.42 7.56
C LEU E 417 44.52 29.61 7.77
N ARG E 418 45.03 30.84 7.69
CA ARG E 418 44.19 32.02 7.89
C ARG E 418 43.13 32.08 6.81
N PRO E 419 41.84 31.84 7.12
CA PRO E 419 40.89 31.78 6.01
C PRO E 419 40.49 33.16 5.49
N ILE F 49 32.41 -36.73 0.46
CA ILE F 49 33.21 -36.37 -0.70
C ILE F 49 33.16 -34.87 -0.92
N THR F 50 34.09 -34.34 -1.70
CA THR F 50 34.24 -32.89 -1.78
C THR F 50 33.03 -32.29 -2.47
N LEU F 51 32.55 -31.15 -1.93
CA LEU F 51 31.33 -30.50 -2.38
C LEU F 51 31.42 -29.02 -2.03
N GLU F 52 31.00 -28.17 -2.96
CA GLU F 52 31.00 -26.72 -2.76
C GLU F 52 29.76 -26.08 -3.35
N VAL F 53 29.24 -25.09 -2.62
CA VAL F 53 27.97 -24.44 -2.89
C VAL F 53 28.16 -22.93 -2.82
N PRO F 54 28.51 -22.25 -3.93
CA PRO F 54 28.77 -20.81 -3.93
C PRO F 54 27.80 -19.90 -3.20
N ALA F 55 26.50 -20.18 -3.29
CA ALA F 55 25.42 -19.47 -2.63
C ALA F 55 25.08 -18.16 -3.30
N ARG F 56 25.67 -17.85 -4.46
CA ARG F 56 25.34 -16.63 -5.20
C ARG F 56 25.60 -15.38 -4.33
N ASP F 57 26.88 -15.11 -4.05
CA ASP F 57 27.27 -13.92 -3.30
C ASP F 57 28.73 -13.57 -3.59
N ARG F 58 28.94 -12.50 -4.37
CA ARG F 58 30.25 -11.90 -4.65
C ARG F 58 31.31 -12.90 -5.14
N SER F 59 30.84 -14.03 -5.64
CA SER F 59 31.73 -15.08 -6.14
C SER F 59 31.22 -15.74 -7.41
N TYR F 60 29.90 -15.75 -7.60
CA TYR F 60 29.17 -16.35 -8.71
C TYR F 60 29.79 -16.02 -10.06
N ALA F 61 30.14 -14.75 -10.25
CA ALA F 61 30.64 -14.28 -11.54
C ALA F 61 31.91 -15.01 -11.95
N TRP F 62 32.86 -15.11 -11.02
CA TRP F 62 34.17 -15.65 -11.37
C TRP F 62 34.06 -17.13 -11.69
N LEU F 63 33.22 -17.85 -10.95
CA LEU F 63 33.08 -19.27 -11.18
C LEU F 63 32.33 -19.53 -12.49
N LEU F 64 31.34 -18.70 -12.81
CA LEU F 64 30.71 -18.82 -14.12
C LEU F 64 31.71 -18.61 -15.24
N SER F 65 32.56 -17.59 -15.10
CA SER F 65 33.57 -17.30 -16.11
C SER F 65 34.47 -18.50 -16.33
N TRP F 66 34.94 -19.11 -15.23
CA TRP F 66 35.83 -20.25 -15.37
C TRP F 66 35.10 -21.45 -15.98
N LEU F 67 33.85 -21.67 -15.57
CA LEU F 67 33.05 -22.77 -16.12
C LEU F 67 32.97 -22.66 -17.64
N THR F 68 32.69 -21.46 -18.12
CA THR F 68 32.62 -21.27 -19.57
C THR F 68 33.97 -21.47 -20.22
N ARG F 69 35.01 -20.87 -19.65
CA ARG F 69 36.29 -20.81 -20.34
C ARG F 69 36.92 -22.18 -20.49
N HIS F 70 36.93 -22.97 -19.41
CA HIS F 70 37.81 -24.14 -19.40
C HIS F 70 37.20 -25.40 -19.99
N SER F 71 35.88 -25.55 -19.95
CA SER F 71 35.30 -26.86 -20.22
C SER F 71 35.36 -27.23 -21.70
N THR F 72 34.62 -26.50 -22.54
CA THR F 72 34.56 -26.66 -23.99
C THR F 72 33.90 -27.96 -24.45
N ARG F 73 33.49 -28.85 -23.55
CA ARG F 73 32.77 -30.07 -23.90
C ARG F 73 31.42 -30.14 -23.21
N THR F 74 30.96 -29.05 -22.63
CA THR F 74 29.78 -29.08 -21.78
C THR F 74 28.52 -29.11 -22.64
N GLN F 75 27.48 -29.69 -22.06
CA GLN F 75 26.14 -29.69 -22.61
C GLN F 75 25.19 -29.15 -21.55
N HIS F 76 23.92 -29.07 -21.90
CA HIS F 76 22.97 -28.23 -21.18
C HIS F 76 23.50 -26.80 -21.10
N LEU F 77 23.79 -26.24 -22.27
CA LEU F 77 24.29 -24.88 -22.39
C LEU F 77 23.12 -23.89 -22.27
N SER F 78 23.40 -22.62 -22.54
CA SER F 78 22.36 -21.60 -22.62
C SER F 78 22.78 -20.58 -23.68
N VAL F 79 22.06 -19.47 -23.73
CA VAL F 79 22.31 -18.38 -24.66
C VAL F 79 22.28 -17.09 -23.85
N GLU F 80 23.42 -16.42 -23.75
CA GLU F 80 23.51 -15.08 -23.18
C GLU F 80 23.96 -14.15 -24.29
N THR F 81 23.03 -13.34 -24.77
CA THR F 81 23.27 -12.42 -25.88
C THR F 81 23.55 -11.04 -25.31
N SER F 82 24.60 -10.40 -25.80
CA SER F 82 25.05 -9.14 -25.25
C SER F 82 25.75 -8.36 -26.36
N TYR F 83 26.18 -7.15 -26.04
CA TYR F 83 26.97 -6.34 -26.95
C TYR F 83 28.45 -6.58 -26.72
N LEU F 84 29.22 -6.39 -27.78
CA LEU F 84 30.67 -6.43 -27.73
C LEU F 84 31.18 -5.18 -28.44
N GLN F 85 32.11 -4.51 -27.79
CA GLN F 85 32.63 -3.22 -28.25
C GLN F 85 33.97 -3.47 -28.92
N HIS F 86 33.91 -3.79 -30.20
CA HIS F 86 35.12 -3.96 -31.00
C HIS F 86 35.90 -2.66 -31.05
N GLU F 87 37.10 -2.74 -31.61
CA GLU F 87 37.82 -1.52 -31.99
C GLU F 87 36.97 -0.72 -32.96
N SER F 88 37.25 0.59 -33.03
CA SER F 88 36.62 1.51 -33.97
C SER F 88 35.15 1.76 -33.67
N GLY F 89 34.64 1.36 -32.51
CA GLY F 89 33.30 1.69 -32.10
C GLY F 89 32.20 0.86 -32.73
N ARG F 90 32.51 0.06 -33.75
CA ARG F 90 31.49 -0.73 -34.42
C ARG F 90 31.08 -1.90 -33.55
N ILE F 91 30.10 -1.69 -32.66
CA ILE F 91 29.68 -2.75 -31.76
C ILE F 91 29.02 -3.88 -32.55
N SER F 92 28.92 -5.03 -31.91
CA SER F 92 28.26 -6.17 -32.53
C SER F 92 27.78 -7.12 -31.45
N THR F 93 26.67 -7.80 -31.71
CA THR F 93 26.15 -8.69 -30.70
C THR F 93 26.99 -9.96 -30.64
N LYS F 94 26.92 -10.63 -29.48
CA LYS F 94 27.82 -11.71 -29.15
C LYS F 94 27.12 -12.65 -28.19
N PHE F 95 27.47 -13.92 -28.28
CA PHE F 95 26.84 -15.00 -27.52
C PHE F 95 27.85 -15.65 -26.60
N GLU F 96 27.47 -15.78 -25.33
CA GLU F 96 28.19 -16.60 -24.36
C GLU F 96 27.32 -17.77 -23.97
N PHE F 97 27.88 -18.96 -24.06
CA PHE F 97 27.23 -20.20 -23.67
C PHE F 97 27.55 -20.46 -22.20
N ILE F 98 26.53 -20.35 -21.35
CA ILE F 98 26.70 -20.50 -19.90
C ILE F 98 25.82 -21.65 -19.45
N PRO F 99 26.07 -22.19 -18.24
CA PRO F 99 25.33 -23.38 -17.80
C PRO F 99 23.82 -23.20 -17.73
N SER F 100 23.14 -24.34 -17.64
CA SER F 100 21.72 -24.43 -17.37
C SER F 100 21.48 -25.75 -16.64
N PRO F 101 20.36 -25.90 -15.92
CA PRO F 101 20.31 -26.91 -14.86
C PRO F 101 20.40 -28.32 -15.42
N GLY F 102 20.69 -29.25 -14.53
CA GLY F 102 21.14 -30.57 -14.90
C GLY F 102 22.62 -30.73 -14.60
N ASN F 103 23.11 -31.92 -14.91
CA ASN F 103 24.45 -32.31 -14.51
C ASN F 103 25.45 -31.98 -15.62
N HIS F 104 26.50 -31.27 -15.24
CA HIS F 104 27.59 -30.90 -16.13
C HIS F 104 28.83 -31.57 -15.59
N PHE F 105 29.74 -31.99 -16.46
CA PHE F 105 30.94 -32.69 -16.03
C PHE F 105 32.15 -32.01 -16.64
N ILE F 106 33.22 -31.93 -15.87
CA ILE F 106 34.45 -31.29 -16.32
C ILE F 106 35.63 -32.15 -15.89
N TRP F 107 36.57 -32.31 -16.82
CA TRP F 107 37.84 -32.98 -16.57
C TRP F 107 38.89 -31.88 -16.43
N TYR F 108 39.20 -31.54 -15.19
CA TYR F 108 40.35 -30.71 -14.87
C TYR F 108 41.34 -31.58 -14.12
N GLN F 109 42.63 -31.18 -14.19
CA GLN F 109 43.77 -31.98 -13.78
C GLN F 109 43.55 -32.72 -12.46
N GLY F 110 43.93 -33.99 -12.46
CA GLY F 110 43.71 -34.87 -11.33
C GLY F 110 42.53 -35.78 -11.55
N LYS F 111 41.40 -35.47 -10.94
CA LYS F 111 40.21 -36.31 -10.95
C LYS F 111 39.09 -35.66 -11.75
N TRP F 112 38.19 -36.50 -12.26
CA TRP F 112 36.96 -36.01 -12.83
C TRP F 112 36.19 -35.21 -11.78
N ILE F 113 35.44 -34.21 -12.24
CA ILE F 113 34.63 -33.38 -11.36
C ILE F 113 33.25 -33.22 -11.97
N ARG F 114 32.25 -33.24 -11.11
CA ARG F 114 30.85 -33.09 -11.49
C ARG F 114 30.38 -31.74 -10.97
N VAL F 115 30.07 -30.83 -11.88
CA VAL F 115 29.49 -29.55 -11.52
C VAL F 115 28.02 -29.56 -11.94
N GLU F 116 27.27 -28.59 -11.46
CA GLU F 116 25.83 -28.67 -11.60
C GLU F 116 25.23 -27.34 -11.17
N ARG F 117 24.06 -27.02 -11.72
CA ARG F 117 23.24 -25.94 -11.24
C ARG F 117 21.94 -26.51 -10.67
N ASN F 118 21.57 -26.02 -9.49
CA ASN F 118 20.37 -26.48 -8.78
C ASN F 118 19.50 -25.25 -8.60
N ARG F 119 18.75 -24.93 -9.65
CA ARG F 119 17.86 -23.78 -9.67
C ARG F 119 16.43 -24.30 -9.54
N ASP F 120 16.04 -24.63 -8.31
CA ASP F 120 14.65 -24.97 -7.99
C ASP F 120 13.99 -23.66 -7.61
N MET F 121 13.50 -22.95 -8.62
CA MET F 121 13.23 -21.53 -8.48
C MET F 121 12.04 -21.24 -7.58
N GLN F 122 12.30 -21.01 -6.30
CA GLN F 122 11.37 -20.37 -5.38
C GLN F 122 12.05 -19.12 -4.85
N MET F 123 11.53 -17.95 -5.22
CA MET F 123 12.28 -16.71 -5.21
C MET F 123 11.43 -15.57 -4.69
N VAL F 124 10.68 -15.80 -3.61
CA VAL F 124 9.79 -14.76 -3.11
C VAL F 124 10.63 -13.85 -2.21
N ASP F 125 11.36 -12.93 -2.84
CA ASP F 125 12.33 -12.10 -2.14
C ASP F 125 12.93 -11.09 -3.12
N LEU F 126 13.53 -10.04 -2.55
CA LEU F 126 14.39 -9.12 -3.27
C LEU F 126 15.87 -9.45 -3.08
N GLN F 127 16.20 -10.48 -2.29
CA GLN F 127 17.60 -10.83 -2.06
C GLN F 127 18.29 -11.18 -3.36
N THR F 128 17.53 -11.67 -4.34
CA THR F 128 18.04 -11.90 -5.68
C THR F 128 17.10 -11.28 -6.74
N GLY F 129 15.80 -11.28 -6.47
CA GLY F 129 14.81 -10.74 -7.40
C GLY F 129 14.80 -11.47 -8.73
N THR F 130 15.06 -12.76 -8.70
CA THR F 130 15.32 -13.64 -9.82
C THR F 130 15.37 -15.00 -9.14
N PRO F 131 15.57 -16.11 -9.84
CA PRO F 131 15.75 -17.36 -9.09
C PRO F 131 17.03 -17.34 -8.25
N TRP F 132 17.04 -18.19 -7.21
CA TRP F 132 18.11 -18.14 -6.21
C TRP F 132 19.47 -18.41 -6.84
N GLU F 133 19.50 -19.23 -7.89
CA GLU F 133 20.70 -19.45 -8.70
C GLU F 133 21.87 -19.97 -7.86
N SER F 134 21.66 -21.15 -7.29
CA SER F 134 22.77 -21.85 -6.67
C SER F 134 23.67 -22.44 -7.75
N VAL F 135 24.82 -22.96 -7.31
CA VAL F 135 25.73 -23.71 -8.15
C VAL F 135 26.35 -24.77 -7.24
N THR F 136 26.86 -25.83 -7.85
CA THR F 136 27.41 -26.96 -7.12
C THR F 136 28.63 -27.49 -7.84
N PHE F 137 29.70 -27.68 -7.08
CA PHE F 137 30.87 -28.44 -7.50
C PHE F 137 30.95 -29.68 -6.62
N THR F 138 31.40 -30.80 -7.18
CA THR F 138 31.62 -31.96 -6.33
C THR F 138 32.58 -32.94 -7.01
N ALA F 139 33.21 -33.76 -6.17
CA ALA F 139 34.21 -34.70 -6.67
C ALA F 139 34.48 -35.78 -5.64
N LEU F 140 34.83 -36.96 -6.16
CA LEU F 140 35.07 -38.18 -5.38
C LEU F 140 36.47 -38.18 -4.76
N GLY F 141 36.69 -37.19 -3.89
CA GLY F 141 37.89 -37.13 -3.09
C GLY F 141 37.57 -36.60 -1.70
N THR F 142 38.60 -36.56 -0.87
CA THR F 142 38.46 -35.98 0.47
C THR F 142 39.67 -35.09 0.82
N ASP F 143 40.43 -34.64 -0.18
CA ASP F 143 41.50 -33.67 -0.01
C ASP F 143 41.02 -32.39 -0.69
N ARG F 144 40.59 -31.42 0.12
CA ARG F 144 39.91 -30.23 -0.37
C ARG F 144 40.88 -29.09 -0.72
N LYS F 145 42.13 -29.42 -1.03
CA LYS F 145 43.08 -28.41 -1.47
C LYS F 145 42.86 -28.05 -2.93
N VAL F 146 42.51 -29.04 -3.74
CA VAL F 146 42.40 -28.81 -5.18
C VAL F 146 41.21 -27.91 -5.48
N PHE F 147 40.14 -28.02 -4.71
CA PHE F 147 38.99 -27.15 -4.96
C PHE F 147 39.35 -25.69 -4.70
N PHE F 148 40.02 -25.43 -3.58
CA PHE F 148 40.58 -24.12 -3.29
C PHE F 148 41.47 -23.64 -4.43
N ASN F 149 42.25 -24.57 -5.01
CA ASN F 149 43.13 -24.20 -6.12
C ASN F 149 42.34 -23.78 -7.34
N ILE F 150 41.28 -24.52 -7.70
CA ILE F 150 40.53 -24.18 -8.91
C ILE F 150 39.84 -22.84 -8.73
N LEU F 151 39.34 -22.58 -7.52
CA LEU F 151 38.66 -21.32 -7.30
C LEU F 151 39.65 -20.16 -7.39
N GLU F 152 40.84 -20.32 -6.83
CA GLU F 152 41.83 -19.25 -6.95
C GLU F 152 42.23 -19.04 -8.40
N GLU F 153 42.28 -20.11 -9.19
CA GLU F 153 42.57 -19.96 -10.61
C GLU F 153 41.46 -19.18 -11.30
N ALA F 154 40.21 -19.42 -10.91
CA ALA F 154 39.10 -18.66 -11.46
C ALA F 154 39.24 -17.18 -11.13
N ARG F 155 39.59 -16.86 -9.89
CA ARG F 155 39.85 -15.48 -9.51
C ARG F 155 40.94 -14.86 -10.38
N ALA F 156 42.02 -15.61 -10.61
CA ALA F 156 43.13 -15.10 -11.40
C ALA F 156 42.68 -14.77 -12.83
N LEU F 157 42.00 -15.72 -13.47
CA LEU F 157 41.52 -15.47 -14.83
C LEU F 157 40.56 -14.29 -14.88
N ALA F 158 39.69 -14.18 -13.86
CA ALA F 158 38.72 -13.09 -13.85
C ALA F 158 39.41 -11.75 -13.76
N LEU F 159 40.36 -11.62 -12.84
CA LEU F 159 41.10 -10.37 -12.70
C LEU F 159 42.01 -10.11 -13.89
N GLN F 160 42.36 -11.13 -14.66
CA GLN F 160 43.21 -10.95 -15.84
C GLN F 160 42.43 -10.63 -17.10
N GLN F 161 41.13 -10.91 -17.15
CA GLN F 161 40.35 -10.58 -18.34
C GLN F 161 40.34 -9.09 -18.63
N GLU F 162 40.37 -8.26 -17.59
CA GLU F 162 40.34 -6.81 -17.72
C GLU F 162 41.76 -6.28 -17.58
N GLU F 163 42.46 -6.19 -18.70
CA GLU F 163 43.88 -5.87 -18.73
C GLU F 163 44.17 -4.41 -19.05
N GLY F 164 43.45 -3.82 -20.00
CA GLY F 164 43.67 -2.46 -20.43
C GLY F 164 42.37 -1.69 -20.49
N LYS F 165 41.48 -1.99 -19.54
CA LYS F 165 40.13 -1.48 -19.56
C LYS F 165 39.74 -1.07 -18.14
N THR F 166 38.49 -0.60 -18.00
CA THR F 166 38.01 -0.03 -16.76
C THR F 166 36.63 -0.61 -16.46
N VAL F 167 36.53 -1.32 -15.36
CA VAL F 167 35.26 -1.88 -14.91
C VAL F 167 34.42 -0.78 -14.28
N MET F 168 33.11 -0.95 -14.36
CA MET F 168 32.15 -0.13 -13.63
C MET F 168 31.22 -1.07 -12.89
N TYR F 169 31.15 -0.92 -11.59
CA TYR F 169 30.24 -1.68 -10.76
C TYR F 169 28.98 -0.85 -10.51
N THR F 170 28.02 -1.48 -9.86
CA THR F 170 26.79 -0.80 -9.51
C THR F 170 26.14 -1.55 -8.36
N ALA F 171 25.14 -0.90 -7.77
CA ALA F 171 24.50 -1.37 -6.56
C ALA F 171 23.27 -2.18 -6.92
N VAL F 172 23.31 -3.48 -6.65
CA VAL F 172 22.16 -4.36 -6.76
C VAL F 172 21.77 -4.73 -5.34
N GLY F 173 20.66 -4.16 -4.88
CA GLY F 173 20.25 -4.37 -3.51
C GLY F 173 21.27 -3.81 -2.56
N SER F 174 22.02 -4.71 -1.92
CA SER F 174 23.08 -4.36 -0.99
C SER F 174 24.36 -5.10 -1.34
N GLU F 175 24.59 -5.30 -2.64
CA GLU F 175 25.84 -5.89 -3.11
C GLU F 175 26.28 -5.15 -4.37
N TRP F 176 27.54 -5.34 -4.72
CA TRP F 176 28.14 -4.72 -5.90
C TRP F 176 28.20 -5.74 -7.02
N ARG F 177 27.66 -5.37 -8.17
CA ARG F 177 27.66 -6.21 -9.35
C ARG F 177 28.31 -5.49 -10.52
N THR F 178 28.90 -6.28 -11.40
CA THR F 178 29.36 -5.76 -12.68
C THR F 178 28.18 -5.14 -13.43
N PHE F 179 28.49 -4.15 -14.25
CA PHE F 179 27.48 -3.35 -14.95
C PHE F 179 27.91 -3.20 -16.40
N GLY F 180 27.28 -3.97 -17.28
CA GLY F 180 27.59 -3.90 -18.68
C GLY F 180 28.83 -4.70 -19.05
N TYR F 181 29.85 -3.99 -19.50
CA TYR F 181 31.07 -4.62 -19.98
C TYR F 181 32.21 -3.65 -19.77
N PRO F 182 33.46 -4.12 -19.90
CA PRO F 182 34.59 -3.21 -19.72
C PRO F 182 34.61 -2.10 -20.76
N ARG F 183 34.84 -0.88 -20.29
CA ARG F 183 34.95 0.30 -21.13
C ARG F 183 36.38 0.47 -21.60
N ARG F 184 36.60 1.47 -22.46
CA ARG F 184 37.92 1.81 -22.95
C ARG F 184 38.54 2.88 -22.06
N ARG F 185 39.80 2.68 -21.70
CA ARG F 185 40.49 3.58 -20.79
C ARG F 185 40.74 4.91 -21.49
N ARG F 186 40.02 5.93 -21.08
CA ARG F 186 40.25 7.26 -21.59
C ARG F 186 41.63 7.72 -21.17
N PRO F 187 42.53 8.09 -22.09
CA PRO F 187 43.84 8.55 -21.66
C PRO F 187 43.77 9.84 -20.86
N LEU F 188 44.75 9.99 -19.96
CA LEU F 188 44.79 11.14 -19.07
C LEU F 188 45.39 12.37 -19.73
N ASP F 189 46.12 12.20 -20.82
CA ASP F 189 46.65 13.34 -21.56
C ASP F 189 45.60 14.03 -22.42
N SER F 190 44.39 13.49 -22.51
CA SER F 190 43.31 14.07 -23.31
C SER F 190 42.25 14.75 -22.44
N VAL F 191 42.61 15.15 -21.23
CA VAL F 191 41.72 15.88 -20.34
C VAL F 191 42.53 17.04 -19.80
N VAL F 192 42.41 18.20 -20.43
CA VAL F 192 43.27 19.34 -20.16
C VAL F 192 42.60 20.20 -19.09
N LEU F 193 43.15 20.16 -17.88
CA LEU F 193 42.70 20.96 -16.77
C LEU F 193 43.67 22.12 -16.58
N GLN F 194 43.42 22.91 -15.53
CA GLN F 194 44.25 24.08 -15.26
C GLN F 194 45.70 23.67 -15.05
N GLN F 195 46.57 24.67 -15.11
CA GLN F 195 48.00 24.43 -15.06
C GLN F 195 48.38 23.94 -13.66
N GLY F 196 48.67 22.66 -13.55
CA GLY F 196 49.04 22.07 -12.28
C GLY F 196 47.85 21.82 -11.37
N LEU F 197 46.91 21.02 -11.84
CA LEU F 197 45.80 20.54 -11.04
C LEU F 197 45.64 19.03 -11.12
N ALA F 198 45.88 18.44 -12.29
CA ALA F 198 45.82 17.00 -12.41
C ALA F 198 47.03 16.35 -11.76
N ASP F 199 48.20 16.97 -11.91
CA ASP F 199 49.41 16.47 -11.28
C ASP F 199 49.27 16.47 -9.77
N ARG F 200 48.69 17.53 -9.21
CA ARG F 200 48.51 17.63 -7.77
C ARG F 200 47.64 16.51 -7.24
N ILE F 201 46.47 16.31 -7.86
CA ILE F 201 45.53 15.30 -7.39
C ILE F 201 46.13 13.91 -7.54
N VAL F 202 46.75 13.64 -8.70
CA VAL F 202 47.32 12.33 -8.96
C VAL F 202 48.45 12.04 -7.96
N LYS F 203 49.27 13.04 -7.67
CA LYS F 203 50.36 12.85 -6.74
C LYS F 203 49.85 12.60 -5.33
N ASP F 204 48.83 13.35 -4.91
CA ASP F 204 48.27 13.15 -3.58
C ASP F 204 47.68 11.75 -3.43
N ILE F 205 46.94 11.29 -4.44
CA ILE F 205 46.30 9.98 -4.31
C ILE F 205 47.33 8.87 -4.37
N ARG F 206 48.38 9.04 -5.18
CA ARG F 206 49.45 8.04 -5.20
C ARG F 206 50.17 7.99 -3.86
N GLU F 207 50.46 9.15 -3.28
CA GLU F 207 51.09 9.19 -1.96
C GLU F 207 50.22 8.53 -0.92
N PHE F 208 48.90 8.71 -1.04
CA PHE F 208 47.98 8.04 -0.13
C PHE F 208 48.06 6.53 -0.26
N ILE F 209 48.12 6.03 -1.49
CA ILE F 209 48.08 4.58 -1.68
C ILE F 209 49.40 3.92 -1.28
N ASP F 210 50.52 4.65 -1.34
CA ASP F 210 51.84 4.09 -1.09
C ASP F 210 52.43 4.56 0.23
N ASN F 211 51.59 4.80 1.23
CA ASN F 211 52.04 5.04 2.60
C ASN F 211 50.93 4.62 3.56
N PRO F 212 50.69 3.32 3.69
CA PRO F 212 49.66 2.85 4.62
C PRO F 212 50.16 2.68 6.03
N LYS F 213 51.48 2.53 6.19
CA LYS F 213 52.04 2.33 7.52
C LYS F 213 52.10 3.61 8.32
N TRP F 214 52.27 4.75 7.66
CA TRP F 214 52.26 6.03 8.35
C TRP F 214 50.91 6.37 8.92
N TYR F 215 49.84 5.77 8.40
CA TYR F 215 48.50 6.00 8.92
C TYR F 215 48.16 5.11 10.09
N ILE F 216 48.80 3.94 10.18
CA ILE F 216 48.52 2.97 11.23
C ILE F 216 49.35 3.25 12.48
N ASP F 217 50.60 3.67 12.31
CA ASP F 217 51.47 3.95 13.45
C ASP F 217 51.11 5.24 14.18
N ARG F 218 50.03 5.92 13.78
CA ARG F 218 49.52 7.10 14.48
C ARG F 218 48.03 7.01 14.75
N GLY F 219 47.39 5.87 14.45
CA GLY F 219 46.02 5.64 14.81
C GLY F 219 44.98 6.28 13.93
N ILE F 220 45.39 7.00 12.89
CA ILE F 220 44.45 7.69 12.01
C ILE F 220 43.70 6.63 11.22
N PRO F 221 42.45 6.86 10.81
CA PRO F 221 41.79 5.93 9.90
C PRO F 221 42.33 6.07 8.49
N TYR F 222 42.44 4.92 7.81
CA TYR F 222 43.01 4.87 6.47
C TYR F 222 41.91 5.12 5.44
N ARG F 223 41.44 6.36 5.44
CA ARG F 223 40.42 6.82 4.51
C ARG F 223 40.87 8.14 3.89
N ARG F 224 40.20 8.49 2.80
CA ARG F 224 40.42 9.77 2.16
C ARG F 224 39.23 10.06 1.27
N GLY F 225 39.05 11.33 0.98
CA GLY F 225 37.94 11.79 0.16
C GLY F 225 38.31 13.04 -0.58
N TYR F 226 37.71 13.22 -1.74
CA TYR F 226 37.96 14.36 -2.61
C TYR F 226 36.64 14.96 -3.04
N LEU F 227 36.70 16.22 -3.45
CA LEU F 227 35.55 16.98 -3.87
C LEU F 227 35.95 17.87 -5.03
N LEU F 228 35.38 17.62 -6.19
CA LEU F 228 35.53 18.48 -7.35
C LEU F 228 34.25 19.27 -7.53
N TYR F 229 34.40 20.58 -7.74
CA TYR F 229 33.25 21.45 -7.93
C TYR F 229 33.57 22.51 -8.96
N GLY F 230 32.52 23.08 -9.53
CA GLY F 230 32.65 24.08 -10.55
C GLY F 230 31.45 24.17 -11.45
N PRO F 231 31.52 25.02 -12.46
CA PRO F 231 30.39 25.21 -13.35
C PRO F 231 30.12 23.97 -14.19
N PRO F 232 29.06 23.98 -15.00
CA PRO F 232 28.78 22.83 -15.86
C PRO F 232 29.66 22.82 -17.11
N GLY F 233 30.27 21.67 -17.37
CA GLY F 233 30.96 21.44 -18.61
C GLY F 233 32.43 21.80 -18.55
N CYS F 234 33.09 21.47 -17.45
CA CYS F 234 34.44 21.95 -17.17
C CYS F 234 35.45 20.86 -16.88
N GLY F 235 35.02 19.61 -16.71
CA GLY F 235 35.95 18.48 -16.69
C GLY F 235 35.95 17.58 -15.48
N LYS F 236 34.83 17.49 -14.76
CA LYS F 236 34.81 16.70 -13.53
C LYS F 236 34.75 15.20 -13.81
N SER F 237 33.66 14.74 -14.42
CA SER F 237 33.45 13.31 -14.61
C SER F 237 34.50 12.72 -15.53
N SER F 238 34.90 13.47 -16.55
CA SER F 238 35.94 13.00 -17.46
C SER F 238 37.26 12.81 -16.72
N PHE F 239 37.60 13.76 -15.85
CA PHE F 239 38.82 13.63 -15.07
C PHE F 239 38.75 12.44 -14.13
N ILE F 240 37.56 12.17 -13.57
CA ILE F 240 37.42 11.02 -12.69
C ILE F 240 37.66 9.74 -13.48
N THR F 241 37.10 9.65 -14.68
CA THR F 241 37.32 8.47 -15.52
C THR F 241 38.79 8.28 -15.86
N ALA F 242 39.45 9.37 -16.27
CA ALA F 242 40.86 9.30 -16.61
C ALA F 242 41.70 8.89 -15.42
N LEU F 243 41.41 9.47 -14.26
CA LEU F 243 42.16 9.13 -13.04
C LEU F 243 41.98 7.68 -12.67
N ALA F 244 40.77 7.16 -12.81
CA ALA F 244 40.54 5.75 -12.53
C ALA F 244 41.29 4.87 -13.53
N GLY F 245 41.44 5.35 -14.76
CA GLY F 245 42.20 4.59 -15.73
C GLY F 245 43.70 4.66 -15.58
N GLU F 246 44.20 5.71 -14.91
CA GLU F 246 45.63 5.87 -14.74
C GLU F 246 46.17 5.05 -13.57
N LEU F 247 45.36 4.86 -12.53
CA LEU F 247 45.77 4.14 -11.33
C LEU F 247 45.41 2.67 -11.36
N GLU F 248 45.00 2.13 -12.50
CA GLU F 248 44.55 0.76 -12.65
C GLU F 248 43.39 0.43 -11.73
N HIS F 249 42.63 1.44 -11.31
CA HIS F 249 41.53 1.26 -10.39
C HIS F 249 40.25 0.98 -11.16
N SER F 250 39.18 0.71 -10.42
CA SER F 250 37.84 0.57 -10.94
C SER F 250 36.98 1.70 -10.39
N ILE F 251 35.69 1.64 -10.70
CA ILE F 251 34.73 2.65 -10.30
C ILE F 251 33.48 1.94 -9.78
N CYS F 252 32.85 2.55 -8.79
CA CYS F 252 31.66 2.03 -8.16
C CYS F 252 30.67 3.17 -7.99
N LEU F 253 29.65 3.20 -8.83
CA LEU F 253 28.69 4.29 -8.83
C LEU F 253 27.63 4.08 -7.78
N LEU F 254 27.21 5.18 -7.17
CA LEU F 254 26.28 5.14 -6.06
C LEU F 254 25.34 6.34 -6.20
N SER F 255 24.05 6.05 -6.32
CA SER F 255 23.02 7.05 -6.55
C SER F 255 22.21 7.17 -5.25
N LEU F 256 22.47 8.24 -4.51
CA LEU F 256 21.82 8.42 -3.22
C LEU F 256 20.31 8.50 -3.37
N THR F 257 19.84 9.32 -4.30
CA THR F 257 18.41 9.47 -4.55
C THR F 257 17.91 8.23 -5.27
N ASP F 258 17.74 7.15 -4.50
CA ASP F 258 17.27 5.88 -5.01
C ASP F 258 16.34 5.25 -3.98
N SER F 259 15.33 4.56 -4.48
CA SER F 259 14.19 4.16 -3.67
C SER F 259 14.50 3.06 -2.67
N SER F 260 15.65 2.39 -2.78
CA SER F 260 15.98 1.22 -1.98
C SER F 260 17.31 1.41 -1.28
N LEU F 261 17.45 2.56 -0.61
CA LEU F 261 18.71 2.95 0.04
C LEU F 261 18.39 3.50 1.42
N SER F 262 18.38 2.61 2.41
CA SER F 262 18.34 3.00 3.80
C SER F 262 19.74 3.31 4.31
N ASP F 263 19.80 3.94 5.48
CA ASP F 263 21.10 4.28 6.05
C ASP F 263 21.89 3.02 6.37
N ASP F 264 21.21 1.96 6.82
CA ASP F 264 21.92 0.73 7.13
C ASP F 264 22.43 0.04 5.88
N ARG F 265 21.63 0.04 4.82
CA ARG F 265 22.07 -0.57 3.57
C ARG F 265 23.24 0.19 2.98
N LEU F 266 23.25 1.52 3.12
CA LEU F 266 24.38 2.31 2.67
C LEU F 266 25.62 2.02 3.51
N ASN F 267 25.44 1.89 4.83
CA ASN F 267 26.56 1.57 5.69
C ASN F 267 27.13 0.20 5.39
N HIS F 268 26.29 -0.69 4.85
CA HIS F 268 26.76 -2.01 4.47
C HIS F 268 27.40 -2.04 3.08
N LEU F 269 26.94 -1.18 2.17
CA LEU F 269 27.49 -1.17 0.82
C LEU F 269 28.93 -0.67 0.80
N LEU F 270 29.18 0.48 1.42
CA LEU F 270 30.50 1.06 1.41
C LEU F 270 31.52 0.24 2.20
N SER F 271 31.07 -0.71 3.01
CA SER F 271 31.97 -1.61 3.72
C SER F 271 32.37 -2.82 2.91
N VAL F 272 31.57 -3.18 1.91
CA VAL F 272 31.81 -4.35 1.07
C VAL F 272 32.21 -3.87 -0.32
N ALA F 273 32.82 -2.70 -0.39
CA ALA F 273 33.23 -2.18 -1.68
C ALA F 273 34.39 -3.01 -2.22
N PRO F 274 34.47 -3.21 -3.54
CA PRO F 274 35.57 -4.01 -4.08
C PRO F 274 36.93 -3.43 -3.78
N GLN F 275 37.92 -4.31 -3.78
CA GLN F 275 39.29 -3.91 -3.53
C GLN F 275 39.84 -3.15 -4.71
N GLN F 276 40.59 -2.08 -4.43
CA GLN F 276 41.15 -1.21 -5.46
C GLN F 276 40.05 -0.64 -6.34
N SER F 277 39.20 0.17 -5.71
CA SER F 277 38.05 0.75 -6.37
C SER F 277 37.75 2.12 -5.80
N LEU F 278 37.57 3.09 -6.68
CA LEU F 278 37.04 4.39 -6.30
C LEU F 278 35.53 4.33 -6.18
N VAL F 279 35.00 4.88 -5.12
CA VAL F 279 33.58 5.11 -4.97
C VAL F 279 33.30 6.53 -5.42
N LEU F 280 32.10 6.76 -5.94
CA LEU F 280 31.77 8.02 -6.58
C LEU F 280 30.34 8.43 -6.27
N LEU F 281 30.18 9.67 -5.81
CA LEU F 281 28.88 10.27 -5.51
C LEU F 281 28.69 11.47 -6.42
N GLU F 282 27.82 11.31 -7.40
CA GLU F 282 27.54 12.33 -8.40
C GLU F 282 26.38 13.18 -7.92
N ASP F 283 26.60 14.50 -7.87
CA ASP F 283 25.57 15.46 -7.48
C ASP F 283 25.00 15.12 -6.11
N VAL F 284 25.88 15.23 -5.10
CA VAL F 284 25.49 14.98 -3.72
C VAL F 284 24.69 16.13 -3.12
N ASP F 285 24.65 17.28 -3.79
CA ASP F 285 23.88 18.41 -3.29
C ASP F 285 22.39 18.26 -3.55
N ALA F 286 22.02 17.56 -4.61
CA ALA F 286 20.62 17.38 -4.98
C ALA F 286 19.88 16.42 -4.07
N ALA F 287 20.56 15.78 -3.12
CA ALA F 287 19.90 14.85 -2.20
C ALA F 287 19.36 15.54 -0.96
N PHE F 288 19.97 16.64 -0.54
CA PHE F 288 19.58 17.36 0.67
C PHE F 288 19.51 18.85 0.39
N LEU F 289 18.85 19.55 1.31
CA LEU F 289 18.56 20.97 1.16
C LEU F 289 19.59 21.84 1.85
N ILE F 299 19.91 19.35 5.31
CA ILE F 299 19.47 18.75 6.56
C ILE F 299 18.00 18.37 6.42
N LYS F 300 17.66 17.83 5.25
CA LYS F 300 16.36 17.23 5.00
C LYS F 300 16.41 16.52 3.66
N TYR F 301 15.86 15.31 3.60
CA TYR F 301 15.89 14.53 2.38
C TYR F 301 14.88 15.07 1.37
N GLN F 302 15.24 14.92 0.08
CA GLN F 302 14.38 15.38 -1.02
C GLN F 302 14.24 14.32 -2.10
N GLY F 303 14.56 13.06 -1.81
CA GLY F 303 14.56 12.01 -2.80
C GLY F 303 13.63 10.88 -2.40
N LEU F 304 13.50 9.92 -3.30
CA LEU F 304 12.71 8.74 -3.05
C LEU F 304 13.58 7.73 -2.32
N GLY F 305 13.20 7.38 -1.11
CA GLY F 305 14.00 6.51 -0.28
C GLY F 305 13.80 6.84 1.19
N ARG F 306 14.56 6.13 2.01
CA ARG F 306 14.50 6.25 3.47
C ARG F 306 15.89 6.54 4.02
N LEU F 307 16.58 7.46 3.36
CA LEU F 307 17.92 7.91 3.78
C LEU F 307 17.82 9.25 4.46
N THR F 308 18.65 9.44 5.47
CA THR F 308 18.73 10.67 6.24
C THR F 308 20.12 11.27 6.09
N PHE F 309 20.30 12.43 6.73
CA PHE F 309 21.56 13.15 6.66
C PHE F 309 22.60 12.56 7.59
N SER F 310 22.20 12.32 8.84
CA SER F 310 23.10 11.73 9.81
C SER F 310 23.58 10.35 9.37
N GLY F 311 22.72 9.59 8.70
CA GLY F 311 23.13 8.30 8.20
C GLY F 311 24.27 8.39 7.21
N LEU F 312 24.18 9.35 6.29
CA LEU F 312 25.24 9.55 5.31
C LEU F 312 26.52 10.03 6.00
N LEU F 313 26.39 11.03 6.87
CA LEU F 313 27.56 11.58 7.53
C LEU F 313 28.27 10.55 8.39
N ASN F 314 27.53 9.61 8.97
CA ASN F 314 28.11 8.57 9.80
C ASN F 314 28.56 7.37 9.00
N ALA F 315 28.07 7.20 7.78
CA ALA F 315 28.57 6.15 6.90
C ALA F 315 29.89 6.54 6.27
N LEU F 316 30.04 7.81 5.87
CA LEU F 316 31.29 8.24 5.27
C LEU F 316 32.43 8.17 6.27
N ASP F 317 32.31 8.92 7.37
CA ASP F 317 33.25 8.88 8.48
C ASP F 317 32.41 8.80 9.74
N GLY F 318 32.45 7.66 10.38
CA GLY F 318 31.78 7.50 11.64
C GLY F 318 32.59 6.62 12.56
N VAL F 319 31.91 5.65 13.14
CA VAL F 319 32.49 4.77 14.13
C VAL F 319 32.68 3.38 13.55
N ALA F 320 31.87 3.02 12.56
CA ALA F 320 31.92 1.73 11.89
C ALA F 320 32.19 1.89 10.40
N SER F 321 33.11 2.77 10.06
CA SER F 321 33.53 2.97 8.68
C SER F 321 34.76 2.15 8.39
N THR F 322 34.85 1.69 7.15
CA THR F 322 35.84 0.73 6.71
C THR F 322 37.11 1.44 6.25
N GLU F 323 38.21 0.69 6.22
CA GLU F 323 39.52 1.17 5.85
C GLU F 323 39.81 0.93 4.37
N ALA F 324 40.83 1.65 3.88
CA ALA F 324 41.29 1.53 2.50
C ALA F 324 40.16 1.82 1.53
N ARG F 325 39.68 3.06 1.59
CA ARG F 325 38.53 3.50 0.82
C ARG F 325 38.79 4.90 0.30
N ILE F 326 38.45 5.12 -0.97
CA ILE F 326 38.63 6.39 -1.63
C ILE F 326 37.29 6.78 -2.24
N VAL F 327 36.79 7.94 -1.84
CA VAL F 327 35.50 8.45 -2.25
C VAL F 327 35.71 9.75 -3.01
N PHE F 328 34.99 9.90 -4.11
CA PHE F 328 34.92 11.13 -4.88
C PHE F 328 33.51 11.67 -4.80
N MET F 329 33.40 12.98 -4.76
CA MET F 329 32.12 13.67 -4.84
C MET F 329 32.20 14.70 -5.96
N THR F 330 31.07 14.94 -6.60
CA THR F 330 31.00 15.99 -7.61
C THR F 330 29.73 16.80 -7.44
N THR F 331 29.87 18.12 -7.43
CA THR F 331 28.76 19.04 -7.31
C THR F 331 29.01 20.25 -8.20
N ASN F 332 27.91 20.87 -8.64
CA ASN F 332 28.00 22.12 -9.38
C ASN F 332 27.94 23.33 -8.46
N TYR F 333 27.07 23.29 -7.47
CA TYR F 333 26.90 24.35 -6.49
C TYR F 333 27.46 23.88 -5.15
N ILE F 334 28.45 24.62 -4.62
CA ILE F 334 29.10 24.26 -3.36
C ILE F 334 28.50 25.00 -2.18
N ASP F 335 27.70 26.04 -2.41
CA ASP F 335 27.10 26.78 -1.31
C ASP F 335 25.95 26.05 -0.67
N ARG F 336 25.35 25.07 -1.35
CA ARG F 336 24.24 24.30 -0.84
C ARG F 336 24.68 23.06 -0.07
N LEU F 337 25.97 22.91 0.19
CA LEU F 337 26.49 21.77 0.93
C LEU F 337 26.71 22.16 2.37
N ASP F 338 26.25 21.32 3.27
CA ASP F 338 26.35 21.62 4.68
C ASP F 338 27.81 21.52 5.11
N PRO F 339 28.33 22.48 5.89
CA PRO F 339 29.75 22.40 6.28
C PRO F 339 30.13 21.18 7.09
N ALA F 340 29.16 20.41 7.58
CA ALA F 340 29.47 19.16 8.26
C ALA F 340 29.68 17.99 7.32
N LEU F 341 29.67 18.22 6.01
CA LEU F 341 29.91 17.18 5.01
C LEU F 341 31.14 17.41 4.17
N ILE F 342 31.68 18.63 4.15
CA ILE F 342 32.88 18.96 3.40
C ILE F 342 34.00 19.44 4.33
N ARG F 343 33.93 19.10 5.61
CA ARG F 343 35.01 19.43 6.53
C ARG F 343 36.08 18.35 6.48
N PRO F 344 37.28 18.64 6.99
CA PRO F 344 38.37 17.66 6.88
C PRO F 344 38.12 16.40 7.70
N GLY F 345 38.47 15.27 7.11
CA GLY F 345 38.16 13.96 7.66
C GLY F 345 37.30 13.16 6.71
N ARG F 346 36.31 13.83 6.11
CA ARG F 346 35.48 13.26 5.07
C ARG F 346 35.91 13.69 3.69
N VAL F 347 36.41 14.92 3.56
CA VAL F 347 36.78 15.53 2.30
C VAL F 347 38.05 16.32 2.54
N ASP F 348 39.18 15.78 2.08
CA ASP F 348 40.49 16.30 2.39
C ASP F 348 41.08 17.15 1.29
N LEU F 349 40.38 17.32 0.17
CA LEU F 349 40.93 18.12 -0.92
C LEU F 349 39.78 18.62 -1.79
N LYS F 350 39.51 19.92 -1.72
CA LYS F 350 38.54 20.58 -2.58
C LYS F 350 39.27 21.28 -3.71
N GLU F 351 38.81 21.03 -4.94
CA GLU F 351 39.40 21.64 -6.12
C GLU F 351 38.31 22.19 -7.02
N TYR F 352 38.64 23.28 -7.71
CA TYR F 352 37.71 24.04 -8.53
C TYR F 352 38.13 23.88 -9.99
N VAL F 353 37.36 23.08 -10.72
CA VAL F 353 37.57 22.90 -12.16
C VAL F 353 36.65 23.88 -12.88
N GLY F 354 37.24 24.97 -13.37
CA GLY F 354 36.50 26.13 -13.79
C GLY F 354 36.56 26.37 -15.28
N TYR F 355 36.18 27.58 -15.67
CA TYR F 355 36.17 27.97 -17.06
C TYR F 355 37.60 27.98 -17.62
N CYS F 356 37.68 28.09 -18.93
CA CYS F 356 38.96 27.99 -19.61
C CYS F 356 39.80 29.24 -19.39
N SER F 357 41.08 29.09 -19.68
CA SER F 357 42.03 30.19 -19.66
C SER F 357 42.90 30.07 -20.91
N HIS F 358 43.93 30.91 -20.98
CA HIS F 358 44.82 30.93 -22.14
C HIS F 358 45.48 29.57 -22.37
N TRP F 359 46.10 29.03 -21.32
CA TRP F 359 46.90 27.81 -21.45
C TRP F 359 46.02 26.62 -21.82
N GLN F 360 44.82 26.55 -21.24
CA GLN F 360 43.91 25.45 -21.56
C GLN F 360 43.55 25.44 -23.03
N LEU F 361 43.19 26.61 -23.58
CA LEU F 361 42.81 26.68 -24.97
C LEU F 361 43.97 26.33 -25.89
N THR F 362 45.17 26.83 -25.55
CA THR F 362 46.35 26.47 -26.31
C THR F 362 46.55 24.95 -26.35
N GLN F 363 46.46 24.31 -25.19
CA GLN F 363 46.70 22.86 -25.15
C GLN F 363 45.60 22.09 -25.87
N MET F 364 44.36 22.55 -25.78
CA MET F 364 43.27 21.87 -26.49
C MET F 364 43.48 21.97 -27.99
N PHE F 365 43.86 23.15 -28.48
CA PHE F 365 44.17 23.31 -29.89
C PHE F 365 45.28 22.37 -30.32
N GLN F 366 46.32 22.24 -29.49
CA GLN F 366 47.40 21.33 -29.86
C GLN F 366 46.95 19.87 -29.82
N ARG F 367 45.97 19.54 -28.99
CA ARG F 367 45.48 18.16 -28.95
C ARG F 367 44.68 17.83 -30.20
N PHE F 368 43.81 18.74 -30.63
CA PHE F 368 42.89 18.40 -31.71
C PHE F 368 43.57 18.38 -33.07
N TYR F 369 44.44 19.35 -33.33
CA TYR F 369 45.12 19.48 -34.61
C TYR F 369 46.62 19.21 -34.44
N PRO F 370 47.04 17.95 -34.35
CA PRO F 370 48.46 17.66 -34.15
C PRO F 370 49.25 17.85 -35.43
N GLY F 371 50.30 18.67 -35.34
CA GLY F 371 51.21 18.89 -36.46
C GLY F 371 51.16 20.31 -36.99
N GLN F 372 50.87 21.26 -36.11
CA GLN F 372 50.79 22.67 -36.46
C GLN F 372 51.83 23.45 -35.66
N ALA F 373 52.14 24.64 -36.14
CA ALA F 373 53.09 25.47 -35.44
C ALA F 373 52.42 26.09 -34.21
N PRO F 374 53.16 26.33 -33.11
CA PRO F 374 52.53 26.92 -31.92
C PRO F 374 51.96 28.30 -32.14
N SER F 375 52.44 29.04 -33.16
CA SER F 375 51.92 30.36 -33.44
C SER F 375 50.41 30.32 -33.71
N LEU F 376 49.97 29.31 -34.45
CA LEU F 376 48.56 29.20 -34.80
C LEU F 376 47.71 28.96 -33.55
N ALA F 377 48.18 28.08 -32.67
CA ALA F 377 47.46 27.81 -31.44
C ALA F 377 47.38 29.06 -30.57
N GLU F 378 48.47 29.82 -30.48
CA GLU F 378 48.44 31.06 -29.71
C GLU F 378 47.45 32.05 -30.31
N ASN F 379 47.42 32.15 -31.64
CA ASN F 379 46.45 33.02 -32.30
C ASN F 379 45.03 32.62 -31.94
N PHE F 380 44.74 31.32 -32.00
CA PHE F 380 43.40 30.85 -31.66
C PHE F 380 43.03 31.21 -30.24
N ALA F 381 43.92 30.91 -29.30
CA ALA F 381 43.64 31.17 -27.89
C ALA F 381 43.38 32.65 -27.64
N GLU F 382 44.22 33.51 -28.22
CA GLU F 382 44.07 34.95 -28.03
C GLU F 382 42.73 35.42 -28.59
N HIS F 383 42.40 34.99 -29.81
CA HIS F 383 41.16 35.46 -30.43
C HIS F 383 39.95 35.00 -29.63
N VAL F 384 39.93 33.74 -29.18
CA VAL F 384 38.76 33.25 -28.47
C VAL F 384 38.62 33.96 -27.13
N LEU F 385 39.72 34.10 -26.39
CA LEU F 385 39.61 34.73 -25.09
C LEU F 385 39.33 36.22 -25.19
N LYS F 386 39.61 36.84 -26.35
CA LYS F 386 39.19 38.21 -26.57
C LYS F 386 37.71 38.30 -26.91
N ALA F 387 37.21 37.35 -27.69
CA ALA F 387 35.82 37.36 -28.14
C ALA F 387 34.84 37.33 -26.98
N THR F 388 34.84 36.25 -26.22
CA THR F 388 33.90 36.03 -25.13
C THR F 388 34.66 35.93 -23.82
N SER F 389 33.99 36.33 -22.73
CA SER F 389 34.64 36.40 -21.44
C SER F 389 34.92 35.01 -20.89
N GLU F 390 33.87 34.22 -20.67
CA GLU F 390 33.97 32.89 -20.11
C GLU F 390 33.44 31.88 -21.12
N ILE F 391 34.24 30.85 -21.37
CA ILE F 391 33.90 29.79 -22.32
C ILE F 391 34.39 28.48 -21.73
N SER F 392 33.50 27.51 -21.66
CA SER F 392 33.85 26.22 -21.09
C SER F 392 34.54 25.35 -22.13
N PRO F 393 35.30 24.34 -21.70
CA PRO F 393 35.97 23.47 -22.67
C PRO F 393 35.02 22.72 -23.59
N ALA F 394 33.79 22.48 -23.15
CA ALA F 394 32.85 21.72 -23.97
C ALA F 394 32.41 22.50 -25.20
N GLN F 395 32.19 23.80 -25.04
CA GLN F 395 31.86 24.63 -26.19
C GLN F 395 33.00 24.63 -27.19
N VAL F 396 34.23 24.65 -26.70
CA VAL F 396 35.40 24.62 -27.57
C VAL F 396 35.48 23.29 -28.28
N GLN F 397 35.17 22.21 -27.58
CA GLN F 397 35.13 20.88 -28.16
C GLN F 397 34.12 20.82 -29.30
N GLY F 398 32.92 21.36 -29.08
CA GLY F 398 31.93 21.37 -30.14
C GLY F 398 32.36 22.19 -31.34
N TYR F 399 32.94 23.36 -31.06
CA TYR F 399 33.42 24.22 -32.14
C TYR F 399 34.47 23.51 -32.99
N PHE F 400 35.35 22.74 -32.36
CA PHE F 400 36.29 21.95 -33.15
C PHE F 400 35.60 20.77 -33.83
N MET F 401 34.53 20.25 -33.23
CA MET F 401 33.81 19.15 -33.86
C MET F 401 33.20 19.58 -35.18
N LEU F 402 32.84 20.86 -35.31
CA LEU F 402 32.35 21.34 -36.59
C LEU F 402 33.44 21.26 -37.66
N TYR F 403 34.61 21.82 -37.37
CA TYR F 403 35.71 21.91 -38.33
C TYR F 403 36.70 20.78 -38.08
N LYS F 404 36.44 19.63 -38.71
CA LYS F 404 37.33 18.49 -38.60
C LYS F 404 38.47 18.61 -39.62
N ASN F 405 39.70 18.50 -39.13
CA ASN F 405 40.90 18.48 -39.97
C ASN F 405 41.02 19.75 -40.82
N ASP F 406 40.54 20.87 -40.27
CA ASP F 406 40.54 22.16 -40.95
C ASP F 406 40.96 23.24 -39.96
N PRO F 407 42.26 23.28 -39.60
CA PRO F 407 42.67 24.27 -38.60
C PRO F 407 42.51 25.71 -39.05
N MET F 408 42.79 26.00 -40.32
CA MET F 408 42.67 27.38 -40.80
C MET F 408 41.24 27.87 -40.67
N GLY F 409 40.27 27.02 -41.02
CA GLY F 409 38.88 27.39 -40.83
C GLY F 409 38.53 27.58 -39.38
N ALA F 410 39.19 26.85 -38.48
CA ALA F 410 38.95 27.04 -37.06
C ALA F 410 39.46 28.40 -36.60
N VAL F 411 40.62 28.82 -37.11
CA VAL F 411 41.14 30.12 -36.72
C VAL F 411 40.35 31.25 -37.36
N HIS F 412 39.70 31.01 -38.50
CA HIS F 412 39.00 32.09 -39.18
C HIS F 412 37.60 32.33 -38.64
N ASN F 413 36.90 31.29 -38.18
CA ASN F 413 35.49 31.37 -37.80
C ASN F 413 35.31 31.52 -36.29
N ILE F 414 36.19 32.27 -35.63
CA ILE F 414 36.09 32.44 -34.18
C ILE F 414 34.84 33.23 -33.81
N GLU F 415 34.46 34.20 -34.64
CA GLU F 415 33.41 35.15 -34.30
C GLU F 415 32.06 34.49 -34.10
N SER F 416 31.90 33.23 -34.49
CA SER F 416 30.67 32.49 -34.26
C SER F 416 30.45 32.10 -32.81
N LEU F 417 31.38 32.42 -31.90
CA LEU F 417 31.22 32.06 -30.50
C LEU F 417 30.68 33.19 -29.65
N ARG F 418 30.81 34.44 -30.07
CA ARG F 418 30.31 35.57 -29.29
C ARG F 418 28.80 35.47 -29.15
N PRO F 419 28.26 35.15 -27.96
CA PRO F 419 26.81 34.95 -27.91
C PRO F 419 26.01 36.25 -27.92
N ILE G 49 24.41 -34.16 -25.02
CA ILE G 49 23.97 -33.84 -26.37
C ILE G 49 23.61 -32.37 -26.45
N THR G 50 23.53 -31.83 -27.67
CA THR G 50 23.39 -30.39 -27.82
C THR G 50 22.05 -29.93 -27.31
N LEU G 51 22.05 -28.80 -26.61
CA LEU G 51 20.87 -28.27 -25.94
C LEU G 51 21.04 -26.76 -25.78
N GLU G 52 19.97 -26.01 -26.03
CA GLU G 52 19.98 -24.56 -25.90
C GLU G 52 18.69 -24.05 -25.31
N VAL G 53 18.82 -23.05 -24.45
CA VAL G 53 17.74 -22.51 -23.62
C VAL G 53 17.76 -20.98 -23.72
N PRO G 54 17.05 -20.38 -24.69
CA PRO G 54 17.06 -18.92 -24.89
C PRO G 54 16.92 -18.03 -23.67
N ALA G 55 16.07 -18.41 -22.72
CA ALA G 55 15.85 -17.71 -21.46
C ALA G 55 14.96 -16.48 -21.61
N ARG G 56 14.41 -16.23 -22.79
CA ARG G 56 13.50 -15.11 -22.99
C ARG G 56 14.20 -13.78 -22.66
N ASP G 57 15.19 -13.40 -23.46
CA ASP G 57 15.90 -12.12 -23.31
C ASP G 57 16.53 -11.70 -24.62
N ARG G 58 15.96 -10.69 -25.26
CA ARG G 58 16.49 -10.02 -26.46
C ARG G 58 16.88 -10.98 -27.59
N SER G 59 16.32 -12.18 -27.54
CA SER G 59 16.59 -13.20 -28.56
C SER G 59 15.35 -14.00 -28.96
N TYR G 60 14.40 -14.11 -28.05
CA TYR G 60 13.14 -14.85 -28.18
C TYR G 60 12.45 -14.58 -29.51
N ALA G 61 12.39 -13.31 -29.90
CA ALA G 61 11.65 -12.91 -31.09
C ALA G 61 12.21 -13.58 -32.34
N TRP G 62 13.52 -13.54 -32.51
CA TRP G 62 14.13 -14.02 -33.74
C TRP G 62 13.96 -15.53 -33.87
N LEU G 63 14.09 -16.24 -32.75
CA LEU G 63 13.97 -17.69 -32.79
C LEU G 63 12.52 -18.09 -33.03
N LEU G 64 11.56 -17.36 -32.47
CA LEU G 64 10.16 -17.62 -32.78
C LEU G 64 9.90 -17.44 -34.27
N SER G 65 10.44 -16.36 -34.83
CA SER G 65 10.24 -16.08 -36.25
C SER G 65 10.77 -17.24 -37.09
N TRP G 66 11.97 -17.71 -36.77
CA TRP G 66 12.55 -18.80 -37.55
C TRP G 66 11.74 -20.09 -37.38
N LEU G 67 11.30 -20.37 -36.15
CA LEU G 67 10.49 -21.55 -35.88
C LEU G 67 9.26 -21.57 -36.77
N THR G 68 8.57 -20.44 -36.85
CA THR G 68 7.39 -20.37 -37.69
C THR G 68 7.76 -20.53 -39.16
N ARG G 69 8.78 -19.82 -39.61
CA ARG G 69 9.03 -19.71 -41.04
C ARG G 69 9.46 -21.06 -41.62
N HIS G 70 10.38 -21.75 -40.96
CA HIS G 70 11.07 -22.85 -41.64
C HIS G 70 10.36 -24.20 -41.53
N SER G 71 9.58 -24.43 -40.49
CA SER G 71 9.14 -25.79 -40.20
C SER G 71 8.08 -26.28 -41.18
N THR G 72 6.89 -25.67 -41.13
CA THR G 72 5.75 -25.95 -42.00
C THR G 72 5.11 -27.32 -41.78
N ARG G 73 5.65 -28.17 -40.90
CA ARG G 73 5.07 -29.46 -40.56
C ARG G 73 4.76 -29.57 -39.07
N THR G 74 4.80 -28.46 -38.34
CA THR G 74 4.72 -28.51 -36.90
C THR G 74 3.29 -28.70 -36.45
N GLN G 75 3.14 -29.29 -35.28
CA GLN G 75 1.88 -29.42 -34.59
C GLN G 75 2.05 -28.86 -33.18
N HIS G 76 0.97 -28.90 -32.41
CA HIS G 76 0.86 -28.08 -31.21
C HIS G 76 1.10 -26.61 -31.57
N LEU G 77 0.32 -26.14 -32.53
CA LEU G 77 0.39 -24.76 -32.99
C LEU G 77 -0.34 -23.84 -32.00
N SER G 78 -0.52 -22.59 -32.38
CA SER G 78 -1.33 -21.65 -31.63
C SER G 78 -1.99 -20.69 -32.61
N VAL G 79 -2.60 -19.62 -32.08
CA VAL G 79 -3.28 -18.61 -32.86
C VAL G 79 -2.81 -17.26 -32.32
N GLU G 80 -2.09 -16.51 -33.15
CA GLU G 80 -1.73 -15.14 -32.85
C GLU G 80 -2.41 -14.25 -33.89
N THR G 81 -3.46 -13.56 -33.47
CA THR G 81 -4.25 -12.71 -34.35
C THR G 81 -3.77 -11.27 -34.20
N SER G 82 -3.57 -10.61 -35.33
CA SER G 82 -3.00 -9.27 -35.34
C SER G 82 -3.50 -8.55 -36.57
N TYR G 83 -3.12 -7.28 -36.70
CA TYR G 83 -3.41 -6.50 -37.88
C TYR G 83 -2.28 -6.62 -38.89
N LEU G 84 -2.64 -6.46 -40.16
CA LEU G 84 -1.70 -6.39 -41.26
C LEU G 84 -2.06 -5.18 -42.09
N GLN G 85 -1.05 -4.38 -42.41
CA GLN G 85 -1.21 -3.11 -43.09
C GLN G 85 -0.87 -3.32 -44.56
N HIS G 86 -1.87 -3.74 -45.33
CA HIS G 86 -1.71 -3.90 -46.76
C HIS G 86 -1.41 -2.55 -47.40
N GLU G 87 -1.08 -2.60 -48.69
CA GLU G 87 -1.05 -1.38 -49.48
C GLU G 87 -2.42 -0.70 -49.43
N SER G 88 -2.44 0.61 -49.68
CA SER G 88 -3.64 1.41 -49.78
C SER G 88 -4.37 1.58 -48.44
N GLY G 89 -3.73 1.23 -47.32
CA GLY G 89 -4.30 1.51 -46.01
C GLY G 89 -5.38 0.57 -45.56
N ARG G 90 -5.90 -0.29 -46.44
CA ARG G 90 -6.98 -1.21 -46.07
C ARG G 90 -6.43 -2.33 -45.21
N ILE G 91 -6.37 -2.11 -43.89
CA ILE G 91 -5.83 -3.12 -43.01
C ILE G 91 -6.74 -4.35 -42.99
N SER G 92 -6.18 -5.47 -42.51
CA SER G 92 -6.96 -6.69 -42.39
C SER G 92 -6.31 -7.57 -41.34
N THR G 93 -7.13 -8.35 -40.65
CA THR G 93 -6.58 -9.19 -39.60
C THR G 93 -5.88 -10.39 -40.22
N LYS G 94 -4.96 -10.97 -39.45
CA LYS G 94 -4.03 -11.95 -39.95
C LYS G 94 -3.62 -12.86 -38.79
N PHE G 95 -3.34 -14.12 -39.13
CA PHE G 95 -3.03 -15.16 -38.17
C PHE G 95 -1.62 -15.67 -38.38
N GLU G 96 -0.85 -15.73 -37.28
CA GLU G 96 0.44 -16.40 -37.24
C GLU G 96 0.32 -17.60 -36.32
N PHE G 97 0.72 -18.76 -36.83
CA PHE G 97 0.75 -20.01 -36.07
C PHE G 97 2.10 -20.13 -35.40
N ILE G 98 2.12 -20.01 -34.07
CA ILE G 98 3.36 -20.03 -33.30
C ILE G 98 3.29 -21.20 -32.33
N PRO G 99 4.43 -21.62 -31.77
CA PRO G 99 4.44 -22.82 -30.91
C PRO G 99 3.54 -22.74 -29.69
N SER G 100 3.30 -23.92 -29.12
CA SER G 100 2.63 -24.09 -27.83
C SER G 100 3.19 -25.35 -27.19
N PRO G 101 3.06 -25.51 -25.87
CA PRO G 101 3.96 -26.44 -25.18
C PRO G 101 3.72 -27.88 -25.60
N GLY G 102 4.69 -28.71 -25.27
CA GLY G 102 4.82 -30.03 -25.86
C GLY G 102 6.00 -30.07 -26.82
N ASN G 103 6.20 -31.24 -27.40
CA ASN G 103 7.38 -31.50 -28.20
C ASN G 103 7.11 -31.19 -29.66
N HIS G 104 7.98 -30.38 -30.26
CA HIS G 104 7.92 -30.01 -31.65
C HIS G 104 9.20 -30.55 -32.28
N PHE G 105 9.13 -30.98 -33.53
CA PHE G 105 10.29 -31.55 -34.20
C PHE G 105 10.49 -30.84 -35.52
N ILE G 106 11.76 -30.63 -35.88
CA ILE G 106 12.11 -29.95 -37.12
C ILE G 106 13.26 -30.70 -37.77
N TRP G 107 13.15 -30.86 -39.08
CA TRP G 107 14.20 -31.42 -39.91
C TRP G 107 14.85 -30.25 -40.64
N TYR G 108 15.97 -29.78 -40.11
CA TYR G 108 16.85 -28.85 -40.80
C TYR G 108 18.15 -29.58 -41.11
N GLN G 109 18.84 -29.12 -42.15
CA GLN G 109 19.96 -29.80 -42.79
C GLN G 109 20.92 -30.44 -41.79
N GLY G 110 21.29 -31.68 -42.07
CA GLY G 110 22.12 -32.47 -41.19
C GLY G 110 21.31 -33.49 -40.43
N LYS G 111 21.04 -33.20 -39.16
CA LYS G 111 20.39 -34.12 -38.24
C LYS G 111 19.00 -33.61 -37.88
N TRP G 112 18.13 -34.55 -37.51
CA TRP G 112 16.87 -34.19 -36.89
C TRP G 112 17.12 -33.36 -35.64
N ILE G 113 16.18 -32.47 -35.33
CA ILE G 113 16.28 -31.61 -34.15
C ILE G 113 14.93 -31.60 -33.46
N ARG G 114 14.98 -31.62 -32.13
CA ARG G 114 13.79 -31.59 -31.29
C ARG G 114 13.76 -30.25 -30.59
N VAL G 115 12.76 -29.44 -30.91
CA VAL G 115 12.54 -28.17 -30.23
C VAL G 115 11.30 -28.32 -29.36
N GLU G 116 11.11 -27.36 -28.47
CA GLU G 116 10.11 -27.55 -27.43
C GLU G 116 9.93 -26.23 -26.70
N ARG G 117 8.74 -26.05 -26.13
CA ARG G 117 8.50 -24.98 -25.18
C ARG G 117 8.19 -25.60 -23.82
N ASN G 118 8.80 -25.04 -22.78
CA ASN G 118 8.66 -25.53 -21.40
C ASN G 118 8.13 -24.35 -20.61
N ARG G 119 6.81 -24.16 -20.68
CA ARG G 119 6.11 -23.08 -20.00
C ARG G 119 5.38 -23.68 -18.81
N ASP G 120 6.12 -23.94 -17.74
CA ASP G 120 5.55 -24.35 -16.45
C ASP G 120 5.29 -23.06 -15.69
N MET G 121 4.13 -22.47 -15.95
CA MET G 121 3.92 -21.06 -15.65
C MET G 121 3.84 -20.78 -14.15
N GLN G 122 4.98 -20.43 -13.56
CA GLN G 122 5.04 -19.79 -12.24
C GLN G 122 5.74 -18.46 -12.43
N MET G 123 5.00 -17.37 -12.27
CA MET G 123 5.35 -16.07 -12.83
C MET G 123 5.11 -14.96 -11.84
N VAL G 124 5.50 -15.15 -10.59
CA VAL G 124 5.23 -14.14 -9.57
C VAL G 124 6.35 -13.10 -9.66
N ASP G 125 6.22 -12.19 -10.62
CA ASP G 125 7.28 -11.24 -10.94
C ASP G 125 6.79 -10.27 -12.01
N LEU G 126 7.50 -9.16 -12.12
CA LEU G 126 7.37 -8.23 -13.24
C LEU G 126 8.48 -8.44 -14.27
N GLN G 127 9.40 -9.38 -14.03
CA GLN G 127 10.49 -9.61 -14.99
C GLN G 127 9.95 -10.02 -16.34
N THR G 128 8.78 -10.64 -16.37
CA THR G 128 8.07 -10.94 -17.60
C THR G 128 6.61 -10.47 -17.53
N GLY G 129 6.01 -10.53 -16.34
CA GLY G 129 4.61 -10.14 -16.16
C GLY G 129 3.65 -10.97 -17.00
N THR G 130 3.96 -12.23 -17.18
CA THR G 130 3.35 -13.18 -18.09
C THR G 130 4.06 -14.48 -17.71
N PRO G 131 3.75 -15.63 -18.30
CA PRO G 131 4.58 -16.80 -17.98
C PRO G 131 6.03 -16.62 -18.45
N TRP G 132 6.93 -17.38 -17.80
CA TRP G 132 8.36 -17.19 -18.01
C TRP G 132 8.76 -17.40 -19.46
N GLU G 133 8.05 -18.31 -20.15
CA GLU G 133 8.19 -18.51 -21.59
C GLU G 133 9.62 -18.88 -21.97
N SER G 134 10.06 -20.01 -21.47
CA SER G 134 11.31 -20.58 -21.94
C SER G 134 11.10 -21.20 -23.32
N VAL G 135 12.20 -21.60 -23.94
CA VAL G 135 12.20 -22.36 -25.18
C VAL G 135 13.40 -23.29 -25.09
N THR G 136 13.36 -24.37 -25.88
CA THR G 136 14.38 -25.39 -25.84
C THR G 136 14.65 -25.89 -27.25
N PHE G 137 15.92 -25.94 -27.61
CA PHE G 137 16.41 -26.66 -28.78
C PHE G 137 17.26 -27.81 -28.29
N THR G 138 17.23 -28.94 -29.00
CA THR G 138 18.14 -30.01 -28.64
C THR G 138 18.33 -30.97 -29.81
N ALA G 139 19.46 -31.68 -29.79
CA ALA G 139 19.79 -32.58 -30.88
C ALA G 139 20.87 -33.56 -30.45
N LEU G 140 20.81 -34.76 -31.06
CA LEU G 140 21.68 -35.89 -30.75
C LEU G 140 23.04 -35.73 -31.45
N GLY G 141 23.75 -34.67 -31.07
CA GLY G 141 25.12 -34.46 -31.50
C GLY G 141 25.93 -33.85 -30.39
N THR G 142 27.22 -33.68 -30.67
CA THR G 142 28.10 -33.00 -29.73
C THR G 142 29.04 -32.01 -30.43
N ASP G 143 28.68 -31.59 -31.64
CA ASP G 143 29.39 -30.53 -32.37
C ASP G 143 28.43 -29.34 -32.43
N ARG G 144 28.68 -28.35 -31.57
CA ARG G 144 27.76 -27.24 -31.36
C ARG G 144 27.97 -26.08 -32.32
N LYS G 145 28.55 -26.34 -33.50
CA LYS G 145 28.69 -25.30 -34.51
C LYS G 145 27.38 -25.08 -35.25
N VAL G 146 26.64 -26.16 -35.49
CA VAL G 146 25.44 -26.05 -36.31
C VAL G 146 24.37 -25.25 -35.57
N PHE G 147 24.30 -25.38 -34.25
CA PHE G 147 23.30 -24.61 -33.51
C PHE G 147 23.57 -23.11 -33.62
N PHE G 148 24.83 -22.72 -33.44
CA PHE G 148 25.27 -21.36 -33.70
C PHE G 148 24.90 -20.91 -35.11
N ASN G 149 25.02 -21.83 -36.07
CA ASN G 149 24.67 -21.49 -37.46
C ASN G 149 23.18 -21.23 -37.60
N ILE G 150 22.33 -22.06 -37.00
CA ILE G 150 20.89 -21.87 -37.18
C ILE G 150 20.45 -20.57 -36.52
N LEU G 151 21.06 -20.25 -35.38
CA LEU G 151 20.68 -19.03 -34.70
C LEU G 151 21.09 -17.82 -35.53
N GLU G 152 22.29 -17.85 -36.11
CA GLU G 152 22.70 -16.73 -36.95
C GLU G 152 21.80 -16.60 -38.18
N GLU G 153 21.34 -17.73 -38.71
CA GLU G 153 20.40 -17.67 -39.82
C GLU G 153 19.09 -17.03 -39.39
N ALA G 154 18.65 -17.32 -38.17
CA ALA G 154 17.44 -16.68 -37.64
C ALA G 154 17.63 -15.17 -37.55
N ARG G 155 18.78 -14.74 -37.03
CA ARG G 155 19.09 -13.31 -37.00
C ARG G 155 19.03 -12.70 -38.39
N ALA G 156 19.60 -13.38 -39.38
CA ALA G 156 19.63 -12.86 -40.74
C ALA G 156 18.22 -12.68 -41.28
N LEU G 157 17.39 -13.72 -41.16
CA LEU G 157 16.02 -13.62 -41.64
C LEU G 157 15.25 -12.52 -40.91
N ALA G 158 15.48 -12.38 -39.60
CA ALA G 158 14.77 -11.36 -38.84
C ALA G 158 15.13 -9.97 -39.32
N LEU G 159 16.42 -9.70 -39.46
CA LEU G 159 16.85 -8.39 -39.95
C LEU G 159 16.48 -8.16 -41.42
N GLN G 160 16.20 -9.23 -42.17
CA GLN G 160 15.80 -9.09 -43.57
C GLN G 160 14.31 -8.92 -43.76
N GLN G 161 13.49 -9.29 -42.77
CA GLN G 161 12.04 -9.12 -42.92
C GLN G 161 11.66 -7.65 -43.09
N GLU G 162 12.40 -6.75 -42.45
CA GLU G 162 12.12 -5.31 -42.50
C GLU G 162 13.07 -4.68 -43.52
N GLU G 163 12.62 -4.63 -44.77
CA GLU G 163 13.46 -4.22 -45.90
C GLU G 163 13.23 -2.77 -46.32
N GLY G 164 11.99 -2.32 -46.35
CA GLY G 164 11.64 -0.98 -46.78
C GLY G 164 10.71 -0.31 -45.81
N LYS G 165 10.91 -0.58 -44.52
CA LYS G 165 10.01 -0.18 -43.47
C LYS G 165 10.82 0.32 -42.28
N THR G 166 10.11 0.71 -41.23
CA THR G 166 10.70 1.35 -40.05
C THR G 166 10.14 0.69 -38.80
N VAL G 167 11.00 0.07 -38.04
CA VAL G 167 10.61 -0.53 -36.78
C VAL G 167 10.47 0.55 -35.72
N MET G 168 9.61 0.28 -34.74
CA MET G 168 9.48 1.10 -33.55
C MET G 168 9.57 0.16 -32.36
N TYR G 169 10.53 0.41 -31.48
CA TYR G 169 10.67 -0.34 -30.26
C TYR G 169 10.01 0.40 -29.12
N THR G 170 9.96 -0.23 -27.97
CA THR G 170 9.40 0.39 -26.78
C THR G 170 9.96 -0.30 -25.55
N ALA G 171 9.73 0.32 -24.41
CA ALA G 171 10.33 -0.10 -23.15
C ALA G 171 9.36 -1.01 -22.42
N VAL G 172 9.73 -2.28 -22.29
CA VAL G 172 9.01 -3.24 -21.47
C VAL G 172 9.91 -3.52 -20.28
N GLY G 173 9.52 -3.00 -19.12
CA GLY G 173 10.34 -3.12 -17.95
C GLY G 173 11.66 -2.42 -18.13
N SER G 174 12.72 -3.20 -18.32
CA SER G 174 14.06 -2.71 -18.57
C SER G 174 14.66 -3.40 -19.79
N GLU G 175 13.83 -3.70 -20.78
CA GLU G 175 14.30 -4.21 -22.05
C GLU G 175 13.53 -3.56 -23.18
N TRP G 176 14.06 -3.68 -24.38
CA TRP G 176 13.46 -3.13 -25.58
C TRP G 176 12.73 -4.22 -26.34
N ARG G 177 11.46 -3.98 -26.65
CA ARG G 177 10.64 -4.92 -27.38
C ARG G 177 10.06 -4.25 -28.62
N THR G 178 9.82 -5.07 -29.63
CA THR G 178 9.07 -4.61 -30.78
C THR G 178 7.70 -4.14 -30.34
N PHE G 179 7.14 -3.20 -31.10
CA PHE G 179 5.89 -2.53 -30.74
C PHE G 179 5.02 -2.46 -31.98
N GLY G 180 4.03 -3.34 -32.05
CA GLY G 180 3.12 -3.38 -33.18
C GLY G 180 3.70 -4.11 -34.37
N TYR G 181 3.91 -3.37 -35.45
CA TYR G 181 4.37 -3.95 -36.70
C TYR G 181 5.14 -2.89 -37.46
N PRO G 182 5.87 -3.28 -38.50
CA PRO G 182 6.61 -2.28 -39.28
C PRO G 182 5.70 -1.26 -39.93
N ARG G 183 6.09 0.01 -39.82
CA ARG G 183 5.37 1.11 -40.42
C ARG G 183 5.88 1.35 -41.83
N ARG G 184 5.25 2.29 -42.54
CA ARG G 184 5.66 2.67 -43.88
C ARG G 184 6.62 3.85 -43.80
N ARG G 185 7.71 3.77 -44.56
CA ARG G 185 8.75 4.79 -44.51
C ARG G 185 8.23 6.06 -45.15
N ARG G 186 7.99 7.07 -44.32
CA ARG G 186 7.59 8.36 -44.82
C ARG G 186 8.73 8.96 -45.63
N PRO G 187 8.54 9.30 -46.90
CA PRO G 187 9.65 9.89 -47.65
C PRO G 187 10.09 11.23 -47.10
N LEU G 188 11.37 11.52 -47.29
CA LEU G 188 11.97 12.73 -46.76
C LEU G 188 11.71 13.94 -47.63
N ASP G 189 11.33 13.74 -48.89
CA ASP G 189 10.97 14.85 -49.77
C ASP G 189 9.58 15.39 -49.49
N SER G 190 8.81 14.77 -48.61
CA SER G 190 7.45 15.21 -48.26
C SER G 190 7.39 15.88 -46.90
N VAL G 191 8.51 16.40 -46.41
CA VAL G 191 8.56 17.14 -45.15
C VAL G 191 9.38 18.39 -45.44
N VAL G 192 8.69 19.48 -45.74
CA VAL G 192 9.31 20.70 -46.24
C VAL G 192 9.64 21.58 -45.04
N LEU G 193 10.92 21.67 -44.72
CA LEU G 193 11.41 22.54 -43.67
C LEU G 193 12.05 23.78 -44.29
N GLN G 194 12.62 24.62 -43.45
CA GLN G 194 13.23 25.86 -43.91
C GLN G 194 14.33 25.58 -44.91
N GLN G 195 14.72 26.63 -45.63
CA GLN G 195 15.70 26.49 -46.71
C GLN G 195 17.06 26.14 -46.12
N GLY G 196 17.45 24.89 -46.28
CA GLY G 196 18.73 24.43 -45.78
C GLY G 196 18.72 24.18 -44.28
N LEU G 197 17.86 23.28 -43.84
CA LEU G 197 17.83 22.78 -42.48
C LEU G 197 17.83 21.27 -42.42
N ALA G 198 17.13 20.61 -43.34
CA ALA G 198 17.16 19.15 -43.37
C ALA G 198 18.48 18.65 -43.91
N ASP G 199 19.02 19.34 -44.90
CA ASP G 199 20.32 18.97 -45.46
C ASP G 199 21.40 19.07 -44.40
N ARG G 200 21.36 20.15 -43.60
CA ARG G 200 22.36 20.35 -42.56
C ARG G 200 22.34 19.21 -41.54
N ILE G 201 21.16 18.88 -41.02
CA ILE G 201 21.05 17.85 -40.00
C ILE G 201 21.44 16.50 -40.56
N VAL G 202 20.97 16.18 -41.77
CA VAL G 202 21.26 14.89 -42.38
C VAL G 202 22.76 14.75 -42.65
N LYS G 203 23.39 15.83 -43.09
CA LYS G 203 24.82 15.79 -43.37
C LYS G 203 25.62 15.62 -42.08
N ASP G 204 25.23 16.33 -41.02
CA ASP G 204 25.93 16.20 -39.75
C ASP G 204 25.82 14.79 -39.20
N ILE G 205 24.63 14.19 -39.26
CA ILE G 205 24.46 12.87 -38.68
C ILE G 205 25.18 11.82 -39.53
N ARG G 206 25.19 11.99 -40.85
CA ARG G 206 25.94 11.08 -41.69
C ARG G 206 27.44 11.18 -41.42
N GLU G 207 27.95 12.40 -41.28
CA GLU G 207 29.36 12.59 -40.94
C GLU G 207 29.69 11.96 -39.60
N PHE G 208 28.76 12.04 -38.66
CA PHE G 208 28.96 11.38 -37.37
C PHE G 208 29.06 9.88 -37.52
N ILE G 209 28.20 9.27 -38.34
CA ILE G 209 28.19 7.82 -38.44
C ILE G 209 29.38 7.29 -39.21
N ASP G 210 29.95 8.08 -40.12
CA ASP G 210 31.04 7.63 -40.99
C ASP G 210 32.38 8.25 -40.63
N ASN G 211 32.60 8.51 -39.34
CA ASN G 211 33.92 8.88 -38.83
C ASN G 211 34.01 8.48 -37.37
N PRO G 212 34.10 7.17 -37.10
CA PRO G 212 34.22 6.71 -35.71
C PRO G 212 35.66 6.69 -35.22
N LYS G 213 36.61 6.64 -36.14
CA LYS G 213 38.02 6.58 -35.76
C LYS G 213 38.54 7.93 -35.29
N TRP G 214 38.01 9.02 -35.83
CA TRP G 214 38.40 10.35 -35.40
C TRP G 214 37.97 10.63 -33.97
N TYR G 215 36.96 9.93 -33.48
CA TYR G 215 36.50 10.12 -32.11
C TYR G 215 37.30 9.29 -31.11
N ILE G 216 37.88 8.18 -31.56
CA ILE G 216 38.63 7.29 -30.69
C ILE G 216 40.08 7.71 -30.55
N ASP G 217 40.69 8.20 -31.63
CA ASP G 217 42.07 8.64 -31.59
C ASP G 217 42.28 9.95 -30.84
N ARG G 218 41.23 10.53 -30.25
CA ARG G 218 41.33 11.72 -29.41
C ARG G 218 40.62 11.54 -28.08
N GLY G 219 40.11 10.35 -27.78
CA GLY G 219 39.56 10.05 -26.48
C GLY G 219 38.15 10.54 -26.23
N ILE G 220 37.54 11.22 -27.19
CA ILE G 220 36.19 11.76 -27.01
C ILE G 220 35.22 10.59 -26.92
N PRO G 221 34.10 10.71 -26.21
CA PRO G 221 33.09 9.66 -26.27
C PRO G 221 32.31 9.72 -27.57
N TYR G 222 31.97 8.54 -28.08
CA TYR G 222 31.30 8.41 -29.37
C TYR G 222 29.79 8.50 -29.17
N ARG G 223 29.36 9.70 -28.79
CA ARG G 223 27.97 10.03 -28.58
C ARG G 223 27.62 11.31 -29.31
N ARG G 224 26.33 11.52 -29.48
CA ARG G 224 25.83 12.76 -30.05
C ARG G 224 24.36 12.90 -29.68
N GLY G 225 23.90 14.14 -29.72
CA GLY G 225 22.52 14.44 -29.37
C GLY G 225 22.05 15.66 -30.11
N TYR G 226 20.76 15.70 -30.37
CA TYR G 226 20.13 16.78 -31.11
C TYR G 226 18.90 17.26 -30.35
N LEU G 227 18.50 18.48 -30.65
CA LEU G 227 17.36 19.12 -30.01
C LEU G 227 16.64 19.95 -31.05
N LEU G 228 15.40 19.57 -31.33
CA LEU G 228 14.51 20.33 -32.18
C LEU G 228 13.48 21.02 -31.30
N TYR G 229 13.27 22.31 -31.54
CA TYR G 229 12.32 23.08 -30.76
C TYR G 229 11.60 24.08 -31.65
N GLY G 230 10.45 24.52 -31.19
CA GLY G 230 9.65 25.46 -31.93
C GLY G 230 8.18 25.38 -31.56
N PRO G 231 7.36 26.16 -32.25
CA PRO G 231 5.94 26.19 -31.92
C PRO G 231 5.26 24.88 -32.25
N PRO G 232 3.97 24.75 -31.92
CA PRO G 232 3.24 23.52 -32.25
C PRO G 232 2.83 23.47 -33.71
N GLY G 233 3.13 22.35 -34.36
CA GLY G 233 2.62 22.07 -35.69
C GLY G 233 3.54 22.53 -36.78
N CYS G 234 4.85 22.33 -36.60
CA CYS G 234 5.84 22.93 -37.48
C CYS G 234 6.82 21.92 -38.09
N GLY G 235 6.82 20.68 -37.65
CA GLY G 235 7.52 19.62 -38.36
C GLY G 235 8.56 18.82 -37.60
N LYS G 236 8.44 18.70 -36.29
CA LYS G 236 9.45 18.03 -35.50
C LYS G 236 9.36 16.51 -35.63
N SER G 237 8.25 15.94 -35.17
CA SER G 237 8.12 14.48 -35.13
C SER G 237 8.12 13.88 -36.52
N SER G 238 7.51 14.57 -37.48
CA SER G 238 7.51 14.11 -38.86
C SER G 238 8.92 14.07 -39.42
N PHE G 239 9.71 15.10 -39.13
CA PHE G 239 11.09 15.12 -39.59
C PHE G 239 11.89 14.01 -38.95
N ILE G 240 11.61 13.71 -37.68
CA ILE G 240 12.32 12.62 -37.02
C ILE G 240 12.01 11.30 -37.71
N THR G 241 10.73 11.07 -38.03
CA THR G 241 10.33 9.85 -38.72
C THR G 241 11.01 9.74 -40.09
N ALA G 242 10.99 10.83 -40.86
CA ALA G 242 11.61 10.82 -42.17
C ALA G 242 13.11 10.57 -42.07
N LEU G 243 13.78 11.22 -41.11
CA LEU G 243 15.20 11.04 -40.94
C LEU G 243 15.54 9.61 -40.58
N ALA G 244 14.73 9.00 -39.72
CA ALA G 244 14.94 7.60 -39.37
C ALA G 244 14.74 6.70 -40.57
N GLY G 245 13.84 7.08 -41.48
CA GLY G 245 13.63 6.29 -42.67
C GLY G 245 14.67 6.50 -43.74
N GLU G 246 15.39 7.62 -43.71
CA GLU G 246 16.41 7.89 -44.71
C GLU G 246 17.72 7.20 -44.41
N LEU G 247 18.05 7.04 -43.13
CA LEU G 247 19.31 6.46 -42.69
C LEU G 247 19.22 4.96 -42.43
N GLU G 248 18.13 4.31 -42.84
CA GLU G 248 17.89 2.90 -42.58
C GLU G 248 17.90 2.57 -41.09
N HIS G 249 17.65 3.55 -40.24
CA HIS G 249 17.69 3.38 -38.80
C HIS G 249 16.33 2.95 -38.29
N SER G 250 16.27 2.67 -37.00
CA SER G 250 15.04 2.39 -36.28
C SER G 250 14.81 3.51 -35.26
N ILE G 251 13.77 3.33 -34.45
CA ILE G 251 13.38 4.31 -33.45
C ILE G 251 13.07 3.55 -32.16
N CYS G 252 13.39 4.20 -31.05
CA CYS G 252 13.19 3.64 -29.72
C CYS G 252 12.59 4.73 -28.85
N LEU G 253 11.29 4.62 -28.57
CA LEU G 253 10.58 5.64 -27.83
C LEU G 253 10.75 5.44 -26.34
N LEU G 254 10.85 6.55 -25.63
CA LEU G 254 11.13 6.55 -24.20
C LEU G 254 10.31 7.65 -23.56
N SER G 255 9.45 7.27 -22.63
CA SER G 255 8.53 8.19 -21.96
C SER G 255 9.01 8.35 -20.53
N LEU G 256 9.63 9.49 -20.25
CA LEU G 256 10.21 9.72 -18.94
C LEU G 256 9.14 9.69 -17.86
N THR G 257 8.04 10.40 -18.07
CA THR G 257 6.94 10.44 -17.12
C THR G 257 6.19 9.11 -17.18
N ASP G 258 6.80 8.09 -16.57
CA ASP G 258 6.25 6.74 -16.54
C ASP G 258 6.54 6.14 -15.17
N SER G 259 5.59 5.35 -14.69
CA SER G 259 5.54 4.93 -13.29
C SER G 259 6.63 3.94 -12.92
N SER G 260 7.33 3.34 -13.88
CA SER G 260 8.28 2.26 -13.63
C SER G 260 9.64 2.61 -14.23
N LEU G 261 10.12 3.81 -13.92
CA LEU G 261 11.36 4.33 -14.49
C LEU G 261 12.18 4.97 -13.37
N SER G 262 13.03 4.16 -12.75
CA SER G 262 14.04 4.67 -11.84
C SER G 262 15.27 5.10 -12.61
N ASP G 263 16.15 5.83 -11.93
CA ASP G 263 17.37 6.30 -12.57
C ASP G 263 18.26 5.13 -12.99
N ASP G 264 18.28 4.06 -12.20
CA ASP G 264 19.10 2.91 -12.54
C ASP G 264 18.51 2.16 -13.74
N ARG G 265 17.20 2.02 -13.78
CA ARG G 265 16.56 1.35 -14.91
C ARG G 265 16.76 2.14 -16.18
N LEU G 266 16.73 3.47 -16.10
CA LEU G 266 17.01 4.29 -17.26
C LEU G 266 18.46 4.17 -17.70
N ASN G 267 19.38 4.13 -16.73
CA ASN G 267 20.78 3.95 -17.06
C ASN G 267 21.04 2.60 -17.70
N HIS G 268 20.20 1.61 -17.40
CA HIS G 268 20.34 0.29 -18.01
C HIS G 268 19.67 0.21 -19.36
N LEU G 269 18.59 0.96 -19.58
CA LEU G 269 17.88 0.90 -20.85
C LEU G 269 18.71 1.49 -21.97
N LEU G 270 19.22 2.70 -21.78
CA LEU G 270 19.99 3.37 -22.82
C LEU G 270 21.31 2.68 -23.12
N SER G 271 21.76 1.77 -22.26
CA SER G 271 22.97 1.00 -22.52
C SER G 271 22.71 -0.25 -23.34
N VAL G 272 21.48 -0.74 -23.35
CA VAL G 272 21.10 -1.95 -24.07
C VAL G 272 20.22 -1.55 -25.24
N ALA G 273 20.42 -0.35 -25.77
CA ALA G 273 19.62 0.09 -26.90
C ALA G 273 20.01 -0.71 -28.14
N PRO G 274 19.07 -1.01 -29.03
CA PRO G 274 19.42 -1.78 -30.22
C PRO G 274 20.45 -1.07 -31.10
N GLN G 275 21.14 -1.88 -31.88
CA GLN G 275 22.17 -1.37 -32.78
C GLN G 275 21.50 -0.66 -33.95
N GLN G 276 22.08 0.47 -34.34
CA GLN G 276 21.54 1.28 -35.43
C GLN G 276 20.11 1.71 -35.12
N SER G 277 19.98 2.51 -34.05
CA SER G 277 18.69 2.96 -33.58
C SER G 277 18.81 4.34 -32.98
N LEU G 278 17.90 5.22 -33.38
CA LEU G 278 17.74 6.51 -32.73
C LEU G 278 16.90 6.35 -31.48
N VAL G 279 17.33 6.95 -30.41
CA VAL G 279 16.53 7.10 -29.21
C VAL G 279 15.86 8.45 -29.26
N LEU G 280 14.68 8.57 -28.65
CA LEU G 280 13.85 9.74 -28.80
C LEU G 280 13.15 10.07 -27.49
N LEU G 281 13.28 11.33 -27.07
CA LEU G 281 12.64 11.86 -25.88
C LEU G 281 11.69 12.97 -26.29
N GLU G 282 10.40 12.67 -26.23
CA GLU G 282 9.36 13.59 -26.64
C GLU G 282 8.90 14.40 -25.43
N ASP G 283 8.94 15.72 -25.56
CA ASP G 283 8.51 16.64 -24.52
C ASP G 283 9.25 16.38 -23.21
N VAL G 284 10.56 16.63 -23.26
CA VAL G 284 11.41 16.45 -22.10
C VAL G 284 11.27 17.59 -21.09
N ASP G 285 10.60 18.68 -21.48
CA ASP G 285 10.39 19.80 -20.57
C ASP G 285 9.27 19.53 -19.57
N ALA G 286 8.29 18.72 -19.94
CA ALA G 286 7.16 18.42 -19.08
C ALA G 286 7.51 17.48 -17.93
N ALA G 287 8.73 16.97 -17.87
CA ALA G 287 9.12 16.08 -16.79
C ALA G 287 9.67 16.82 -15.58
N PHE G 288 10.27 17.99 -15.80
CA PHE G 288 10.87 18.78 -14.73
C PHE G 288 10.47 20.23 -14.84
N LEU G 289 10.70 20.95 -13.75
CA LEU G 289 10.25 22.34 -13.60
C LEU G 289 11.34 23.33 -13.98
N ILE G 299 14.47 21.16 -12.07
CA ILE G 299 15.23 20.62 -10.94
C ILE G 299 14.24 20.13 -9.89
N LYS G 300 13.18 19.48 -10.36
CA LYS G 300 12.24 18.77 -9.50
C LYS G 300 11.30 17.96 -10.39
N TYR G 301 11.05 16.72 -10.00
CA TYR G 301 10.20 15.84 -10.80
C TYR G 301 8.74 16.23 -10.64
N GLN G 302 7.97 16.00 -11.72
CA GLN G 302 6.55 16.31 -11.74
C GLN G 302 5.73 15.17 -12.32
N GLY G 303 6.29 13.96 -12.39
CA GLY G 303 5.63 12.83 -13.02
C GLY G 303 5.49 11.69 -12.04
N LEU G 304 4.80 10.65 -12.50
CA LEU G 304 4.62 9.43 -11.73
C LEU G 304 5.83 8.54 -11.96
N GLY G 305 6.58 8.27 -10.90
CA GLY G 305 7.81 7.52 -11.01
C GLY G 305 8.79 7.96 -9.94
N ARG G 306 9.97 7.37 -10.00
CA ARG G 306 11.05 7.61 -9.05
C ARG G 306 12.31 8.03 -9.79
N LEU G 307 12.14 8.95 -10.73
CA LEU G 307 13.24 9.50 -11.51
C LEU G 307 13.58 10.89 -11.00
N THR G 308 14.86 11.22 -11.02
CA THR G 308 15.38 12.50 -10.59
C THR G 308 16.06 13.20 -11.77
N PHE G 309 16.55 14.40 -11.50
CA PHE G 309 17.19 15.20 -12.53
C PHE G 309 18.64 14.76 -12.75
N SER G 310 19.37 14.58 -11.66
CA SER G 310 20.75 14.14 -11.75
C SER G 310 20.85 12.78 -12.41
N GLY G 311 19.88 11.90 -12.16
CA GLY G 311 19.89 10.60 -12.80
C GLY G 311 19.82 10.70 -14.31
N LEU G 312 18.94 11.57 -14.81
CA LEU G 312 18.84 11.77 -16.25
C LEU G 312 20.10 12.39 -16.81
N LEU G 313 20.60 13.44 -16.16
CA LEU G 313 21.78 14.12 -16.66
C LEU G 313 23.00 13.21 -16.68
N ASN G 314 23.08 12.28 -15.73
CA ASN G 314 24.20 11.35 -15.67
C ASN G 314 23.98 10.11 -16.53
N ALA G 315 22.74 9.82 -16.91
CA ALA G 315 22.49 8.73 -17.85
C ALA G 315 22.78 9.16 -19.28
N LEU G 316 22.44 10.40 -19.64
CA LEU G 316 22.71 10.87 -20.99
C LEU G 316 24.20 10.96 -21.25
N ASP G 317 24.90 11.78 -20.46
CA ASP G 317 26.35 11.90 -20.49
C ASP G 317 26.81 11.86 -19.06
N GLY G 318 27.46 10.78 -18.69
CA GLY G 318 28.03 10.68 -17.37
C GLY G 318 29.33 9.93 -17.43
N VAL G 319 29.46 8.97 -16.54
CA VAL G 319 30.68 8.20 -16.37
C VAL G 319 30.50 6.79 -16.90
N ALA G 320 29.26 6.30 -16.88
CA ALA G 320 28.91 4.97 -17.35
C ALA G 320 27.91 5.03 -18.49
N SER G 321 28.13 5.94 -19.42
CA SER G 321 27.30 6.06 -20.61
C SER G 321 27.93 5.29 -21.76
N THR G 322 27.07 4.74 -22.60
CA THR G 322 27.45 3.82 -23.66
C THR G 322 27.81 4.58 -24.93
N GLU G 323 28.54 3.90 -25.80
CA GLU G 323 29.04 4.45 -27.05
C GLU G 323 28.09 4.12 -28.21
N ALA G 324 28.27 4.85 -29.31
CA ALA G 324 27.51 4.67 -30.53
C ALA G 324 26.01 4.79 -30.26
N ARG G 325 25.63 6.00 -29.85
CA ARG G 325 24.28 6.30 -29.43
C ARG G 325 23.89 7.66 -29.96
N ILE G 326 22.67 7.76 -30.48
CA ILE G 326 22.13 8.99 -31.03
C ILE G 326 20.79 9.23 -30.38
N VAL G 327 20.66 10.38 -29.72
CA VAL G 327 19.48 10.77 -28.98
C VAL G 327 18.89 12.01 -29.62
N PHE G 328 17.58 12.02 -29.76
CA PHE G 328 16.81 13.18 -30.17
C PHE G 328 15.93 13.63 -29.02
N MET G 329 15.75 14.93 -28.91
CA MET G 329 14.82 15.52 -27.97
C MET G 329 13.91 16.46 -28.72
N THR G 330 12.67 16.57 -28.24
CA THR G 330 11.74 17.53 -28.82
C THR G 330 10.99 18.26 -27.71
N THR G 331 10.94 19.59 -27.82
CA THR G 331 10.25 20.43 -26.88
C THR G 331 9.59 21.58 -27.62
N ASN G 332 8.50 22.09 -27.05
CA ASN G 332 7.85 23.28 -27.57
C ASN G 332 8.41 24.54 -26.95
N TYR G 333 8.63 24.53 -25.64
CA TYR G 333 9.18 25.66 -24.90
C TYR G 333 10.61 25.33 -24.50
N ILE G 334 11.55 26.17 -24.94
CA ILE G 334 12.97 25.97 -24.65
C ILE G 334 13.44 26.76 -23.45
N ASP G 335 12.65 27.72 -22.95
CA ASP G 335 13.04 28.50 -21.80
C ASP G 335 12.91 27.73 -20.50
N ARG G 336 12.11 26.67 -20.48
CA ARG G 336 11.90 25.87 -19.27
C ARG G 336 12.89 24.73 -19.14
N LEU G 337 13.91 24.69 -19.99
CA LEU G 337 14.93 23.64 -19.94
C LEU G 337 16.14 24.17 -19.20
N ASP G 338 16.65 23.37 -18.28
CA ASP G 338 17.77 23.79 -17.48
C ASP G 338 19.02 23.83 -18.34
N PRO G 339 19.85 24.88 -18.26
CA PRO G 339 21.05 24.93 -19.12
C PRO G 339 22.03 23.80 -18.90
N ALA G 340 21.90 23.00 -17.85
CA ALA G 340 22.74 21.84 -17.65
C ALA G 340 22.26 20.62 -18.42
N LEU G 341 21.22 20.75 -19.25
CA LEU G 341 20.71 19.65 -20.04
C LEU G 341 20.81 19.89 -21.53
N ILE G 342 20.99 21.13 -21.97
CA ILE G 342 21.13 21.49 -23.37
C ILE G 342 22.49 22.12 -23.66
N ARG G 343 23.48 21.87 -22.80
CA ARG G 343 24.83 22.35 -23.05
C ARG G 343 25.58 21.35 -23.92
N PRO G 344 26.68 21.76 -24.54
CA PRO G 344 27.38 20.85 -25.46
C PRO G 344 27.99 19.65 -24.76
N GLY G 345 27.87 18.49 -25.40
CA GLY G 345 28.24 17.22 -24.82
C GLY G 345 27.06 16.28 -24.75
N ARG G 346 25.91 16.84 -24.36
CA ARG G 346 24.63 16.13 -24.36
C ARG G 346 23.79 16.48 -25.56
N VAL G 347 23.88 17.73 -26.03
CA VAL G 347 23.06 18.26 -27.10
C VAL G 347 23.97 19.14 -27.94
N ASP G 348 24.36 18.65 -29.10
CA ASP G 348 25.37 19.29 -29.93
C ASP G 348 24.80 20.08 -31.09
N LEU G 349 23.47 20.11 -31.24
CA LEU G 349 22.88 20.86 -32.35
C LEU G 349 21.45 21.21 -31.99
N LYS G 350 21.19 22.49 -31.74
CA LYS G 350 19.86 23.01 -31.52
C LYS G 350 19.36 23.66 -32.80
N GLU G 351 18.14 23.29 -33.21
CA GLU G 351 17.53 23.83 -34.41
C GLU G 351 16.10 24.24 -34.13
N TYR G 352 15.67 25.30 -34.81
CA TYR G 352 14.36 25.92 -34.61
C TYR G 352 13.50 25.68 -35.84
N VAL G 353 12.55 24.76 -35.72
CA VAL G 353 11.59 24.48 -36.77
C VAL G 353 10.36 25.35 -36.50
N GLY G 354 10.23 26.43 -37.26
CA GLY G 354 9.31 27.49 -36.95
C GLY G 354 8.17 27.62 -37.93
N TYR G 355 7.52 28.77 -37.88
CA TYR G 355 6.39 29.04 -38.74
C TYR G 355 6.84 29.10 -40.19
N CYS G 356 5.86 29.12 -41.09
CA CYS G 356 6.14 29.05 -42.51
C CYS G 356 6.72 30.36 -43.02
N SER G 357 7.30 30.28 -44.21
CA SER G 357 7.79 31.44 -44.93
C SER G 357 7.39 31.28 -46.39
N HIS G 358 7.89 32.18 -47.23
CA HIS G 358 7.54 32.17 -48.65
C HIS G 358 7.91 30.84 -49.31
N TRP G 359 9.17 30.43 -49.14
CA TRP G 359 9.69 29.27 -49.85
C TRP G 359 8.97 27.99 -49.40
N GLN G 360 8.69 27.89 -48.10
CA GLN G 360 8.00 26.71 -47.60
C GLN G 360 6.63 26.56 -48.25
N LEU G 361 5.86 27.65 -48.30
CA LEU G 361 4.53 27.58 -48.87
C LEU G 361 4.59 27.25 -50.36
N THR G 362 5.54 27.84 -51.08
CA THR G 362 5.73 27.50 -52.48
C THR G 362 5.97 26.00 -52.66
N GLN G 363 6.88 25.44 -51.87
CA GLN G 363 7.22 24.04 -52.03
C GLN G 363 6.06 23.13 -51.63
N MET G 364 5.30 23.52 -50.61
CA MET G 364 4.16 22.71 -50.21
C MET G 364 3.10 22.70 -51.30
N PHE G 365 2.85 23.85 -51.91
CA PHE G 365 1.93 23.92 -53.03
C PHE G 365 2.39 23.03 -54.17
N GLN G 366 3.69 23.04 -54.46
CA GLN G 366 4.17 22.19 -55.54
C GLN G 366 4.08 20.71 -55.18
N ARG G 367 4.13 20.38 -53.88
CA ARG G 367 4.01 18.98 -53.49
C ARG G 367 2.58 18.49 -53.64
N PHE G 368 1.61 19.30 -53.23
CA PHE G 368 0.24 18.81 -53.18
C PHE G 368 -0.39 18.73 -54.57
N TYR G 369 -0.15 19.74 -55.42
CA TYR G 369 -0.73 19.80 -56.75
C TYR G 369 0.36 19.65 -57.80
N PRO G 370 0.83 18.44 -58.08
CA PRO G 370 1.90 18.26 -59.06
C PRO G 370 1.37 18.40 -60.48
N GLY G 371 2.00 19.30 -61.24
CA GLY G 371 1.69 19.48 -62.65
C GLY G 371 1.09 20.85 -62.94
N GLN G 372 1.50 21.85 -62.16
CA GLN G 372 1.04 23.21 -62.32
C GLN G 372 2.22 24.12 -62.61
N ALA G 373 1.92 25.29 -63.16
CA ALA G 373 2.97 26.25 -63.45
C ALA G 373 3.43 26.92 -62.15
N PRO G 374 4.72 27.28 -62.05
CA PRO G 374 5.19 27.93 -60.81
C PRO G 374 4.51 29.25 -60.50
N SER G 375 3.96 29.92 -61.50
CA SER G 375 3.27 31.19 -61.26
C SER G 375 2.12 31.02 -60.27
N LEU G 376 1.38 29.92 -60.40
CA LEU G 376 0.24 29.69 -59.51
C LEU G 376 0.70 29.49 -58.07
N ALA G 377 1.78 28.73 -57.89
CA ALA G 377 2.31 28.51 -56.55
C ALA G 377 2.80 29.81 -55.94
N GLU G 378 3.47 30.64 -56.74
CA GLU G 378 3.91 31.94 -56.22
C GLU G 378 2.73 32.81 -55.82
N ASN G 379 1.67 32.79 -56.64
CA ASN G 379 0.46 33.55 -56.30
C ASN G 379 -0.11 33.09 -54.96
N PHE G 380 -0.19 31.77 -54.77
CA PHE G 380 -0.72 31.23 -53.53
C PHE G 380 0.11 31.67 -52.34
N ALA G 381 1.43 31.52 -52.45
CA ALA G 381 2.32 31.87 -51.34
C ALA G 381 2.19 33.35 -50.98
N GLU G 382 2.18 34.21 -52.00
CA GLU G 382 2.08 35.64 -51.75
C GLU G 382 0.76 35.98 -51.07
N HIS G 383 -0.34 35.43 -51.56
CA HIS G 383 -1.65 35.75 -50.98
C HIS G 383 -1.74 35.29 -49.54
N VAL G 384 -1.27 34.07 -49.25
CA VAL G 384 -1.39 33.56 -47.90
C VAL G 384 -0.52 34.36 -46.95
N LEU G 385 0.72 34.63 -47.34
CA LEU G 385 1.60 35.36 -46.44
C LEU G 385 1.19 36.81 -46.29
N LYS G 386 0.40 37.34 -47.22
CA LYS G 386 -0.17 38.68 -47.03
C LYS G 386 -1.37 38.63 -46.08
N ALA G 387 -2.19 37.59 -46.19
CA ALA G 387 -3.40 37.47 -45.39
C ALA G 387 -3.11 37.48 -43.91
N THR G 388 -2.41 36.45 -43.43
CA THR G 388 -2.13 36.25 -42.01
C THR G 388 -0.63 36.32 -41.78
N SER G 389 -0.25 36.75 -40.58
CA SER G 389 1.16 36.97 -40.27
C SER G 389 1.90 35.65 -40.16
N GLU G 390 1.49 34.81 -39.20
CA GLU G 390 2.13 33.53 -38.92
C GLU G 390 1.13 32.42 -39.17
N ILE G 391 1.54 31.42 -39.93
CA ILE G 391 0.70 30.27 -40.26
C ILE G 391 1.60 29.05 -40.29
N SER G 392 1.20 28.03 -39.54
CA SER G 392 2.00 26.83 -39.47
C SER G 392 1.72 25.92 -40.66
N PRO G 393 2.64 25.01 -40.99
CA PRO G 393 2.38 24.10 -42.11
C PRO G 393 1.16 23.22 -41.95
N ALA G 394 0.76 22.93 -40.72
CA ALA G 394 -0.37 22.05 -40.52
C ALA G 394 -1.69 22.70 -40.93
N GLN G 395 -1.84 23.99 -40.66
CA GLN G 395 -3.02 24.70 -41.12
C GLN G 395 -3.09 24.70 -42.64
N VAL G 396 -1.93 24.84 -43.29
CA VAL G 396 -1.88 24.82 -44.75
C VAL G 396 -2.25 23.44 -45.26
N GLN G 397 -1.78 22.40 -44.57
CA GLN G 397 -2.12 21.03 -44.92
C GLN G 397 -3.63 20.80 -44.84
N GLY G 398 -4.26 21.29 -43.77
CA GLY G 398 -5.70 21.14 -43.66
C GLY G 398 -6.44 21.90 -44.76
N TYR G 399 -6.00 23.12 -45.03
CA TYR G 399 -6.61 23.92 -46.07
C TYR G 399 -6.55 23.22 -47.42
N PHE G 400 -5.43 22.56 -47.72
CA PHE G 400 -5.38 21.77 -48.95
C PHE G 400 -6.21 20.51 -48.84
N MET G 401 -6.35 19.96 -47.63
CA MET G 401 -7.17 18.77 -47.47
C MET G 401 -8.62 19.05 -47.81
N LEU G 402 -9.08 20.28 -47.61
CA LEU G 402 -10.43 20.63 -48.04
C LEU G 402 -10.57 20.53 -49.56
N TYR G 403 -9.67 21.20 -50.29
CA TYR G 403 -9.73 21.29 -51.75
C TYR G 403 -8.81 20.25 -52.36
N LYS G 404 -9.34 19.04 -52.56
CA LYS G 404 -8.59 17.97 -53.20
C LYS G 404 -8.67 18.08 -54.71
N ASN G 405 -7.51 18.09 -55.36
CA ASN G 405 -7.42 18.09 -56.82
C ASN G 405 -8.13 19.30 -57.44
N ASP G 406 -8.13 20.43 -56.72
CA ASP G 406 -8.79 21.65 -57.15
C ASP G 406 -7.86 22.83 -56.86
N PRO G 407 -6.79 22.99 -57.63
CA PRO G 407 -5.85 24.08 -57.33
C PRO G 407 -6.46 25.47 -57.47
N MET G 408 -7.30 25.68 -58.50
CA MET G 408 -7.89 26.99 -58.70
C MET G 408 -8.73 27.40 -57.50
N GLY G 409 -9.52 26.46 -56.97
CA GLY G 409 -10.27 26.74 -55.77
C GLY G 409 -9.39 27.03 -54.57
N ALA G 410 -8.21 26.43 -54.54
CA ALA G 410 -7.27 26.71 -53.45
C ALA G 410 -6.75 28.13 -53.56
N VAL G 411 -6.45 28.59 -54.77
CA VAL G 411 -5.96 29.95 -54.93
C VAL G 411 -7.07 30.97 -54.72
N HIS G 412 -8.33 30.59 -54.93
CA HIS G 412 -9.42 31.56 -54.82
C HIS G 412 -9.90 31.76 -53.38
N ASN G 413 -9.86 30.71 -52.56
CA ASN G 413 -10.45 30.72 -51.21
C ASN G 413 -9.43 30.97 -50.12
N ILE G 414 -8.44 31.84 -50.39
CA ILE G 414 -7.39 32.11 -49.41
C ILE G 414 -7.97 32.84 -48.20
N GLU G 415 -8.94 33.71 -48.42
CA GLU G 415 -9.45 34.61 -47.39
C GLU G 415 -10.06 33.88 -46.21
N SER G 416 -10.33 32.58 -46.34
CA SER G 416 -10.85 31.79 -45.24
C SER G 416 -9.81 31.50 -44.16
N LEU G 417 -8.57 31.95 -44.32
CA LEU G 417 -7.54 31.69 -43.31
C LEU G 417 -7.34 32.85 -42.35
N ARG G 418 -7.72 34.07 -42.71
CA ARG G 418 -7.54 35.22 -41.83
C ARG G 418 -8.36 35.03 -40.55
N PRO G 419 -7.74 34.77 -39.39
CA PRO G 419 -8.59 34.47 -38.23
C PRO G 419 -9.23 35.71 -37.62
MG MG H . -23.37 13.52 -23.97
PG AGS I . 2.75 18.91 -31.48
S1G AGS I . 0.81 18.86 -31.19
O2G AGS I . 3.36 17.50 -31.29
O3G AGS I . 3.40 19.88 -30.45
PB AGS I . 4.32 18.82 -33.71
O1B AGS I . 5.48 19.71 -33.61
O2B AGS I . 4.57 17.43 -33.14
O3B AGS I . 3.08 19.41 -32.92
PA AGS I . 4.35 17.30 -35.99
O1A AGS I . 5.80 17.24 -36.22
O2A AGS I . 3.78 16.15 -35.17
O3A AGS I . 3.94 18.63 -35.24
O5' AGS I . 3.63 17.36 -37.41
C5' AGS I . 2.29 16.89 -37.52
C4' AGS I . 1.65 17.43 -38.77
O4' AGS I . 2.34 18.62 -39.18
C3' AGS I . 1.61 16.49 -39.98
O3' AGS I . 0.29 16.27 -40.43
C2' AGS I . 2.46 17.19 -41.04
O2' AGS I . 1.87 17.08 -42.32
C1' AGS I . 2.46 18.65 -40.58
N9 AGS I . 3.67 19.38 -40.91
C8 AGS I . 4.41 20.15 -40.07
N7 AGS I . 5.46 20.70 -40.61
C5 AGS I . 5.41 20.24 -41.92
C6 AGS I . 6.25 20.46 -43.03
N6 AGS I . 7.34 21.22 -43.00
N1 AGS I . 5.92 19.85 -44.19
C2 AGS I . 4.83 19.10 -44.23
N3 AGS I . 3.96 18.82 -43.25
C4 AGS I . 4.31 19.42 -42.12
HOG2 AGS I . 4.24 17.58 -31.14
H21 AGS I . 3.35 20.71 -30.78
H5'1 AGS I . 2.28 15.93 -37.52
H5'2 AGS I . 1.79 17.22 -36.75
H4' AGS I . 0.73 17.67 -38.57
H3' AGS I . 2.03 15.64 -39.76
H2' AGS I . 3.37 16.86 -41.05
HO2' AGS I . 2.43 16.70 -42.89
H1' AGS I . 1.69 19.10 -40.96
H8 AGS I . 4.18 20.29 -39.13
HN61 AGS I . 7.30 22.09 -43.26
HN62 AGS I . 8.13 20.87 -42.70
H2 AGS I . 4.62 18.68 -45.09
PG AGS J . -24.67 16.51 -21.85
S1G AGS J . -25.66 16.34 -20.17
O2G AGS J . -23.99 15.17 -22.22
O3G AGS J . -23.58 17.60 -21.71
PB AGS J . -25.41 16.35 -24.48
O1B AGS J . -24.69 17.33 -25.31
O2B AGS J . -24.66 15.02 -24.32
O3B AGS J . -25.62 16.91 -23.02
PA AGS J . -26.99 14.65 -25.95
O1A AGS J . -26.25 14.67 -27.21
O2A AGS J . -26.57 13.54 -24.99
O3A AGS J . -26.80 16.00 -25.15
O5' AGS J . -28.52 14.55 -26.29
C5' AGS J . -29.40 13.98 -25.31
C4' AGS J . -30.83 14.37 -25.60
O4' AGS J . -30.84 15.57 -26.39
C3' AGS J . -31.68 13.33 -26.34
O3' AGS J . -32.85 12.99 -25.59
C2' AGS J . -32.05 14.01 -27.66
O2' AGS J . -33.41 13.75 -28.01
C1' AGS J . -31.85 15.49 -27.36
N9 AGS J . -31.43 16.27 -28.51
C8 AGS J . -30.39 17.17 -28.54
N7 AGS J . -30.22 17.74 -29.71
C5 AGS J . -31.21 17.18 -30.49
C6 AGS J . -31.56 17.36 -31.84
N6 AGS J . -30.94 18.20 -32.66
N1 AGS J . -32.61 16.65 -32.32
C2 AGS J . -33.24 15.80 -31.49
N3 AGS J . -33.00 15.55 -30.21
C4 AGS J . -31.96 16.27 -29.77
HOG2 AGS J . -23.39 15.31 -22.86
H21 AGS J . -23.91 18.36 -22.02
H5'1 AGS J . -29.31 13.02 -25.31
H5'2 AGS J . -29.17 14.33 -24.43
H4' AGS J . -31.28 14.56 -24.76
H3' AGS J . -31.16 12.53 -26.52
H2' AGS J . -31.45 13.74 -28.37
HO2' AGS J . -33.46 13.53 -28.86
H1' AGS J . -32.68 15.86 -27.00
H8 AGS J . -29.84 17.37 -27.78
HN61 AGS J . -31.25 19.04 -32.77
HN62 AGS J . -30.19 17.92 -33.12
H2 AGS J . -33.98 15.31 -31.89
MG MG K . -34.58 9.84 3.17
PG AGS L . -34.06 12.88 5.52
S1G AGS L . -33.35 12.76 7.35
O2G AGS L . -33.79 11.56 4.75
O3G AGS L . -33.38 14.05 4.77
PB AGS L . -36.55 12.46 4.45
O1B AGS L . -36.85 13.42 3.38
O2B AGS L . -35.82 11.21 3.96
O3B AGS L . -35.60 13.11 5.55
PA AGS L . -38.49 10.56 4.76
O1A AGS L . -39.01 10.53 3.38
O2A AGS L . -37.38 9.54 5.02
O3A AGS L . -37.89 11.97 5.12
O5' AGS L . -39.70 10.31 5.75
C5' AGS L . -39.42 9.76 7.03
C4' AGS L . -40.58 10.03 7.97
O4' AGS L . -41.32 11.15 7.49
C3' AGS L . -41.57 8.88 8.16
O3' AGS L . -41.69 8.51 9.53
C2' AGS L . -42.91 9.42 7.63
O2' AGS L . -43.99 9.04 8.46
C1' AGS L . -42.70 10.93 7.68
N9 AGS L . -43.41 11.66 6.63
C8 AGS L . -42.88 12.61 5.80
N7 AGS L . -43.74 13.09 4.94
C5 AGS L . -44.91 12.41 5.21
C6 AGS L . -46.20 12.46 4.65
N6 AGS L . -46.53 13.28 3.65
N1 AGS L . -47.14 11.64 5.17
C2 AGS L . -46.80 10.82 6.17
N3 AGS L . -45.62 10.68 6.78
C4 AGS L . -44.72 11.51 6.25
HOG2 AGS L . -34.01 11.67 3.90
H21 AGS L . -33.92 14.75 4.82
H5'1 AGS L . -39.26 8.81 6.96
H5'2 AGS L . -38.64 10.20 7.39
H4' AGS L . -40.23 10.25 8.85
H3' AGS L . -41.31 8.10 7.64
H2' AGS L . -43.05 9.13 6.71
HO2' AGS L . -44.66 8.76 7.96
H1' AGS L . -42.97 11.27 8.55
H8 AGS L . -41.97 12.90 5.85
HN61 AGS L . -46.88 14.10 3.83
HN62 AGS L . -46.40 13.02 2.79
H2 AGS L . -47.51 10.25 6.50
MG MG M . -20.19 7.63 28.97
PG AGS N . -18.39 10.88 30.07
S1G AGS N . -16.53 10.98 30.66
O2G AGS N . -18.67 9.53 29.36
O3G AGS N . -18.68 12.03 29.07
PB AGS N . -20.72 10.18 31.32
O1B AGS N . -21.84 11.04 30.88
O2B AGS N . -20.51 8.96 30.43
O3B AGS N . -19.36 11.00 31.28
PA AGS N . -21.49 8.17 33.01
O1A AGS N . -22.87 7.99 32.55
O2A AGS N . -20.47 7.27 32.30
O3A AGS N . -20.99 9.65 32.78
O5' AGS N . -21.45 7.92 34.57
C5' AGS N . -20.22 7.50 35.17
C4' AGS N . -20.25 7.75 36.65
O4' AGS N . -21.22 8.78 36.94
C3' AGS N . -20.59 6.55 37.54
O3' AGS N . -19.57 6.30 38.48
C2' AGS N . -21.90 6.95 38.23
O2' AGS N . -21.89 6.57 39.60
C1' AGS N . -21.91 8.47 38.12
N9 AGS N . -23.24 9.05 38.01
C8 AGS N . -23.66 9.97 37.10
N7 AGS N . -24.92 10.32 37.22
C5 AGS N . -25.35 9.56 38.30
C6 AGS N . -26.60 9.48 38.95
N6 AGS N . -27.67 10.17 38.58
N1 AGS N . -26.71 8.63 39.99
C2 AGS N . -25.63 7.93 40.36
N3 AGS N . -24.41 7.93 39.83
C4 AGS N . -24.34 8.78 38.80
HOG2 AGS N . -19.46 9.56 28.98
H21 AGS N . -19.05 12.70 29.53
H5'1 AGS N . -20.08 6.56 34.99
H5'2 AGS N . -19.50 8.02 34.78
H4' AGS N . -19.39 8.08 36.93
H3' AGS N . -20.75 5.76 37.00
H2' AGS N . -22.67 6.59 37.78
HO2' AGS N . -22.67 6.19 39.81
H1' AGS N . -21.45 8.86 38.88
H8 AGS N . -23.08 10.34 36.41
HN61 AGS N . -27.86 10.96 38.98
HN62 AGS N . -28.22 9.87 37.92
H2 AGS N . -25.76 7.34 41.11
MG MG O . 8.97 8.45 33.91
PG AGS P . 10.59 11.91 33.20
S1G AGS P . 12.21 12.18 32.12
O2G AGS P . 10.02 10.48 32.97
O3G AGS P . 9.52 12.95 32.82
PB AGS P . 10.19 11.15 35.81
O1B AGS P . 9.05 11.89 36.41
O2B AGS P . 9.77 9.88 35.07
O3B AGS P . 10.91 12.06 34.72
PA AGS P . 11.24 9.23 37.45
O1A AGS P . 10.03 8.92 38.24
O2A AGS P . 11.42 8.36 36.21
O3A AGS P . 11.20 10.72 36.93
O5' AGS P . 12.49 9.11 38.40
C5' AGS P . 13.76 8.83 37.82
C4' AGS P . 14.87 9.20 38.77
O4' AGS P . 14.37 10.17 39.70
C3' AGS P . 15.47 8.05 39.59
O3' AGS P . 16.87 7.95 39.38
C2' AGS P . 15.15 8.42 41.04
O2' AGS P . 16.26 8.14 41.89
C1' AGS P . 14.90 9.91 40.99
N9 AGS P . 13.93 10.39 41.96
C8 AGS P . 12.85 11.20 41.71
N7 AGS P . 12.13 11.47 42.77
C5 AGS P . 12.77 10.78 43.78
C6 AGS P . 12.50 10.65 45.16
N6 AGS P . 11.47 11.24 45.77
N1 AGS P . 13.34 9.89 45.89
C2 AGS P . 14.37 9.29 45.29
N3 AGS P . 14.73 9.35 44.00
C4 AGS P . 13.87 10.10 43.30
HOG2 AGS P . 9.22 10.42 33.34
H21 AGS P . 9.64 13.67 33.31
H5'1 AGS P . 13.81 7.89 37.58
H5'2 AGS P . 13.86 9.37 37.01
H4' AGS P . 15.59 9.61 38.27
H3' AGS P . 15.04 7.22 39.37
H2' AGS P . 14.36 7.96 41.35
HO2' AGS P . 15.98 7.71 42.61
H1' AGS P . 15.73 10.39 41.10
H8 AGS P . 12.65 11.55 40.83
HN61 AGS P . 11.59 12.05 46.16
HN62 AGS P . 10.66 10.84 45.79
H2 AGS P . 14.94 8.76 45.85
MG MG Q . 30.93 11.72 14.37
PG AGS R . 31.01 15.21 12.67
S1G AGS R . 31.17 15.50 10.73
O2G AGS R . 30.63 13.73 12.97
O3G AGS R . 29.93 16.14 13.26
PB AGS R . 32.85 14.65 14.62
O1B AGS R . 32.54 15.35 15.88
O2B AGS R . 32.17 13.29 14.48
O3B AGS R . 32.37 15.50 13.38
PA AGS R . 35.00 12.95 14.84
O1A AGS R . 34.89 12.62 16.27
O2A AGS R . 34.25 12.00 13.92
O3A AGS R . 34.41 14.39 14.54
O5' AGS R . 36.52 13.00 14.46
C5' AGS R . 36.91 12.76 13.10
C4' AGS R . 38.30 13.28 12.84
O4' AGS R . 38.60 14.30 13.81
C3' AGS R . 39.43 12.25 12.89
O3' AGS R . 40.15 12.23 11.66
C2' AGS R . 40.31 12.72 14.04
O2' AGS R . 41.69 12.59 13.71
C1' AGS R . 39.94 14.18 14.21
N9 AGS R . 40.03 14.67 15.58
C8 AGS R . 39.08 15.38 16.26
N7 AGS R . 39.43 15.69 17.49
C5 AGS R . 40.68 15.13 17.62
C6 AGS R . 41.59 15.10 18.69
N6 AGS R . 41.36 15.67 19.88
N1 AGS R . 42.76 14.46 18.51
C2 AGS R . 43.01 13.89 17.32
N3 AGS R . 42.22 13.86 16.24
C4 AGS R . 41.08 14.49 16.46
HOG2 AGS R . 30.45 13.65 13.82
H21 AGS R . 30.32 16.89 13.51
H5'1 AGS R . 36.86 11.80 12.91
H5'2 AGS R . 36.29 13.23 12.52
H4' AGS R . 38.31 13.70 11.96
H3' AGS R . 39.08 11.38 13.08
H2' AGS R . 40.10 12.23 14.86
HO2' AGS R . 42.12 12.22 14.39
H1' AGS R . 40.50 14.73 13.63
H8 AGS R . 38.24 15.64 15.87
HN61 AGS R . 41.65 16.51 20.04
HN62 AGS R . 40.90 15.22 20.52
H2 AGS R . 43.86 13.45 17.23
MG MG S . 29.19 14.97 -14.99
PG AGS T . 27.56 18.30 -16.12
S1G AGS T . 26.12 18.45 -17.45
O2G AGS T . 27.71 16.83 -15.65
O3G AGS T . 27.23 19.20 -14.91
PB AGS T . 30.27 18.03 -16.32
O1B AGS T . 30.97 18.81 -15.28
O2B AGS T . 29.89 16.62 -15.88
O3B AGS T . 28.92 18.75 -16.73
PA AGS T . 31.96 16.52 -17.86
O1A AGS T . 33.03 16.30 -16.87
O2A AGS T . 30.88 15.44 -17.86
O3A AGS T . 31.22 17.88 -17.59
O5' AGS T . 32.62 16.64 -19.28
C5' AGS T . 31.84 16.32 -20.44
C4' AGS T . 32.45 16.92 -21.67
O4' AGS T . 33.28 18.03 -21.29
C3' AGS T . 33.30 15.99 -22.53
O3' AGS T . 32.82 15.92 -23.86
C2' AGS T . 34.71 16.60 -22.48
O2' AGS T . 35.32 16.54 -23.76
C1' AGS T . 34.44 18.04 -22.09
N9 AGS T . 35.51 18.65 -21.30
C8 AGS T . 35.36 19.34 -20.12
N7 AGS T . 36.49 19.76 -19.62
C5 AGS T . 37.44 19.31 -20.51
C6 AGS T . 38.84 19.44 -20.54
N6 AGS T . 39.55 20.08 -19.61
N1 AGS T . 39.50 18.87 -21.58
C2 AGS T . 38.79 18.23 -22.51
N3 AGS T . 37.48 18.04 -22.58
C4 AGS T . 36.85 18.62 -21.55
HOG2 AGS T . 28.22 16.81 -14.93
H21 AGS T . 27.59 19.99 -15.04
H5'1 AGS T . 31.76 15.36 -20.52
H5'2 AGS T . 30.95 16.71 -20.31
H4' AGS T . 31.74 17.26 -22.25
H3' AGS T . 33.33 15.10 -22.14
H2' AGS T . 35.25 16.16 -21.81
HO2' AGS T . 36.16 16.26 -23.68
H1' AGS T . 34.30 18.58 -22.89
H8 AGS T . 34.50 19.50 -19.72
HN61 AGS T . 39.75 20.96 -19.72
HN62 AGS T . 39.82 19.64 -18.86
H2 AGS T . 39.31 17.83 -23.23
MG MG U . 4.99 15.80 -32.05
#